data_8BUK
#
_entry.id   8BUK
#
_cell.length_a   248.824
_cell.length_b   248.824
_cell.length_c   217.984
_cell.angle_alpha   90.000
_cell.angle_beta   90.000
_cell.angle_gamma   120.000
#
_symmetry.space_group_name_H-M   'P 31 2 1'
#
loop_
_entity.id
_entity.type
_entity.pdbx_description
1 polymer 'DNA damage-binding protein 1'
2 polymer 'Cyclin-dependent kinase 12'
3 polymer Cyclin-K
4 non-polymer 'SULFATE ION'
5 non-polymer (2~{R})-2-[[6-(naphthalen-2-ylmethylamino)-9-propan-2-yl-purin-2-yl]amino]butan-1-ol
6 non-polymer 'CITRIC ACID'
#
loop_
_entity_poly.entity_id
_entity_poly.type
_entity_poly.pdbx_seq_one_letter_code
_entity_poly.pdbx_strand_id
1 'polypeptide(L)'
;GGGRMSYNYVVTAQKPTAVNGCVTGHFTSAEDLNLLIAKNTRLEIYVVTAEGLRPVKEVGMYGKIAVMELFRPKGESKDL
LFILTAKYNACILEYKQSGESIDIITRAHGNVQDRIGRPSETGIIGIIDPECRMIGLRLYDGLFKVIPLDRDNKELKAFN
IRLEELHVIDVKFLYGCQAPTICFVYQDPQGRHVKTYEVSLREKEFNKGPWKQENVEAEASMVIAVPEPFGGAIIIGQES
ITYHNGDKYLAIAPPIIKQSTIVCHNRVDPNGSRYLLGDMEGRLFMLLLEKEEQMDGTVTLKDLRVELLGETSIAECLTY
LDNGVVFVGSRLGDSQLVKLNVDSNEQGSYVVAMETFTNLGPIVDMCVVDLERQGQGQLVTCSGAFKEGSLRIIRNGIGG
NGNSGEIQKLHIRTVPLYESPRKICYQEVSQCFGVLSSRIEVQDTSGGTTALRPSASTQALSSSVSSSKLFSSSTAPHET
SFGEEVEVHNLLIIDQHTFEVLHAHQFLQNEYALSLVSCKLGKDPNTYFIVGTAMVYPEEAEPKQGRIVVFQYSDGKLQT
VAEKEVKGAVYSMVEFNGKLLASINSTVRLYEWTTEKELRTECNHYNNIMALYLKTKGDFILVGDLMRSVLLLAYKPMEG
NFEEIARDFNPNWMSAVEILDDDNFLGAENAFNLFVCQKDSAATTDEERQHLQEVGLFHLGEFVNVFCHGSLVMQNLGET
STPTQGSVLFGTVNGMIGLVTSLSESWYNLLLDMQNRLNKVIKSVGKIEHSFWRSFHTERKTEPATGFIDGDLIESFLDI
SRPKMQEVVANLQYDDGSGMKREATADDLIKVVEELTRIH
;
A,D,G
2 'polypeptide(L)'
;GGGRRQTESDWGKRCVDKFDIIGIIGEGTYGQVYKAKDKDTGELVALKKVRLDNEKEGFPITAIREIKILRQLIHRSVVN
MKEIVTDKQDALDFKKDKGAFYLVFEYMDHDLMGLLESGLVHFSEDHIKSFMKQLMEGLEYCHKKNFLHRDIKCSNILLN
NSGQIKLADFGLARLYNSEESRPY(TPO)NKVITLWYRPPELLLGEERYTPAIDVWSCGCILGELFTKKPIFQANLELAQ
LELISRLCGSPCPAVWPDVIRLPYFNTMKPKKQYRRRLREEFSFIPSAALDLLDHMLTLDPSKRCTAEQTLQSDFLKDVE
LSKMAPPDLPHWQDCHELWSKKRRRQRQ
;
B,E,H
3 'polypeptide(L)'
;GGGRMKENKENSSPSVTSANLDHTKPCWYWDKKDLAHTPSQLEGLDPATEARYRREGARFIFDVGTRLGLHYDTLATGII
YFHRFYMFHSFKQFPRYVTGACCLFLAGKVEETPKKCKDIIKTARSLLNDVQFGQFGDDPKEEVMVLERILLQTIKFDLQ
VEHPYQFLLKYAKQLKGDKNKIQKLVQMAWTFVNDSLCTTLSLQWEPEIIAVAVMYLAGRLCKFEIQEWTSKPMYRRWWE
QFVQDVPVDVLEDICHQILDLYSQGKQQMPH
;
C,F,I
#
# COMPACT_ATOMS: atom_id res chain seq x y z
N MET A 5 51.66 32.54 -4.73
CA MET A 5 52.01 32.02 -6.09
C MET A 5 52.64 30.63 -5.91
N SER A 6 52.68 29.85 -6.99
CA SER A 6 53.28 28.52 -6.99
C SER A 6 54.38 28.43 -8.04
N TYR A 7 55.33 27.51 -7.81
CA TYR A 7 56.51 27.37 -8.66
C TYR A 7 56.67 25.90 -9.02
N ASN A 8 56.70 25.59 -10.33
CA ASN A 8 56.76 24.22 -10.79
C ASN A 8 57.65 24.09 -12.03
N TYR A 9 58.06 22.86 -12.32
CA TYR A 9 59.06 22.51 -13.33
C TYR A 9 58.58 21.32 -14.14
N VAL A 10 58.68 21.40 -15.47
CA VAL A 10 58.18 20.35 -16.36
C VAL A 10 59.28 19.90 -17.31
N VAL A 11 59.53 18.59 -17.35
CA VAL A 11 60.54 18.02 -18.25
C VAL A 11 59.91 16.89 -19.05
N THR A 12 60.49 16.63 -20.22
CA THR A 12 60.10 15.51 -21.07
C THR A 12 60.98 14.31 -20.73
N ALA A 13 60.36 13.22 -20.27
CA ALA A 13 61.08 11.99 -20.02
C ALA A 13 61.18 11.11 -21.26
N GLN A 14 60.15 11.12 -22.10
CA GLN A 14 60.16 10.44 -23.39
C GLN A 14 59.57 11.40 -24.40
N LYS A 15 60.28 11.63 -25.51
CA LYS A 15 59.79 12.55 -26.52
C LYS A 15 58.60 11.95 -27.26
N PRO A 16 57.80 12.78 -27.93
CA PRO A 16 56.68 12.25 -28.71
C PRO A 16 57.14 11.21 -29.72
N THR A 17 56.42 10.08 -29.76
CA THR A 17 56.77 8.96 -30.63
C THR A 17 55.83 8.77 -31.80
N ALA A 18 54.59 9.28 -31.73
CA ALA A 18 53.64 9.05 -32.80
C ALA A 18 54.01 9.89 -34.02
N VAL A 19 53.85 9.29 -35.20
CA VAL A 19 54.16 9.97 -36.45
C VAL A 19 52.95 10.79 -36.89
N ASN A 20 53.15 12.09 -37.07
CA ASN A 20 52.09 12.99 -37.50
C ASN A 20 52.17 13.33 -38.99
N GLY A 21 53.33 13.17 -39.60
CA GLY A 21 53.49 13.42 -41.02
C GLY A 21 54.84 13.01 -41.54
N CYS A 22 54.90 12.68 -42.83
CA CYS A 22 56.14 12.25 -43.45
C CYS A 22 56.13 12.65 -44.92
N VAL A 23 57.27 13.17 -45.37
CA VAL A 23 57.46 13.60 -46.76
C VAL A 23 58.80 13.08 -47.26
N THR A 24 58.90 12.91 -48.57
CA THR A 24 60.13 12.48 -49.23
C THR A 24 60.57 13.56 -50.20
N GLY A 25 61.87 13.81 -50.22
CA GLY A 25 62.41 14.81 -51.13
C GLY A 25 63.91 14.87 -51.05
N HIS A 26 64.47 15.91 -51.66
CA HIS A 26 65.91 16.15 -51.72
C HIS A 26 66.20 17.42 -50.91
N PHE A 27 66.18 17.27 -49.59
CA PHE A 27 66.27 18.40 -48.66
C PHE A 27 67.69 18.68 -48.19
N THR A 28 68.43 17.64 -47.82
CA THR A 28 69.79 17.84 -47.29
C THR A 28 70.79 18.09 -48.41
N SER A 29 70.58 17.49 -49.58
CA SER A 29 71.41 17.68 -50.74
C SER A 29 70.54 17.42 -51.95
N ALA A 30 70.86 18.08 -53.07
CA ALA A 30 70.13 17.82 -54.30
C ALA A 30 70.31 16.38 -54.77
N GLU A 31 71.26 15.66 -54.19
CA GLU A 31 71.64 14.30 -54.59
C GLU A 31 71.02 13.21 -53.73
N ASP A 32 70.98 13.39 -52.42
CA ASP A 32 70.40 12.40 -51.52
C ASP A 32 68.87 12.36 -51.60
N LEU A 33 68.31 11.21 -51.25
CA LEU A 33 66.87 11.06 -51.03
C LEU A 33 66.61 11.07 -49.53
N ASN A 34 65.76 12.00 -49.08
CA ASN A 34 65.52 12.21 -47.66
C ASN A 34 64.10 11.84 -47.29
N LEU A 35 63.92 11.44 -46.03
CA LEU A 35 62.60 11.22 -45.43
C LEU A 35 62.52 12.09 -44.18
N LEU A 36 61.62 13.06 -44.19
CA LEU A 36 61.41 13.92 -43.03
C LEU A 36 60.16 13.47 -42.28
N ILE A 37 60.34 13.07 -41.03
CA ILE A 37 59.27 12.59 -40.17
C ILE A 37 58.97 13.67 -39.15
N ALA A 38 57.69 13.94 -38.91
CA ALA A 38 57.26 15.03 -38.03
C ALA A 38 56.48 14.43 -36.87
N LYS A 39 57.15 14.24 -35.75
CA LYS A 39 56.45 13.97 -34.49
C LYS A 39 56.16 15.30 -33.82
N ASN A 40 55.15 15.31 -32.95
CA ASN A 40 54.68 16.58 -32.42
C ASN A 40 55.84 17.39 -31.88
N THR A 41 56.06 18.57 -32.45
CA THR A 41 57.10 19.52 -32.08
C THR A 41 58.51 19.07 -32.46
N ARG A 42 58.67 17.91 -33.10
CA ARG A 42 59.98 17.35 -33.43
C ARG A 42 60.06 16.99 -34.90
N LEU A 43 61.14 17.42 -35.56
CA LEU A 43 61.41 17.07 -36.95
C LEU A 43 62.61 16.14 -37.04
N GLU A 44 62.41 14.97 -37.64
CA GLU A 44 63.47 14.00 -37.85
C GLU A 44 63.84 13.94 -39.33
N ILE A 45 65.14 14.06 -39.63
CA ILE A 45 65.63 14.03 -41.00
C ILE A 45 66.45 12.76 -41.17
N TYR A 46 66.11 11.97 -42.19
CA TYR A 46 66.81 10.73 -42.51
C TYR A 46 67.31 10.77 -43.95
N VAL A 47 68.27 9.91 -44.26
CA VAL A 47 68.73 9.70 -45.63
C VAL A 47 68.47 8.24 -45.99
N VAL A 48 67.89 8.01 -47.17
CA VAL A 48 67.47 6.67 -47.57
C VAL A 48 68.66 5.89 -48.11
N THR A 49 68.84 4.67 -47.60
CA THR A 49 69.88 3.75 -48.02
C THR A 49 69.23 2.48 -48.59
N ALA A 50 70.07 1.53 -49.01
CA ALA A 50 69.55 0.25 -49.48
C ALA A 50 69.14 -0.70 -48.36
N GLU A 51 69.53 -0.43 -47.11
CA GLU A 51 69.14 -1.28 -45.99
C GLU A 51 68.03 -0.68 -45.16
N GLY A 52 67.95 0.65 -45.10
CA GLY A 52 67.02 1.34 -44.23
C GLY A 52 67.28 2.82 -44.23
N LEU A 53 67.23 3.45 -43.05
CA LEU A 53 67.38 4.89 -42.92
C LEU A 53 68.62 5.24 -42.12
N ARG A 54 69.37 6.23 -42.61
CA ARG A 54 70.50 6.76 -41.87
C ARG A 54 70.06 8.07 -41.23
N PRO A 55 69.96 8.17 -39.91
CA PRO A 55 69.61 9.47 -39.32
C PRO A 55 70.74 10.47 -39.52
N VAL A 56 70.37 11.73 -39.72
CA VAL A 56 71.37 12.78 -39.96
C VAL A 56 71.15 13.95 -39.03
N LYS A 57 69.90 14.30 -38.74
CA LYS A 57 69.62 15.49 -37.95
C LYS A 57 68.22 15.43 -37.36
N GLU A 58 68.09 15.95 -36.14
CA GLU A 58 66.79 16.15 -35.51
C GLU A 58 66.75 17.52 -34.84
N VAL A 59 65.68 18.26 -35.07
CA VAL A 59 65.48 19.56 -34.44
C VAL A 59 64.14 19.55 -33.74
N GLY A 60 64.03 20.35 -32.69
CA GLY A 60 62.75 20.66 -32.08
C GLY A 60 62.29 22.04 -32.53
N MET A 61 60.99 22.22 -32.60
CA MET A 61 60.39 23.50 -32.94
C MET A 61 59.46 23.93 -31.82
N TYR A 62 59.36 25.23 -31.61
CA TYR A 62 58.50 25.79 -30.56
C TYR A 62 57.07 25.92 -31.09
N GLY A 63 56.50 24.77 -31.43
CA GLY A 63 55.19 24.71 -32.05
C GLY A 63 54.87 23.30 -32.57
N LYS A 64 53.58 22.96 -32.57
CA LYS A 64 53.15 21.69 -33.14
C LYS A 64 53.21 21.77 -34.66
N ILE A 65 53.88 20.80 -35.28
CA ILE A 65 54.03 20.82 -36.74
C ILE A 65 52.71 20.40 -37.35
N ALA A 66 52.08 21.33 -38.09
CA ALA A 66 50.79 21.08 -38.72
C ALA A 66 50.90 20.82 -40.21
N VAL A 67 51.67 21.65 -40.92
CA VAL A 67 51.94 21.47 -42.34
C VAL A 67 53.44 21.30 -42.49
N MET A 68 53.85 20.25 -43.21
CA MET A 68 55.25 20.01 -43.53
C MET A 68 55.32 19.62 -45.00
N GLU A 69 56.00 20.44 -45.81
CA GLU A 69 56.03 20.21 -47.24
C GLU A 69 57.36 20.66 -47.82
N LEU A 70 57.81 19.92 -48.84
CA LEU A 70 59.07 20.18 -49.53
C LEU A 70 58.80 20.71 -50.93
N PHE A 71 59.46 21.81 -51.28
CA PHE A 71 59.33 22.43 -52.59
C PHE A 71 60.68 22.91 -53.06
N ARG A 72 60.85 22.98 -54.39
CA ARG A 72 62.10 23.44 -54.99
C ARG A 72 61.78 24.52 -56.00
N PRO A 73 61.85 25.79 -55.61
CA PRO A 73 61.57 26.87 -56.58
C PRO A 73 62.71 27.02 -57.57
N LYS A 74 62.37 27.49 -58.76
CA LYS A 74 63.38 27.72 -59.79
C LYS A 74 64.50 28.60 -59.24
N GLY A 75 65.74 28.15 -59.44
CA GLY A 75 66.92 28.82 -58.96
C GLY A 75 67.56 28.16 -57.76
N GLU A 76 66.83 27.29 -57.06
CA GLU A 76 67.38 26.55 -55.93
C GLU A 76 67.98 25.25 -56.42
N SER A 77 69.08 24.83 -55.79
CA SER A 77 69.69 23.55 -56.13
C SER A 77 68.95 22.38 -55.50
N LYS A 78 68.29 22.60 -54.36
CA LYS A 78 67.72 21.52 -53.58
C LYS A 78 66.41 21.97 -52.95
N ASP A 79 65.71 21.01 -52.37
CA ASP A 79 64.37 21.28 -51.84
C ASP A 79 64.45 22.14 -50.59
N LEU A 80 63.44 22.99 -50.42
CA LEU A 80 63.25 23.75 -49.21
C LEU A 80 62.01 23.22 -48.49
N LEU A 81 61.90 23.50 -47.20
CA LEU A 81 60.86 22.94 -46.37
C LEU A 81 59.99 24.05 -45.80
N PHE A 82 58.68 23.90 -45.93
CA PHE A 82 57.71 24.80 -45.32
C PHE A 82 57.09 24.08 -44.13
N ILE A 83 57.09 24.73 -42.96
CA ILE A 83 56.42 24.21 -41.78
C ILE A 83 55.54 25.31 -41.23
N LEU A 84 54.28 24.98 -40.95
CA LEU A 84 53.32 25.87 -40.33
C LEU A 84 52.90 25.23 -39.02
N THR A 85 52.99 25.97 -37.92
CA THR A 85 52.63 25.40 -36.63
C THR A 85 51.13 25.59 -36.39
N ALA A 86 50.62 24.87 -35.40
CA ALA A 86 49.20 24.95 -35.09
C ALA A 86 48.80 26.31 -34.53
N LYS A 87 49.75 27.09 -34.02
CA LYS A 87 49.49 28.47 -33.62
C LYS A 87 49.74 29.44 -34.76
N TYR A 88 49.90 28.92 -35.99
CA TYR A 88 50.01 29.70 -37.22
C TYR A 88 51.36 30.38 -37.37
N ASN A 89 52.42 29.77 -36.85
CA ASN A 89 53.77 30.22 -37.13
C ASN A 89 54.24 29.54 -38.42
N ALA A 90 54.50 30.34 -39.45
CA ALA A 90 54.96 29.83 -40.74
C ALA A 90 56.45 30.13 -40.92
N CYS A 91 57.12 29.26 -41.67
CA CYS A 91 58.53 29.46 -41.95
C CYS A 91 58.95 28.60 -43.13
N ILE A 92 60.02 29.03 -43.81
CA ILE A 92 60.68 28.26 -44.85
C ILE A 92 62.09 27.96 -44.36
N LEU A 93 62.47 26.68 -44.41
CA LEU A 93 63.71 26.21 -43.81
C LEU A 93 64.65 25.63 -44.86
N GLU A 94 65.96 25.79 -44.62
CA GLU A 94 66.99 25.24 -45.49
C GLU A 94 68.03 24.47 -44.67
N TYR A 95 68.42 23.32 -45.18
CA TYR A 95 69.50 22.51 -44.62
C TYR A 95 70.85 23.01 -45.14
N LYS A 96 71.79 23.25 -44.22
CA LYS A 96 73.13 23.69 -44.58
C LYS A 96 74.14 22.94 -43.73
N GLN A 97 75.17 22.39 -44.37
CA GLN A 97 76.18 21.57 -43.69
C GLN A 97 77.55 22.08 -44.07
N SER A 98 78.39 22.29 -43.06
CA SER A 98 79.76 22.74 -43.25
C SER A 98 80.65 21.68 -42.64
N GLY A 99 81.04 20.69 -43.44
CA GLY A 99 81.84 19.63 -42.88
C GLY A 99 81.02 18.87 -41.85
N GLU A 100 81.51 18.91 -40.61
CA GLU A 100 80.87 18.24 -39.48
C GLU A 100 79.75 19.06 -38.87
N SER A 101 79.62 20.34 -39.22
CA SER A 101 78.63 21.24 -38.62
C SER A 101 77.34 21.24 -39.43
N ILE A 102 76.24 20.80 -38.82
CA ILE A 102 74.92 20.79 -39.45
C ILE A 102 74.05 21.82 -38.74
N ASP A 103 73.42 22.71 -39.51
CA ASP A 103 72.48 23.69 -38.96
C ASP A 103 71.31 23.87 -39.92
N ILE A 104 70.20 24.40 -39.38
CA ILE A 104 68.99 24.67 -40.15
C ILE A 104 68.75 26.16 -40.28
N ILE A 105 68.60 26.63 -41.52
CA ILE A 105 68.48 28.05 -41.83
C ILE A 105 67.01 28.43 -41.91
N THR A 106 66.65 29.55 -41.28
CA THR A 106 65.31 30.10 -41.42
C THR A 106 65.35 31.14 -42.54
N ARG A 107 64.80 30.79 -43.69
CA ARG A 107 64.86 31.68 -44.85
C ARG A 107 63.76 32.73 -44.85
N ALA A 108 62.57 32.39 -44.34
CA ALA A 108 61.45 33.30 -44.28
C ALA A 108 60.58 32.87 -43.11
N HIS A 109 59.91 33.83 -42.47
CA HIS A 109 59.07 33.49 -41.34
C HIS A 109 58.07 34.59 -41.03
N GLY A 110 56.98 34.17 -40.39
CA GLY A 110 55.94 35.08 -39.96
C GLY A 110 54.75 34.30 -39.44
N ASN A 111 53.85 35.01 -38.78
CA ASN A 111 52.62 34.44 -38.25
C ASN A 111 51.44 34.86 -39.11
N VAL A 112 50.69 33.90 -39.61
CA VAL A 112 49.67 34.13 -40.61
C VAL A 112 48.27 34.12 -40.00
N GLN A 113 48.16 34.26 -38.68
CA GLN A 113 46.87 34.23 -38.02
C GLN A 113 46.05 35.45 -38.42
N ASP A 114 44.76 35.23 -38.66
CA ASP A 114 43.82 36.30 -38.98
C ASP A 114 43.09 36.73 -37.73
N ARG A 115 42.87 38.05 -37.61
CA ARG A 115 42.13 38.59 -36.47
C ARG A 115 40.74 37.99 -36.38
N ILE A 116 40.10 37.79 -37.53
CA ILE A 116 38.73 37.27 -37.60
C ILE A 116 38.70 36.07 -38.53
N GLY A 117 38.14 34.96 -38.06
CA GLY A 117 38.00 33.77 -38.86
C GLY A 117 37.48 32.57 -38.07
N ARG A 118 36.78 31.66 -38.74
CA ARG A 118 36.28 30.47 -38.06
C ARG A 118 37.16 29.28 -38.40
N PRO A 119 37.86 28.70 -37.43
CA PRO A 119 38.68 27.51 -37.72
C PRO A 119 37.87 26.38 -38.32
N SER A 120 38.44 25.75 -39.35
CA SER A 120 37.72 24.75 -40.14
C SER A 120 37.65 23.40 -39.43
N GLU A 121 36.60 22.63 -39.76
CA GLU A 121 36.39 21.33 -39.14
C GLU A 121 37.49 20.34 -39.52
N THR A 122 37.87 20.31 -40.81
CA THR A 122 38.88 19.39 -41.29
C THR A 122 40.30 19.91 -41.05
N GLY A 123 40.44 20.95 -40.24
CA GLY A 123 41.75 21.36 -39.78
C GLY A 123 42.52 22.13 -40.81
N ILE A 124 43.74 22.52 -40.41
CA ILE A 124 44.63 23.26 -41.29
C ILE A 124 45.02 22.36 -42.47
N ILE A 125 44.91 22.90 -43.68
CA ILE A 125 45.42 22.24 -44.88
C ILE A 125 46.43 23.18 -45.53
N GLY A 126 47.57 22.63 -45.92
CA GLY A 126 48.58 23.37 -46.65
C GLY A 126 49.05 22.65 -47.88
N ILE A 127 49.10 23.35 -49.02
CA ILE A 127 49.50 22.77 -50.30
C ILE A 127 50.37 23.78 -51.02
N ILE A 128 51.20 23.27 -51.94
CA ILE A 128 52.10 24.11 -52.72
C ILE A 128 51.95 23.77 -54.20
N ASP A 129 51.97 24.83 -55.02
CA ASP A 129 51.80 24.73 -56.47
C ASP A 129 52.88 23.85 -57.08
N PRO A 130 52.56 23.14 -58.17
CA PRO A 130 53.62 22.36 -58.84
C PRO A 130 54.76 23.22 -59.35
N GLU A 131 54.49 24.45 -59.74
CA GLU A 131 55.51 25.39 -60.18
C GLU A 131 56.07 26.20 -59.02
N CYS A 132 55.70 25.85 -57.79
CA CYS A 132 56.21 26.54 -56.60
C CYS A 132 56.05 28.05 -56.73
N ARG A 133 54.89 28.48 -57.21
CA ARG A 133 54.60 29.90 -57.29
C ARG A 133 53.96 30.43 -56.02
N MET A 134 53.24 29.59 -55.27
CA MET A 134 52.54 30.05 -54.09
C MET A 134 52.31 28.88 -53.14
N ILE A 135 52.02 29.23 -51.88
CA ILE A 135 51.58 28.29 -50.86
C ILE A 135 50.12 28.55 -50.59
N GLY A 136 49.28 27.52 -50.72
CA GLY A 136 47.87 27.64 -50.39
C GLY A 136 47.64 27.15 -48.97
N LEU A 137 46.87 27.92 -48.21
CA LEU A 137 46.51 27.55 -46.85
C LEU A 137 45.00 27.63 -46.70
N ARG A 138 44.40 26.59 -46.12
CA ARG A 138 42.99 26.59 -45.73
C ARG A 138 42.97 26.58 -44.20
N LEU A 139 42.87 27.76 -43.62
CA LEU A 139 42.85 27.93 -42.17
C LEU A 139 41.44 28.15 -41.62
N TYR A 140 40.61 28.92 -42.33
CA TYR A 140 39.31 29.32 -41.83
C TYR A 140 38.23 29.01 -42.85
N ASP A 141 37.03 28.73 -42.35
CA ASP A 141 35.88 28.53 -43.21
C ASP A 141 35.66 29.77 -44.08
N GLY A 142 35.39 29.55 -45.36
CA GLY A 142 35.07 30.63 -46.26
C GLY A 142 36.24 31.46 -46.74
N LEU A 143 37.47 31.06 -46.44
CA LEU A 143 38.64 31.83 -46.85
C LEU A 143 39.74 30.91 -47.36
N PHE A 144 40.48 31.40 -48.35
CA PHE A 144 41.66 30.73 -48.89
C PHE A 144 42.81 31.71 -48.84
N LYS A 145 43.85 31.39 -48.08
CA LYS A 145 44.99 32.28 -47.90
C LYS A 145 46.12 31.87 -48.83
N VAL A 146 46.71 32.86 -49.48
CA VAL A 146 47.78 32.65 -50.46
C VAL A 146 49.02 33.36 -49.97
N ILE A 147 50.10 32.61 -49.78
CA ILE A 147 51.44 33.18 -49.60
C ILE A 147 52.16 33.05 -50.92
N PRO A 148 52.34 34.13 -51.69
CA PRO A 148 53.10 34.01 -52.94
C PRO A 148 54.57 33.80 -52.66
N LEU A 149 55.18 32.88 -53.40
CA LEU A 149 56.58 32.52 -53.19
C LEU A 149 57.52 33.34 -54.09
N ASP A 150 57.50 34.64 -53.89
CA ASP A 150 58.47 35.51 -54.54
C ASP A 150 59.71 35.65 -53.66
N ARG A 151 60.83 35.98 -54.30
CA ARG A 151 62.10 36.11 -53.59
C ARG A 151 62.05 37.13 -52.46
N ASP A 152 61.22 38.15 -52.60
CA ASP A 152 61.21 39.23 -51.63
C ASP A 152 60.33 38.99 -50.42
N ASN A 153 59.49 37.96 -50.45
CA ASN A 153 58.52 37.74 -49.38
C ASN A 153 59.18 36.99 -48.22
N LYS A 154 60.14 37.68 -47.58
CA LYS A 154 60.86 37.07 -46.48
C LYS A 154 60.03 37.03 -45.20
N GLU A 155 58.97 37.82 -45.12
CA GLU A 155 58.07 37.82 -43.97
C GLU A 155 56.83 36.96 -44.20
N LEU A 156 56.73 36.31 -45.36
CA LEU A 156 55.59 35.47 -45.71
C LEU A 156 54.28 36.24 -45.57
N LYS A 157 54.24 37.44 -46.15
CA LYS A 157 52.99 38.20 -46.21
C LYS A 157 52.02 37.53 -47.16
N ALA A 158 50.72 37.61 -46.83
CA ALA A 158 49.72 36.87 -47.56
C ALA A 158 48.41 37.64 -47.59
N PHE A 159 47.53 37.22 -48.51
CA PHE A 159 46.20 37.79 -48.67
C PHE A 159 45.17 36.67 -48.73
N ASN A 160 43.94 37.02 -48.43
CA ASN A 160 42.83 36.08 -48.44
C ASN A 160 41.96 36.31 -49.67
N ILE A 161 41.50 35.21 -50.27
CA ILE A 161 40.51 35.24 -51.34
C ILE A 161 39.20 34.72 -50.76
N ARG A 162 38.11 35.46 -50.98
CA ARG A 162 36.82 34.97 -50.55
C ARG A 162 36.50 33.65 -51.25
N LEU A 163 36.03 32.69 -50.48
CA LEU A 163 35.68 31.36 -50.98
C LEU A 163 34.23 31.11 -50.65
N GLU A 164 33.39 30.98 -51.69
CA GLU A 164 31.95 30.82 -51.47
C GLU A 164 31.65 29.54 -50.71
N GLU A 165 32.38 28.47 -51.00
CA GLU A 165 32.13 27.17 -50.40
C GLU A 165 32.70 27.15 -48.98
N LEU A 166 31.81 27.20 -47.99
CA LEU A 166 32.25 27.39 -46.61
C LEU A 166 32.85 26.13 -46.01
N HIS A 167 32.31 24.96 -46.33
CA HIS A 167 32.72 23.70 -45.73
C HIS A 167 33.52 22.89 -46.77
N VAL A 168 34.85 23.03 -46.70
CA VAL A 168 35.74 22.33 -47.61
C VAL A 168 36.28 21.10 -46.91
N ILE A 169 36.28 19.97 -47.61
CA ILE A 169 36.79 18.71 -47.06
C ILE A 169 38.29 18.59 -47.28
N ASP A 170 38.72 18.74 -48.53
CA ASP A 170 40.13 18.63 -48.87
C ASP A 170 40.37 19.43 -50.15
N VAL A 171 41.57 20.00 -50.27
CA VAL A 171 41.96 20.80 -51.42
C VAL A 171 43.42 20.50 -51.72
N LYS A 172 43.75 20.38 -53.00
CA LYS A 172 45.10 20.14 -53.46
C LYS A 172 45.29 20.90 -54.77
N PHE A 173 46.51 21.39 -54.99
CA PHE A 173 46.84 22.00 -56.27
C PHE A 173 46.93 20.91 -57.33
N LEU A 174 46.39 21.20 -58.52
CA LEU A 174 46.34 20.21 -59.59
C LEU A 174 47.53 20.37 -60.52
N TYR A 175 47.98 19.23 -61.06
CA TYR A 175 49.03 19.19 -62.07
C TYR A 175 48.40 19.31 -63.45
N GLY A 176 49.22 19.74 -64.41
CA GLY A 176 48.76 19.73 -65.79
C GLY A 176 47.84 20.87 -66.16
N CYS A 177 47.90 21.97 -65.43
CA CYS A 177 47.04 23.13 -65.66
C CYS A 177 47.84 24.32 -66.13
N GLN A 178 47.21 25.12 -66.98
CA GLN A 178 47.90 26.26 -67.60
C GLN A 178 48.30 27.28 -66.56
N ALA A 179 47.44 27.55 -65.59
CA ALA A 179 47.61 28.48 -64.51
C ALA A 179 47.33 27.74 -63.20
N PRO A 180 47.76 28.28 -62.07
CA PRO A 180 47.50 27.60 -60.79
C PRO A 180 46.03 27.29 -60.60
N THR A 181 45.75 26.01 -60.33
CA THR A 181 44.40 25.49 -60.23
C THR A 181 44.29 24.65 -58.95
N ILE A 182 43.20 24.86 -58.21
CA ILE A 182 42.90 24.11 -57.00
C ILE A 182 41.72 23.19 -57.25
N CYS A 183 41.80 21.98 -56.73
CA CYS A 183 40.69 21.04 -56.74
C CYS A 183 40.31 20.80 -55.30
N PHE A 184 39.02 20.96 -54.98
CA PHE A 184 38.57 20.81 -53.61
C PHE A 184 37.23 20.09 -53.61
N VAL A 185 37.04 19.25 -52.59
CA VAL A 185 35.76 18.62 -52.30
C VAL A 185 35.12 19.43 -51.18
N TYR A 186 33.87 19.83 -51.37
CA TYR A 186 33.19 20.66 -50.38
C TYR A 186 31.81 20.09 -50.11
N GLN A 187 31.24 20.50 -48.98
CA GLN A 187 29.94 20.03 -48.55
C GLN A 187 28.98 21.21 -48.36
N ASP A 188 27.79 21.08 -48.92
CA ASP A 188 26.68 22.01 -48.73
C ASP A 188 25.45 21.13 -48.50
N PRO A 189 24.26 21.70 -48.29
CA PRO A 189 23.10 20.85 -47.95
C PRO A 189 22.75 19.84 -49.02
N GLN A 190 23.22 19.99 -50.26
CA GLN A 190 22.85 19.09 -51.34
C GLN A 190 23.81 17.91 -51.48
N GLY A 191 24.76 17.76 -50.55
CA GLY A 191 25.73 16.69 -50.65
C GLY A 191 27.14 17.20 -50.81
N ARG A 192 28.04 16.35 -51.31
CA ARG A 192 29.43 16.74 -51.56
C ARG A 192 29.68 16.84 -53.05
N HIS A 193 30.51 17.80 -53.43
CA HIS A 193 30.80 18.09 -54.83
C HIS A 193 32.29 18.34 -54.98
N VAL A 194 32.78 18.14 -56.19
CA VAL A 194 34.17 18.44 -56.54
C VAL A 194 34.14 19.63 -57.49
N LYS A 195 34.95 20.65 -57.19
CA LYS A 195 34.94 21.90 -57.93
C LYS A 195 36.36 22.37 -58.10
N THR A 196 36.62 23.11 -59.17
CA THR A 196 37.95 23.65 -59.44
C THR A 196 37.87 25.15 -59.63
N TYR A 197 38.91 25.84 -59.15
CA TYR A 197 39.10 27.28 -59.33
C TYR A 197 40.53 27.52 -59.77
N GLU A 198 40.76 28.67 -60.42
CA GLU A 198 42.09 29.14 -60.77
C GLU A 198 42.50 30.28 -59.85
N VAL A 199 43.78 30.34 -59.51
CA VAL A 199 44.30 31.32 -58.56
C VAL A 199 45.15 32.32 -59.33
N SER A 200 44.77 33.60 -59.26
CA SER A 200 45.48 34.68 -59.94
C SER A 200 46.20 35.56 -58.91
N LEU A 201 47.54 35.49 -58.92
CA LEU A 201 48.33 36.36 -58.05
C LEU A 201 48.23 37.82 -58.47
N ARG A 202 48.05 38.08 -59.76
CA ARG A 202 47.98 39.46 -60.25
C ARG A 202 46.68 40.12 -59.80
N GLU A 203 45.54 39.43 -59.98
CA GLU A 203 44.25 39.98 -59.58
C GLU A 203 43.92 39.72 -58.11
N LYS A 204 44.56 38.73 -57.49
CA LYS A 204 44.29 38.39 -56.09
C LYS A 204 42.83 37.96 -55.91
N GLU A 205 42.38 37.04 -56.76
CA GLU A 205 41.05 36.46 -56.65
C GLU A 205 41.04 35.15 -57.44
N PHE A 206 39.93 34.41 -57.32
CA PHE A 206 39.72 33.21 -58.10
C PHE A 206 39.13 33.55 -59.47
N ASN A 207 39.49 32.75 -60.47
CA ASN A 207 38.83 32.76 -61.78
C ASN A 207 38.24 31.38 -62.02
N LYS A 208 37.27 31.30 -62.94
CA LYS A 208 36.62 30.02 -63.20
C LYS A 208 37.63 28.94 -63.62
N GLY A 209 37.45 27.76 -63.04
CA GLY A 209 38.35 26.65 -63.19
C GLY A 209 38.18 25.80 -64.43
N PRO A 210 39.14 24.92 -64.70
CA PRO A 210 39.13 24.18 -65.97
C PRO A 210 37.97 23.22 -66.16
N TRP A 211 37.42 22.61 -65.11
CA TRP A 211 36.34 21.65 -65.33
C TRP A 211 35.21 21.82 -64.33
N LYS A 212 34.04 21.35 -64.75
CA LYS A 212 32.79 21.66 -64.09
C LYS A 212 32.69 20.94 -62.75
N GLN A 213 31.80 21.47 -61.91
CA GLN A 213 31.50 20.81 -60.65
C GLN A 213 30.80 19.49 -60.94
N GLU A 214 31.15 18.46 -60.17
CA GLU A 214 30.51 17.16 -60.26
C GLU A 214 30.15 16.74 -58.85
N ASN A 215 28.95 16.19 -58.67
CA ASN A 215 28.58 15.65 -57.36
C ASN A 215 29.32 14.34 -57.10
N VAL A 216 29.84 14.20 -55.89
CA VAL A 216 30.66 13.05 -55.51
C VAL A 216 30.06 12.32 -54.33
N GLU A 217 30.70 11.22 -53.92
CA GLU A 217 30.21 10.40 -52.82
C GLU A 217 30.00 11.25 -51.57
N ALA A 218 28.97 10.88 -50.80
CA ALA A 218 28.63 11.64 -49.61
C ALA A 218 29.77 11.69 -48.60
N GLU A 219 30.61 10.67 -48.55
CA GLU A 219 31.75 10.62 -47.63
C GLU A 219 33.09 10.74 -48.37
N ALA A 220 33.11 11.44 -49.50
CA ALA A 220 34.35 11.75 -50.20
C ALA A 220 35.33 12.44 -49.26
N SER A 221 36.48 11.82 -49.03
CA SER A 221 37.40 12.24 -47.98
C SER A 221 38.68 12.90 -48.47
N MET A 222 39.31 12.39 -49.53
CA MET A 222 40.65 12.84 -49.91
C MET A 222 40.72 13.16 -51.38
N VAL A 223 41.59 14.12 -51.71
CA VAL A 223 41.83 14.57 -53.07
C VAL A 223 43.26 14.20 -53.43
N ILE A 224 43.42 13.50 -54.56
CA ILE A 224 44.73 13.12 -55.07
C ILE A 224 44.98 13.89 -56.35
N ALA A 225 46.10 14.61 -56.41
CA ALA A 225 46.52 15.30 -57.62
C ALA A 225 47.34 14.32 -58.47
N VAL A 226 46.81 13.95 -59.64
CA VAL A 226 47.47 12.96 -60.50
C VAL A 226 48.42 13.73 -61.41
N PRO A 227 49.70 13.40 -61.43
CA PRO A 227 50.64 14.15 -62.29
C PRO A 227 50.47 13.79 -63.76
N GLU A 228 50.92 14.69 -64.62
CA GLU A 228 50.97 14.36 -66.04
C GLU A 228 51.82 13.10 -66.20
N PRO A 229 51.48 12.21 -67.13
CA PRO A 229 50.54 12.34 -68.27
C PRO A 229 49.04 12.44 -68.01
N PHE A 230 48.51 11.82 -66.96
CA PHE A 230 47.06 11.73 -66.83
C PHE A 230 46.44 13.10 -66.58
N GLY A 231 46.92 13.81 -65.55
CA GLY A 231 46.33 15.04 -65.08
C GLY A 231 45.05 14.82 -64.30
N GLY A 232 44.49 15.90 -63.75
CA GLY A 232 43.23 15.76 -63.03
C GLY A 232 43.42 15.30 -61.59
N ALA A 233 42.39 14.66 -61.06
CA ALA A 233 42.39 14.27 -59.65
C ALA A 233 41.65 12.95 -59.45
N ILE A 234 42.01 12.25 -58.39
CA ILE A 234 41.29 11.06 -57.92
C ILE A 234 40.71 11.39 -56.56
N ILE A 235 39.45 11.03 -56.35
CA ILE A 235 38.73 11.34 -55.11
C ILE A 235 38.42 10.03 -54.42
N ILE A 236 38.93 9.87 -53.20
CA ILE A 236 38.78 8.62 -52.44
C ILE A 236 37.62 8.78 -51.47
N GLY A 237 36.72 7.80 -51.45
CA GLY A 237 35.61 7.80 -50.52
C GLY A 237 35.57 6.60 -49.59
N GLN A 238 34.38 6.29 -49.07
CA GLN A 238 34.17 5.09 -48.26
C GLN A 238 33.88 3.87 -49.13
N GLU A 239 33.09 4.04 -50.20
CA GLU A 239 32.74 2.94 -51.08
C GLU A 239 33.38 3.01 -52.46
N SER A 240 33.78 4.19 -52.92
CA SER A 240 34.19 4.33 -54.32
C SER A 240 35.41 5.23 -54.44
N ILE A 241 36.16 4.98 -55.52
CA ILE A 241 37.28 5.80 -55.94
C ILE A 241 36.94 6.32 -57.33
N THR A 242 37.03 7.63 -57.52
CA THR A 242 36.63 8.26 -58.77
C THR A 242 37.76 9.12 -59.32
N TYR A 243 37.84 9.15 -60.65
CA TYR A 243 38.78 9.98 -61.37
C TYR A 243 38.00 11.04 -62.13
N HIS A 244 38.43 12.30 -62.00
CA HIS A 244 37.75 13.42 -62.65
C HIS A 244 38.80 14.23 -63.40
N ASN A 245 38.55 14.47 -64.69
CA ASN A 245 39.41 15.35 -65.49
C ASN A 245 38.57 15.84 -66.67
N GLY A 246 38.05 17.05 -66.54
CA GLY A 246 37.27 17.64 -67.62
C GLY A 246 36.07 16.78 -67.96
N ASP A 247 36.01 16.29 -69.20
CA ASP A 247 34.90 15.47 -69.65
C ASP A 247 35.00 14.04 -69.15
N LYS A 248 36.20 13.57 -68.86
CA LYS A 248 36.39 12.17 -68.48
C LYS A 248 36.02 11.96 -67.02
N TYR A 249 35.24 10.91 -66.77
CA TYR A 249 34.85 10.49 -65.42
C TYR A 249 34.84 8.98 -65.37
N LEU A 250 35.59 8.43 -64.42
CA LEU A 250 35.65 6.99 -64.14
C LEU A 250 35.33 6.74 -62.69
N ALA A 251 34.82 5.55 -62.41
CA ALA A 251 34.47 5.17 -61.05
C ALA A 251 34.63 3.68 -60.87
N ILE A 252 35.41 3.30 -59.86
CA ILE A 252 35.55 1.92 -59.43
C ILE A 252 35.06 1.85 -57.98
N ALA A 253 34.25 0.85 -57.67
CA ALA A 253 33.65 0.68 -56.35
C ALA A 253 33.85 -0.76 -55.92
N PRO A 254 35.09 -1.16 -55.67
CA PRO A 254 35.36 -2.57 -55.30
C PRO A 254 34.87 -2.84 -53.89
N PRO A 255 34.20 -3.97 -53.66
CA PRO A 255 33.65 -4.22 -52.31
C PRO A 255 34.69 -4.28 -51.21
N ILE A 256 35.98 -4.44 -51.54
CA ILE A 256 36.98 -4.68 -50.51
C ILE A 256 37.19 -3.42 -49.68
N ILE A 257 37.13 -2.25 -50.32
CA ILE A 257 37.39 -1.01 -49.58
C ILE A 257 36.21 -0.56 -48.72
N LYS A 258 34.98 -1.00 -49.03
CA LYS A 258 33.83 -0.61 -48.22
C LYS A 258 33.99 -1.05 -46.77
N GLN A 259 34.77 -2.11 -46.53
CA GLN A 259 34.91 -2.67 -45.20
C GLN A 259 35.60 -1.72 -44.23
N SER A 260 36.59 -0.96 -44.69
CA SER A 260 37.34 -0.08 -43.80
C SER A 260 37.66 1.24 -44.48
N THR A 261 37.51 2.32 -43.72
CA THR A 261 37.74 3.67 -44.23
C THR A 261 39.21 3.84 -44.61
N ILE A 262 39.45 4.42 -45.79
CA ILE A 262 40.81 4.71 -46.25
C ILE A 262 41.20 6.09 -45.77
N VAL A 263 42.37 6.18 -45.12
CA VAL A 263 42.79 7.42 -44.49
C VAL A 263 44.06 8.02 -45.08
N CYS A 264 44.89 7.24 -45.78
CA CYS A 264 46.17 7.78 -46.26
C CYS A 264 46.41 7.36 -47.70
N HIS A 265 47.15 8.20 -48.42
CA HIS A 265 47.48 7.92 -49.81
C HIS A 265 48.86 8.48 -50.09
N ASN A 266 49.61 7.78 -50.95
CA ASN A 266 50.92 8.23 -51.39
C ASN A 266 51.14 7.76 -52.82
N ARG A 267 51.91 8.54 -53.58
CA ARG A 267 52.22 8.21 -54.95
C ARG A 267 53.47 7.33 -55.02
N VAL A 268 53.39 6.27 -55.83
CA VAL A 268 54.51 5.34 -56.00
C VAL A 268 55.30 5.75 -57.23
N ASP A 269 54.67 5.68 -58.40
CA ASP A 269 55.34 5.98 -59.66
C ASP A 269 55.18 7.46 -60.00
N PRO A 270 56.26 8.23 -60.12
CA PRO A 270 56.12 9.65 -60.48
C PRO A 270 55.18 9.91 -61.65
N ASN A 271 55.06 8.98 -62.60
CA ASN A 271 54.13 9.19 -63.71
C ASN A 271 52.68 9.10 -63.27
N GLY A 272 52.42 8.65 -62.04
CA GLY A 272 51.07 8.58 -61.54
C GLY A 272 50.38 7.26 -61.79
N SER A 273 51.13 6.27 -62.29
CA SER A 273 50.51 4.99 -62.65
C SER A 273 50.05 4.24 -61.41
N ARG A 274 50.80 4.35 -60.30
CA ARG A 274 50.50 3.57 -59.12
C ARG A 274 50.50 4.44 -57.86
N TYR A 275 49.52 4.18 -56.99
CA TYR A 275 49.40 4.84 -55.70
C TYR A 275 49.20 3.79 -54.61
N LEU A 276 49.60 4.16 -53.39
CA LEU A 276 49.32 3.36 -52.21
C LEU A 276 48.12 3.95 -51.47
N LEU A 277 47.29 3.07 -50.94
CA LEU A 277 46.14 3.44 -50.11
C LEU A 277 46.16 2.59 -48.86
N GLY A 278 45.88 3.22 -47.72
CA GLY A 278 45.82 2.52 -46.46
C GLY A 278 44.50 2.80 -45.77
N ASP A 279 44.07 1.83 -44.96
CA ASP A 279 42.77 1.93 -44.29
C ASP A 279 42.94 1.71 -42.80
N MET A 280 41.85 1.98 -42.07
CA MET A 280 41.90 2.01 -40.61
C MET A 280 42.13 0.64 -39.99
N GLU A 281 41.82 -0.44 -40.72
CA GLU A 281 42.09 -1.79 -40.24
C GLU A 281 43.51 -2.24 -40.54
N GLY A 282 44.35 -1.33 -41.03
CA GLY A 282 45.74 -1.63 -41.30
C GLY A 282 46.04 -2.22 -42.65
N ARG A 283 45.06 -2.33 -43.54
CA ARG A 283 45.31 -2.91 -44.84
C ARG A 283 46.01 -1.91 -45.74
N LEU A 284 46.85 -2.43 -46.64
CA LEU A 284 47.59 -1.63 -47.60
C LEU A 284 47.18 -2.06 -48.99
N PHE A 285 46.70 -1.11 -49.80
CA PHE A 285 46.25 -1.38 -51.15
C PHE A 285 47.18 -0.71 -52.17
N MET A 286 47.13 -1.21 -53.40
CA MET A 286 47.76 -0.56 -54.54
C MET A 286 46.66 -0.08 -55.48
N LEU A 287 46.66 1.20 -55.80
CA LEU A 287 45.72 1.78 -56.76
C LEU A 287 46.46 1.94 -58.08
N LEU A 288 45.95 1.30 -59.13
CA LEU A 288 46.63 1.22 -60.42
C LEU A 288 45.89 2.06 -61.45
N LEU A 289 46.63 2.88 -62.19
CA LEU A 289 46.07 3.65 -63.29
C LEU A 289 46.45 2.97 -64.60
N GLU A 290 45.47 2.36 -65.25
CA GLU A 290 45.68 1.61 -66.48
C GLU A 290 45.66 2.57 -67.66
N LYS A 291 46.78 2.65 -68.37
CA LYS A 291 46.97 3.63 -69.43
C LYS A 291 46.48 3.09 -70.75
N GLU A 292 45.92 3.97 -71.58
CA GLU A 292 45.57 3.65 -72.96
C GLU A 292 46.06 4.79 -73.85
N GLU A 293 46.93 4.46 -74.81
CA GLU A 293 47.42 5.47 -75.74
C GLU A 293 46.53 5.50 -76.98
N GLN A 294 46.08 6.70 -77.35
CA GLN A 294 45.29 6.90 -78.56
C GLN A 294 46.24 7.16 -79.72
N MET A 295 45.74 6.96 -80.94
CA MET A 295 46.59 7.14 -82.12
C MET A 295 47.10 8.57 -82.22
N ASP A 296 46.44 9.53 -81.57
CA ASP A 296 46.90 10.90 -81.52
C ASP A 296 48.26 11.02 -80.84
N GLY A 297 48.70 9.99 -80.14
CA GLY A 297 49.87 10.06 -79.30
C GLY A 297 49.59 10.45 -77.87
N THR A 298 48.35 10.77 -77.54
CA THR A 298 48.01 11.14 -76.18
C THR A 298 47.68 9.87 -75.39
N VAL A 299 47.88 9.96 -74.08
CA VAL A 299 47.64 8.84 -73.18
C VAL A 299 46.44 9.25 -72.34
N THR A 300 45.45 8.36 -72.29
CA THR A 300 44.24 8.59 -71.51
C THR A 300 44.19 7.55 -70.42
N LEU A 301 43.43 7.86 -69.37
CA LEU A 301 43.25 6.90 -68.29
C LEU A 301 42.15 5.94 -68.72
N LYS A 302 42.51 4.67 -68.86
CA LYS A 302 41.58 3.67 -69.35
C LYS A 302 40.68 3.17 -68.23
N ASP A 303 41.28 2.82 -67.11
CA ASP A 303 40.52 2.23 -66.02
C ASP A 303 41.33 2.34 -64.74
N LEU A 304 40.66 2.09 -63.62
CA LEU A 304 41.29 2.02 -62.31
C LEU A 304 41.10 0.61 -61.75
N ARG A 305 42.10 0.15 -61.00
CA ARG A 305 42.10 -1.17 -60.38
C ARG A 305 42.65 -0.98 -58.97
N VAL A 306 42.12 -1.77 -58.04
CA VAL A 306 42.60 -1.79 -56.66
C VAL A 306 43.01 -3.22 -56.32
N GLU A 307 44.20 -3.36 -55.76
CA GLU A 307 44.76 -4.67 -55.42
C GLU A 307 45.23 -4.64 -53.97
N LEU A 308 44.81 -5.64 -53.19
CA LEU A 308 45.23 -5.74 -51.80
C LEU A 308 46.63 -6.32 -51.71
N LEU A 309 47.52 -5.60 -51.02
CA LEU A 309 48.91 -6.02 -50.87
C LEU A 309 49.16 -6.80 -49.59
N GLY A 310 48.59 -6.34 -48.48
CA GLY A 310 48.84 -6.99 -47.20
C GLY A 310 48.40 -6.11 -46.05
N GLU A 311 49.10 -6.24 -44.93
CA GLU A 311 48.74 -5.52 -43.71
C GLU A 311 49.95 -4.81 -43.14
N THR A 312 49.72 -3.59 -42.66
CA THR A 312 50.73 -2.80 -41.96
C THR A 312 50.11 -2.34 -40.64
N SER A 313 50.87 -1.59 -39.86
CA SER A 313 50.30 -0.92 -38.70
C SER A 313 49.34 0.17 -39.16
N ILE A 314 48.28 0.40 -38.37
CA ILE A 314 47.30 1.41 -38.74
C ILE A 314 48.06 2.71 -38.98
N ALA A 315 48.11 3.16 -40.23
CA ALA A 315 49.03 4.21 -40.64
C ALA A 315 48.36 5.56 -40.72
N GLU A 316 49.01 6.58 -40.14
CA GLU A 316 48.59 7.95 -40.39
C GLU A 316 49.16 8.48 -41.71
N CYS A 317 50.44 8.25 -41.98
CA CYS A 317 51.08 8.71 -43.19
C CYS A 317 51.82 7.54 -43.83
N LEU A 318 51.81 7.49 -45.15
CA LEU A 318 52.52 6.50 -45.94
C LEU A 318 53.50 7.23 -46.86
N THR A 319 54.69 6.66 -47.00
CA THR A 319 55.74 7.20 -47.87
C THR A 319 56.42 6.04 -48.57
N TYR A 320 56.50 6.13 -49.90
CA TYR A 320 57.01 5.02 -50.70
C TYR A 320 58.53 4.91 -50.74
N LEU A 321 59.26 6.01 -50.55
CA LEU A 321 60.73 5.94 -50.58
C LEU A 321 61.12 5.34 -51.93
N ASP A 322 62.01 4.36 -51.98
CA ASP A 322 62.46 3.73 -53.21
C ASP A 322 62.45 2.21 -53.06
N ASN A 323 62.66 1.53 -54.19
CA ASN A 323 62.69 0.08 -54.26
C ASN A 323 61.31 -0.39 -53.79
N GLY A 324 61.22 -1.40 -52.94
CA GLY A 324 59.98 -1.82 -52.33
C GLY A 324 59.78 -1.35 -50.92
N VAL A 325 60.64 -0.46 -50.42
CA VAL A 325 60.62 -0.07 -49.02
C VAL A 325 59.63 1.06 -48.86
N VAL A 326 58.59 0.82 -48.04
CA VAL A 326 57.56 1.81 -47.77
C VAL A 326 57.66 2.11 -46.29
N PHE A 327 57.59 3.38 -45.92
CA PHE A 327 57.59 3.77 -44.52
C PHE A 327 56.15 3.97 -44.07
N VAL A 328 55.76 3.25 -43.04
CA VAL A 328 54.40 3.30 -42.51
C VAL A 328 54.49 4.19 -41.27
N GLY A 329 54.11 5.46 -41.41
CA GLY A 329 54.11 6.36 -40.29
C GLY A 329 52.82 6.19 -39.51
N SER A 330 52.92 5.68 -38.28
CA SER A 330 51.76 5.31 -37.50
C SER A 330 51.65 6.19 -36.26
N ARG A 331 50.40 6.55 -35.93
CA ARG A 331 50.04 7.32 -34.75
C ARG A 331 49.38 6.49 -33.67
N LEU A 332 48.84 5.33 -34.03
CA LEU A 332 48.13 4.47 -33.10
C LEU A 332 48.91 3.21 -32.75
N GLY A 333 49.94 2.89 -33.51
CA GLY A 333 50.80 1.75 -33.25
C GLY A 333 52.23 2.03 -33.68
N ASP A 334 53.08 1.01 -33.63
CA ASP A 334 54.47 1.18 -34.03
C ASP A 334 54.55 1.55 -35.51
N SER A 335 55.46 2.48 -35.84
CA SER A 335 55.75 2.78 -37.22
C SER A 335 56.65 1.69 -37.81
N GLN A 336 56.76 1.67 -39.13
CA GLN A 336 57.47 0.56 -39.75
C GLN A 336 58.15 0.94 -41.06
N LEU A 337 59.16 0.14 -41.39
CA LEU A 337 59.62 -0.06 -42.76
C LEU A 337 59.15 -1.44 -43.22
N VAL A 338 58.51 -1.50 -44.38
CA VAL A 338 58.05 -2.76 -44.95
C VAL A 338 58.52 -2.81 -46.39
N LYS A 339 58.74 -4.03 -46.89
CA LYS A 339 59.14 -4.21 -48.28
C LYS A 339 58.00 -4.84 -49.07
N LEU A 340 57.69 -4.25 -50.21
CA LEU A 340 56.67 -4.76 -51.12
C LEU A 340 57.35 -5.67 -52.15
N ASN A 341 56.90 -6.93 -52.20
CA ASN A 341 57.50 -7.92 -53.10
C ASN A 341 56.61 -8.08 -54.33
N VAL A 342 57.25 -8.47 -55.45
CA VAL A 342 56.49 -8.75 -56.66
C VAL A 342 55.76 -10.08 -56.54
N ASP A 343 56.40 -11.06 -55.92
CA ASP A 343 55.79 -12.37 -55.67
C ASP A 343 55.22 -12.38 -54.26
N SER A 344 54.00 -12.91 -54.14
CA SER A 344 53.38 -13.05 -52.83
C SER A 344 54.02 -14.20 -52.07
N ASN A 345 53.89 -14.17 -50.74
CA ASN A 345 54.38 -15.28 -49.94
C ASN A 345 53.30 -16.36 -49.90
N GLU A 346 53.57 -17.43 -49.16
CA GLU A 346 52.65 -18.57 -49.16
C GLU A 346 51.30 -18.26 -48.52
N GLN A 347 51.17 -17.15 -47.81
CA GLN A 347 49.90 -16.75 -47.23
C GLN A 347 49.11 -15.82 -48.14
N GLY A 348 49.67 -15.42 -49.28
CA GLY A 348 49.04 -14.50 -50.19
C GLY A 348 49.41 -13.04 -50.03
N SER A 349 50.35 -12.72 -49.15
CA SER A 349 50.71 -11.34 -48.87
C SER A 349 51.93 -10.93 -49.66
N TYR A 350 51.95 -9.66 -50.09
CA TYR A 350 53.11 -9.07 -50.74
C TYR A 350 53.92 -8.19 -49.79
N VAL A 351 53.54 -8.10 -48.53
CA VAL A 351 54.15 -7.16 -47.59
C VAL A 351 54.86 -7.96 -46.50
N VAL A 352 56.14 -7.64 -46.28
CA VAL A 352 56.94 -8.28 -45.25
C VAL A 352 57.64 -7.19 -44.46
N ALA A 353 57.47 -7.22 -43.13
CA ALA A 353 58.03 -6.20 -42.26
C ALA A 353 59.54 -6.28 -42.21
N MET A 354 60.20 -5.12 -42.29
CA MET A 354 61.64 -5.03 -42.14
C MET A 354 62.05 -4.58 -40.73
N GLU A 355 61.64 -3.38 -40.33
CA GLU A 355 61.99 -2.82 -39.04
C GLU A 355 60.72 -2.30 -38.37
N THR A 356 60.76 -2.22 -37.04
CA THR A 356 59.64 -1.72 -36.25
C THR A 356 60.15 -0.63 -35.33
N PHE A 357 59.55 0.56 -35.43
CA PHE A 357 59.93 1.73 -34.65
C PHE A 357 58.94 1.91 -33.51
N THR A 358 59.44 1.90 -32.28
CA THR A 358 58.57 1.97 -31.12
C THR A 358 57.73 3.24 -31.11
N ASN A 359 56.42 3.05 -30.93
CA ASN A 359 55.47 4.14 -30.72
C ASN A 359 54.68 3.82 -29.46
N LEU A 360 54.90 4.60 -28.39
CA LEU A 360 54.06 4.41 -27.21
C LEU A 360 52.58 4.67 -27.48
N GLY A 361 52.25 5.16 -28.66
CA GLY A 361 50.88 5.29 -29.10
C GLY A 361 50.12 6.17 -28.15
N PRO A 362 48.79 6.19 -28.26
CA PRO A 362 47.99 6.90 -27.25
C PRO A 362 48.16 6.23 -25.90
N ILE A 363 48.56 7.00 -24.89
CA ILE A 363 48.68 6.47 -23.53
C ILE A 363 47.35 6.78 -22.85
N VAL A 364 46.44 5.79 -22.88
CA VAL A 364 45.12 5.99 -22.31
C VAL A 364 45.20 6.04 -20.78
N ASP A 365 45.99 5.15 -20.19
CA ASP A 365 46.16 5.13 -18.74
C ASP A 365 47.53 4.52 -18.45
N MET A 366 47.99 4.68 -17.21
CA MET A 366 49.26 4.09 -16.82
C MET A 366 49.37 4.08 -15.30
N CYS A 367 50.23 3.20 -14.80
CA CYS A 367 50.52 3.10 -13.38
C CYS A 367 52.00 2.81 -13.19
N VAL A 368 52.52 3.20 -12.03
CA VAL A 368 53.92 2.94 -11.66
C VAL A 368 53.93 1.85 -10.60
N VAL A 369 54.73 0.82 -10.83
CA VAL A 369 54.77 -0.35 -9.97
C VAL A 369 56.22 -0.84 -9.89
N ASP A 370 56.64 -1.23 -8.68
CA ASP A 370 57.98 -1.78 -8.46
C ASP A 370 57.88 -3.30 -8.61
N LEU A 371 58.07 -3.77 -9.85
CA LEU A 371 57.86 -5.19 -10.12
C LEU A 371 58.95 -6.06 -9.50
N GLU A 372 60.19 -5.58 -9.49
CA GLU A 372 61.33 -6.37 -9.01
C GLU A 372 61.77 -6.01 -7.58
N ARG A 373 61.05 -5.15 -6.87
CA ARG A 373 61.42 -4.76 -5.50
C ARG A 373 62.73 -3.99 -5.48
N GLN A 374 62.99 -3.27 -6.58
CA GLN A 374 64.21 -2.52 -6.80
C GLN A 374 64.23 -1.13 -6.18
N GLY A 375 63.17 -0.71 -5.49
CA GLY A 375 63.17 0.65 -4.98
C GLY A 375 63.32 1.66 -6.08
N GLN A 376 62.82 1.34 -7.28
CA GLN A 376 62.90 2.21 -8.44
C GLN A 376 61.51 2.57 -8.92
N GLY A 377 60.79 1.61 -9.49
CA GLY A 377 59.49 1.75 -10.10
C GLY A 377 59.58 1.56 -11.60
N GLN A 378 58.55 0.92 -12.15
CA GLN A 378 58.45 0.66 -13.58
C GLN A 378 57.14 1.27 -14.03
N LEU A 379 57.10 1.77 -15.26
CA LEU A 379 55.90 2.41 -15.79
C LEU A 379 55.21 1.46 -16.76
N VAL A 380 53.99 1.06 -16.40
CA VAL A 380 53.16 0.19 -17.23
C VAL A 380 52.08 1.05 -17.85
N THR A 381 52.10 1.18 -19.17
CA THR A 381 51.18 2.02 -19.91
C THR A 381 50.15 1.18 -20.67
N CYS A 382 48.94 1.71 -20.75
CA CYS A 382 47.95 1.27 -21.73
C CYS A 382 48.19 2.07 -23.00
N SER A 383 48.76 1.43 -24.02
CA SER A 383 49.23 2.12 -25.21
C SER A 383 48.58 1.53 -26.46
N GLY A 384 48.35 2.40 -27.45
CA GLY A 384 47.85 1.96 -28.72
C GLY A 384 46.33 1.84 -28.78
N ALA A 385 45.85 1.48 -29.97
CA ALA A 385 44.44 1.31 -30.22
C ALA A 385 44.20 0.19 -31.20
N PHE A 386 43.03 -0.44 -31.10
CA PHE A 386 42.56 -1.45 -32.05
C PHE A 386 43.61 -2.55 -32.14
N LYS A 387 43.99 -3.00 -33.34
CA LYS A 387 44.91 -4.12 -33.48
C LYS A 387 46.30 -3.77 -32.97
N GLU A 388 46.59 -2.48 -32.75
CA GLU A 388 47.87 -2.03 -32.24
C GLU A 388 47.89 -1.93 -30.72
N GLY A 389 46.79 -2.25 -30.05
CA GLY A 389 46.76 -2.12 -28.60
C GLY A 389 47.82 -2.97 -27.93
N SER A 390 48.44 -2.41 -26.90
CA SER A 390 49.52 -3.10 -26.20
C SER A 390 49.66 -2.52 -24.81
N LEU A 391 50.38 -3.26 -23.96
CA LEU A 391 50.90 -2.76 -22.70
C LEU A 391 52.41 -2.56 -22.86
N ARG A 392 52.94 -1.49 -22.25
CA ARG A 392 54.35 -1.19 -22.37
C ARG A 392 54.97 -1.07 -20.98
N ILE A 393 56.02 -1.84 -20.73
CA ILE A 393 56.77 -1.80 -19.47
C ILE A 393 58.02 -0.95 -19.70
N ILE A 394 58.13 0.15 -18.95
CA ILE A 394 59.15 1.17 -19.19
C ILE A 394 59.98 1.39 -17.93
N ARG A 395 61.31 1.30 -18.08
CA ARG A 395 62.25 1.50 -16.99
C ARG A 395 63.50 2.23 -17.49
N ASN A 396 64.12 2.99 -16.58
CA ASN A 396 65.38 3.68 -16.87
C ASN A 396 66.56 2.71 -16.80
N GLY A 397 67.45 2.80 -17.79
CA GLY A 397 68.64 1.98 -17.83
C GLY A 397 69.59 2.35 -18.96
N GLN A 408 72.57 5.64 -21.76
CA GLN A 408 71.43 6.40 -21.24
C GLN A 408 70.25 6.32 -22.21
N LYS A 409 69.33 5.41 -21.93
CA LYS A 409 68.14 5.23 -22.76
C LYS A 409 67.08 4.54 -21.90
N LEU A 410 65.84 4.58 -22.36
CA LEU A 410 64.75 3.87 -21.70
C LEU A 410 64.62 2.48 -22.31
N HIS A 411 64.46 1.47 -21.45
CA HIS A 411 64.25 0.09 -21.88
C HIS A 411 62.75 -0.22 -21.83
N ILE A 412 62.20 -0.66 -22.96
CA ILE A 412 60.75 -0.78 -23.13
C ILE A 412 60.39 -2.16 -23.63
N ARG A 413 59.59 -2.89 -22.85
CA ARG A 413 59.02 -4.16 -23.24
C ARG A 413 57.58 -3.95 -23.74
N THR A 414 57.23 -4.64 -24.82
CA THR A 414 55.92 -4.49 -25.45
C THR A 414 55.12 -5.77 -25.28
N VAL A 415 53.87 -5.62 -24.90
CA VAL A 415 52.96 -6.74 -24.67
C VAL A 415 51.77 -6.57 -25.60
N PRO A 416 51.74 -7.22 -26.74
CA PRO A 416 50.64 -7.01 -27.69
C PRO A 416 49.32 -7.58 -27.18
N LEU A 417 48.27 -6.78 -27.34
CA LEU A 417 46.90 -7.16 -26.99
C LEU A 417 45.97 -7.30 -28.19
N TYR A 418 46.23 -6.55 -29.27
CA TYR A 418 45.42 -6.59 -30.49
C TYR A 418 44.00 -6.10 -30.24
N GLU A 419 43.80 -5.41 -29.11
CA GLU A 419 42.54 -4.76 -28.78
C GLU A 419 42.88 -3.54 -27.94
N SER A 420 41.93 -2.62 -27.82
CA SER A 420 42.21 -1.33 -27.22
C SER A 420 42.28 -1.45 -25.70
N PRO A 421 43.40 -1.08 -25.07
CA PRO A 421 43.43 -1.03 -23.60
C PRO A 421 42.94 0.31 -23.07
N ARG A 422 42.13 0.26 -22.02
CA ARG A 422 41.42 1.43 -21.51
C ARG A 422 41.94 1.90 -20.16
N LYS A 423 42.07 0.99 -19.19
CA LYS A 423 42.52 1.34 -17.85
C LYS A 423 43.40 0.22 -17.32
N ILE A 424 44.35 0.58 -16.45
CA ILE A 424 45.22 -0.40 -15.81
C ILE A 424 45.37 -0.07 -14.33
N CYS A 425 45.43 -1.11 -13.50
CA CYS A 425 45.62 -0.98 -12.07
C CYS A 425 46.34 -2.24 -11.60
N TYR A 426 47.27 -2.07 -10.66
CA TYR A 426 48.10 -3.17 -10.18
C TYR A 426 47.55 -3.71 -8.86
N GLN A 427 47.52 -5.03 -8.74
CA GLN A 427 47.05 -5.73 -7.54
C GLN A 427 48.20 -6.62 -7.08
N GLU A 428 48.96 -6.15 -6.08
CA GLU A 428 50.14 -6.89 -5.67
C GLU A 428 49.78 -8.24 -5.07
N VAL A 429 48.72 -8.28 -4.25
CA VAL A 429 48.34 -9.53 -3.57
C VAL A 429 48.22 -10.68 -4.55
N SER A 430 47.77 -10.39 -5.77
CA SER A 430 47.54 -11.39 -6.79
C SER A 430 48.69 -11.51 -7.79
N GLN A 431 49.78 -10.76 -7.59
CA GLN A 431 50.90 -10.73 -8.52
C GLN A 431 50.44 -10.58 -9.97
N CYS A 432 49.46 -9.70 -10.18
CA CYS A 432 48.89 -9.50 -11.51
C CYS A 432 48.36 -8.09 -11.66
N PHE A 433 48.10 -7.73 -12.93
CA PHE A 433 47.49 -6.47 -13.30
C PHE A 433 46.04 -6.68 -13.74
N GLY A 434 45.17 -5.75 -13.39
CA GLY A 434 43.83 -5.68 -13.98
C GLY A 434 43.81 -4.62 -15.06
N VAL A 435 43.38 -5.01 -16.26
CA VAL A 435 43.33 -4.14 -17.42
C VAL A 435 41.96 -4.18 -18.06
N LEU A 436 41.39 -3.00 -18.30
CA LEU A 436 40.14 -2.88 -19.04
C LEU A 436 40.43 -2.71 -20.51
N SER A 437 39.67 -3.41 -21.35
CA SER A 437 39.93 -3.41 -22.78
C SER A 437 38.61 -3.50 -23.53
N SER A 438 38.65 -3.08 -24.80
CA SER A 438 37.49 -3.17 -25.68
C SER A 438 37.97 -3.63 -27.05
N ARG A 439 37.17 -4.47 -27.70
CA ARG A 439 37.46 -4.98 -29.03
C ARG A 439 36.25 -4.74 -29.93
N ILE A 440 36.52 -4.60 -31.22
CA ILE A 440 35.48 -4.29 -32.20
C ILE A 440 34.97 -5.60 -32.80
N GLU A 441 33.66 -5.83 -32.69
CA GLU A 441 32.98 -6.89 -33.41
C GLU A 441 31.94 -6.23 -34.33
N VAL A 442 31.50 -6.97 -35.34
CA VAL A 442 30.62 -6.44 -36.36
C VAL A 442 29.36 -7.30 -36.42
N GLN A 443 28.21 -6.65 -36.59
CA GLN A 443 26.95 -7.38 -36.69
C GLN A 443 27.02 -8.33 -37.88
N ASP A 444 26.77 -9.61 -37.63
CA ASP A 444 26.90 -10.62 -38.67
C ASP A 444 25.54 -11.26 -38.94
N THR A 445 25.51 -12.17 -39.92
CA THR A 445 24.26 -12.73 -40.39
C THR A 445 23.58 -13.63 -39.36
N SER A 446 24.27 -13.98 -38.28
CA SER A 446 23.64 -14.79 -37.24
C SER A 446 22.75 -13.98 -36.32
N GLY A 447 22.77 -12.65 -36.44
CA GLY A 447 22.15 -11.78 -35.47
C GLY A 447 23.08 -11.35 -34.37
N GLY A 448 24.14 -12.12 -34.11
CA GLY A 448 25.17 -11.75 -33.18
C GLY A 448 26.26 -10.96 -33.85
N THR A 449 27.47 -11.02 -33.28
CA THR A 449 28.60 -10.30 -33.83
C THR A 449 29.81 -11.21 -33.92
N THR A 450 30.75 -10.80 -34.77
CA THR A 450 31.97 -11.57 -35.04
C THR A 450 33.16 -10.62 -34.97
N ALA A 451 34.21 -11.05 -34.28
CA ALA A 451 35.41 -10.25 -34.14
C ALA A 451 36.28 -10.37 -35.40
N LEU A 452 36.89 -9.24 -35.77
CA LEU A 452 37.70 -9.17 -36.97
C LEU A 452 39.01 -9.94 -36.84
N ARG A 453 39.44 -10.24 -35.62
CA ARG A 453 40.70 -10.94 -35.36
C ARG A 453 40.68 -11.39 -33.89
N PRO A 454 41.44 -12.44 -33.56
CA PRO A 454 41.56 -12.83 -32.15
C PRO A 454 42.41 -11.81 -31.37
N SER A 455 42.11 -11.68 -30.08
CA SER A 455 42.79 -10.68 -29.26
C SER A 455 42.79 -11.12 -27.79
N ALA A 456 43.36 -10.26 -26.95
CA ALA A 456 43.65 -10.62 -25.57
C ALA A 456 42.41 -11.19 -24.86
N SER A 457 41.26 -10.57 -25.06
CA SER A 457 40.07 -11.00 -24.34
C SER A 457 39.55 -12.35 -24.83
N THR A 458 39.90 -12.76 -26.04
CA THR A 458 39.49 -14.04 -26.59
C THR A 458 40.55 -15.13 -26.41
N GLN A 459 41.80 -14.75 -26.14
CA GLN A 459 42.89 -15.70 -25.96
C GLN A 459 43.26 -15.89 -24.50
N ALA A 460 42.36 -15.52 -23.58
CA ALA A 460 42.61 -15.71 -22.15
C ALA A 460 42.63 -17.20 -21.83
N LEU A 461 43.35 -17.57 -20.77
CA LEU A 461 43.37 -18.96 -20.36
C LEU A 461 41.99 -19.42 -19.91
N SER A 462 41.41 -18.70 -18.94
CA SER A 462 40.06 -18.92 -18.46
C SER A 462 39.23 -17.66 -18.74
N SER A 463 37.93 -17.82 -18.93
CA SER A 463 37.08 -16.70 -19.30
C SER A 463 35.73 -16.78 -18.59
N SER A 464 35.07 -15.63 -18.51
CA SER A 464 33.75 -15.52 -17.89
C SER A 464 32.98 -14.39 -18.57
N VAL A 465 31.67 -14.40 -18.37
CA VAL A 465 30.77 -13.40 -18.94
C VAL A 465 29.77 -12.98 -17.87
N SER A 466 29.53 -11.67 -17.73
CA SER A 466 28.55 -11.22 -16.76
C SER A 466 27.19 -11.82 -17.10
N SER A 467 26.49 -12.30 -16.08
CA SER A 467 25.12 -12.77 -16.18
C SER A 467 24.17 -11.87 -15.42
N SER A 468 24.57 -10.62 -15.19
CA SER A 468 23.80 -9.70 -14.37
C SER A 468 22.41 -9.52 -14.94
N LYS A 469 21.42 -9.48 -14.05
CA LYS A 469 20.03 -9.31 -14.43
C LYS A 469 19.53 -7.90 -14.17
N LEU A 470 20.43 -6.97 -13.85
CA LEU A 470 20.01 -5.64 -13.42
C LEU A 470 19.17 -4.94 -14.48
N PHE A 471 19.72 -4.80 -15.68
CA PHE A 471 19.05 -4.15 -16.81
C PHE A 471 18.27 -5.12 -17.68
N SER A 472 18.19 -6.39 -17.31
CA SER A 472 17.49 -7.39 -18.12
C SER A 472 16.02 -7.09 -18.38
N SER A 473 15.40 -6.14 -17.69
CA SER A 473 13.97 -5.92 -17.94
C SER A 473 13.77 -5.20 -19.25
N SER A 474 14.79 -4.50 -19.72
CA SER A 474 14.78 -3.81 -21.01
C SER A 474 13.44 -3.24 -21.43
N THR A 475 12.87 -3.76 -22.52
CA THR A 475 11.64 -3.25 -23.15
C THR A 475 11.99 -2.00 -23.95
N ALA A 476 13.29 -1.69 -24.09
CA ALA A 476 13.79 -0.57 -24.89
C ALA A 476 14.42 -1.12 -26.18
N PRO A 477 13.88 -0.82 -27.37
CA PRO A 477 14.36 -1.47 -28.60
C PRO A 477 15.61 -0.79 -29.16
N HIS A 478 16.60 -1.62 -29.54
CA HIS A 478 17.82 -1.13 -30.18
C HIS A 478 18.09 -1.98 -31.42
N GLU A 479 17.69 -1.51 -32.61
CA GLU A 479 17.83 -2.30 -33.83
C GLU A 479 19.26 -2.37 -34.35
N THR A 480 19.59 -3.53 -34.92
CA THR A 480 20.92 -3.84 -35.43
C THR A 480 20.88 -4.06 -36.93
N SER A 481 21.82 -3.45 -37.64
CA SER A 481 21.98 -3.62 -39.08
C SER A 481 23.29 -4.37 -39.35
N PHE A 482 23.24 -5.35 -40.26
CA PHE A 482 24.43 -6.11 -40.58
C PHE A 482 25.56 -5.19 -41.02
N GLY A 483 26.76 -5.43 -40.48
CA GLY A 483 27.93 -4.66 -40.81
C GLY A 483 28.28 -3.55 -39.84
N GLU A 484 27.36 -3.17 -38.95
CA GLU A 484 27.65 -2.13 -37.96
C GLU A 484 28.63 -2.64 -36.92
N GLU A 485 29.46 -1.72 -36.42
CA GLU A 485 30.43 -2.05 -35.40
C GLU A 485 29.85 -1.91 -33.99
N VAL A 486 30.38 -2.71 -33.07
CA VAL A 486 30.07 -2.61 -31.65
C VAL A 486 31.36 -2.76 -30.88
N GLU A 487 31.41 -2.17 -29.68
CA GLU A 487 32.50 -2.37 -28.75
C GLU A 487 32.11 -3.44 -27.74
N VAL A 488 33.03 -4.36 -27.48
CA VAL A 488 32.86 -5.40 -26.45
C VAL A 488 33.93 -5.17 -25.40
N HIS A 489 33.50 -4.96 -24.16
CA HIS A 489 34.40 -4.54 -23.09
C HIS A 489 34.71 -5.70 -22.16
N ASN A 490 35.95 -5.75 -21.67
CA ASN A 490 36.42 -6.86 -20.88
C ASN A 490 37.33 -6.35 -19.76
N LEU A 491 37.42 -7.15 -18.70
CA LEU A 491 38.43 -6.97 -17.66
C LEU A 491 39.44 -8.10 -17.82
N LEU A 492 40.69 -7.74 -18.05
CA LEU A 492 41.76 -8.70 -18.25
C LEU A 492 42.59 -8.83 -16.99
N ILE A 493 42.88 -10.07 -16.59
CA ILE A 493 43.79 -10.35 -15.49
C ILE A 493 45.09 -10.84 -16.12
N ILE A 494 46.17 -10.09 -15.90
CA ILE A 494 47.45 -10.27 -16.60
C ILE A 494 48.55 -10.46 -15.57
N ASP A 495 49.35 -11.51 -15.75
CA ASP A 495 50.41 -11.82 -14.80
C ASP A 495 51.51 -10.77 -14.86
N GLN A 496 52.09 -10.44 -13.70
CA GLN A 496 53.06 -9.37 -13.64
C GLN A 496 54.45 -9.78 -14.11
N HIS A 497 54.69 -11.08 -14.32
CA HIS A 497 56.00 -11.55 -14.76
C HIS A 497 55.96 -11.98 -16.22
N THR A 498 55.06 -12.92 -16.55
CA THR A 498 54.92 -13.40 -17.93
C THR A 498 54.03 -12.50 -18.78
N PHE A 499 53.11 -11.76 -18.17
CA PHE A 499 52.14 -10.96 -18.90
C PHE A 499 51.28 -11.84 -19.79
N GLU A 500 50.93 -13.00 -19.26
CA GLU A 500 50.01 -13.92 -19.88
C GLU A 500 48.61 -13.50 -19.44
N VAL A 501 47.67 -13.56 -20.38
CA VAL A 501 46.30 -13.20 -20.04
C VAL A 501 45.71 -14.40 -19.30
N LEU A 502 45.66 -14.31 -17.98
CA LEU A 502 45.18 -15.41 -17.17
C LEU A 502 43.66 -15.52 -17.24
N HIS A 503 42.97 -14.39 -17.24
CA HIS A 503 41.52 -14.39 -17.25
C HIS A 503 41.00 -13.19 -18.02
N ALA A 504 39.84 -13.38 -18.65
CA ALA A 504 39.13 -12.31 -19.34
C ALA A 504 37.66 -12.40 -18.96
N HIS A 505 37.12 -11.31 -18.42
CA HIS A 505 35.70 -11.21 -18.07
C HIS A 505 35.04 -10.26 -19.06
N GLN A 506 34.00 -10.72 -19.73
CA GLN A 506 33.29 -9.91 -20.71
C GLN A 506 32.05 -9.29 -20.07
N PHE A 507 31.91 -7.97 -20.24
CA PHE A 507 30.79 -7.26 -19.64
C PHE A 507 29.54 -7.38 -20.51
N LEU A 508 28.44 -6.83 -20.01
CA LEU A 508 27.16 -6.98 -20.67
C LEU A 508 27.20 -6.37 -22.06
N GLN A 509 26.27 -6.81 -22.92
CA GLN A 509 26.14 -6.22 -24.23
C GLN A 509 25.82 -4.74 -24.08
N ASN A 510 26.58 -3.89 -24.77
CA ASN A 510 26.44 -2.44 -24.73
C ASN A 510 26.91 -1.82 -23.41
N GLU A 511 27.63 -2.57 -22.58
CA GLU A 511 28.16 -2.05 -21.33
C GLU A 511 29.62 -1.65 -21.54
N TYR A 512 29.96 -0.41 -21.22
CA TYR A 512 31.32 0.07 -21.33
C TYR A 512 31.96 0.09 -19.95
N ALA A 513 33.20 -0.39 -19.87
CA ALA A 513 33.99 -0.33 -18.64
C ALA A 513 34.81 0.95 -18.67
N LEU A 514 34.55 1.85 -17.71
CA LEU A 514 35.14 3.17 -17.70
C LEU A 514 36.17 3.39 -16.60
N SER A 515 36.08 2.67 -15.49
CA SER A 515 36.94 2.94 -14.35
C SER A 515 37.28 1.64 -13.64
N LEU A 516 38.47 1.59 -13.05
CA LEU A 516 38.99 0.37 -12.45
C LEU A 516 39.87 0.72 -11.25
N VAL A 517 39.63 0.03 -10.13
CA VAL A 517 40.48 0.15 -8.95
C VAL A 517 40.74 -1.23 -8.38
N SER A 518 41.85 -1.34 -7.63
CA SER A 518 42.17 -2.53 -6.86
C SER A 518 42.40 -2.09 -5.43
N CYS A 519 41.61 -2.63 -4.49
CA CYS A 519 41.72 -2.16 -3.11
C CYS A 519 40.97 -3.10 -2.18
N LYS A 520 41.25 -2.93 -0.88
CA LYS A 520 40.45 -3.49 0.19
C LYS A 520 39.48 -2.43 0.69
N LEU A 521 38.31 -2.87 1.14
CA LEU A 521 37.30 -1.96 1.68
C LEU A 521 36.88 -2.38 3.08
N GLY A 522 36.59 -1.39 3.91
CA GLY A 522 36.03 -1.63 5.23
C GLY A 522 36.87 -2.58 6.07
N LYS A 523 36.19 -3.52 6.72
CA LYS A 523 36.82 -4.56 7.52
C LYS A 523 36.97 -5.86 6.73
N ASP A 524 36.83 -5.80 5.40
CA ASP A 524 36.93 -6.99 4.56
C ASP A 524 38.38 -7.24 4.19
N PRO A 525 38.98 -8.37 4.61
CA PRO A 525 40.40 -8.59 4.34
C PRO A 525 40.72 -8.91 2.89
N ASN A 526 39.71 -9.19 2.06
CA ASN A 526 39.95 -9.55 0.66
C ASN A 526 40.28 -8.34 -0.19
N THR A 527 41.18 -8.53 -1.15
CA THR A 527 41.55 -7.49 -2.11
C THR A 527 40.74 -7.71 -3.39
N TYR A 528 40.01 -6.68 -3.82
CA TYR A 528 39.09 -6.82 -4.93
C TYR A 528 39.52 -5.97 -6.13
N PHE A 529 39.11 -6.42 -7.31
CA PHE A 529 39.08 -5.60 -8.51
C PHE A 529 37.68 -5.01 -8.62
N ILE A 530 37.56 -3.69 -8.71
CA ILE A 530 36.26 -3.03 -8.79
C ILE A 530 36.21 -2.22 -10.08
N VAL A 531 35.12 -2.40 -10.82
CA VAL A 531 34.96 -1.80 -12.15
C VAL A 531 33.68 -0.97 -12.16
N GLY A 532 33.76 0.23 -12.71
CA GLY A 532 32.61 1.07 -12.94
C GLY A 532 32.29 1.14 -14.42
N THR A 533 31.01 0.96 -14.75
CA THR A 533 30.58 0.81 -16.14
C THR A 533 29.46 1.80 -16.45
N ALA A 534 29.10 1.85 -17.74
CA ALA A 534 28.00 2.65 -18.22
C ALA A 534 27.29 1.90 -19.33
N MET A 535 25.96 1.91 -19.31
CA MET A 535 25.17 1.32 -20.39
C MET A 535 25.05 2.34 -21.51
N VAL A 536 25.66 2.05 -22.65
CA VAL A 536 25.84 3.00 -23.73
C VAL A 536 24.95 2.56 -24.88
N TYR A 537 23.92 3.33 -25.17
CA TYR A 537 23.05 3.11 -26.32
C TYR A 537 23.15 4.30 -27.27
N PRO A 538 23.21 4.04 -28.58
CA PRO A 538 23.38 5.18 -29.51
C PRO A 538 22.34 6.28 -29.34
N GLU A 539 21.15 5.93 -28.87
CA GLU A 539 20.07 6.90 -28.77
C GLU A 539 20.33 7.95 -27.67
N GLU A 540 21.13 7.60 -26.66
CA GLU A 540 21.24 8.45 -25.48
C GLU A 540 22.31 9.53 -25.63
N ALA A 541 21.96 10.74 -25.21
CA ALA A 541 22.93 11.83 -25.16
C ALA A 541 23.95 11.61 -24.05
N GLU A 542 23.52 10.99 -22.95
CA GLU A 542 24.35 10.76 -21.78
C GLU A 542 23.84 9.48 -21.13
N PRO A 543 24.72 8.55 -20.76
CA PRO A 543 24.24 7.27 -20.19
C PRO A 543 23.38 7.51 -18.97
N LYS A 544 22.32 6.72 -18.84
CA LYS A 544 21.40 6.80 -17.70
C LYS A 544 21.37 5.53 -16.87
N GLN A 545 22.21 4.53 -17.20
CA GLN A 545 22.32 3.30 -16.45
C GLN A 545 23.79 2.94 -16.31
N GLY A 546 24.12 2.21 -15.24
CA GLY A 546 25.49 1.78 -15.05
C GLY A 546 25.60 0.84 -13.87
N ARG A 547 26.81 0.29 -13.70
CA ARG A 547 27.08 -0.65 -12.63
C ARG A 547 28.41 -0.33 -11.95
N ILE A 548 28.49 -0.63 -10.66
CA ILE A 548 29.74 -0.81 -9.96
C ILE A 548 29.82 -2.28 -9.60
N VAL A 549 30.86 -2.96 -10.06
CA VAL A 549 30.97 -4.40 -9.92
C VAL A 549 32.21 -4.70 -9.08
N VAL A 550 32.05 -5.56 -8.09
CA VAL A 550 33.14 -6.00 -7.23
C VAL A 550 33.50 -7.42 -7.65
N PHE A 551 34.74 -7.61 -8.09
CA PHE A 551 35.26 -8.91 -8.47
C PHE A 551 36.31 -9.34 -7.44
N GLN A 552 36.52 -10.65 -7.34
CA GLN A 552 37.66 -11.17 -6.62
C GLN A 552 38.41 -12.13 -7.54
N TYR A 553 39.70 -11.90 -7.71
CA TYR A 553 40.56 -12.80 -8.46
C TYR A 553 41.19 -13.77 -7.47
N SER A 554 40.78 -15.03 -7.54
CA SER A 554 41.26 -16.06 -6.64
C SER A 554 41.41 -17.37 -7.38
N ASP A 555 42.57 -18.01 -7.23
CA ASP A 555 42.80 -19.34 -7.77
C ASP A 555 42.52 -19.41 -9.26
N GLY A 556 42.97 -18.40 -9.99
CA GLY A 556 42.86 -18.41 -11.44
C GLY A 556 41.48 -18.11 -11.97
N LYS A 557 40.53 -17.75 -11.12
CA LYS A 557 39.19 -17.42 -11.54
C LYS A 557 38.77 -16.09 -10.94
N LEU A 558 37.95 -15.37 -11.68
CA LEU A 558 37.40 -14.08 -11.25
C LEU A 558 35.97 -14.32 -10.79
N GLN A 559 35.68 -13.97 -9.54
CA GLN A 559 34.38 -14.22 -8.95
C GLN A 559 33.65 -12.90 -8.80
N THR A 560 32.40 -12.84 -9.21
CA THR A 560 31.61 -11.63 -9.01
C THR A 560 31.12 -11.60 -7.56
N VAL A 561 31.59 -10.62 -6.80
CA VAL A 561 31.31 -10.57 -5.36
C VAL A 561 30.03 -9.78 -5.08
N ALA A 562 29.84 -8.67 -5.76
CA ALA A 562 28.70 -7.80 -5.49
C ALA A 562 28.57 -6.81 -6.65
N GLU A 563 27.34 -6.37 -6.91
CA GLU A 563 27.08 -5.39 -7.93
C GLU A 563 26.14 -4.33 -7.38
N LYS A 564 26.40 -3.07 -7.71
CA LYS A 564 25.58 -1.94 -7.28
C LYS A 564 25.11 -1.20 -8.53
N GLU A 565 23.80 -1.07 -8.67
CA GLU A 565 23.23 -0.36 -9.81
C GLU A 565 23.28 1.13 -9.56
N VAL A 566 23.64 1.89 -10.60
CA VAL A 566 23.66 3.34 -10.53
C VAL A 566 22.89 3.89 -11.72
N LYS A 567 22.50 5.16 -11.60
CA LYS A 567 21.71 5.84 -12.62
C LYS A 567 22.59 6.75 -13.47
N GLY A 568 23.67 6.20 -14.00
CA GLY A 568 24.58 6.98 -14.82
C GLY A 568 25.86 6.23 -15.09
N ALA A 569 26.84 6.95 -15.62
CA ALA A 569 28.14 6.38 -15.97
C ALA A 569 29.13 6.59 -14.82
N VAL A 570 29.80 5.51 -14.42
CA VAL A 570 30.80 5.59 -13.35
C VAL A 570 32.11 5.98 -14.03
N TYR A 571 32.28 7.29 -14.25
CA TYR A 571 33.44 7.75 -15.01
C TYR A 571 34.74 7.54 -14.24
N SER A 572 34.70 7.67 -12.92
CA SER A 572 35.93 7.64 -12.13
C SER A 572 35.65 7.07 -10.75
N MET A 573 36.60 6.27 -10.27
CA MET A 573 36.54 5.71 -8.92
C MET A 573 37.92 5.79 -8.30
N VAL A 574 37.94 5.83 -6.97
CA VAL A 574 39.19 5.85 -6.22
C VAL A 574 38.91 5.39 -4.81
N GLU A 575 39.84 4.61 -4.24
CA GLU A 575 39.72 4.18 -2.86
C GLU A 575 39.90 5.36 -1.92
N PHE A 576 39.07 5.43 -0.88
CA PHE A 576 39.02 6.58 0.01
C PHE A 576 38.86 6.09 1.44
N ASN A 577 39.99 5.86 2.12
CA ASN A 577 40.01 5.53 3.54
C ASN A 577 39.06 4.37 3.84
N GLY A 578 39.25 3.27 3.10
CA GLY A 578 38.43 2.10 3.27
C GLY A 578 37.04 2.20 2.68
N LYS A 579 36.70 3.34 2.08
CA LYS A 579 35.43 3.55 1.41
C LYS A 579 35.68 3.70 -0.08
N LEU A 580 34.64 3.54 -0.88
CA LEU A 580 34.74 3.64 -2.32
C LEU A 580 34.13 4.95 -2.79
N LEU A 581 34.97 5.81 -3.37
CA LEU A 581 34.55 7.08 -3.93
C LEU A 581 34.36 6.91 -5.43
N ALA A 582 33.15 7.17 -5.91
CA ALA A 582 32.80 6.98 -7.31
C ALA A 582 32.05 8.19 -7.82
N SER A 583 32.27 8.53 -9.09
CA SER A 583 31.61 9.65 -9.74
C SER A 583 30.62 9.10 -10.75
N ILE A 584 29.33 9.36 -10.53
CA ILE A 584 28.27 8.93 -11.44
C ILE A 584 27.70 10.20 -12.08
N ASN A 585 28.05 10.45 -13.36
CA ASN A 585 27.60 11.64 -14.05
C ASN A 585 27.95 12.87 -13.22
N SER A 586 26.96 13.72 -12.90
CA SER A 586 27.25 14.88 -12.05
C SER A 586 27.56 14.50 -10.61
N THR A 587 26.95 13.44 -10.10
CA THR A 587 27.08 13.08 -8.70
C THR A 587 28.45 12.52 -8.37
N VAL A 588 28.97 12.93 -7.21
CA VAL A 588 30.16 12.33 -6.60
C VAL A 588 29.69 11.64 -5.33
N ARG A 589 29.91 10.33 -5.23
CA ARG A 589 29.32 9.53 -4.17
C ARG A 589 30.39 8.79 -3.39
N LEU A 590 30.15 8.64 -2.07
CA LEU A 590 31.02 7.86 -1.19
C LEU A 590 30.22 6.67 -0.68
N TYR A 591 30.72 5.46 -0.96
CA TYR A 591 30.07 4.22 -0.56
C TYR A 591 30.85 3.57 0.59
N GLU A 592 30.14 2.93 1.51
CA GLU A 592 30.76 2.08 2.51
C GLU A 592 30.55 0.60 2.14
N TRP A 593 31.50 -0.24 2.56
CA TRP A 593 31.47 -1.67 2.29
C TRP A 593 31.04 -2.39 3.57
N THR A 594 29.83 -2.96 3.54
CA THR A 594 29.22 -3.51 4.75
C THR A 594 29.78 -4.89 5.07
N THR A 595 29.46 -5.37 6.27
CA THR A 595 29.82 -6.73 6.66
C THR A 595 29.06 -7.79 5.86
N GLU A 596 28.00 -7.39 5.14
CA GLU A 596 27.31 -8.27 4.22
C GLU A 596 27.88 -8.20 2.80
N LYS A 597 29.04 -7.54 2.63
CA LYS A 597 29.73 -7.49 1.33
C LYS A 597 28.82 -6.88 0.27
N GLU A 598 28.24 -5.73 0.59
CA GLU A 598 27.49 -4.93 -0.35
C GLU A 598 27.85 -3.47 -0.14
N LEU A 599 27.73 -2.67 -1.21
CA LEU A 599 28.05 -1.25 -1.14
C LEU A 599 26.85 -0.49 -0.60
N ARG A 600 27.11 0.44 0.31
CA ARG A 600 26.07 1.24 0.92
C ARG A 600 26.46 2.71 0.79
N THR A 601 25.52 3.53 0.31
CA THR A 601 25.80 4.95 0.11
C THR A 601 25.89 5.68 1.45
N GLU A 602 26.93 6.48 1.61
CA GLU A 602 27.05 7.36 2.77
C GLU A 602 26.64 8.79 2.44
N CYS A 603 27.26 9.41 1.42
CA CYS A 603 27.01 10.81 1.13
C CYS A 603 27.26 11.12 -0.34
N ASN A 604 26.63 12.20 -0.81
CA ASN A 604 26.68 12.60 -2.22
C ASN A 604 26.94 14.09 -2.39
N HIS A 605 27.52 14.44 -3.54
CA HIS A 605 27.71 15.83 -3.98
C HIS A 605 27.15 15.96 -5.37
N TYR A 606 26.34 17.01 -5.62
CA TYR A 606 25.61 17.09 -6.88
C TYR A 606 25.93 18.32 -7.74
N ASN A 607 26.67 19.31 -7.24
CA ASN A 607 26.91 20.53 -8.00
C ASN A 607 28.06 20.34 -8.98
N ASN A 608 27.81 19.49 -9.98
CA ASN A 608 28.78 19.26 -11.04
C ASN A 608 28.04 19.22 -12.38
N ILE A 609 28.77 19.52 -13.45
CA ILE A 609 28.24 19.32 -14.78
C ILE A 609 28.45 17.86 -15.20
N MET A 610 29.69 17.39 -15.09
CA MET A 610 30.01 15.98 -15.32
C MET A 610 31.32 15.67 -14.61
N ALA A 611 31.28 14.72 -13.67
CA ALA A 611 32.43 14.43 -12.81
C ALA A 611 33.32 13.40 -13.50
N LEU A 612 34.16 13.89 -14.42
CA LEU A 612 34.95 12.98 -15.23
C LEU A 612 36.15 12.41 -14.46
N TYR A 613 36.76 13.19 -13.57
CA TYR A 613 38.01 12.77 -12.94
C TYR A 613 37.97 12.99 -11.43
N LEU A 614 38.58 12.07 -10.69
CA LEU A 614 38.66 12.14 -9.24
C LEU A 614 40.07 11.80 -8.77
N LYS A 615 40.54 12.56 -7.78
CA LYS A 615 41.79 12.31 -7.05
C LYS A 615 41.58 12.67 -5.59
N THR A 616 42.33 12.00 -4.71
CA THR A 616 42.17 12.21 -3.29
C THR A 616 43.51 12.39 -2.59
N LYS A 617 43.45 12.97 -1.40
CA LYS A 617 44.61 13.07 -0.51
C LYS A 617 44.06 13.31 0.90
N GLY A 618 44.25 12.35 1.79
CA GLY A 618 43.66 12.47 3.12
C GLY A 618 42.15 12.44 3.00
N ASP A 619 41.49 13.40 3.63
CA ASP A 619 40.04 13.56 3.51
C ASP A 619 39.65 14.53 2.42
N PHE A 620 40.59 14.94 1.58
CA PHE A 620 40.35 15.91 0.51
C PHE A 620 40.18 15.21 -0.82
N ILE A 621 39.25 15.74 -1.64
CA ILE A 621 38.92 15.16 -2.94
C ILE A 621 38.97 16.25 -4.00
N LEU A 622 39.66 15.97 -5.09
CA LEU A 622 39.71 16.86 -6.25
C LEU A 622 38.86 16.28 -7.37
N VAL A 623 37.93 17.08 -7.87
CA VAL A 623 36.98 16.66 -8.89
C VAL A 623 37.28 17.48 -10.15
N GLY A 624 37.36 16.79 -11.28
CA GLY A 624 37.55 17.45 -12.55
C GLY A 624 36.30 17.37 -13.39
N ASP A 625 35.78 18.51 -13.83
CA ASP A 625 34.51 18.60 -14.55
C ASP A 625 34.78 18.72 -16.04
N LEU A 626 33.75 18.38 -16.83
CA LEU A 626 33.89 18.49 -18.28
C LEU A 626 34.18 19.93 -18.70
N MET A 627 33.49 20.89 -18.11
CA MET A 627 33.67 22.29 -18.47
C MET A 627 33.95 23.21 -17.30
N ARG A 628 33.70 22.79 -16.05
CA ARG A 628 33.82 23.68 -14.90
C ARG A 628 35.15 23.50 -14.17
N SER A 629 36.18 23.02 -14.87
CA SER A 629 37.56 22.95 -14.37
C SER A 629 37.59 22.06 -13.14
N VAL A 630 38.20 22.48 -12.02
CA VAL A 630 38.47 21.59 -10.89
C VAL A 630 37.81 22.15 -9.64
N LEU A 631 37.22 21.26 -8.83
CA LEU A 631 36.60 21.59 -7.57
C LEU A 631 37.23 20.79 -6.45
N LEU A 632 37.66 21.47 -5.39
CA LEU A 632 38.23 20.85 -4.20
C LEU A 632 37.14 20.58 -3.17
N LEU A 633 36.87 19.30 -2.90
CA LEU A 633 35.91 18.89 -1.89
C LEU A 633 36.63 18.27 -0.70
N ALA A 634 35.96 18.26 0.45
CA ALA A 634 36.48 17.64 1.65
C ALA A 634 35.43 16.74 2.29
N TYR A 635 35.86 15.58 2.78
CA TYR A 635 34.99 14.69 3.54
C TYR A 635 35.05 15.10 5.00
N LYS A 636 33.88 15.36 5.59
CA LYS A 636 33.84 15.77 6.99
C LYS A 636 33.35 14.62 7.86
N PRO A 637 34.26 13.87 8.48
CA PRO A 637 33.84 12.64 9.17
C PRO A 637 32.91 12.89 10.34
N MET A 638 32.99 14.05 10.97
CA MET A 638 32.12 14.34 12.10
C MET A 638 30.66 14.34 11.67
N GLU A 639 30.40 14.77 10.43
CA GLU A 639 29.03 14.90 9.95
C GLU A 639 28.61 13.81 8.97
N GLY A 640 29.57 13.10 8.37
CA GLY A 640 29.23 12.07 7.41
C GLY A 640 28.75 12.60 6.07
N ASN A 641 29.42 13.62 5.53
CA ASN A 641 28.99 14.26 4.30
C ASN A 641 30.18 15.00 3.69
N PHE A 642 29.96 15.59 2.51
CA PHE A 642 30.95 16.40 1.83
C PHE A 642 30.76 17.89 2.12
N GLU A 643 31.82 18.67 1.86
CA GLU A 643 31.81 20.13 1.90
C GLU A 643 32.70 20.69 0.81
N GLU A 644 32.21 21.69 0.10
CA GLU A 644 32.94 22.33 -1.00
C GLU A 644 33.98 23.29 -0.42
N ILE A 645 35.25 23.00 -0.63
CA ILE A 645 36.29 23.89 -0.08
C ILE A 645 36.51 25.08 -1.01
N ALA A 646 36.67 24.84 -2.31
CA ALA A 646 36.91 25.91 -3.25
C ALA A 646 36.81 25.37 -4.67
N ARG A 647 36.48 26.26 -5.61
CA ARG A 647 36.29 25.90 -7.01
C ARG A 647 37.09 26.86 -7.89
N ASP A 648 37.59 26.35 -9.00
CA ASP A 648 38.24 27.19 -10.00
C ASP A 648 37.13 27.72 -10.91
N PHE A 649 36.71 28.96 -10.70
CA PHE A 649 35.57 29.47 -11.44
C PHE A 649 35.91 29.78 -12.89
N ASN A 650 37.18 29.93 -13.24
CA ASN A 650 37.56 30.06 -14.64
C ASN A 650 37.15 28.78 -15.39
N PRO A 651 36.58 28.91 -16.59
CA PRO A 651 36.08 27.71 -17.28
C PRO A 651 37.12 26.99 -18.13
N ASN A 652 37.39 25.71 -17.84
CA ASN A 652 38.32 24.92 -18.65
C ASN A 652 37.79 23.50 -18.83
N TRP A 653 38.04 22.95 -20.01
CA TRP A 653 37.68 21.58 -20.36
C TRP A 653 38.79 20.63 -19.92
N MET A 654 38.53 19.83 -18.89
CA MET A 654 39.58 19.04 -18.29
C MET A 654 39.82 17.76 -19.07
N SER A 655 41.10 17.36 -19.17
CA SER A 655 41.51 16.08 -19.72
C SER A 655 42.14 15.17 -18.68
N ALA A 656 42.67 15.75 -17.60
CA ALA A 656 43.27 15.00 -16.49
C ALA A 656 43.51 15.96 -15.34
N VAL A 657 43.55 15.41 -14.14
CA VAL A 657 43.79 16.18 -12.93
C VAL A 657 44.77 15.42 -12.04
N GLU A 658 45.37 16.15 -11.10
CA GLU A 658 46.30 15.54 -10.14
C GLU A 658 46.48 16.50 -8.97
N ILE A 659 46.67 15.93 -7.80
CA ILE A 659 46.95 16.68 -6.58
C ILE A 659 48.46 16.72 -6.39
N LEU A 660 49.02 17.92 -6.29
CA LEU A 660 50.46 18.09 -6.06
C LEU A 660 50.78 18.06 -4.56
N ASP A 661 50.03 18.83 -3.78
CA ASP A 661 50.16 18.84 -2.33
C ASP A 661 48.84 19.34 -1.76
N ASP A 662 48.78 19.56 -0.45
CA ASP A 662 47.52 19.90 0.18
C ASP A 662 46.94 21.20 -0.34
N ASP A 663 47.75 22.05 -0.97
CA ASP A 663 47.28 23.35 -1.42
C ASP A 663 47.30 23.54 -2.94
N ASN A 664 48.17 22.84 -3.67
CA ASN A 664 48.36 23.04 -5.09
C ASN A 664 47.75 21.90 -5.89
N PHE A 665 47.02 22.25 -6.96
CA PHE A 665 46.32 21.27 -7.78
C PHE A 665 46.60 21.47 -9.25
N LEU A 666 46.87 20.37 -9.95
CA LEU A 666 47.31 20.40 -11.33
C LEU A 666 46.21 19.89 -12.25
N GLY A 667 46.07 20.54 -13.40
CA GLY A 667 45.08 20.16 -14.38
C GLY A 667 45.63 20.29 -15.79
N ALA A 668 45.03 19.53 -16.70
CA ALA A 668 45.38 19.55 -18.11
C ALA A 668 44.14 19.85 -18.91
N GLU A 669 44.25 20.74 -19.89
CA GLU A 669 43.12 21.22 -20.65
C GLU A 669 43.11 20.53 -22.01
N ASN A 670 41.94 20.46 -22.62
CA ASN A 670 41.85 19.85 -23.94
C ASN A 670 42.50 20.68 -25.03
N ALA A 671 42.98 21.88 -24.70
CA ALA A 671 43.70 22.74 -25.62
C ALA A 671 45.20 22.52 -25.60
N PHE A 672 45.66 21.42 -24.97
CA PHE A 672 47.08 21.11 -24.84
C PHE A 672 47.77 22.09 -23.90
N ASN A 673 47.07 22.47 -22.81
CA ASN A 673 47.57 23.39 -21.80
C ASN A 673 47.54 22.78 -20.41
N LEU A 674 48.46 23.24 -19.54
CA LEU A 674 48.55 22.83 -18.15
C LEU A 674 48.38 24.03 -17.23
N PHE A 675 47.71 23.84 -16.09
CA PHE A 675 47.53 24.91 -15.11
C PHE A 675 47.52 24.34 -13.70
N VAL A 676 47.93 25.18 -12.74
CA VAL A 676 47.97 24.83 -11.32
C VAL A 676 47.17 25.84 -10.54
N CYS A 677 46.25 25.34 -9.71
CA CYS A 677 45.41 26.16 -8.85
C CYS A 677 45.77 25.95 -7.40
N GLN A 678 45.71 27.02 -6.60
CA GLN A 678 46.03 26.95 -5.18
C GLN A 678 44.91 27.58 -4.37
N LYS A 679 44.70 27.06 -3.16
CA LYS A 679 43.84 27.73 -2.20
C LYS A 679 44.36 29.14 -1.94
N ASP A 680 43.45 30.10 -1.84
CA ASP A 680 43.87 31.49 -1.81
C ASP A 680 44.67 31.83 -0.56
N SER A 681 44.51 31.08 0.52
CA SER A 681 45.28 31.26 1.74
C SER A 681 45.37 32.73 2.16
N ALA A 682 44.26 33.44 2.03
CA ALA A 682 44.11 34.83 2.48
C ALA A 682 42.72 34.87 3.15
N ALA A 683 42.60 34.11 4.23
CA ALA A 683 41.31 33.83 4.87
C ALA A 683 40.80 35.00 5.70
N THR A 684 40.33 36.04 4.99
CA THR A 684 39.62 37.13 5.62
C THR A 684 38.13 37.15 5.26
N THR A 685 37.75 36.45 4.22
CA THR A 685 36.37 36.40 3.72
C THR A 685 36.14 34.99 3.18
N ASP A 686 34.94 34.46 3.42
CA ASP A 686 34.62 33.13 2.92
C ASP A 686 34.80 33.05 1.41
N GLU A 687 34.46 34.14 0.71
CA GLU A 687 34.50 34.18 -0.74
C GLU A 687 35.92 33.96 -1.26
N GLU A 688 36.91 34.56 -0.60
CA GLU A 688 38.30 34.36 -1.01
C GLU A 688 38.73 32.92 -0.84
N ARG A 689 38.32 32.28 0.26
CA ARG A 689 38.71 30.90 0.50
C ARG A 689 38.14 29.97 -0.56
N GLN A 690 36.88 30.20 -0.95
CA GLN A 690 36.23 29.33 -1.92
C GLN A 690 36.73 29.57 -3.35
N HIS A 691 37.65 30.48 -3.56
CA HIS A 691 38.18 30.79 -4.89
C HIS A 691 39.54 30.14 -5.03
N LEU A 692 39.61 29.12 -5.90
CA LEU A 692 40.88 28.56 -6.30
C LEU A 692 41.45 29.46 -7.39
N GLN A 693 42.67 29.94 -7.20
CA GLN A 693 43.28 30.91 -8.09
C GLN A 693 44.31 30.21 -8.97
N GLU A 694 44.17 30.36 -10.29
CA GLU A 694 45.08 29.72 -11.22
C GLU A 694 46.42 30.44 -11.18
N VAL A 695 47.38 29.88 -10.43
CA VAL A 695 48.68 30.53 -10.28
C VAL A 695 49.68 30.10 -11.35
N GLY A 696 49.50 28.93 -11.95
CA GLY A 696 50.41 28.45 -12.99
C GLY A 696 49.68 28.18 -14.30
N LEU A 697 50.28 28.62 -15.41
CA LEU A 697 49.76 28.40 -16.75
C LEU A 697 50.91 28.03 -17.66
N PHE A 698 50.70 27.02 -18.51
CA PHE A 698 51.77 26.48 -19.35
C PHE A 698 51.15 25.75 -20.54
N HIS A 699 51.69 26.00 -21.73
CA HIS A 699 51.26 25.28 -22.92
C HIS A 699 52.23 24.11 -23.13
N LEU A 700 51.76 22.89 -22.86
CA LEU A 700 52.61 21.72 -23.02
C LEU A 700 52.79 21.36 -24.49
N GLY A 701 51.70 21.46 -25.27
CA GLY A 701 51.70 21.00 -26.64
C GLY A 701 51.21 19.58 -26.80
N GLU A 702 50.91 18.91 -25.70
CA GLU A 702 50.47 17.52 -25.69
C GLU A 702 49.15 17.40 -24.94
N PHE A 703 48.42 16.34 -25.26
CA PHE A 703 47.16 16.01 -24.63
C PHE A 703 47.42 15.01 -23.52
N VAL A 704 47.18 15.42 -22.27
CA VAL A 704 47.54 14.61 -21.11
C VAL A 704 46.33 13.76 -20.72
N ASN A 705 46.41 12.44 -20.97
CA ASN A 705 45.32 11.57 -20.58
C ASN A 705 45.42 11.14 -19.12
N VAL A 706 46.64 10.93 -18.62
CA VAL A 706 46.84 10.33 -17.30
C VAL A 706 47.94 11.06 -16.56
N PHE A 707 47.68 11.38 -15.29
CA PHE A 707 48.66 11.89 -14.33
C PHE A 707 48.87 10.81 -13.28
N CYS A 708 50.13 10.48 -12.98
CA CYS A 708 50.44 9.45 -12.01
C CYS A 708 51.62 9.87 -11.14
N HIS A 709 51.45 9.76 -9.82
CA HIS A 709 52.56 10.02 -8.91
C HIS A 709 53.60 8.91 -9.03
N GLY A 710 54.87 9.29 -9.08
CA GLY A 710 55.95 8.31 -9.13
C GLY A 710 57.10 8.81 -9.96
N SER A 711 58.21 8.07 -9.89
CA SER A 711 59.38 8.35 -10.70
C SER A 711 60.03 7.05 -11.11
N LEU A 712 60.71 7.09 -12.27
CA LEU A 712 61.38 5.94 -12.84
C LEU A 712 62.87 5.89 -12.53
N VAL A 713 63.41 6.90 -11.83
CA VAL A 713 64.83 6.88 -11.51
C VAL A 713 65.10 5.87 -10.41
N MET A 714 66.32 5.31 -10.41
CA MET A 714 66.73 4.42 -9.34
C MET A 714 66.98 5.27 -8.09
N GLN A 715 66.17 5.07 -7.05
CA GLN A 715 66.33 5.82 -5.81
C GLN A 715 66.88 5.03 -4.64
N ASN A 716 66.99 3.72 -4.72
CA ASN A 716 67.41 2.93 -3.57
C ASN A 716 68.92 2.96 -3.42
N LEU A 717 69.38 3.19 -2.19
CA LEU A 717 70.81 3.26 -1.88
C LEU A 717 71.47 4.39 -2.67
N GLY A 718 70.84 5.56 -2.62
CA GLY A 718 71.31 6.69 -3.40
C GLY A 718 71.08 8.01 -2.70
N GLU A 719 71.86 9.02 -3.11
CA GLU A 719 71.72 10.34 -2.53
C GLU A 719 70.33 10.89 -2.81
N THR A 720 69.87 10.77 -4.07
CA THR A 720 68.51 11.13 -4.45
C THR A 720 68.13 12.52 -3.97
N SER A 721 69.09 13.43 -3.99
CA SER A 721 68.91 14.81 -3.55
C SER A 721 68.93 15.76 -4.75
N THR A 722 67.93 16.61 -4.84
CA THR A 722 67.76 17.52 -5.97
C THR A 722 67.03 18.76 -5.50
N PRO A 723 67.24 19.91 -6.17
CA PRO A 723 66.43 21.09 -5.83
C PRO A 723 64.95 20.82 -5.94
N THR A 724 64.56 19.96 -6.87
CA THR A 724 63.16 19.66 -7.13
C THR A 724 62.57 18.78 -6.05
N GLN A 725 61.30 19.03 -5.71
CA GLN A 725 60.58 18.20 -4.75
C GLN A 725 59.28 17.71 -5.37
N GLY A 726 59.00 16.42 -5.21
CA GLY A 726 57.82 15.80 -5.74
C GLY A 726 58.05 15.19 -7.13
N SER A 727 57.11 14.34 -7.54
CA SER A 727 57.25 13.67 -8.83
C SER A 727 55.88 13.22 -9.34
N VAL A 728 55.41 13.87 -10.41
CA VAL A 728 54.20 13.46 -11.11
C VAL A 728 54.58 13.15 -12.55
N LEU A 729 54.28 11.94 -13.00
CA LEU A 729 54.47 11.54 -14.39
C LEU A 729 53.15 11.68 -15.13
N PHE A 730 53.22 11.97 -16.43
CA PHE A 730 51.99 12.06 -17.21
C PHE A 730 52.18 11.50 -18.62
N GLY A 731 51.16 10.78 -19.10
CA GLY A 731 51.16 10.20 -20.43
C GLY A 731 50.25 10.98 -21.35
N THR A 732 50.58 10.99 -22.65
CA THR A 732 49.89 11.81 -23.63
C THR A 732 49.50 10.97 -24.83
N VAL A 733 48.69 11.57 -25.70
CA VAL A 733 48.19 10.87 -26.88
C VAL A 733 49.31 10.57 -27.87
N ASN A 734 50.30 11.46 -27.98
CA ASN A 734 51.38 11.27 -28.94
C ASN A 734 52.52 10.42 -28.38
N GLY A 735 52.30 9.75 -27.24
CA GLY A 735 53.31 8.90 -26.63
C GLY A 735 54.29 9.63 -25.72
N MET A 736 54.27 10.96 -25.72
CA MET A 736 55.16 11.74 -24.87
C MET A 736 54.89 11.45 -23.40
N ILE A 737 55.96 11.21 -22.64
CA ILE A 737 55.90 11.11 -21.18
C ILE A 737 56.68 12.26 -20.58
N GLY A 738 56.08 12.97 -19.62
CA GLY A 738 56.71 14.10 -18.97
C GLY A 738 56.61 13.99 -17.46
N LEU A 739 57.24 14.96 -16.79
CA LEU A 739 57.30 14.98 -15.33
C LEU A 739 57.15 16.41 -14.84
N VAL A 740 56.31 16.60 -13.82
CA VAL A 740 56.11 17.90 -13.18
C VAL A 740 56.65 17.77 -11.76
N THR A 741 57.46 18.74 -11.34
CA THR A 741 58.05 18.74 -10.00
C THR A 741 58.05 20.17 -9.47
N SER A 742 58.15 20.29 -8.15
CA SER A 742 58.01 21.57 -7.48
C SER A 742 59.37 22.21 -7.19
N LEU A 743 59.35 23.53 -7.08
CA LEU A 743 60.54 24.31 -6.78
C LEU A 743 60.28 25.23 -5.59
N SER A 744 61.37 25.68 -4.97
CA SER A 744 61.29 26.79 -4.03
C SER A 744 61.29 28.11 -4.80
N GLU A 745 60.81 29.16 -4.13
CA GLU A 745 60.79 30.47 -4.78
C GLU A 745 62.18 30.85 -5.28
N SER A 746 63.20 30.60 -4.46
CA SER A 746 64.57 30.94 -4.85
C SER A 746 65.00 30.18 -6.10
N TRP A 747 64.67 28.89 -6.19
CA TRP A 747 65.13 28.09 -7.31
C TRP A 747 64.36 28.44 -8.58
N TYR A 748 63.06 28.71 -8.45
CA TYR A 748 62.28 29.17 -9.60
C TYR A 748 62.89 30.45 -10.19
N ASN A 749 63.13 31.45 -9.36
CA ASN A 749 63.61 32.73 -9.87
C ASN A 749 64.93 32.55 -10.62
N LEU A 750 65.83 31.75 -10.06
CA LEU A 750 67.08 31.46 -10.74
C LEU A 750 66.83 30.84 -12.12
N LEU A 751 66.02 29.79 -12.16
CA LEU A 751 65.79 29.11 -13.43
C LEU A 751 64.99 29.97 -14.39
N LEU A 752 64.05 30.77 -13.87
CA LEU A 752 63.28 31.66 -14.75
C LEU A 752 64.18 32.74 -15.35
N ASP A 753 64.97 33.41 -14.52
CA ASP A 753 65.89 34.43 -15.03
C ASP A 753 66.84 33.82 -16.05
N MET A 754 67.24 32.57 -15.83
CA MET A 754 68.10 31.88 -16.78
C MET A 754 67.38 31.62 -18.09
N GLN A 755 66.09 31.27 -18.04
CA GLN A 755 65.35 31.06 -19.29
C GLN A 755 65.37 32.31 -20.15
N ASN A 756 65.07 33.46 -19.55
CA ASN A 756 65.04 34.70 -20.31
C ASN A 756 66.39 34.98 -20.95
N ARG A 757 67.46 34.60 -20.25
CA ARG A 757 68.81 34.75 -20.81
C ARG A 757 69.04 33.73 -21.92
N LEU A 758 68.60 32.48 -21.71
CA LEU A 758 68.78 31.47 -22.74
C LEU A 758 67.99 31.80 -24.01
N ASN A 759 66.78 32.36 -23.86
CA ASN A 759 65.96 32.63 -25.04
C ASN A 759 66.59 33.70 -25.93
N LYS A 760 67.36 34.62 -25.35
CA LYS A 760 68.08 35.58 -26.17
C LYS A 760 69.25 34.95 -26.89
N VAL A 761 69.87 33.93 -26.29
CA VAL A 761 71.08 33.34 -26.86
C VAL A 761 70.73 32.26 -27.88
N ILE A 762 69.74 31.43 -27.58
CA ILE A 762 69.49 30.23 -28.39
C ILE A 762 68.69 30.61 -29.63
N LYS A 763 69.11 30.09 -30.78
CA LYS A 763 68.46 30.35 -32.06
C LYS A 763 67.35 29.33 -32.29
N SER A 764 66.14 29.82 -32.52
CA SER A 764 64.98 28.96 -32.72
C SER A 764 64.79 28.64 -34.20
N VAL A 765 64.35 27.42 -34.48
CA VAL A 765 64.00 27.05 -35.85
C VAL A 765 62.72 27.79 -36.23
N GLY A 766 62.75 28.44 -37.39
CA GLY A 766 61.63 29.26 -37.79
C GLY A 766 61.55 30.60 -37.08
N LYS A 767 62.52 30.89 -36.21
CA LYS A 767 62.55 32.15 -35.46
C LYS A 767 61.24 32.33 -34.68
N ILE A 768 60.83 31.28 -33.99
CA ILE A 768 59.63 31.30 -33.15
C ILE A 768 60.05 31.72 -31.75
N GLU A 769 59.42 32.76 -31.23
CA GLU A 769 59.69 33.21 -29.87
C GLU A 769 59.25 32.14 -28.88
N HIS A 770 60.16 31.75 -27.99
CA HIS A 770 59.85 30.74 -26.98
C HIS A 770 58.70 31.21 -26.08
N SER A 771 58.74 32.47 -25.66
CA SER A 771 57.69 32.99 -24.79
C SER A 771 56.31 32.83 -25.43
N PHE A 772 56.22 33.03 -26.75
CA PHE A 772 54.96 32.84 -27.47
C PHE A 772 54.51 31.39 -27.41
N TRP A 773 55.42 30.47 -27.71
CA TRP A 773 55.10 29.05 -27.76
C TRP A 773 54.47 28.56 -26.48
N ARG A 774 55.05 28.91 -25.33
CA ARG A 774 54.54 28.40 -24.06
C ARG A 774 53.37 29.20 -23.49
N SER A 775 52.92 30.25 -24.18
CA SER A 775 51.80 31.03 -23.67
C SER A 775 50.53 30.17 -23.70
N PHE A 776 49.77 30.22 -22.60
CA PHE A 776 48.48 29.53 -22.50
C PHE A 776 47.61 29.92 -23.69
N HIS A 777 47.14 28.94 -24.46
CA HIS A 777 46.45 29.27 -25.69
C HIS A 777 45.22 28.41 -25.91
N THR A 778 44.09 29.07 -26.08
CA THR A 778 42.84 28.50 -26.56
C THR A 778 42.40 29.38 -27.73
N GLU A 779 41.39 28.90 -28.47
CA GLU A 779 40.87 29.72 -29.56
C GLU A 779 40.44 31.10 -29.08
N ARG A 780 40.15 31.24 -27.78
CA ARG A 780 39.60 32.46 -27.23
C ARG A 780 40.58 33.26 -26.38
N LYS A 781 41.62 32.62 -25.84
CA LYS A 781 42.56 33.32 -24.97
C LYS A 781 44.01 33.02 -25.34
N THR A 782 44.88 33.98 -25.01
CA THR A 782 46.33 33.76 -25.03
C THR A 782 46.93 34.54 -23.85
N GLU A 783 47.48 33.81 -22.89
CA GLU A 783 48.09 34.41 -21.71
C GLU A 783 49.57 34.02 -21.64
N PRO A 784 50.42 34.91 -21.10
CA PRO A 784 51.82 34.52 -20.91
C PRO A 784 51.92 33.43 -19.87
N ALA A 785 52.87 32.53 -20.07
CA ALA A 785 53.07 31.44 -19.11
C ALA A 785 53.45 32.00 -17.75
N THR A 786 53.10 31.25 -16.70
CA THR A 786 53.43 31.66 -15.35
C THR A 786 53.54 30.44 -14.45
N GLY A 787 54.48 30.50 -13.51
CA GLY A 787 54.63 29.45 -12.52
C GLY A 787 55.25 28.17 -13.01
N PHE A 788 55.76 28.13 -14.23
CA PHE A 788 56.29 26.90 -14.81
C PHE A 788 57.62 27.20 -15.47
N ILE A 789 58.61 26.35 -15.20
CA ILE A 789 59.92 26.42 -15.83
C ILE A 789 60.00 25.35 -16.90
N ASP A 790 60.28 25.75 -18.14
CA ASP A 790 60.43 24.81 -19.23
C ASP A 790 61.74 24.04 -19.07
N GLY A 791 61.70 22.91 -18.38
CA GLY A 791 62.92 22.17 -18.11
C GLY A 791 63.66 21.75 -19.37
N ASP A 792 62.92 21.55 -20.46
CA ASP A 792 63.58 21.19 -21.72
C ASP A 792 64.40 22.35 -22.26
N LEU A 793 64.02 23.59 -21.91
CA LEU A 793 64.86 24.74 -22.24
C LEU A 793 66.07 24.79 -21.33
N ILE A 794 65.85 24.62 -20.02
CA ILE A 794 66.95 24.63 -19.07
C ILE A 794 67.97 23.54 -19.40
N GLU A 795 67.48 22.34 -19.74
CA GLU A 795 68.39 21.24 -20.03
C GLU A 795 69.14 21.43 -21.34
N SER A 796 68.77 22.41 -22.17
CA SER A 796 69.50 22.70 -23.40
C SER A 796 70.73 23.56 -23.16
N PHE A 797 70.85 24.18 -21.97
CA PHE A 797 72.06 24.91 -21.62
C PHE A 797 73.30 24.05 -21.79
N LEU A 798 73.20 22.76 -21.46
CA LEU A 798 74.33 21.86 -21.56
C LEU A 798 74.74 21.57 -23.00
N ASP A 799 73.91 21.93 -23.98
CA ASP A 799 74.19 21.63 -25.38
C ASP A 799 74.64 22.85 -26.18
N ILE A 800 74.57 24.05 -25.61
CA ILE A 800 75.00 25.25 -26.32
C ILE A 800 76.51 25.42 -26.16
N SER A 801 77.12 26.08 -27.13
CA SER A 801 78.57 26.21 -27.16
C SER A 801 79.09 27.06 -26.00
N ARG A 802 80.37 26.87 -25.69
CA ARG A 802 80.96 27.59 -24.56
C ARG A 802 80.82 29.10 -24.66
N PRO A 803 81.07 29.74 -25.79
CA PRO A 803 80.84 31.20 -25.87
C PRO A 803 79.44 31.58 -25.44
N LYS A 804 78.46 30.75 -25.83
CA LYS A 804 77.08 31.04 -25.52
C LYS A 804 76.79 30.83 -24.03
N MET A 805 77.38 29.79 -23.44
CA MET A 805 77.21 29.54 -22.02
C MET A 805 77.66 30.75 -21.20
N GLN A 806 78.87 31.26 -21.49
CA GLN A 806 79.41 32.38 -20.75
C GLN A 806 78.60 33.64 -21.00
N GLU A 807 78.06 33.79 -22.22
CA GLU A 807 77.18 34.91 -22.52
C GLU A 807 75.92 34.84 -21.68
N VAL A 808 75.42 33.62 -21.43
CA VAL A 808 74.20 33.47 -20.64
C VAL A 808 74.43 33.86 -19.18
N VAL A 809 75.57 33.49 -18.61
CA VAL A 809 75.77 33.70 -17.18
C VAL A 809 76.19 35.11 -16.82
N ALA A 810 76.42 35.96 -17.82
CA ALA A 810 76.85 37.34 -17.53
C ALA A 810 75.81 38.08 -16.71
N ASN A 811 76.25 38.65 -15.58
CA ASN A 811 75.41 39.48 -14.73
C ASN A 811 74.26 38.68 -14.11
N LEU A 812 74.48 37.41 -13.83
CA LEU A 812 73.46 36.55 -13.22
C LEU A 812 73.76 36.41 -11.73
N GLN A 813 72.77 36.74 -10.91
CA GLN A 813 72.89 36.69 -9.46
C GLN A 813 71.90 35.71 -8.84
N TYR A 814 72.32 35.04 -7.76
CA TYR A 814 71.50 34.10 -7.03
C TYR A 814 70.82 34.86 -5.89
N ASP A 815 69.80 34.26 -5.29
CA ASP A 815 69.10 34.91 -4.19
C ASP A 815 68.62 33.93 -3.13
N ASP A 816 68.25 34.49 -1.98
CA ASP A 816 67.77 33.76 -0.81
C ASP A 816 68.66 32.58 -0.46
N GLY A 817 69.93 32.64 -0.87
CA GLY A 817 70.89 31.59 -0.57
C GLY A 817 71.65 31.97 0.69
N SER A 818 72.69 31.19 0.99
CA SER A 818 73.56 31.59 2.08
C SER A 818 74.10 32.99 1.83
N GLY A 819 74.41 33.28 0.57
CA GLY A 819 74.79 34.63 0.16
C GLY A 819 73.60 35.24 -0.54
N MET A 820 73.30 36.49 -0.20
CA MET A 820 72.14 37.15 -0.79
C MET A 820 72.32 37.28 -2.29
N LYS A 821 73.42 37.90 -2.72
CA LYS A 821 73.79 37.96 -4.13
C LYS A 821 75.07 37.16 -4.37
N ARG A 822 75.00 36.22 -5.32
CA ARG A 822 76.12 35.34 -5.65
C ARG A 822 76.17 35.21 -7.16
N GLU A 823 77.29 35.65 -7.75
CA GLU A 823 77.46 35.57 -9.19
C GLU A 823 77.59 34.14 -9.68
N ALA A 824 77.07 33.86 -10.86
CA ALA A 824 77.12 32.54 -11.48
C ALA A 824 78.20 32.48 -12.56
N THR A 825 78.91 31.36 -12.63
CA THR A 825 79.84 31.09 -13.71
C THR A 825 79.26 30.02 -14.62
N ALA A 826 79.84 29.89 -15.82
CA ALA A 826 79.36 28.86 -16.75
C ALA A 826 79.51 27.46 -16.17
N ASP A 827 80.62 27.19 -15.48
CA ASP A 827 80.83 25.87 -14.91
C ASP A 827 79.89 25.61 -13.73
N ASP A 828 79.50 26.67 -13.01
CA ASP A 828 78.58 26.50 -11.89
C ASP A 828 77.20 26.08 -12.40
N LEU A 829 76.73 26.71 -13.48
CA LEU A 829 75.42 26.34 -14.00
C LEU A 829 75.45 24.96 -14.65
N ILE A 830 76.57 24.55 -15.24
CA ILE A 830 76.64 23.21 -15.84
C ILE A 830 76.37 22.16 -14.79
N LYS A 831 76.90 22.33 -13.58
CA LYS A 831 76.63 21.39 -12.50
C LYS A 831 75.17 21.39 -12.09
N VAL A 832 74.56 22.58 -12.03
CA VAL A 832 73.17 22.68 -11.61
C VAL A 832 72.26 21.96 -12.59
N VAL A 833 72.45 22.21 -13.88
CA VAL A 833 71.57 21.60 -14.88
C VAL A 833 71.76 20.10 -14.87
N GLU A 834 73.01 19.63 -14.76
CA GLU A 834 73.24 18.19 -14.75
C GLU A 834 72.49 17.51 -13.61
N GLU A 835 72.41 18.17 -12.45
CA GLU A 835 71.60 17.59 -11.37
C GLU A 835 70.13 17.54 -11.79
N LEU A 836 69.67 18.55 -12.53
CA LEU A 836 68.29 18.56 -12.98
C LEU A 836 68.04 17.48 -14.03
N THR A 837 69.07 17.11 -14.81
CA THR A 837 68.91 16.03 -15.77
C THR A 837 68.77 14.66 -15.09
N ARG A 838 69.06 14.56 -13.79
CA ARG A 838 69.04 13.27 -13.10
C ARG A 838 67.65 12.86 -12.66
N ILE A 839 66.67 13.76 -12.68
CA ILE A 839 65.32 13.40 -12.28
C ILE A 839 64.54 12.77 -13.44
N HIS A 840 64.96 12.97 -14.68
CA HIS A 840 64.22 12.49 -15.85
C HIS A 840 64.99 11.30 -16.44
N THR B 7 1.36 35.26 2.20
CA THR B 7 1.12 35.14 0.76
C THR B 7 2.45 35.06 0.00
N GLU B 8 2.35 34.80 -1.31
CA GLU B 8 3.53 34.71 -2.15
C GLU B 8 4.30 36.03 -2.23
N SER B 9 3.67 37.13 -1.87
CA SER B 9 4.24 38.46 -2.07
C SER B 9 5.01 38.97 -0.86
N ASP B 10 4.92 38.29 0.28
CA ASP B 10 5.50 38.77 1.54
C ASP B 10 6.97 38.36 1.59
N TRP B 11 7.77 39.05 0.78
CA TRP B 11 9.17 38.72 0.63
C TRP B 11 10.00 39.16 1.84
N GLY B 12 11.15 38.51 1.99
CA GLY B 12 12.11 38.83 3.03
C GLY B 12 11.94 38.11 4.34
N LYS B 13 10.84 37.37 4.52
CA LYS B 13 10.56 36.67 5.77
C LYS B 13 10.93 35.19 5.71
N ARG B 14 10.64 34.50 4.61
CA ARG B 14 10.91 33.07 4.53
C ARG B 14 12.40 32.84 4.72
N CYS B 15 12.75 31.75 5.43
CA CYS B 15 14.13 31.48 5.76
C CYS B 15 14.81 30.66 4.66
N VAL B 16 16.13 30.81 4.55
CA VAL B 16 16.91 30.02 3.60
C VAL B 16 16.98 28.56 4.01
N ASP B 17 16.48 28.22 5.20
CA ASP B 17 16.40 26.82 5.60
C ASP B 17 15.62 26.01 4.58
N LYS B 18 14.71 26.68 3.86
CA LYS B 18 13.82 26.00 2.92
C LYS B 18 14.52 25.51 1.68
N PHE B 19 15.81 25.77 1.54
CA PHE B 19 16.59 25.36 0.38
C PHE B 19 17.78 24.53 0.84
N ASP B 20 17.93 23.34 0.24
CA ASP B 20 19.16 22.57 0.39
C ASP B 20 20.17 23.16 -0.58
N ILE B 21 21.30 23.62 -0.07
CA ILE B 21 22.30 24.28 -0.91
C ILE B 21 23.16 23.21 -1.57
N ILE B 22 23.13 23.14 -2.90
CA ILE B 22 23.89 22.11 -3.60
C ILE B 22 25.35 22.52 -3.72
N GLY B 23 25.62 23.78 -4.02
CA GLY B 23 27.00 24.21 -4.20
C GLY B 23 27.07 25.66 -4.60
N ILE B 24 28.29 26.12 -4.84
CA ILE B 24 28.55 27.51 -5.21
C ILE B 24 28.79 27.54 -6.72
N ILE B 25 27.83 28.10 -7.46
CA ILE B 25 27.95 28.13 -8.91
C ILE B 25 28.95 29.20 -9.36
N GLY B 26 28.90 30.38 -8.73
CA GLY B 26 29.79 31.44 -9.16
C GLY B 26 30.00 32.49 -8.08
N GLU B 27 30.94 33.37 -8.36
CA GLU B 27 31.23 34.52 -7.50
C GLU B 27 30.54 35.75 -8.05
N GLY B 28 29.73 36.40 -7.22
CA GLY B 28 28.96 37.55 -7.63
C GLY B 28 29.63 38.86 -7.26
N THR B 29 28.88 39.95 -7.50
CA THR B 29 29.37 41.29 -7.18
C THR B 29 29.12 41.63 -5.71
N TYR B 30 27.91 41.39 -5.21
CA TYR B 30 27.54 41.72 -3.84
C TYR B 30 27.51 40.49 -2.93
N GLY B 31 27.77 39.30 -3.49
CA GLY B 31 27.84 38.05 -2.73
C GLY B 31 27.95 36.92 -3.72
N GLN B 32 28.33 35.77 -3.17
CA GLN B 32 28.49 34.59 -4.03
C GLN B 32 27.11 34.02 -4.42
N VAL B 33 27.08 33.32 -5.56
CA VAL B 33 25.85 32.73 -6.08
C VAL B 33 25.91 31.22 -5.87
N TYR B 34 24.81 30.66 -5.35
CA TYR B 34 24.73 29.25 -4.99
C TYR B 34 23.61 28.53 -5.74
N LYS B 35 23.84 27.26 -6.08
CA LYS B 35 22.79 26.39 -6.59
C LYS B 35 22.10 25.70 -5.42
N ALA B 36 20.77 25.59 -5.48
CA ALA B 36 20.00 25.08 -4.37
C ALA B 36 18.72 24.41 -4.89
N LYS B 37 18.09 23.64 -4.02
CA LYS B 37 16.83 22.97 -4.33
C LYS B 37 15.81 23.33 -3.26
N ASP B 38 14.62 23.76 -3.68
CA ASP B 38 13.55 24.04 -2.72
C ASP B 38 13.14 22.71 -2.08
N LYS B 39 13.20 22.63 -0.75
CA LYS B 39 12.86 21.38 -0.07
C LYS B 39 11.43 20.97 -0.33
N ASP B 40 10.54 21.94 -0.53
CA ASP B 40 9.12 21.65 -0.65
C ASP B 40 8.74 21.18 -2.05
N THR B 41 9.26 21.86 -3.08
CA THR B 41 8.88 21.58 -4.45
C THR B 41 9.92 20.80 -5.24
N GLY B 42 11.16 20.72 -4.75
CA GLY B 42 12.21 20.11 -5.53
C GLY B 42 12.71 20.95 -6.67
N GLU B 43 12.32 22.23 -6.74
CA GLU B 43 12.76 23.09 -7.82
C GLU B 43 14.19 23.54 -7.56
N LEU B 44 15.04 23.38 -8.57
CA LEU B 44 16.40 23.90 -8.48
C LEU B 44 16.34 25.41 -8.62
N VAL B 45 17.00 26.12 -7.71
CA VAL B 45 16.99 27.58 -7.70
C VAL B 45 18.42 28.05 -7.52
N ALA B 46 18.67 29.29 -7.93
CA ALA B 46 19.97 29.94 -7.76
C ALA B 46 19.81 31.07 -6.76
N LEU B 47 20.66 31.08 -5.74
CA LEU B 47 20.58 32.05 -4.64
C LEU B 47 21.76 33.00 -4.71
N LYS B 48 21.46 34.29 -4.81
CA LYS B 48 22.47 35.35 -4.75
C LYS B 48 22.50 35.93 -3.35
N LYS B 49 23.62 35.76 -2.66
CA LYS B 49 23.74 36.21 -1.28
C LYS B 49 24.03 37.71 -1.27
N VAL B 50 23.21 38.45 -0.55
CA VAL B 50 23.42 39.89 -0.37
C VAL B 50 23.83 40.09 1.08
N ARG B 51 25.04 40.60 1.29
CA ARG B 51 25.54 40.81 2.64
C ARG B 51 25.51 42.31 2.88
N LEU B 52 24.69 42.74 3.83
CA LEU B 52 24.66 44.11 4.29
C LEU B 52 25.49 44.30 5.55
N ASP B 53 26.21 43.25 5.97
CA ASP B 53 27.06 43.34 7.14
C ASP B 53 28.25 44.26 6.89
N ASN B 54 28.67 44.47 5.63
CA ASN B 54 29.74 45.44 5.40
C ASN B 54 29.34 46.80 5.95
N GLU B 55 28.09 47.18 5.72
CA GLU B 55 27.47 48.36 6.32
C GLU B 55 28.25 49.63 6.02
N LYS B 56 29.10 49.62 4.98
CA LYS B 56 29.72 50.86 4.52
C LYS B 56 28.68 51.85 4.03
N GLU B 57 27.72 51.39 3.20
CA GLU B 57 26.60 52.21 2.76
C GLU B 57 25.31 51.39 2.73
N GLY B 58 25.24 50.34 3.55
CA GLY B 58 24.03 49.56 3.68
C GLY B 58 23.79 48.55 2.57
N PHE B 59 22.53 48.24 2.34
CA PHE B 59 22.15 47.28 1.32
C PHE B 59 22.72 47.70 -0.03
N PRO B 60 23.38 46.80 -0.77
CA PRO B 60 24.05 47.24 -2.00
C PRO B 60 23.06 47.70 -3.05
N ILE B 61 23.39 48.83 -3.68
CA ILE B 61 22.52 49.37 -4.72
C ILE B 61 22.44 48.39 -5.90
N THR B 62 23.56 47.74 -6.22
CA THR B 62 23.55 46.72 -7.27
C THR B 62 22.41 45.72 -7.06
N ALA B 63 22.23 45.27 -5.83
CA ALA B 63 21.13 44.34 -5.54
C ALA B 63 19.79 45.07 -5.57
N ILE B 64 19.74 46.31 -5.10
CA ILE B 64 18.51 47.10 -5.13
C ILE B 64 18.00 47.27 -6.56
N ARG B 65 18.91 47.58 -7.48
CA ARG B 65 18.54 47.71 -8.88
C ARG B 65 17.92 46.41 -9.40
N GLU B 66 18.55 45.28 -9.09
CA GLU B 66 18.08 44.00 -9.62
C GLU B 66 16.72 43.64 -9.02
N ILE B 67 16.52 43.93 -7.74
CA ILE B 67 15.21 43.71 -7.12
C ILE B 67 14.16 44.64 -7.75
N LYS B 68 14.49 45.93 -7.80
CA LYS B 68 13.53 46.92 -8.30
C LYS B 68 13.10 46.61 -9.72
N ILE B 69 14.06 46.27 -10.58
CA ILE B 69 13.77 46.11 -12.01
C ILE B 69 13.16 44.75 -12.31
N LEU B 70 13.72 43.68 -11.75
CA LEU B 70 13.30 42.33 -12.14
C LEU B 70 11.92 41.97 -11.59
N ARG B 71 11.44 42.66 -10.56
CA ARG B 71 10.03 42.47 -10.17
C ARG B 71 9.09 43.15 -11.16
N GLN B 72 9.59 44.11 -11.95
CA GLN B 72 8.79 44.74 -12.98
C GLN B 72 8.82 44.00 -14.32
N LEU B 73 9.93 43.35 -14.65
CA LEU B 73 10.14 42.78 -15.97
C LEU B 73 9.68 41.33 -15.99
N ILE B 74 8.80 41.02 -16.94
CA ILE B 74 8.25 39.67 -17.11
C ILE B 74 8.35 39.34 -18.60
N HIS B 75 9.37 38.58 -18.97
CA HIS B 75 9.57 38.15 -20.36
C HIS B 75 10.27 36.80 -20.35
N ARG B 76 10.05 36.01 -21.42
CA ARG B 76 10.65 34.69 -21.47
C ARG B 76 12.17 34.77 -21.45
N SER B 77 12.73 35.85 -21.99
CA SER B 77 14.16 36.01 -22.14
C SER B 77 14.75 36.89 -21.05
N VAL B 78 14.02 37.11 -19.97
CA VAL B 78 14.51 37.82 -18.80
C VAL B 78 14.41 36.90 -17.59
N VAL B 79 15.48 36.86 -16.80
CA VAL B 79 15.53 35.97 -15.66
C VAL B 79 14.50 36.39 -14.62
N ASN B 80 13.85 35.41 -14.00
CA ASN B 80 12.81 35.67 -13.02
C ASN B 80 13.40 35.58 -11.61
N MET B 81 13.23 36.64 -10.82
CA MET B 81 13.51 36.59 -9.39
C MET B 81 12.26 36.04 -8.71
N LYS B 82 12.39 34.89 -8.03
CA LYS B 82 11.20 34.25 -7.48
C LYS B 82 10.83 34.77 -6.10
N GLU B 83 11.82 35.08 -5.26
CA GLU B 83 11.55 35.58 -3.91
C GLU B 83 12.88 36.02 -3.30
N ILE B 84 12.79 36.57 -2.08
CA ILE B 84 13.95 36.94 -1.30
C ILE B 84 13.81 36.30 0.07
N VAL B 85 14.82 35.54 0.49
CA VAL B 85 14.79 34.81 1.75
C VAL B 85 15.97 35.25 2.60
N THR B 86 15.91 34.94 3.89
CA THR B 86 16.86 35.43 4.87
C THR B 86 17.47 34.31 5.70
N ASP B 87 18.64 34.62 6.26
CA ASP B 87 19.26 33.79 7.28
C ASP B 87 18.43 33.82 8.56
N LYS B 88 18.58 32.79 9.39
CA LYS B 88 17.84 32.79 10.65
C LYS B 88 18.14 34.09 11.37
N GLN B 89 17.10 34.89 11.62
CA GLN B 89 17.26 36.20 12.21
C GLN B 89 17.40 36.10 13.72
N ASP B 90 18.17 37.03 14.29
CA ASP B 90 18.31 37.07 15.74
C ASP B 90 16.95 37.41 16.35
N ALA B 91 16.53 36.66 17.35
CA ALA B 91 15.22 36.89 17.94
C ALA B 91 15.22 38.19 18.75
N LEU B 92 14.25 39.05 18.46
CA LEU B 92 14.07 40.32 19.17
C LEU B 92 15.37 41.10 19.39
N ASP B 93 16.28 41.05 18.42
CA ASP B 93 17.52 41.83 18.51
C ASP B 93 17.87 42.30 17.10
N PHE B 94 17.09 43.24 16.55
CA PHE B 94 17.33 43.65 15.17
C PHE B 94 18.69 44.33 15.02
N LYS B 95 19.21 44.97 16.07
CA LYS B 95 20.53 45.60 15.98
C LYS B 95 21.65 44.57 15.80
N LYS B 96 21.64 43.48 16.59
CA LYS B 96 22.69 42.49 16.43
C LYS B 96 22.53 41.64 15.17
N ASP B 97 21.33 41.60 14.59
CA ASP B 97 21.10 40.74 13.44
C ASP B 97 21.98 41.17 12.27
N LYS B 98 22.95 40.34 11.93
CA LYS B 98 23.81 40.57 10.77
C LYS B 98 23.58 39.54 9.68
N GLY B 99 22.48 38.79 9.75
CA GLY B 99 22.23 37.78 8.74
C GLY B 99 22.04 38.41 7.38
N ALA B 100 22.25 37.60 6.36
CA ALA B 100 22.21 38.10 4.99
C ALA B 100 20.89 37.71 4.33
N PHE B 101 20.61 38.34 3.21
CA PHE B 101 19.44 38.05 2.40
C PHE B 101 19.90 37.32 1.14
N TYR B 102 18.98 36.55 0.56
CA TYR B 102 19.27 35.76 -0.64
C TYR B 102 18.21 36.06 -1.69
N LEU B 103 18.67 36.40 -2.90
CA LEU B 103 17.77 36.64 -4.03
C LEU B 103 17.59 35.33 -4.78
N VAL B 104 16.37 34.82 -4.78
CA VAL B 104 16.07 33.52 -5.37
C VAL B 104 15.79 33.71 -6.86
N PHE B 105 16.57 33.04 -7.69
CA PHE B 105 16.41 33.07 -9.13
C PHE B 105 16.22 31.65 -9.66
N GLU B 106 15.59 31.55 -10.82
CA GLU B 106 15.50 30.28 -11.53
C GLU B 106 16.89 29.80 -11.93
N TYR B 107 17.17 28.52 -11.69
CA TYR B 107 18.46 27.96 -12.06
C TYR B 107 18.58 27.79 -13.56
N MET B 108 19.73 28.18 -14.11
CA MET B 108 20.04 28.07 -15.53
C MET B 108 21.18 27.06 -15.67
N ASP B 109 21.03 26.10 -16.58
CA ASP B 109 22.01 25.03 -16.68
C ASP B 109 23.40 25.56 -16.95
N HIS B 110 23.53 26.45 -17.94
CA HIS B 110 24.83 26.93 -18.39
C HIS B 110 24.82 28.42 -18.66
N ASP B 111 26.02 28.99 -18.71
CA ASP B 111 26.24 30.36 -19.16
C ASP B 111 27.04 30.34 -20.46
N LEU B 112 26.74 31.28 -21.35
CA LEU B 112 27.35 31.27 -22.69
C LEU B 112 28.86 31.23 -22.61
N MET B 113 29.47 32.11 -21.80
CA MET B 113 30.93 32.12 -21.71
C MET B 113 31.46 30.72 -21.44
N GLY B 114 30.82 30.00 -20.51
CA GLY B 114 31.29 28.68 -20.16
C GLY B 114 31.21 27.71 -21.31
N LEU B 115 30.11 27.74 -22.05
CA LEU B 115 29.95 26.86 -23.21
C LEU B 115 30.99 27.16 -24.27
N LEU B 116 31.23 28.45 -24.52
CA LEU B 116 32.18 28.85 -25.56
C LEU B 116 33.62 28.63 -25.11
N GLU B 117 33.96 29.04 -23.88
CA GLU B 117 35.34 28.94 -23.42
C GLU B 117 35.78 27.48 -23.33
N SER B 118 34.92 26.62 -22.78
CA SER B 118 35.22 25.19 -22.79
C SER B 118 35.34 24.67 -24.22
N GLY B 119 34.83 25.40 -25.21
CA GLY B 119 34.88 24.94 -26.57
C GLY B 119 33.97 23.78 -26.85
N LEU B 120 32.96 23.59 -26.00
CA LEU B 120 32.08 22.44 -26.04
C LEU B 120 30.76 22.73 -26.72
N VAL B 121 30.68 23.76 -27.56
CA VAL B 121 29.44 24.03 -28.28
C VAL B 121 29.74 24.51 -29.68
N HIS B 122 28.83 24.16 -30.58
CA HIS B 122 28.84 24.54 -31.99
C HIS B 122 27.47 25.08 -32.33
N PHE B 123 27.45 26.25 -32.96
CA PHE B 123 26.21 26.91 -33.34
C PHE B 123 26.09 26.88 -34.86
N SER B 124 25.03 26.26 -35.35
CA SER B 124 24.68 26.38 -36.76
C SER B 124 23.94 27.70 -36.97
N GLU B 125 23.71 28.05 -38.23
CA GLU B 125 22.96 29.27 -38.50
C GLU B 125 21.63 29.25 -37.76
N ASP B 126 20.90 28.12 -37.86
CA ASP B 126 19.61 28.00 -37.19
C ASP B 126 19.74 28.13 -35.68
N HIS B 127 20.83 27.60 -35.11
CA HIS B 127 21.03 27.75 -33.67
C HIS B 127 21.22 29.22 -33.29
N ILE B 128 21.96 29.96 -34.10
CA ILE B 128 22.19 31.38 -33.82
C ILE B 128 20.91 32.18 -33.98
N LYS B 129 20.10 31.83 -34.98
CA LYS B 129 18.82 32.52 -35.16
C LYS B 129 17.97 32.39 -33.90
N SER B 130 17.84 31.17 -33.36
CA SER B 130 17.04 30.97 -32.17
C SER B 130 17.64 31.69 -30.97
N PHE B 131 18.97 31.73 -30.88
CA PHE B 131 19.64 32.39 -29.76
C PHE B 131 19.43 33.89 -29.81
N MET B 132 19.75 34.51 -30.94
CA MET B 132 19.69 35.96 -31.06
C MET B 132 18.25 36.48 -30.95
N LYS B 133 17.29 35.75 -31.53
CA LYS B 133 15.91 36.21 -31.45
C LYS B 133 15.43 36.34 -30.02
N GLN B 134 15.77 35.36 -29.18
CA GLN B 134 15.37 35.41 -27.77
C GLN B 134 16.06 36.56 -27.05
N LEU B 135 17.36 36.73 -27.28
CA LEU B 135 18.11 37.79 -26.61
C LEU B 135 17.60 39.17 -27.01
N MET B 136 17.41 39.38 -28.32
CA MET B 136 16.99 40.69 -28.80
C MET B 136 15.53 40.97 -28.49
N GLU B 137 14.68 39.93 -28.45
CA GLU B 137 13.33 40.12 -27.94
C GLU B 137 13.34 40.52 -26.47
N GLY B 138 14.19 39.86 -25.67
CA GLY B 138 14.31 40.25 -24.28
C GLY B 138 14.83 41.67 -24.13
N LEU B 139 15.85 42.03 -24.92
CA LEU B 139 16.38 43.38 -24.85
C LEU B 139 15.34 44.40 -25.27
N GLU B 140 14.54 44.06 -26.30
CA GLU B 140 13.45 44.94 -26.70
C GLU B 140 12.42 45.12 -25.59
N TYR B 141 12.07 44.04 -24.89
CA TYR B 141 11.15 44.17 -23.77
C TYR B 141 11.69 45.18 -22.77
N CYS B 142 12.97 45.03 -22.42
CA CYS B 142 13.60 45.97 -21.50
C CYS B 142 13.63 47.38 -22.08
N HIS B 143 13.96 47.49 -23.37
CA HIS B 143 14.04 48.82 -23.98
C HIS B 143 12.68 49.49 -24.12
N LYS B 144 11.62 48.72 -24.41
CA LYS B 144 10.30 49.33 -24.50
C LYS B 144 9.87 49.85 -23.14
N LYS B 145 10.34 49.20 -22.07
CA LYS B 145 10.15 49.63 -20.69
C LYS B 145 11.18 50.66 -20.24
N ASN B 146 12.05 51.10 -21.14
CA ASN B 146 13.01 52.18 -20.87
C ASN B 146 14.05 51.80 -19.80
N PHE B 147 14.60 50.59 -19.92
CA PHE B 147 15.66 50.13 -19.03
C PHE B 147 16.89 49.79 -19.87
N LEU B 148 18.07 50.15 -19.37
CA LEU B 148 19.32 49.88 -20.06
C LEU B 148 20.10 48.86 -19.25
N HIS B 149 20.53 47.77 -19.89
CA HIS B 149 21.20 46.70 -19.15
C HIS B 149 22.59 47.14 -18.70
N ARG B 150 23.43 47.57 -19.64
CA ARG B 150 24.74 48.18 -19.39
C ARG B 150 25.81 47.19 -18.99
N ASP B 151 25.54 45.88 -19.00
CA ASP B 151 26.59 44.89 -18.76
C ASP B 151 26.38 43.66 -19.62
N ILE B 152 26.08 43.87 -20.90
CA ILE B 152 25.81 42.71 -21.76
C ILE B 152 27.14 42.01 -22.07
N LYS B 153 27.30 40.79 -21.58
CA LYS B 153 28.50 40.01 -21.83
C LYS B 153 28.09 38.54 -21.90
N CYS B 154 28.91 37.72 -22.55
CA CYS B 154 28.56 36.31 -22.71
C CYS B 154 28.22 35.68 -21.36
N SER B 155 28.92 36.09 -20.30
CA SER B 155 28.66 35.50 -18.98
C SER B 155 27.23 35.76 -18.52
N ASN B 156 26.71 36.97 -18.78
CA ASN B 156 25.38 37.33 -18.29
C ASN B 156 24.27 36.66 -19.10
N ILE B 157 24.51 36.33 -20.37
CA ILE B 157 23.54 35.53 -21.11
C ILE B 157 23.56 34.10 -20.58
N LEU B 158 22.39 33.58 -20.19
CA LEU B 158 22.25 32.26 -19.58
C LEU B 158 21.37 31.37 -20.46
N LEU B 159 21.81 30.13 -20.66
CA LEU B 159 21.16 29.20 -21.57
C LEU B 159 20.76 27.94 -20.83
N ASN B 160 19.51 27.53 -20.99
CA ASN B 160 19.09 26.22 -20.50
C ASN B 160 19.27 25.21 -21.63
N ASN B 161 19.41 23.93 -21.26
CA ASN B 161 19.74 22.93 -22.27
C ASN B 161 18.65 22.81 -23.32
N SER B 162 17.42 23.19 -23.00
CA SER B 162 16.35 23.19 -23.99
C SER B 162 16.59 24.19 -25.10
N GLY B 163 17.39 25.22 -24.88
CA GLY B 163 17.58 26.28 -25.84
C GLY B 163 16.93 27.57 -25.48
N GLN B 164 16.38 27.72 -24.28
CA GLN B 164 15.78 28.97 -23.86
C GLN B 164 16.89 29.88 -23.35
N ILE B 165 16.88 31.12 -23.82
CA ILE B 165 17.90 32.11 -23.48
C ILE B 165 17.27 33.11 -22.54
N LYS B 166 17.98 33.45 -21.46
CA LYS B 166 17.50 34.46 -20.53
C LYS B 166 18.64 35.39 -20.13
N LEU B 167 18.37 36.70 -20.12
CA LEU B 167 19.30 37.69 -19.60
C LEU B 167 19.28 37.64 -18.07
N ALA B 168 20.37 38.10 -17.45
CA ALA B 168 20.53 37.78 -16.03
C ALA B 168 21.01 38.87 -15.09
N ASP B 169 22.22 39.40 -15.26
CA ASP B 169 22.78 40.35 -14.29
C ASP B 169 22.34 41.77 -14.61
N PHE B 170 21.29 42.23 -13.94
CA PHE B 170 20.84 43.62 -14.06
C PHE B 170 21.36 44.52 -12.96
N GLY B 171 22.59 44.30 -12.48
CA GLY B 171 23.07 45.09 -11.37
C GLY B 171 23.42 46.51 -11.74
N LEU B 172 23.68 46.77 -13.02
CA LEU B 172 24.03 48.09 -13.52
C LEU B 172 22.89 48.74 -14.30
N ALA B 173 21.69 48.18 -14.27
CA ALA B 173 20.59 48.70 -15.08
C ALA B 173 19.99 49.97 -14.49
N ARG B 174 19.63 50.90 -15.37
CA ARG B 174 19.04 52.19 -15.02
C ARG B 174 18.06 52.61 -16.11
N LEU B 175 17.08 53.43 -15.72
CA LEU B 175 16.06 53.88 -16.65
C LEU B 175 16.63 54.95 -17.60
N TYR B 176 16.14 54.93 -18.85
CA TYR B 176 16.59 55.84 -19.89
C TYR B 176 15.46 56.80 -20.23
N ASN B 177 15.74 58.10 -20.23
CA ASN B 177 14.76 59.10 -20.64
C ASN B 177 15.24 59.83 -21.89
N SER B 178 14.46 59.72 -22.96
CA SER B 178 14.76 60.45 -24.19
C SER B 178 14.48 61.93 -24.01
N GLU B 179 13.43 62.26 -23.27
CA GLU B 179 13.07 63.65 -23.03
C GLU B 179 14.15 64.36 -22.21
N GLU B 180 14.57 63.75 -21.10
CA GLU B 180 15.54 64.33 -20.18
C GLU B 180 16.86 63.57 -20.28
N SER B 181 17.84 64.15 -20.96
CA SER B 181 19.18 63.57 -20.94
C SER B 181 19.74 63.64 -19.52
N ARG B 182 20.28 62.53 -19.03
CA ARG B 182 20.82 62.49 -17.68
C ARG B 182 22.31 62.11 -17.67
N PRO B 183 23.06 62.62 -16.69
CA PRO B 183 24.46 62.18 -16.55
C PRO B 183 24.50 60.71 -16.11
N TYR B 184 25.30 59.93 -16.80
CA TYR B 184 25.44 58.51 -16.49
C TYR B 184 26.92 58.17 -16.29
N ASN B 186 30.41 56.60 -17.16
CA ASN B 186 31.11 56.33 -18.41
C ASN B 186 31.59 54.89 -18.63
N LYS B 187 32.20 54.29 -17.62
CA LYS B 187 32.71 52.92 -17.73
C LYS B 187 31.64 51.95 -17.27
N VAL B 188 30.85 51.41 -18.20
CA VAL B 188 29.71 50.57 -17.84
C VAL B 188 29.88 49.11 -18.28
N ILE B 189 30.19 48.89 -19.55
CA ILE B 189 30.27 47.52 -20.09
C ILE B 189 31.70 47.03 -20.09
N THR B 190 31.88 45.71 -20.09
CA THR B 190 33.22 45.15 -20.18
C THR B 190 33.86 45.63 -21.47
N LEU B 191 35.17 45.87 -21.43
CA LEU B 191 35.82 46.54 -22.56
C LEU B 191 35.56 45.79 -23.86
N TRP B 192 35.56 44.46 -23.80
CA TRP B 192 35.40 43.66 -25.01
C TRP B 192 34.05 43.90 -25.68
N TYR B 193 33.02 44.21 -24.91
CA TYR B 193 31.67 44.45 -25.42
C TYR B 193 31.24 45.90 -25.25
N ARG B 194 32.20 46.83 -25.19
CA ARG B 194 31.83 48.21 -24.91
C ARG B 194 31.65 49.01 -26.21
N PRO B 195 30.61 49.85 -26.29
CA PRO B 195 30.39 50.60 -27.52
C PRO B 195 31.42 51.67 -27.71
N PRO B 196 31.70 52.11 -28.94
CA PRO B 196 32.73 53.15 -29.17
C PRO B 196 32.38 54.48 -28.52
N GLU B 197 31.09 54.83 -28.51
CA GLU B 197 30.66 56.08 -27.90
C GLU B 197 31.12 56.18 -26.46
N LEU B 198 30.93 55.11 -25.69
CA LEU B 198 31.38 55.09 -24.29
C LEU B 198 32.89 55.03 -24.18
N LEU B 199 33.58 54.44 -25.16
CA LEU B 199 35.03 54.49 -25.11
C LEU B 199 35.51 55.94 -25.16
N LEU B 200 34.83 56.77 -25.93
CA LEU B 200 35.14 58.19 -25.99
C LEU B 200 34.44 58.99 -24.89
N GLY B 201 33.72 58.32 -23.98
CA GLY B 201 33.26 59.01 -22.80
C GLY B 201 31.93 59.72 -22.94
N GLU B 202 30.95 59.13 -23.62
CA GLU B 202 29.70 59.83 -23.87
C GLU B 202 29.12 60.42 -22.59
N GLU B 203 28.83 59.57 -21.60
CA GLU B 203 28.32 59.98 -20.29
C GLU B 203 26.80 60.22 -20.35
N ARG B 204 26.29 60.54 -21.54
CA ARG B 204 24.85 60.57 -21.82
C ARG B 204 24.62 59.59 -22.97
N TYR B 205 24.39 58.31 -22.65
CA TYR B 205 24.37 57.29 -23.68
C TYR B 205 22.95 56.80 -23.95
N THR B 206 22.80 56.21 -25.12
CA THR B 206 21.52 55.71 -25.62
C THR B 206 21.34 54.24 -25.24
N PRO B 207 20.15 53.70 -25.48
CA PRO B 207 20.00 52.23 -25.37
C PRO B 207 20.80 51.46 -26.40
N ALA B 208 21.34 52.13 -27.41
CA ALA B 208 22.12 51.46 -28.43
C ALA B 208 23.42 50.88 -27.89
N ILE B 209 23.77 51.20 -26.64
CA ILE B 209 24.95 50.59 -26.03
C ILE B 209 24.77 49.08 -25.92
N ASP B 210 23.57 48.65 -25.54
CA ASP B 210 23.31 47.21 -25.41
C ASP B 210 23.25 46.54 -26.78
N VAL B 211 22.82 47.28 -27.80
CA VAL B 211 22.80 46.71 -29.15
C VAL B 211 24.21 46.41 -29.63
N TRP B 212 25.16 47.32 -29.37
CA TRP B 212 26.53 47.08 -29.77
C TRP B 212 27.07 45.80 -29.14
N SER B 213 26.84 45.62 -27.84
CA SER B 213 27.32 44.43 -27.15
C SER B 213 26.74 43.16 -27.78
N CYS B 214 25.44 43.17 -28.05
CA CYS B 214 24.81 42.01 -28.66
C CYS B 214 25.35 41.74 -30.06
N GLY B 215 25.75 42.79 -30.78
CA GLY B 215 26.37 42.58 -32.08
C GLY B 215 27.74 41.92 -31.97
N CYS B 216 28.53 42.34 -30.97
CA CYS B 216 29.80 41.67 -30.70
C CYS B 216 29.56 40.19 -30.42
N ILE B 217 28.50 39.88 -29.69
CA ILE B 217 28.16 38.49 -29.40
C ILE B 217 27.73 37.78 -30.68
N LEU B 218 26.96 38.47 -31.54
CA LEU B 218 26.55 37.88 -32.80
C LEU B 218 27.75 37.45 -33.62
N GLY B 219 28.73 38.35 -33.79
CA GLY B 219 29.93 37.97 -34.53
C GLY B 219 30.66 36.81 -33.86
N GLU B 220 30.73 36.85 -32.53
CA GLU B 220 31.41 35.80 -31.78
C GLU B 220 30.76 34.44 -31.99
N LEU B 221 29.43 34.39 -32.09
CA LEU B 221 28.77 33.11 -32.28
C LEU B 221 29.13 32.47 -33.62
N PHE B 222 29.59 33.28 -34.59
CA PHE B 222 30.02 32.77 -35.88
C PHE B 222 31.51 32.46 -35.93
N THR B 223 32.29 32.98 -34.98
CA THR B 223 33.72 32.72 -34.93
C THR B 223 34.14 31.92 -33.70
N LYS B 224 33.31 31.87 -32.66
CA LYS B 224 33.64 31.25 -31.38
C LYS B 224 34.74 32.00 -30.64
N LYS B 225 35.08 33.21 -31.08
CA LYS B 225 36.07 34.07 -30.48
C LYS B 225 35.54 35.49 -30.39
N PRO B 226 35.72 36.16 -29.25
CA PRO B 226 35.29 37.57 -29.17
C PRO B 226 35.96 38.40 -30.26
N ILE B 227 35.26 39.46 -30.68
CA ILE B 227 35.72 40.22 -31.84
C ILE B 227 36.77 41.26 -31.46
N PHE B 228 36.55 41.97 -30.36
CA PHE B 228 37.40 43.09 -29.97
C PHE B 228 37.99 42.75 -28.60
N GLN B 229 39.15 42.10 -28.62
CA GLN B 229 39.85 41.70 -27.41
C GLN B 229 41.03 42.64 -27.19
N ALA B 230 40.93 43.47 -26.16
CA ALA B 230 41.98 44.41 -25.81
C ALA B 230 42.04 44.51 -24.29
N ASN B 231 43.13 45.09 -23.79
CA ASN B 231 43.30 45.28 -22.37
C ASN B 231 43.10 46.72 -21.96
N LEU B 232 43.28 47.67 -22.89
CA LEU B 232 43.22 49.08 -22.58
C LEU B 232 42.25 49.77 -23.54
N GLU B 233 41.67 50.86 -23.06
CA GLU B 233 40.59 51.51 -23.79
C GLU B 233 41.06 51.98 -25.16
N LEU B 234 42.30 52.47 -25.27
CA LEU B 234 42.79 52.92 -26.56
C LEU B 234 42.96 51.76 -27.53
N ALA B 235 43.59 50.68 -27.07
CA ALA B 235 43.76 49.50 -27.92
C ALA B 235 42.42 48.97 -28.41
N GLN B 236 41.38 49.10 -27.58
CA GLN B 236 40.05 48.66 -27.98
C GLN B 236 39.51 49.52 -29.12
N LEU B 237 39.63 50.84 -28.99
CA LEU B 237 39.20 51.74 -30.06
C LEU B 237 39.95 51.44 -31.35
N GLU B 238 41.22 51.05 -31.24
CA GLU B 238 42.01 50.70 -32.42
C GLU B 238 41.45 49.45 -33.11
N LEU B 239 41.10 48.43 -32.33
CA LEU B 239 40.59 47.20 -32.94
C LEU B 239 39.23 47.44 -33.58
N ILE B 240 38.35 48.18 -32.90
CA ILE B 240 37.06 48.53 -33.48
C ILE B 240 37.28 49.32 -34.77
N SER B 241 38.24 50.25 -34.75
CA SER B 241 38.49 51.08 -35.92
C SER B 241 39.03 50.26 -37.08
N ARG B 242 39.92 49.29 -36.79
CA ARG B 242 40.42 48.46 -37.88
C ARG B 242 39.29 47.76 -38.62
N LEU B 243 38.21 47.43 -37.93
CA LEU B 243 37.10 46.69 -38.52
C LEU B 243 35.96 47.61 -38.98
N CYS B 244 35.52 48.51 -38.11
CA CYS B 244 34.35 49.34 -38.39
C CYS B 244 34.69 50.66 -39.07
N GLY B 245 35.96 51.04 -39.10
CA GLY B 245 36.35 52.35 -39.56
C GLY B 245 36.60 53.30 -38.41
N SER B 246 37.47 54.27 -38.64
CA SER B 246 37.81 55.21 -37.57
C SER B 246 36.67 56.20 -37.36
N PRO B 247 36.36 56.53 -36.10
CA PRO B 247 35.38 57.60 -35.84
C PRO B 247 35.82 58.91 -36.51
N CYS B 248 34.90 59.49 -37.27
CA CYS B 248 35.16 60.77 -37.94
C CYS B 248 33.82 61.39 -38.30
N PRO B 249 33.76 62.72 -38.40
CA PRO B 249 32.46 63.36 -38.72
C PRO B 249 31.83 62.85 -39.99
N ALA B 250 32.61 62.26 -40.90
CA ALA B 250 32.04 61.75 -42.15
C ALA B 250 30.96 60.71 -41.88
N VAL B 251 31.11 59.93 -40.81
CA VAL B 251 30.18 58.86 -40.50
C VAL B 251 29.48 59.05 -39.15
N TRP B 252 29.90 60.01 -38.35
CA TRP B 252 29.41 60.18 -36.98
C TRP B 252 29.46 61.67 -36.66
N PRO B 253 28.55 62.45 -37.25
CA PRO B 253 28.71 63.92 -37.22
C PRO B 253 29.00 64.48 -35.84
N ASP B 254 28.47 63.88 -34.79
CA ASP B 254 28.58 64.40 -33.43
C ASP B 254 29.78 63.83 -32.68
N VAL B 255 30.67 63.11 -33.35
CA VAL B 255 31.84 62.58 -32.66
C VAL B 255 32.68 63.70 -32.11
N ILE B 256 32.62 64.88 -32.75
CA ILE B 256 33.39 66.03 -32.32
C ILE B 256 32.93 66.57 -30.97
N ARG B 257 31.73 66.18 -30.53
CA ARG B 257 31.25 66.63 -29.22
C ARG B 257 31.76 65.77 -28.08
N LEU B 258 32.42 64.66 -28.38
CA LEU B 258 32.74 63.70 -27.31
C LEU B 258 34.03 64.08 -26.62
N PRO B 259 34.09 63.91 -25.30
CA PRO B 259 35.29 64.32 -24.56
C PRO B 259 36.62 63.88 -25.17
N TYR B 260 36.75 62.62 -25.59
CA TYR B 260 38.05 62.08 -25.94
C TYR B 260 38.26 61.89 -27.44
N PHE B 261 37.44 62.50 -28.30
CA PHE B 261 37.60 62.26 -29.73
C PHE B 261 38.98 62.69 -30.23
N ASN B 262 39.38 63.91 -29.90
CA ASN B 262 40.70 64.40 -30.31
C ASN B 262 41.81 63.68 -29.57
N THR B 263 41.56 63.26 -28.34
CA THR B 263 42.59 62.59 -27.55
C THR B 263 42.88 61.19 -28.10
N MET B 264 41.85 60.36 -28.25
CA MET B 264 42.02 58.95 -28.58
C MET B 264 41.93 58.72 -30.09
N LYS B 265 42.91 59.26 -30.80
CA LYS B 265 42.91 58.99 -32.24
C LYS B 265 43.52 57.61 -32.53
N PRO B 266 42.91 56.84 -33.43
CA PRO B 266 43.53 55.58 -33.86
C PRO B 266 44.74 55.83 -34.75
N LYS B 267 45.54 54.77 -34.94
CA LYS B 267 46.75 54.89 -35.74
C LYS B 267 46.46 55.53 -37.09
N LYS B 268 45.37 55.14 -37.74
CA LYS B 268 45.01 55.64 -39.05
C LYS B 268 43.53 56.05 -39.02
N GLN B 269 43.09 56.68 -40.10
CA GLN B 269 41.67 56.85 -40.37
C GLN B 269 41.27 55.68 -41.25
N TYR B 270 40.93 54.56 -40.60
CA TYR B 270 40.68 53.31 -41.29
C TYR B 270 39.37 53.35 -42.06
N ARG B 271 39.35 52.63 -43.18
CA ARG B 271 38.10 52.35 -43.88
C ARG B 271 37.41 51.15 -43.24
N ARG B 272 36.10 51.09 -43.41
CA ARG B 272 35.33 49.97 -42.88
C ARG B 272 35.56 48.73 -43.74
N ARG B 273 35.88 47.62 -43.07
CA ARG B 273 36.11 46.33 -43.70
C ARG B 273 35.20 45.24 -43.14
N LEU B 274 34.20 45.60 -42.33
CA LEU B 274 33.44 44.60 -41.60
C LEU B 274 32.93 43.51 -42.54
N ARG B 275 32.40 43.90 -43.70
CA ARG B 275 31.89 42.93 -44.64
C ARG B 275 32.99 42.08 -45.27
N GLU B 276 34.21 42.61 -45.35
CA GLU B 276 35.30 41.81 -45.93
C GLU B 276 35.81 40.75 -44.97
N GLU B 277 36.13 41.14 -43.74
CA GLU B 277 36.65 40.18 -42.77
C GLU B 277 35.59 39.20 -42.31
N PHE B 278 34.31 39.57 -42.39
CA PHE B 278 33.23 38.66 -42.03
C PHE B 278 32.54 38.08 -43.27
N SER B 279 33.25 37.97 -44.39
CA SER B 279 32.64 37.48 -45.63
C SER B 279 32.16 36.04 -45.50
N PHE B 280 32.67 35.28 -44.51
CA PHE B 280 32.22 33.90 -44.33
C PHE B 280 30.87 33.82 -43.63
N ILE B 281 30.35 34.95 -43.15
CA ILE B 281 29.06 34.98 -42.44
C ILE B 281 27.94 35.02 -43.47
N PRO B 282 26.81 34.35 -43.19
CA PRO B 282 25.65 34.43 -44.08
C PRO B 282 25.20 35.87 -44.31
N SER B 283 24.60 36.10 -45.48
CA SER B 283 24.28 37.47 -45.90
C SER B 283 23.34 38.16 -44.92
N ALA B 284 22.27 37.47 -44.51
CA ALA B 284 21.33 38.09 -43.57
C ALA B 284 22.03 38.46 -42.27
N ALA B 285 22.94 37.61 -41.80
CA ALA B 285 23.65 37.91 -40.57
C ALA B 285 24.64 39.05 -40.76
N LEU B 286 25.38 39.03 -41.87
CA LEU B 286 26.36 40.09 -42.11
C LEU B 286 25.67 41.46 -42.15
N ASP B 287 24.50 41.54 -42.78
CA ASP B 287 23.75 42.79 -42.77
C ASP B 287 23.33 43.17 -41.37
N LEU B 288 22.90 42.18 -40.56
CA LEU B 288 22.55 42.47 -39.18
C LEU B 288 23.77 42.97 -38.42
N LEU B 289 24.90 42.26 -38.57
CA LEU B 289 26.12 42.67 -37.89
C LEU B 289 26.54 44.07 -38.31
N ASP B 290 26.51 44.34 -39.62
CA ASP B 290 26.90 45.65 -40.11
C ASP B 290 26.05 46.76 -39.48
N HIS B 291 24.75 46.50 -39.29
CA HIS B 291 23.93 47.54 -38.70
C HIS B 291 24.13 47.63 -37.20
N MET B 292 24.27 46.50 -36.52
CA MET B 292 24.45 46.52 -35.07
C MET B 292 25.79 47.14 -34.69
N LEU B 293 26.84 46.89 -35.48
CA LEU B 293 28.17 47.43 -35.20
C LEU B 293 28.42 48.73 -35.96
N THR B 294 27.40 49.59 -35.97
CA THR B 294 27.53 50.93 -36.53
C THR B 294 28.11 51.88 -35.50
N LEU B 295 29.07 52.71 -35.94
CA LEU B 295 29.80 53.57 -35.01
C LEU B 295 28.88 54.57 -34.33
N ASP B 296 28.04 55.26 -35.12
CA ASP B 296 27.19 56.33 -34.60
C ASP B 296 25.97 55.74 -33.92
N PRO B 297 25.81 55.91 -32.60
CA PRO B 297 24.67 55.29 -31.92
C PRO B 297 23.31 55.74 -32.44
N SER B 298 23.23 56.93 -33.04
CA SER B 298 21.96 57.40 -33.62
C SER B 298 21.69 56.81 -34.99
N LYS B 299 22.66 56.12 -35.58
CA LYS B 299 22.48 55.37 -36.81
C LYS B 299 22.49 53.87 -36.59
N ARG B 300 22.89 53.44 -35.39
CA ARG B 300 22.87 52.03 -35.02
C ARG B 300 21.43 51.57 -34.83
N CYS B 301 21.10 50.41 -35.40
CA CYS B 301 19.74 49.89 -35.35
C CYS B 301 19.27 49.66 -33.92
N THR B 302 17.95 49.55 -33.77
CA THR B 302 17.32 49.27 -32.50
C THR B 302 17.14 47.77 -32.32
N ALA B 303 16.70 47.37 -31.13
CA ALA B 303 16.35 45.97 -30.91
C ALA B 303 15.17 45.56 -31.78
N GLU B 304 14.16 46.43 -31.87
CA GLU B 304 13.01 46.12 -32.72
C GLU B 304 13.42 45.93 -34.17
N GLN B 305 14.31 46.80 -34.67
CA GLN B 305 14.71 46.70 -36.07
C GLN B 305 15.44 45.40 -36.34
N THR B 306 16.18 44.88 -35.35
CA THR B 306 16.82 43.59 -35.54
C THR B 306 15.79 42.47 -35.66
N LEU B 307 14.70 42.56 -34.90
CA LEU B 307 13.65 41.55 -34.98
C LEU B 307 12.84 41.65 -36.26
N GLN B 308 12.90 42.79 -36.96
CA GLN B 308 12.26 42.96 -38.25
C GLN B 308 13.35 42.93 -39.32
N SER B 309 14.26 41.97 -39.22
CA SER B 309 15.32 41.74 -40.17
C SER B 309 15.12 40.40 -40.87
N ASP B 310 15.69 40.30 -42.07
CA ASP B 310 15.62 39.05 -42.81
C ASP B 310 16.15 37.87 -42.01
N PHE B 311 17.05 38.13 -41.05
CA PHE B 311 17.69 37.06 -40.31
C PHE B 311 16.79 36.52 -39.20
N LEU B 312 16.14 37.40 -38.43
CA LEU B 312 15.39 37.00 -37.25
C LEU B 312 13.88 37.14 -37.41
N LYS B 313 13.41 37.74 -38.51
CA LYS B 313 11.98 38.01 -38.64
C LYS B 313 11.16 36.73 -38.78
N ASP B 314 11.62 35.79 -39.61
CA ASP B 314 10.86 34.59 -39.92
C ASP B 314 11.25 33.41 -39.06
N VAL B 315 12.06 33.64 -38.02
CA VAL B 315 12.48 32.56 -37.13
C VAL B 315 11.29 32.20 -36.26
N GLU B 316 10.86 30.96 -36.32
CA GLU B 316 9.73 30.50 -35.53
C GLU B 316 10.29 30.13 -34.17
N LEU B 317 9.82 30.80 -33.12
CA LEU B 317 10.36 30.53 -31.79
C LEU B 317 9.91 29.21 -31.22
N SER B 318 8.80 28.67 -31.71
CA SER B 318 8.37 27.34 -31.29
C SER B 318 9.48 26.32 -31.55
N LYS B 319 10.05 26.33 -32.75
CA LYS B 319 11.19 25.46 -33.08
C LYS B 319 12.42 26.03 -32.36
N MET B 320 12.65 25.50 -31.14
CA MET B 320 13.64 26.08 -30.24
C MET B 320 15.08 25.94 -30.75
N ALA B 321 15.39 24.84 -31.43
CA ALA B 321 16.75 24.58 -31.89
C ALA B 321 17.80 24.87 -30.82
N PRO B 322 18.13 23.86 -30.01
CA PRO B 322 19.18 24.00 -28.96
C PRO B 322 20.58 23.98 -29.53
N PRO B 323 21.55 24.53 -28.81
CA PRO B 323 22.95 24.40 -29.25
C PRO B 323 23.41 22.96 -29.18
N ASP B 324 24.38 22.61 -30.02
CA ASP B 324 24.90 21.25 -30.05
C ASP B 324 25.93 21.11 -28.93
N LEU B 325 25.51 20.56 -27.80
CA LEU B 325 26.38 20.40 -26.67
C LEU B 325 26.67 18.92 -26.48
N PRO B 326 27.92 18.49 -26.61
CA PRO B 326 28.24 17.08 -26.35
C PRO B 326 28.24 16.78 -24.85
N HIS B 327 27.59 15.68 -24.48
CA HIS B 327 27.57 15.16 -23.12
C HIS B 327 28.13 13.75 -23.05
N TRP B 328 28.49 13.14 -24.17
CA TRP B 328 29.18 11.86 -24.20
C TRP B 328 30.16 11.82 -25.35
N GLN B 329 31.21 11.00 -25.21
CA GLN B 329 32.32 10.87 -26.16
C GLN B 329 33.26 12.05 -25.97
N ASP B 330 32.91 13.01 -25.09
CA ASP B 330 33.83 14.06 -24.73
C ASP B 330 34.90 13.57 -23.77
N CYS B 331 34.61 12.48 -23.05
CA CYS B 331 35.60 11.89 -22.15
C CYS B 331 36.79 11.38 -22.95
N HIS B 332 36.52 10.63 -24.02
CA HIS B 332 37.57 10.08 -24.88
C HIS B 332 37.50 10.69 -26.28
N THR C 24 1.87 37.29 -6.08
CA THR C 24 2.71 38.09 -6.96
C THR C 24 3.14 39.40 -6.29
N LYS C 25 2.26 40.40 -6.28
CA LYS C 25 2.56 41.70 -5.67
C LYS C 25 1.67 42.00 -4.47
N PRO C 26 2.20 42.73 -3.48
CA PRO C 26 1.44 42.98 -2.26
C PRO C 26 0.41 44.11 -2.45
N CYS C 27 -0.59 44.10 -1.56
CA CYS C 27 -1.62 45.13 -1.56
C CYS C 27 -1.22 46.22 -0.58
N TRP C 28 -1.14 47.46 -1.07
CA TRP C 28 -0.67 48.57 -0.25
C TRP C 28 -1.74 49.61 0.06
N TYR C 29 -3.01 49.23 0.08
CA TYR C 29 -4.07 50.19 0.34
C TYR C 29 -5.05 49.68 1.39
N TRP C 30 -5.37 50.56 2.34
CA TRP C 30 -6.28 50.27 3.43
C TRP C 30 -7.48 51.21 3.34
N ASP C 31 -8.55 50.86 4.05
CA ASP C 31 -9.70 51.75 4.20
C ASP C 31 -9.45 52.72 5.33
N LYS C 32 -10.04 53.91 5.21
CA LYS C 32 -9.93 54.91 6.27
C LYS C 32 -10.27 54.29 7.62
N LYS C 33 -11.35 53.50 7.66
CA LYS C 33 -11.78 52.86 8.90
C LYS C 33 -10.69 51.98 9.49
N ASP C 34 -9.81 51.43 8.66
CA ASP C 34 -8.78 50.53 9.15
C ASP C 34 -7.69 51.28 9.91
N LEU C 35 -7.54 52.58 9.68
CA LEU C 35 -6.50 53.34 10.37
C LEU C 35 -6.80 53.50 11.85
N ALA C 36 -8.00 53.13 12.30
CA ALA C 36 -8.32 53.11 13.72
C ALA C 36 -7.63 51.97 14.44
N HIS C 37 -6.93 51.09 13.71
CA HIS C 37 -6.35 49.88 14.28
C HIS C 37 -4.89 49.71 13.88
N THR C 38 -4.16 50.81 13.72
CA THR C 38 -2.72 50.71 13.54
C THR C 38 -2.08 50.30 14.86
N PRO C 39 -0.89 49.70 14.83
CA PRO C 39 -0.19 49.41 16.09
C PRO C 39 -0.11 50.62 17.01
N SER C 40 0.10 51.80 16.43
CA SER C 40 0.20 53.01 17.23
C SER C 40 -1.11 53.29 17.98
N GLN C 41 -2.23 53.17 17.27
CA GLN C 41 -3.53 53.39 17.91
C GLN C 41 -3.77 52.42 19.06
N LEU C 42 -3.40 51.15 18.85
CA LEU C 42 -3.69 50.10 19.82
C LEU C 42 -2.75 50.12 21.01
N GLU C 43 -1.64 50.85 20.92
CA GLU C 43 -0.78 51.09 22.07
C GLU C 43 -1.17 52.36 22.83
N GLY C 44 -2.35 52.91 22.56
CA GLY C 44 -2.88 54.03 23.32
C GLY C 44 -2.68 55.39 22.70
N LEU C 45 -2.05 55.46 21.52
CA LEU C 45 -1.91 56.71 20.81
C LEU C 45 -3.24 57.09 20.19
N ASP C 46 -3.66 58.36 20.36
CA ASP C 46 -4.96 58.75 19.82
C ASP C 46 -4.85 59.16 18.36
N PRO C 47 -5.98 59.22 17.65
CA PRO C 47 -5.90 59.50 16.21
C PRO C 47 -5.19 60.80 15.88
N ALA C 48 -5.44 61.86 16.66
CA ALA C 48 -4.80 63.14 16.38
C ALA C 48 -3.29 63.04 16.51
N THR C 49 -2.80 62.34 17.53
CA THR C 49 -1.35 62.26 17.74
C THR C 49 -0.68 61.48 16.62
N GLU C 50 -1.25 60.36 16.19
CA GLU C 50 -0.64 59.64 15.08
C GLU C 50 -0.64 60.47 13.81
N ALA C 51 -1.74 61.18 13.55
CA ALA C 51 -1.78 62.09 12.40
C ALA C 51 -0.67 63.12 12.51
N ARG C 52 -0.47 63.69 13.69
CA ARG C 52 0.61 64.65 13.89
C ARG C 52 1.96 64.01 13.62
N TYR C 53 2.19 62.82 14.19
CA TYR C 53 3.47 62.14 13.98
C TYR C 53 3.71 61.90 12.49
N ARG C 54 2.66 61.52 11.75
CA ARG C 54 2.84 61.28 10.32
C ARG C 54 3.21 62.55 9.59
N ARG C 55 2.56 63.67 9.90
CA ARG C 55 2.92 64.93 9.26
C ARG C 55 4.36 65.29 9.57
N GLU C 56 4.75 65.22 10.85
CA GLU C 56 6.10 65.61 11.25
C GLU C 56 7.15 64.72 10.61
N GLY C 57 6.91 63.41 10.57
CA GLY C 57 7.87 62.52 9.94
C GLY C 57 7.98 62.75 8.44
N ALA C 58 6.83 62.89 7.77
CA ALA C 58 6.85 63.15 6.34
C ALA C 58 7.56 64.48 6.04
N ARG C 59 7.19 65.53 6.77
CA ARG C 59 7.79 66.84 6.52
C ARG C 59 9.28 66.84 6.85
N PHE C 60 9.68 66.10 7.90
CA PHE C 60 11.09 65.89 8.18
C PHE C 60 11.78 65.27 6.97
N ILE C 61 11.20 64.20 6.42
CA ILE C 61 11.76 63.60 5.21
C ILE C 61 11.83 64.64 4.09
N PHE C 62 10.74 65.37 3.88
CA PHE C 62 10.68 66.36 2.82
C PHE C 62 11.76 67.42 2.99
N ASP C 63 11.86 67.97 4.21
CA ASP C 63 12.80 69.06 4.47
C ASP C 63 14.25 68.58 4.38
N VAL C 64 14.56 67.43 4.97
CA VAL C 64 15.92 66.92 4.92
C VAL C 64 16.37 66.74 3.47
N GLY C 65 15.54 66.05 2.67
CA GLY C 65 15.92 65.77 1.30
C GLY C 65 15.96 67.00 0.43
N THR C 66 15.07 67.97 0.69
CA THR C 66 15.13 69.22 -0.06
C THR C 66 16.44 69.95 0.20
N ARG C 67 16.89 69.98 1.46
CA ARG C 67 18.17 70.59 1.77
C ARG C 67 19.30 69.90 1.02
N LEU C 68 19.20 68.58 0.85
CA LEU C 68 20.21 67.80 0.14
C LEU C 68 20.07 67.89 -1.37
N GLY C 69 19.06 68.59 -1.87
CA GLY C 69 18.89 68.75 -3.31
C GLY C 69 18.23 67.59 -4.01
N LEU C 70 17.39 66.82 -3.32
CA LEU C 70 16.86 65.59 -3.86
C LEU C 70 15.63 65.82 -4.73
N HIS C 71 15.53 65.02 -5.78
CA HIS C 71 14.39 65.00 -6.70
C HIS C 71 13.09 64.75 -5.95
N TYR C 72 11.99 65.27 -6.52
CA TYR C 72 10.71 65.19 -5.82
C TYR C 72 10.24 63.75 -5.71
N ASP C 73 10.55 62.90 -6.69
CA ASP C 73 10.21 61.49 -6.58
C ASP C 73 10.94 60.84 -5.40
N THR C 74 12.22 61.19 -5.20
CA THR C 74 12.97 60.61 -4.10
C THR C 74 12.34 60.97 -2.76
N LEU C 75 11.93 62.24 -2.60
CA LEU C 75 11.26 62.63 -1.37
C LEU C 75 9.96 61.87 -1.18
N ALA C 76 9.16 61.76 -2.24
CA ALA C 76 7.88 61.07 -2.13
C ALA C 76 8.07 59.59 -1.81
N THR C 77 9.05 58.95 -2.45
CA THR C 77 9.29 57.53 -2.20
C THR C 77 9.63 57.29 -0.73
N GLY C 78 10.54 58.09 -0.17
CA GLY C 78 10.84 57.97 1.24
C GLY C 78 9.61 58.14 2.10
N ILE C 79 8.76 59.10 1.74
CA ILE C 79 7.54 59.35 2.50
C ILE C 79 6.60 58.17 2.40
N ILE C 80 6.53 57.52 1.23
CA ILE C 80 5.63 56.39 1.07
C ILE C 80 6.12 55.20 1.89
N TYR C 81 7.43 54.94 1.85
CA TYR C 81 8.02 53.96 2.75
C TYR C 81 7.66 54.27 4.19
N PHE C 82 7.83 55.54 4.59
CA PHE C 82 7.54 55.95 5.95
C PHE C 82 6.08 55.65 6.34
N HIS C 83 5.13 56.08 5.49
CA HIS C 83 3.72 55.85 5.80
C HIS C 83 3.42 54.36 5.89
N ARG C 84 3.93 53.57 4.94
CA ARG C 84 3.68 52.14 4.96
C ARG C 84 4.28 51.49 6.20
N PHE C 85 5.48 51.92 6.58
CA PHE C 85 6.16 51.36 7.75
C PHE C 85 5.25 51.37 8.98
N TYR C 86 4.61 52.51 9.26
CA TYR C 86 3.82 52.65 10.47
C TYR C 86 2.40 52.12 10.33
N MET C 87 2.12 51.39 9.24
CA MET C 87 1.00 50.48 9.24
C MET C 87 1.35 49.13 9.86
N PHE C 88 2.64 48.86 10.06
CA PHE C 88 3.08 47.60 10.62
C PHE C 88 3.79 47.74 11.96
N HIS C 89 4.13 48.95 12.38
CA HIS C 89 4.86 49.18 13.62
C HIS C 89 4.26 50.38 14.34
N SER C 90 4.60 50.50 15.62
CA SER C 90 4.07 51.57 16.46
C SER C 90 5.06 52.71 16.57
N PHE C 91 4.55 53.94 16.59
CA PHE C 91 5.40 55.10 16.78
C PHE C 91 6.08 55.11 18.15
N LYS C 92 5.53 54.40 19.13
CA LYS C 92 6.14 54.40 20.46
C LYS C 92 7.38 53.52 20.54
N GLN C 93 7.54 52.57 19.63
CA GLN C 93 8.70 51.68 19.61
C GLN C 93 9.69 51.99 18.50
N PHE C 94 9.30 52.77 17.50
CA PHE C 94 10.20 53.19 16.43
C PHE C 94 10.18 54.70 16.31
N PRO C 95 11.17 55.39 16.87
CA PRO C 95 11.21 56.86 16.78
C PRO C 95 11.11 57.35 15.34
N ARG C 96 10.23 58.33 15.12
CA ARG C 96 9.80 58.62 13.77
C ARG C 96 10.90 59.28 12.92
N TYR C 97 11.74 60.11 13.52
CA TYR C 97 12.76 60.79 12.73
C TYR C 97 13.89 59.86 12.32
N VAL C 98 14.16 58.82 13.12
CA VAL C 98 15.11 57.80 12.67
C VAL C 98 14.53 57.04 11.49
N THR C 99 13.28 56.59 11.63
CA THR C 99 12.60 55.92 10.52
C THR C 99 12.59 56.80 9.27
N GLY C 100 12.21 58.08 9.43
CA GLY C 100 12.21 58.98 8.29
C GLY C 100 13.55 59.06 7.61
N ALA C 101 14.62 59.26 8.38
CA ALA C 101 15.96 59.32 7.81
C ALA C 101 16.32 58.03 7.10
N CYS C 102 15.95 56.88 7.68
CA CYS C 102 16.21 55.60 7.04
C CYS C 102 15.44 55.48 5.73
N CYS C 103 14.17 55.88 5.73
CA CYS C 103 13.37 55.81 4.51
C CYS C 103 13.99 56.66 3.40
N LEU C 104 14.41 57.89 3.75
CA LEU C 104 15.05 58.74 2.76
C LEU C 104 16.36 58.12 2.27
N PHE C 105 17.12 57.54 3.19
CA PHE C 105 18.37 56.89 2.81
C PHE C 105 18.13 55.78 1.80
N LEU C 106 17.14 54.91 2.06
CA LEU C 106 16.84 53.86 1.12
C LEU C 106 16.23 54.42 -0.17
N ALA C 107 15.32 55.38 -0.04
CA ALA C 107 14.70 55.98 -1.21
C ALA C 107 15.75 56.49 -2.19
N GLY C 108 16.79 57.12 -1.68
CA GLY C 108 17.83 57.62 -2.55
C GLY C 108 18.47 56.54 -3.40
N LYS C 109 18.72 55.37 -2.80
CA LYS C 109 19.28 54.27 -3.56
C LYS C 109 18.27 53.70 -4.55
N VAL C 110 17.00 53.60 -4.15
CA VAL C 110 15.99 53.03 -5.04
C VAL C 110 15.81 53.92 -6.26
N GLU C 111 15.72 55.23 -6.06
CA GLU C 111 15.44 56.19 -7.12
C GLU C 111 16.70 56.69 -7.82
N GLU C 112 17.86 56.11 -7.50
CA GLU C 112 19.13 56.49 -8.13
C GLU C 112 19.48 57.96 -7.87
N THR C 113 19.18 58.43 -6.67
CA THR C 113 19.64 59.74 -6.19
C THR C 113 20.32 59.51 -4.83
N PRO C 114 21.39 58.73 -4.82
CA PRO C 114 21.92 58.25 -3.54
C PRO C 114 22.59 59.34 -2.72
N LYS C 115 22.51 59.17 -1.40
CA LYS C 115 23.20 60.04 -0.45
C LYS C 115 23.88 59.17 0.59
N LYS C 116 24.99 59.66 1.14
CA LYS C 116 25.67 58.95 2.21
C LYS C 116 24.91 59.15 3.51
N CYS C 117 24.81 58.08 4.31
CA CYS C 117 24.04 58.16 5.54
C CYS C 117 24.55 59.27 6.45
N LYS C 118 25.88 59.48 6.48
CA LYS C 118 26.43 60.53 7.33
C LYS C 118 25.90 61.90 6.91
N ASP C 119 25.67 62.11 5.61
CA ASP C 119 25.17 63.41 5.16
C ASP C 119 23.70 63.60 5.55
N ILE C 120 22.91 62.54 5.55
CA ILE C 120 21.52 62.66 6.00
C ILE C 120 21.50 62.99 7.50
N ILE C 121 22.38 62.36 8.28
CA ILE C 121 22.45 62.66 9.71
C ILE C 121 22.83 64.11 9.91
N LYS C 122 23.87 64.56 9.21
CA LYS C 122 24.31 65.94 9.30
C LYS C 122 23.16 66.90 9.09
N THR C 123 22.39 66.68 8.02
CA THR C 123 21.26 67.55 7.72
C THR C 123 20.15 67.39 8.76
N ALA C 124 19.88 66.15 9.18
CA ALA C 124 18.87 65.94 10.22
C ALA C 124 19.23 66.66 11.49
N ARG C 125 20.52 66.72 11.83
CA ARG C 125 20.95 67.44 13.03
C ARG C 125 20.77 68.94 12.86
N SER C 126 21.05 69.46 11.66
CA SER C 126 20.88 70.88 11.41
C SER C 126 19.44 71.31 11.61
N LEU C 127 18.49 70.45 11.24
CA LEU C 127 17.08 70.84 11.24
C LEU C 127 16.37 70.48 12.53
N LEU C 128 16.86 69.49 13.27
CA LEU C 128 16.22 69.06 14.51
C LEU C 128 16.84 69.76 15.71
N ASN C 129 16.02 70.01 16.72
CA ASN C 129 16.53 70.58 17.96
C ASN C 129 17.24 69.47 18.75
N ASP C 130 17.67 69.78 19.97
CA ASP C 130 18.42 68.81 20.76
C ASP C 130 17.52 67.66 21.23
N VAL C 131 16.31 67.98 21.67
CA VAL C 131 15.39 66.93 22.12
C VAL C 131 15.06 65.98 20.97
N GLN C 132 14.73 66.53 19.81
CA GLN C 132 14.33 65.71 18.68
C GLN C 132 15.46 64.81 18.23
N PHE C 133 16.67 65.37 18.12
CA PHE C 133 17.81 64.55 17.72
C PHE C 133 18.15 63.50 18.77
N GLY C 134 17.61 63.62 19.98
CA GLY C 134 17.80 62.56 20.96
C GLY C 134 17.31 61.21 20.48
N GLN C 135 16.35 61.19 19.56
CA GLN C 135 15.84 59.92 19.05
C GLN C 135 16.94 59.10 18.40
N PHE C 136 17.95 59.74 17.82
CA PHE C 136 19.04 59.04 17.15
C PHE C 136 20.02 58.41 18.13
N GLY C 137 19.85 58.65 19.43
CA GLY C 137 20.67 58.01 20.41
C GLY C 137 22.12 58.45 20.33
N ASP C 138 22.99 57.59 20.86
CA ASP C 138 24.40 57.94 20.99
C ASP C 138 25.14 57.85 19.66
N ASP C 139 24.66 57.01 18.74
CA ASP C 139 25.29 56.80 17.44
C ASP C 139 24.20 56.94 16.37
N PRO C 140 23.97 58.16 15.87
CA PRO C 140 22.88 58.34 14.89
C PRO C 140 23.00 57.46 13.66
N LYS C 141 24.17 57.44 13.01
CA LYS C 141 24.31 56.65 11.79
C LYS C 141 23.95 55.19 12.03
N GLU C 142 24.45 54.62 13.13
CA GLU C 142 24.16 53.21 13.41
C GLU C 142 22.67 52.96 13.57
N GLU C 143 21.98 53.81 14.33
CA GLU C 143 20.55 53.61 14.53
C GLU C 143 19.81 53.57 13.19
N VAL C 144 20.26 54.39 12.24
CA VAL C 144 19.61 54.46 10.93
C VAL C 144 19.98 53.24 10.09
N MET C 145 21.27 52.95 9.96
CA MET C 145 21.71 51.85 9.10
C MET C 145 21.12 50.53 9.57
N VAL C 146 21.01 50.34 10.88
CA VAL C 146 20.48 49.11 11.44
C VAL C 146 19.02 48.92 11.05
N LEU C 147 18.28 50.02 10.91
CA LEU C 147 16.86 49.93 10.63
C LEU C 147 16.58 49.50 9.19
N GLU C 148 17.54 49.69 8.29
CA GLU C 148 17.30 49.38 6.88
C GLU C 148 16.87 47.94 6.69
N ARG C 149 17.34 47.03 7.53
CA ARG C 149 16.89 45.64 7.44
C ARG C 149 15.39 45.54 7.71
N ILE C 150 14.92 46.19 8.78
CA ILE C 150 13.51 46.07 9.14
C ILE C 150 12.66 46.78 8.09
N LEU C 151 13.12 47.93 7.61
CA LEU C 151 12.40 48.65 6.56
C LEU C 151 12.18 47.76 5.33
N LEU C 152 13.25 47.14 4.84
CA LEU C 152 13.14 46.33 3.64
C LEU C 152 12.16 45.18 3.83
N GLN C 153 12.25 44.49 4.97
CA GLN C 153 11.31 43.41 5.25
C GLN C 153 9.89 43.95 5.42
N THR C 154 9.76 45.13 6.05
CA THR C 154 8.44 45.70 6.29
C THR C 154 7.74 46.04 4.98
N ILE C 155 8.46 46.68 4.05
CA ILE C 155 7.86 47.06 2.77
C ILE C 155 7.93 45.90 1.81
N LYS C 156 8.22 44.71 2.32
CA LYS C 156 8.12 43.47 1.55
C LYS C 156 8.94 43.53 0.27
N PHE C 157 10.07 44.23 0.32
CA PHE C 157 10.98 44.39 -0.83
C PHE C 157 10.26 44.83 -2.09
N ASP C 158 9.08 45.45 -1.96
CA ASP C 158 8.40 46.06 -3.09
C ASP C 158 8.86 47.52 -3.15
N LEU C 159 9.94 47.75 -3.91
CA LEU C 159 10.61 49.04 -3.90
C LEU C 159 10.07 50.03 -4.93
N GLN C 160 9.53 49.53 -6.05
CA GLN C 160 9.04 50.42 -7.10
C GLN C 160 7.76 51.10 -6.64
N VAL C 161 7.71 52.41 -6.76
CA VAL C 161 6.56 53.21 -6.34
C VAL C 161 6.26 54.23 -7.42
N GLU C 162 4.97 54.41 -7.70
CA GLU C 162 4.50 55.43 -8.62
C GLU C 162 3.88 56.55 -7.80
N HIS C 163 3.98 57.78 -8.29
CA HIS C 163 3.55 58.94 -7.53
C HIS C 163 2.59 59.77 -8.36
N PRO C 164 1.73 60.56 -7.70
CA PRO C 164 0.76 61.38 -8.46
C PRO C 164 1.41 62.30 -9.47
N TYR C 165 2.67 62.68 -9.27
CA TYR C 165 3.29 63.67 -10.14
C TYR C 165 3.27 63.22 -11.60
N GLN C 166 3.66 61.97 -11.86
CA GLN C 166 3.77 61.53 -13.25
C GLN C 166 2.41 61.53 -13.94
N PHE C 167 1.35 61.26 -13.18
CA PHE C 167 0.00 61.24 -13.75
C PHE C 167 -0.56 62.64 -13.92
N LEU C 168 -0.23 63.54 -12.98
CA LEU C 168 -0.60 64.93 -13.14
C LEU C 168 -0.06 65.48 -14.47
N LEU C 169 1.18 65.11 -14.81
CA LEU C 169 1.77 65.59 -16.06
C LEU C 169 1.26 64.78 -17.26
N LYS C 170 1.15 63.45 -17.12
CA LYS C 170 0.66 62.66 -18.24
C LYS C 170 -0.74 63.13 -18.66
N TYR C 171 -1.60 63.41 -17.68
CA TYR C 171 -2.96 63.83 -17.97
C TYR C 171 -3.02 65.28 -18.44
N ALA C 172 -2.25 66.16 -17.81
CA ALA C 172 -2.24 67.56 -18.22
C ALA C 172 -1.77 67.72 -19.66
N LYS C 173 -0.84 66.87 -20.09
CA LYS C 173 -0.36 66.96 -21.47
C LYS C 173 -1.47 66.75 -22.48
N GLN C 174 -2.53 66.04 -22.10
CA GLN C 174 -3.66 65.79 -22.98
C GLN C 174 -4.72 66.88 -22.91
N LEU C 175 -4.48 67.93 -22.14
CA LEU C 175 -5.36 69.09 -22.10
C LEU C 175 -4.84 70.12 -23.10
N LYS C 176 -5.74 70.69 -23.89
CA LYS C 176 -5.40 71.71 -24.86
C LYS C 176 -6.34 72.90 -24.69
N GLY C 177 -5.77 74.08 -24.64
CA GLY C 177 -6.52 75.30 -24.40
C GLY C 177 -5.57 76.41 -23.98
N ASP C 178 -6.11 77.36 -23.22
CA ASP C 178 -5.31 78.47 -22.72
C ASP C 178 -4.10 77.96 -21.95
N LYS C 179 -2.91 78.27 -22.46
CA LYS C 179 -1.67 77.80 -21.84
C LYS C 179 -1.60 78.19 -20.37
N ASN C 180 -2.02 79.41 -20.05
CA ASN C 180 -1.84 79.97 -18.72
C ASN C 180 -2.83 79.40 -17.71
N LYS C 181 -4.05 79.13 -18.14
CA LYS C 181 -5.03 78.54 -17.23
C LYS C 181 -4.65 77.11 -16.87
N ILE C 182 -4.16 76.34 -17.84
CA ILE C 182 -3.74 74.96 -17.56
C ILE C 182 -2.49 74.95 -16.69
N GLN C 183 -1.53 75.84 -16.94
CA GLN C 183 -0.35 75.87 -16.09
C GLN C 183 -0.72 76.26 -14.66
N LYS C 184 -1.67 77.19 -14.50
CA LYS C 184 -2.16 77.48 -13.15
C LYS C 184 -2.80 76.25 -12.54
N LEU C 185 -3.57 75.50 -13.32
CA LEU C 185 -4.17 74.27 -12.82
C LEU C 185 -3.11 73.30 -12.35
N VAL C 186 -2.07 73.11 -13.17
CA VAL C 186 -1.04 72.14 -12.83
C VAL C 186 -0.31 72.52 -11.55
N GLN C 187 0.18 73.76 -11.47
CA GLN C 187 0.95 74.15 -10.30
C GLN C 187 0.12 74.03 -9.03
N MET C 188 -1.13 74.51 -9.07
CA MET C 188 -1.98 74.39 -7.89
C MET C 188 -2.17 72.92 -7.52
N ALA C 189 -2.41 72.06 -8.52
CA ALA C 189 -2.54 70.63 -8.26
C ALA C 189 -1.23 70.05 -7.75
N TRP C 190 -0.11 70.47 -8.33
CA TRP C 190 1.20 70.01 -7.87
C TRP C 190 1.40 70.31 -6.39
N THR C 191 1.06 71.53 -5.97
CA THR C 191 1.13 71.86 -4.55
C THR C 191 0.25 70.94 -3.73
N PHE C 192 -0.95 70.65 -4.20
CA PHE C 192 -1.83 69.74 -3.46
C PHE C 192 -1.21 68.35 -3.34
N VAL C 193 -0.47 67.90 -4.37
CA VAL C 193 0.23 66.63 -4.25
C VAL C 193 1.26 66.68 -3.13
N ASN C 194 2.08 67.73 -3.11
CA ASN C 194 3.10 67.85 -2.07
C ASN C 194 2.46 67.84 -0.68
N ASP C 195 1.29 68.49 -0.55
CA ASP C 195 0.62 68.56 0.73
C ASP C 195 -0.02 67.24 1.12
N SER C 196 -0.42 66.43 0.13
CA SER C 196 -1.04 65.14 0.42
C SER C 196 -0.04 64.12 0.94
N LEU C 197 1.26 64.35 0.73
CA LEU C 197 2.26 63.42 1.26
C LEU C 197 2.27 63.41 2.77
N CYS C 198 1.76 64.45 3.41
CA CYS C 198 1.67 64.51 4.86
C CYS C 198 0.51 63.69 5.42
N THR C 199 -0.33 63.13 4.57
CA THR C 199 -1.53 62.42 4.96
C THR C 199 -1.46 60.95 4.58
N THR C 200 -2.46 60.21 5.03
CA THR C 200 -2.60 58.79 4.72
C THR C 200 -3.32 58.53 3.41
N LEU C 201 -3.53 59.56 2.58
CA LEU C 201 -4.10 59.33 1.26
C LEU C 201 -3.23 58.39 0.44
N SER C 202 -1.90 58.49 0.63
CA SER C 202 -0.97 57.57 -0.02
C SER C 202 -1.32 56.12 0.28
N LEU C 203 -1.96 55.88 1.43
CA LEU C 203 -2.33 54.54 1.86
C LEU C 203 -3.75 54.17 1.51
N GLN C 204 -4.54 55.11 0.97
CA GLN C 204 -5.94 54.85 0.65
C GLN C 204 -6.22 54.73 -0.83
N TRP C 205 -5.54 55.50 -1.67
CA TRP C 205 -5.89 55.60 -3.08
C TRP C 205 -4.64 55.51 -3.94
N GLU C 206 -4.77 54.82 -5.06
CA GLU C 206 -3.67 54.74 -6.01
C GLU C 206 -3.25 56.14 -6.45
N PRO C 207 -1.99 56.32 -6.86
CA PRO C 207 -1.55 57.66 -7.29
C PRO C 207 -2.36 58.21 -8.45
N GLU C 208 -2.79 57.36 -9.39
CA GLU C 208 -3.58 57.87 -10.51
C GLU C 208 -4.80 58.63 -10.02
N ILE C 209 -5.47 58.10 -8.99
CA ILE C 209 -6.66 58.77 -8.46
C ILE C 209 -6.27 60.07 -7.79
N ILE C 210 -5.16 60.07 -7.05
CA ILE C 210 -4.71 61.29 -6.38
C ILE C 210 -4.49 62.40 -7.40
N ALA C 211 -3.82 62.08 -8.52
CA ALA C 211 -3.56 63.08 -9.54
C ALA C 211 -4.86 63.66 -10.07
N VAL C 212 -5.87 62.82 -10.30
CA VAL C 212 -7.16 63.31 -10.75
C VAL C 212 -7.80 64.19 -9.69
N ALA C 213 -7.78 63.73 -8.43
CA ALA C 213 -8.43 64.47 -7.35
C ALA C 213 -7.86 65.88 -7.24
N VAL C 214 -6.54 66.02 -7.40
CA VAL C 214 -5.94 67.34 -7.27
C VAL C 214 -6.23 68.21 -8.49
N MET C 215 -6.31 67.61 -9.68
CA MET C 215 -6.78 68.36 -10.84
C MET C 215 -8.21 68.83 -10.64
N TYR C 216 -9.07 67.93 -10.15
CA TYR C 216 -10.46 68.26 -9.83
C TYR C 216 -10.55 69.37 -8.80
N LEU C 217 -9.74 69.29 -7.74
CA LEU C 217 -9.81 70.32 -6.70
C LEU C 217 -9.33 71.67 -7.22
N ALA C 218 -8.19 71.68 -7.91
CA ALA C 218 -7.70 72.93 -8.49
C ALA C 218 -8.73 73.51 -9.46
N GLY C 219 -9.43 72.67 -10.20
CA GLY C 219 -10.44 73.16 -11.12
C GLY C 219 -11.56 73.91 -10.42
N ARG C 220 -12.08 73.33 -9.33
CA ARG C 220 -13.13 73.99 -8.57
C ARG C 220 -12.62 75.32 -8.02
N LEU C 221 -11.43 75.31 -7.43
CA LEU C 221 -10.90 76.54 -6.82
C LEU C 221 -10.61 77.60 -7.87
N CYS C 222 -10.25 77.21 -9.09
CA CYS C 222 -9.99 78.17 -10.16
C CYS C 222 -11.20 78.46 -11.04
N LYS C 223 -12.36 77.84 -10.77
CA LYS C 223 -13.55 78.03 -11.61
C LYS C 223 -13.25 77.69 -13.08
N PHE C 224 -12.51 76.60 -13.28
CA PHE C 224 -12.23 76.05 -14.60
C PHE C 224 -13.15 74.87 -14.86
N GLU C 225 -13.54 74.69 -16.12
CA GLU C 225 -14.31 73.52 -16.55
C GLU C 225 -13.42 72.66 -17.45
N ILE C 226 -12.72 71.72 -16.82
CA ILE C 226 -11.65 70.97 -17.49
C ILE C 226 -12.13 70.22 -18.72
N GLN C 227 -13.39 69.75 -18.72
CA GLN C 227 -13.85 68.95 -19.85
C GLN C 227 -13.64 69.67 -21.16
N GLU C 228 -13.73 71.01 -21.16
CA GLU C 228 -13.55 71.77 -22.39
C GLU C 228 -12.17 71.54 -22.99
N TRP C 229 -11.17 71.26 -22.14
CA TRP C 229 -9.82 71.04 -22.60
C TRP C 229 -9.56 69.61 -23.06
N THR C 230 -10.51 68.70 -22.87
CA THR C 230 -10.31 67.31 -23.23
C THR C 230 -10.72 67.08 -24.70
N SER C 231 -10.37 65.89 -25.21
CA SER C 231 -10.82 65.48 -26.53
C SER C 231 -12.31 65.16 -26.56
N LYS C 232 -12.97 65.15 -25.40
CA LYS C 232 -14.40 64.83 -25.29
C LYS C 232 -15.05 65.98 -24.52
N PRO C 233 -15.18 67.15 -25.15
CA PRO C 233 -15.57 68.36 -24.41
C PRO C 233 -16.99 68.34 -23.87
N MET C 234 -17.82 67.40 -24.28
CA MET C 234 -19.20 67.29 -23.79
C MET C 234 -19.35 66.11 -22.84
N TYR C 235 -18.23 65.53 -22.41
CA TYR C 235 -18.16 64.46 -21.43
C TYR C 235 -17.86 65.14 -20.10
N ARG C 236 -18.93 65.41 -19.32
CA ARG C 236 -18.78 66.26 -18.14
C ARG C 236 -17.91 65.61 -17.06
N ARG C 237 -17.89 64.27 -16.99
CA ARG C 237 -17.00 63.57 -16.07
C ARG C 237 -15.67 63.37 -16.80
N TRP C 238 -14.91 64.46 -16.85
CA TRP C 238 -13.73 64.50 -17.71
C TRP C 238 -12.70 63.44 -17.31
N TRP C 239 -12.62 63.11 -16.03
CA TRP C 239 -11.54 62.23 -15.55
C TRP C 239 -11.71 60.79 -16.00
N GLU C 240 -12.93 60.37 -16.36
CA GLU C 240 -13.16 58.96 -16.66
C GLU C 240 -12.30 58.46 -17.82
N GLN C 241 -11.87 59.36 -18.71
CA GLN C 241 -10.97 58.98 -19.80
C GLN C 241 -9.53 58.81 -19.35
N PHE C 242 -9.19 59.26 -18.16
CA PHE C 242 -7.87 59.07 -17.57
C PHE C 242 -7.84 57.91 -16.58
N VAL C 243 -8.79 57.90 -15.65
CA VAL C 243 -8.87 56.90 -14.60
C VAL C 243 -10.26 56.28 -14.64
N GLN C 244 -10.34 55.02 -15.01
CA GLN C 244 -11.62 54.33 -15.10
C GLN C 244 -12.12 53.94 -13.71
N ASP C 245 -13.44 54.00 -13.55
CA ASP C 245 -14.14 53.49 -12.36
C ASP C 245 -13.88 54.33 -11.12
N VAL C 246 -13.82 55.65 -11.25
CA VAL C 246 -13.63 56.49 -10.08
C VAL C 246 -14.90 57.31 -9.85
N PRO C 247 -15.63 57.07 -8.77
CA PRO C 247 -16.79 57.91 -8.46
C PRO C 247 -16.35 59.27 -7.90
N VAL C 248 -17.21 60.26 -8.09
CA VAL C 248 -16.90 61.59 -7.57
C VAL C 248 -16.75 61.53 -6.06
N ASP C 249 -17.49 60.63 -5.40
CA ASP C 249 -17.40 60.47 -3.96
C ASP C 249 -15.94 60.33 -3.54
N VAL C 250 -15.19 59.49 -4.25
CA VAL C 250 -13.78 59.26 -3.92
C VAL C 250 -12.98 60.55 -4.12
N LEU C 251 -13.19 61.21 -5.26
CA LEU C 251 -12.49 62.46 -5.51
C LEU C 251 -12.85 63.53 -4.47
N GLU C 252 -14.12 63.56 -4.05
CA GLU C 252 -14.52 64.53 -3.03
C GLU C 252 -13.92 64.20 -1.67
N ASP C 253 -13.88 62.92 -1.30
CA ASP C 253 -13.24 62.54 -0.06
C ASP C 253 -11.78 62.98 -0.04
N ILE C 254 -11.08 62.77 -1.16
CA ILE C 254 -9.69 63.19 -1.25
C ILE C 254 -9.61 64.72 -1.14
N CYS C 255 -10.48 65.42 -1.88
CA CYS C 255 -10.48 66.87 -1.82
C CYS C 255 -10.74 67.38 -0.41
N HIS C 256 -11.71 66.77 0.29
CA HIS C 256 -12.01 67.20 1.66
C HIS C 256 -10.81 67.02 2.58
N GLN C 257 -10.13 65.88 2.48
CA GLN C 257 -9.00 65.61 3.35
C GLN C 257 -7.84 66.57 3.08
N ILE C 258 -7.60 66.93 1.81
CA ILE C 258 -6.53 67.87 1.51
C ILE C 258 -6.84 69.24 2.11
N LEU C 259 -8.05 69.74 1.88
CA LEU C 259 -8.39 71.07 2.39
C LEU C 259 -8.43 71.08 3.92
N ASP C 260 -8.70 69.94 4.54
CA ASP C 260 -8.70 69.89 6.01
C ASP C 260 -7.34 70.31 6.56
N LEU C 261 -6.26 69.88 5.89
CA LEU C 261 -4.93 70.29 6.31
C LEU C 261 -4.82 71.81 6.33
N TYR C 262 -5.30 72.47 5.27
CA TYR C 262 -5.19 73.93 5.20
C TYR C 262 -6.04 74.58 6.30
N SER C 263 -7.27 74.08 6.52
CA SER C 263 -8.13 74.68 7.52
C SER C 263 -7.57 74.49 8.92
N GLN C 264 -7.07 73.29 9.22
CA GLN C 264 -6.48 73.04 10.53
C GLN C 264 -5.30 73.99 10.75
N GLY C 265 -4.44 74.15 9.74
CA GLY C 265 -3.31 75.03 9.90
C GLY C 265 -3.73 76.48 9.77
N LYS C 266 -2.73 77.34 9.64
CA LYS C 266 -2.98 78.76 9.38
C LYS C 266 -2.88 79.06 7.90
N GLN C 267 -2.31 78.13 7.14
CA GLN C 267 -2.16 78.27 5.69
C GLN C 267 -3.50 78.16 4.98
N GLN C 268 -3.57 78.80 3.81
CA GLN C 268 -4.76 78.85 2.97
C GLN C 268 -4.46 78.29 1.58
N MET C 269 -5.51 78.05 0.81
CA MET C 269 -5.36 77.47 -0.53
C MET C 269 -4.42 78.35 -1.36
N PRO C 270 -3.54 77.76 -2.17
CA PRO C 270 -2.53 78.58 -2.86
C PRO C 270 -3.11 79.65 -3.78
N HIS C 271 -4.09 79.28 -4.60
CA HIS C 271 -4.68 80.16 -5.61
C HIS C 271 -3.71 81.21 -6.12
N MET D 5 -23.29 9.98 58.35
CA MET D 5 -23.33 11.43 58.06
C MET D 5 -21.96 12.06 58.36
N SER D 6 -21.72 13.23 57.77
CA SER D 6 -20.47 13.94 57.95
C SER D 6 -20.75 15.27 58.63
N TYR D 7 -19.76 15.75 59.38
CA TYR D 7 -19.93 16.94 60.22
C TYR D 7 -18.77 17.88 59.94
N ASN D 8 -19.09 19.13 59.56
CA ASN D 8 -18.09 20.09 59.15
C ASN D 8 -18.45 21.48 59.66
N TYR D 9 -17.44 22.35 59.63
CA TYR D 9 -17.47 23.71 60.20
C TYR D 9 -16.88 24.64 59.15
N VAL D 10 -17.58 25.75 58.88
CA VAL D 10 -17.18 26.66 57.82
C VAL D 10 -17.08 28.07 58.40
N VAL D 11 -15.92 28.71 58.23
CA VAL D 11 -15.68 30.06 58.72
C VAL D 11 -15.09 30.92 57.60
N THR D 12 -15.27 32.23 57.77
CA THR D 12 -14.67 33.23 56.90
C THR D 12 -13.32 33.65 57.45
N ALA D 13 -12.25 33.45 56.67
CA ALA D 13 -10.94 33.94 57.05
C ALA D 13 -10.70 35.38 56.56
N GLN D 14 -11.22 35.72 55.39
CA GLN D 14 -11.17 37.08 54.87
C GLN D 14 -12.55 37.40 54.30
N LYS D 15 -13.13 38.51 54.74
CA LYS D 15 -14.46 38.86 54.29
C LYS D 15 -14.43 39.27 52.82
N PRO D 16 -15.59 39.28 52.16
CA PRO D 16 -15.65 39.71 50.76
C PRO D 16 -15.06 41.11 50.60
N THR D 17 -14.19 41.25 49.58
CA THR D 17 -13.51 42.51 49.32
C THR D 17 -14.03 43.20 48.07
N ALA D 18 -14.66 42.47 47.15
CA ALA D 18 -15.11 43.05 45.90
C ALA D 18 -16.34 43.93 46.12
N VAL D 19 -16.37 45.05 45.43
CA VAL D 19 -17.49 45.99 45.52
C VAL D 19 -18.56 45.56 44.52
N ASN D 20 -19.77 45.31 45.03
CA ASN D 20 -20.89 44.92 44.18
C ASN D 20 -21.85 46.05 43.89
N GLY D 21 -21.87 47.09 44.73
CA GLY D 21 -22.67 48.29 44.50
C GLY D 21 -22.41 49.34 45.55
N CYS D 22 -22.62 50.62 45.23
CA CYS D 22 -22.40 51.68 46.21
C CYS D 22 -23.37 52.83 45.93
N VAL D 23 -23.89 53.44 47.00
CA VAL D 23 -24.83 54.55 46.89
C VAL D 23 -24.38 55.67 47.83
N THR D 24 -24.83 56.90 47.51
CA THR D 24 -24.60 58.06 48.36
C THR D 24 -25.94 58.66 48.78
N GLY D 25 -26.01 59.12 50.02
CA GLY D 25 -27.22 59.73 50.52
C GLY D 25 -27.03 60.25 51.92
N HIS D 26 -28.16 60.56 52.56
CA HIS D 26 -28.19 61.07 53.94
C HIS D 26 -28.92 60.04 54.80
N PHE D 27 -28.20 58.97 55.13
CA PHE D 27 -28.74 57.80 55.83
C PHE D 27 -28.57 57.89 57.34
N THR D 28 -27.38 58.28 57.80
CA THR D 28 -27.13 58.34 59.24
C THR D 28 -27.67 59.62 59.87
N SER D 29 -27.62 60.73 59.13
CA SER D 29 -28.17 62.00 59.59
C SER D 29 -28.53 62.82 58.36
N ALA D 30 -29.53 63.69 58.50
CA ALA D 30 -29.88 64.57 57.40
C ALA D 30 -28.74 65.52 57.06
N GLU D 31 -27.74 65.64 57.92
CA GLU D 31 -26.60 66.52 57.72
C GLU D 31 -25.41 65.79 57.12
N ASP D 32 -25.17 64.56 57.55
CA ASP D 32 -24.04 63.81 57.06
C ASP D 32 -24.25 63.46 55.59
N LEU D 33 -23.14 63.34 54.87
CA LEU D 33 -23.14 62.76 53.53
C LEU D 33 -22.55 61.36 53.68
N ASN D 34 -23.30 60.36 53.24
CA ASN D 34 -22.94 58.97 53.46
C ASN D 34 -22.55 58.30 52.16
N LEU D 35 -21.68 57.31 52.27
CA LEU D 35 -21.35 56.39 51.18
C LEU D 35 -21.57 54.99 51.73
N LEU D 36 -22.54 54.28 51.18
CA LEU D 36 -22.83 52.90 51.56
C LEU D 36 -22.27 51.99 50.48
N ILE D 37 -21.31 51.15 50.86
CA ILE D 37 -20.66 50.21 49.95
C ILE D 37 -21.19 48.83 50.28
N ALA D 38 -21.50 48.05 49.24
CA ALA D 38 -22.15 46.74 49.40
C ALA D 38 -21.26 45.63 48.84
N LYS D 39 -20.63 44.88 49.74
CA LYS D 39 -20.04 43.58 49.46
C LYS D 39 -21.09 42.48 49.56
N ASN D 40 -20.74 41.31 49.04
CA ASN D 40 -21.74 40.27 48.82
C ASN D 40 -22.69 40.11 50.00
N THR D 41 -22.13 39.93 51.20
CA THR D 41 -22.94 39.79 52.42
C THR D 41 -22.67 40.90 53.43
N ARG D 42 -21.90 41.92 53.08
CA ARG D 42 -21.48 42.95 54.03
C ARG D 42 -21.89 44.33 53.53
N LEU D 43 -22.52 45.10 54.41
CA LEU D 43 -22.89 46.49 54.17
C LEU D 43 -21.98 47.39 55.01
N GLU D 44 -21.25 48.26 54.33
CA GLU D 44 -20.33 49.21 54.97
C GLU D 44 -20.87 50.63 54.86
N ILE D 45 -20.93 51.33 55.98
CA ILE D 45 -21.45 52.69 56.03
C ILE D 45 -20.30 53.63 56.35
N TYR D 46 -20.12 54.66 55.52
CA TYR D 46 -19.07 55.65 55.69
C TYR D 46 -19.67 57.06 55.71
N VAL D 47 -18.90 58.02 56.21
CA VAL D 47 -19.25 59.44 56.14
C VAL D 47 -18.16 60.19 55.39
N VAL D 48 -18.57 61.08 54.48
CA VAL D 48 -17.65 61.76 53.58
C VAL D 48 -17.00 62.94 54.28
N THR D 49 -15.67 63.01 54.21
CA THR D 49 -14.89 64.13 54.70
C THR D 49 -14.10 64.74 53.54
N ALA D 50 -13.35 65.80 53.84
CA ALA D 50 -12.42 66.36 52.86
C ALA D 50 -11.14 65.54 52.77
N GLU D 51 -10.97 64.57 53.66
CA GLU D 51 -9.78 63.74 53.78
C GLU D 51 -9.94 62.38 53.12
N GLY D 52 -11.13 61.81 53.19
CA GLY D 52 -11.39 60.47 52.73
C GLY D 52 -12.74 60.02 53.23
N LEU D 53 -12.82 58.77 53.70
CA LEU D 53 -14.05 58.20 54.22
C LEU D 53 -13.86 57.88 55.69
N ARG D 54 -14.84 58.27 56.52
CA ARG D 54 -14.83 57.93 57.93
C ARG D 54 -15.79 56.78 58.20
N PRO D 55 -15.31 55.62 58.62
CA PRO D 55 -16.24 54.51 58.91
C PRO D 55 -17.09 54.81 60.14
N VAL D 56 -18.32 54.30 60.12
CA VAL D 56 -19.24 54.52 61.23
C VAL D 56 -19.80 53.19 61.71
N LYS D 57 -20.14 52.30 60.78
CA LYS D 57 -20.80 51.05 61.15
C LYS D 57 -20.68 50.07 59.98
N GLU D 58 -20.53 48.79 60.33
CA GLU D 58 -20.56 47.70 59.36
C GLU D 58 -21.44 46.58 59.89
N VAL D 59 -22.34 46.08 59.04
CA VAL D 59 -23.21 44.97 59.39
C VAL D 59 -23.10 43.88 58.34
N GLY D 60 -23.33 42.65 58.76
CA GLY D 60 -23.52 41.53 57.85
C GLY D 60 -25.01 41.21 57.75
N MET D 61 -25.40 40.68 56.59
CA MET D 61 -26.76 40.26 56.35
C MET D 61 -26.80 38.78 55.97
N TYR D 62 -27.90 38.12 56.34
CA TYR D 62 -28.11 36.71 56.00
C TYR D 62 -28.67 36.61 54.58
N GLY D 63 -27.87 37.10 53.64
CA GLY D 63 -28.31 37.18 52.25
C GLY D 63 -27.37 37.98 51.37
N LYS D 64 -27.32 37.61 50.09
CA LYS D 64 -26.57 38.35 49.09
C LYS D 64 -27.33 39.61 48.69
N ILE D 65 -26.66 40.76 48.75
CA ILE D 65 -27.30 42.03 48.45
C ILE D 65 -27.44 42.18 46.94
N ALA D 66 -28.69 42.26 46.46
CA ALA D 66 -28.98 42.41 45.04
C ALA D 66 -29.36 43.83 44.68
N VAL D 67 -30.24 44.46 45.47
CA VAL D 67 -30.66 45.83 45.27
C VAL D 67 -30.33 46.62 46.53
N MET D 68 -29.66 47.77 46.36
CA MET D 68 -29.39 48.67 47.47
C MET D 68 -29.62 50.10 47.00
N GLU D 69 -30.59 50.79 47.62
CA GLU D 69 -30.96 52.14 47.20
C GLU D 69 -31.38 52.96 48.41
N LEU D 70 -31.11 54.27 48.36
CA LEU D 70 -31.49 55.18 49.43
C LEU D 70 -32.64 56.05 48.94
N PHE D 71 -33.70 56.12 49.73
CA PHE D 71 -34.87 56.93 49.39
C PHE D 71 -35.35 57.61 50.65
N ARG D 72 -36.05 58.74 50.48
CA ARG D 72 -36.57 59.52 51.61
C ARG D 72 -38.03 59.84 51.39
N PRO D 73 -38.95 59.05 51.96
CA PRO D 73 -40.37 59.29 51.72
C PRO D 73 -40.88 60.53 52.43
N LYS D 74 -41.96 61.07 51.88
CA LYS D 74 -42.59 62.25 52.45
C LYS D 74 -42.85 62.06 53.94
N GLY D 75 -42.35 63.01 54.75
CA GLY D 75 -42.52 62.95 56.19
C GLY D 75 -41.30 62.52 56.98
N GLU D 76 -40.29 61.94 56.35
CA GLU D 76 -39.11 61.46 57.05
C GLU D 76 -38.05 62.52 57.27
N SER D 77 -37.30 62.36 58.38
CA SER D 77 -36.22 63.28 58.71
C SER D 77 -34.98 63.06 57.85
N LYS D 78 -34.72 61.83 57.44
CA LYS D 78 -33.50 61.47 56.74
C LYS D 78 -33.78 60.27 55.85
N ASP D 79 -32.78 59.91 55.05
CA ASP D 79 -32.96 58.84 54.08
C ASP D 79 -33.12 57.49 54.76
N LEU D 80 -33.90 56.62 54.13
CA LEU D 80 -34.03 55.22 54.50
C LEU D 80 -33.39 54.36 53.41
N LEU D 81 -33.09 53.12 53.76
CA LEU D 81 -32.35 52.22 52.89
C LEU D 81 -33.21 51.02 52.54
N PHE D 82 -33.29 50.73 51.24
CA PHE D 82 -33.96 49.54 50.74
C PHE D 82 -32.94 48.52 50.25
N ILE D 83 -33.08 47.27 50.70
CA ILE D 83 -32.21 46.18 50.29
C ILE D 83 -33.04 44.95 49.95
N LEU D 84 -32.74 44.36 48.78
CA LEU D 84 -33.33 43.09 48.35
C LEU D 84 -32.21 42.09 48.08
N THR D 85 -32.34 40.89 48.66
CA THR D 85 -31.31 39.86 48.49
C THR D 85 -31.64 38.94 47.31
N ALA D 86 -30.64 38.13 46.93
CA ALA D 86 -30.78 37.21 45.81
C ALA D 86 -31.77 36.10 46.09
N LYS D 87 -32.06 35.80 47.35
CA LYS D 87 -33.13 34.88 47.70
C LYS D 87 -34.46 35.61 47.88
N TYR D 88 -34.51 36.88 47.48
CA TYR D 88 -35.74 37.68 47.44
C TYR D 88 -36.20 38.09 48.84
N ASN D 89 -35.25 38.32 49.75
CA ASN D 89 -35.55 38.92 51.04
C ASN D 89 -35.49 40.44 50.90
N ALA D 90 -36.63 41.10 51.11
CA ALA D 90 -36.73 42.54 51.02
C ALA D 90 -36.83 43.14 52.41
N CYS D 91 -36.32 44.36 52.56
CA CYS D 91 -36.41 45.05 53.84
C CYS D 91 -36.14 46.53 53.62
N ILE D 92 -36.66 47.34 54.54
CA ILE D 92 -36.35 48.76 54.62
C ILE D 92 -35.66 49.01 55.96
N LEU D 93 -34.51 49.67 55.93
CA LEU D 93 -33.65 49.81 57.10
C LEU D 93 -33.51 51.27 57.50
N GLU D 94 -33.33 51.48 58.80
CA GLU D 94 -33.13 52.80 59.37
C GLU D 94 -31.89 52.79 60.27
N TYR D 95 -31.07 53.82 60.13
CA TYR D 95 -29.95 54.03 61.04
C TYR D 95 -30.45 54.78 62.26
N LYS D 96 -30.17 54.24 63.45
CA LYS D 96 -30.56 54.87 64.70
C LYS D 96 -29.42 54.78 65.69
N GLN D 97 -29.01 55.91 66.23
CA GLN D 97 -27.87 55.98 67.14
C GLN D 97 -28.22 56.83 68.34
N SER D 98 -27.97 56.29 69.54
CA SER D 98 -28.20 56.97 70.81
C SER D 98 -26.87 56.93 71.57
N GLY D 99 -26.11 58.01 71.50
CA GLY D 99 -24.78 58.03 72.08
C GLY D 99 -23.87 57.11 71.31
N GLU D 100 -23.26 56.14 72.00
CA GLU D 100 -22.39 55.17 71.35
C GLU D 100 -23.12 53.93 70.85
N SER D 101 -24.40 53.76 71.17
CA SER D 101 -25.13 52.56 70.80
C SER D 101 -25.67 52.75 69.38
N ILE D 102 -25.18 51.94 68.45
CA ILE D 102 -25.60 51.98 67.05
C ILE D 102 -26.38 50.71 66.75
N ASP D 103 -27.55 50.86 66.15
CA ASP D 103 -28.37 49.73 65.72
C ASP D 103 -28.92 50.06 64.35
N ILE D 104 -29.22 49.02 63.58
CA ILE D 104 -29.89 49.16 62.28
C ILE D 104 -31.27 48.55 62.44
N ILE D 105 -32.30 49.36 62.24
CA ILE D 105 -33.67 48.99 62.55
C ILE D 105 -34.37 48.50 61.30
N THR D 106 -35.13 47.42 61.44
CA THR D 106 -35.92 46.87 60.35
C THR D 106 -37.31 47.51 60.39
N ARG D 107 -37.56 48.43 59.47
CA ARG D 107 -38.85 49.12 59.43
C ARG D 107 -39.89 48.30 58.68
N ALA D 108 -39.47 47.53 57.67
CA ALA D 108 -40.35 46.69 56.88
C ALA D 108 -39.54 45.52 56.38
N HIS D 109 -40.19 44.37 56.24
CA HIS D 109 -39.49 43.20 55.73
C HIS D 109 -40.47 42.14 55.24
N GLY D 110 -39.99 41.32 54.31
CA GLY D 110 -40.75 40.23 53.75
C GLY D 110 -40.03 39.65 52.56
N ASN D 111 -40.51 38.50 52.10
CA ASN D 111 -39.95 37.83 50.94
C ASN D 111 -40.88 38.05 49.74
N VAL D 112 -40.30 38.53 48.64
CA VAL D 112 -41.07 38.99 47.50
C VAL D 112 -41.05 37.98 46.35
N GLN D 113 -40.67 36.74 46.63
CA GLN D 113 -40.60 35.71 45.60
C GLN D 113 -41.99 35.32 45.12
N ASP D 114 -42.12 35.10 43.81
CA ASP D 114 -43.35 34.63 43.19
C ASP D 114 -43.32 33.12 43.03
N ARG D 115 -44.47 32.47 43.22
CA ARG D 115 -44.50 31.02 43.04
C ARG D 115 -44.09 30.64 41.62
N ILE D 116 -44.56 31.40 40.64
CA ILE D 116 -44.33 31.10 39.23
C ILE D 116 -43.76 32.34 38.55
N GLY D 117 -42.63 32.15 37.87
CA GLY D 117 -41.98 33.23 37.14
C GLY D 117 -40.64 32.79 36.62
N ARG D 118 -40.19 33.38 35.51
CA ARG D 118 -38.90 33.03 34.95
C ARG D 118 -37.89 34.11 35.34
N PRO D 119 -36.87 33.80 36.14
CA PRO D 119 -35.87 34.81 36.48
C PRO D 119 -35.27 35.44 35.22
N SER D 120 -35.12 36.76 35.24
CA SER D 120 -34.75 37.48 34.04
C SER D 120 -33.27 37.27 33.71
N GLU D 121 -32.95 37.40 32.42
CA GLU D 121 -31.58 37.16 31.96
C GLU D 121 -30.61 38.18 32.54
N THR D 122 -30.97 39.45 32.55
CA THR D 122 -30.09 40.50 33.06
C THR D 122 -30.22 40.71 34.57
N GLY D 123 -30.84 39.77 35.29
CA GLY D 123 -30.81 39.78 36.72
C GLY D 123 -31.83 40.72 37.36
N ILE D 124 -31.82 40.72 38.69
CA ILE D 124 -32.74 41.56 39.45
C ILE D 124 -32.43 43.02 39.22
N ILE D 125 -33.46 43.82 38.96
CA ILE D 125 -33.36 45.27 38.90
C ILE D 125 -34.33 45.86 39.94
N GLY D 126 -33.84 46.84 40.70
CA GLY D 126 -34.68 47.54 41.66
C GLY D 126 -34.60 49.05 41.51
N ILE D 127 -35.76 49.71 41.48
CA ILE D 127 -35.85 51.15 41.28
C ILE D 127 -36.91 51.72 42.21
N ILE D 128 -36.80 53.01 42.50
CA ILE D 128 -37.73 53.70 43.39
C ILE D 128 -38.18 55.00 42.74
N ASP D 129 -39.48 55.31 42.91
CA ASP D 129 -40.08 56.52 42.35
C ASP D 129 -39.36 57.77 42.87
N PRO D 130 -39.25 58.82 42.05
CA PRO D 130 -38.63 60.06 42.56
C PRO D 130 -39.39 60.66 43.72
N GLU D 131 -40.71 60.50 43.74
CA GLU D 131 -41.57 60.95 44.83
C GLU D 131 -41.71 59.89 45.91
N CYS D 132 -40.92 58.82 45.82
CA CYS D 132 -40.90 57.75 46.83
C CYS D 132 -42.31 57.24 47.11
N ARG D 133 -43.03 57.00 46.02
CA ARG D 133 -44.37 56.42 46.12
C ARG D 133 -44.35 54.90 46.10
N MET D 134 -43.38 54.27 45.43
CA MET D 134 -43.39 52.83 45.29
C MET D 134 -41.98 52.35 45.00
N ILE D 135 -41.79 51.04 45.18
CA ILE D 135 -40.55 50.36 44.80
C ILE D 135 -40.87 49.47 43.60
N GLY D 136 -40.15 49.69 42.50
CA GLY D 136 -40.30 48.85 41.33
C GLY D 136 -39.26 47.75 41.34
N LEU D 137 -39.72 46.52 41.06
CA LEU D 137 -38.84 45.36 41.00
C LEU D 137 -39.06 44.63 39.69
N ARG D 138 -37.97 44.30 39.01
CA ARG D 138 -37.99 43.43 37.83
C ARG D 138 -37.30 42.14 38.26
N LEU D 139 -38.09 41.17 38.69
CA LEU D 139 -37.57 39.88 39.13
C LEU D 139 -37.68 38.81 38.06
N TYR D 140 -38.77 38.81 37.30
CA TYR D 140 -39.05 37.76 36.32
C TYR D 140 -39.39 38.37 34.97
N ASP D 141 -39.08 37.61 33.92
CA ASP D 141 -39.47 38.03 32.58
C ASP D 141 -40.98 38.19 32.51
N GLY D 142 -41.43 39.26 31.86
CA GLY D 142 -42.84 39.47 31.63
C GLY D 142 -43.64 39.95 32.82
N LEU D 143 -42.99 40.25 33.94
CA LEU D 143 -43.70 40.72 35.12
C LEU D 143 -42.95 41.89 35.74
N PHE D 144 -43.71 42.84 36.27
CA PHE D 144 -43.19 44.00 36.98
C PHE D 144 -43.87 44.04 38.34
N LYS D 145 -43.09 43.92 39.41
CA LYS D 145 -43.61 43.87 40.76
C LYS D 145 -43.53 45.25 41.40
N VAL D 146 -44.60 45.66 42.07
CA VAL D 146 -44.69 46.98 42.69
C VAL D 146 -44.90 46.80 44.18
N ILE D 147 -44.00 47.36 44.98
CA ILE D 147 -44.19 47.52 46.42
C ILE D 147 -44.57 48.97 46.68
N PRO D 148 -45.82 49.27 47.05
CA PRO D 148 -46.16 50.67 47.36
C PRO D 148 -45.52 51.12 48.65
N LEU D 149 -45.02 52.35 48.65
CA LEU D 149 -44.34 52.92 49.83
C LEU D 149 -45.38 53.59 50.72
N ASP D 150 -46.26 52.75 51.26
CA ASP D 150 -47.27 53.15 52.24
C ASP D 150 -46.69 53.12 53.64
N ARG D 151 -47.23 53.95 54.51
CA ARG D 151 -46.74 54.00 55.89
C ARG D 151 -46.97 52.67 56.59
N ASP D 152 -48.09 52.01 56.29
CA ASP D 152 -48.50 50.78 56.96
C ASP D 152 -47.99 49.51 56.29
N ASN D 153 -47.38 49.60 55.12
CA ASN D 153 -46.97 48.42 54.37
C ASN D 153 -45.71 47.83 55.00
N LYS D 154 -45.88 47.35 56.23
CA LYS D 154 -44.77 46.82 57.02
C LYS D 154 -44.35 45.42 56.58
N GLU D 155 -45.19 44.73 55.81
CA GLU D 155 -44.84 43.42 55.26
C GLU D 155 -44.32 43.50 53.83
N LEU D 156 -44.20 44.70 53.26
CA LEU D 156 -43.75 44.87 51.88
C LEU D 156 -44.60 44.00 50.94
N LYS D 157 -45.91 44.13 51.08
CA LYS D 157 -46.85 43.48 50.17
C LYS D 157 -46.75 44.11 48.78
N ALA D 158 -46.95 43.28 47.76
CA ALA D 158 -46.74 43.74 46.40
C ALA D 158 -47.72 43.06 45.44
N PHE D 159 -47.87 43.66 44.27
CA PHE D 159 -48.69 43.14 43.20
C PHE D 159 -47.86 43.18 41.92
N ASN D 160 -48.21 42.33 40.96
CA ASN D 160 -47.51 42.28 39.68
C ASN D 160 -48.35 42.93 38.59
N ILE D 161 -47.68 43.64 37.69
CA ILE D 161 -48.29 44.16 36.46
C ILE D 161 -47.75 43.32 35.31
N ARG D 162 -48.65 42.77 34.50
CA ARG D 162 -48.21 42.00 33.35
C ARG D 162 -47.49 42.93 32.38
N LEU D 163 -46.37 42.46 31.83
CA LEU D 163 -45.51 43.24 30.94
C LEU D 163 -45.34 42.50 29.62
N GLU D 164 -45.79 43.13 28.53
CA GLU D 164 -45.70 42.47 27.22
C GLU D 164 -44.25 42.24 26.83
N GLU D 165 -43.37 43.18 27.12
CA GLU D 165 -41.96 43.08 26.71
C GLU D 165 -41.29 42.10 27.67
N LEU D 166 -41.06 40.87 27.19
CA LEU D 166 -40.59 39.80 28.07
C LEU D 166 -39.12 39.97 28.42
N HIS D 167 -38.32 40.42 27.47
CA HIS D 167 -36.88 40.53 27.61
C HIS D 167 -36.52 42.00 27.77
N VAL D 168 -36.43 42.45 29.03
CA VAL D 168 -36.09 43.83 29.33
C VAL D 168 -34.60 43.91 29.65
N ILE D 169 -33.93 44.90 29.07
CA ILE D 169 -32.50 45.11 29.32
C ILE D 169 -32.26 45.94 30.56
N ASP D 170 -32.92 47.11 30.66
CA ASP D 170 -32.76 48.00 31.79
C ASP D 170 -34.00 48.86 31.92
N VAL D 171 -34.32 49.24 33.16
CA VAL D 171 -35.51 50.06 33.44
C VAL D 171 -35.18 51.04 34.57
N LYS D 172 -35.72 52.26 34.45
CA LYS D 172 -35.57 53.30 35.47
C LYS D 172 -36.86 54.10 35.56
N PHE D 173 -37.19 54.55 36.78
CA PHE D 173 -38.26 55.53 36.95
C PHE D 173 -37.79 56.89 36.45
N LEU D 174 -38.69 57.63 35.79
CA LEU D 174 -38.33 58.90 35.16
C LEU D 174 -38.69 60.10 36.03
N TYR D 175 -37.90 61.17 35.87
CA TYR D 175 -38.15 62.43 36.52
C TYR D 175 -39.03 63.33 35.66
N GLY D 176 -39.70 64.27 36.32
CA GLY D 176 -40.44 65.31 35.63
C GLY D 176 -41.76 64.88 35.04
N CYS D 177 -42.34 63.80 35.54
CA CYS D 177 -43.61 63.29 35.04
C CYS D 177 -44.67 63.40 36.12
N GLN D 178 -45.89 63.76 35.73
CA GLN D 178 -46.95 63.90 36.72
C GLN D 178 -47.36 62.57 37.33
N ALA D 179 -47.28 61.50 36.55
CA ALA D 179 -47.62 60.19 37.02
C ALA D 179 -46.35 59.35 37.03
N PRO D 180 -46.27 58.32 37.87
CA PRO D 180 -45.08 57.46 37.87
C PRO D 180 -44.87 56.88 36.49
N THR D 181 -43.65 57.05 35.96
CA THR D 181 -43.33 56.63 34.61
C THR D 181 -42.06 55.80 34.64
N ILE D 182 -42.09 54.66 33.94
CA ILE D 182 -40.92 53.81 33.81
C ILE D 182 -40.45 53.91 32.37
N CYS D 183 -39.14 54.06 32.18
CA CYS D 183 -38.51 54.05 30.87
C CYS D 183 -37.53 52.89 30.82
N PHE D 184 -37.67 52.04 29.81
CA PHE D 184 -36.84 50.84 29.73
C PHE D 184 -36.48 50.52 28.30
N VAL D 185 -35.32 49.89 28.16
CA VAL D 185 -34.86 49.32 26.90
C VAL D 185 -35.17 47.83 26.92
N TYR D 186 -35.79 47.33 25.86
CA TYR D 186 -36.17 45.93 25.76
C TYR D 186 -35.73 45.40 24.41
N GLN D 187 -35.67 44.08 24.31
CA GLN D 187 -35.23 43.40 23.10
C GLN D 187 -36.35 42.49 22.60
N ASP D 188 -36.65 42.58 21.32
CA ASP D 188 -37.58 41.67 20.65
C ASP D 188 -36.90 41.28 19.34
N PRO D 189 -37.50 40.41 18.53
CA PRO D 189 -36.83 39.99 17.29
C PRO D 189 -36.53 41.15 16.34
N GLN D 190 -37.13 42.32 16.54
CA GLN D 190 -36.95 43.45 15.64
C GLN D 190 -35.79 44.36 16.07
N GLY D 191 -35.04 43.96 17.09
CA GLY D 191 -33.95 44.77 17.61
C GLY D 191 -34.19 45.23 19.03
N ARG D 192 -33.49 46.26 19.49
CA ARG D 192 -33.72 46.85 20.80
C ARG D 192 -34.40 48.20 20.64
N HIS D 193 -35.35 48.47 21.53
CA HIS D 193 -36.20 49.64 21.45
C HIS D 193 -36.36 50.17 22.88
N VAL D 194 -36.66 51.46 22.99
CA VAL D 194 -36.93 52.11 24.26
C VAL D 194 -38.40 52.52 24.32
N LYS D 195 -39.07 52.20 25.43
CA LYS D 195 -40.50 52.39 25.60
C LYS D 195 -40.77 52.97 26.97
N THR D 196 -41.91 53.66 27.10
CA THR D 196 -42.34 54.21 28.38
C THR D 196 -43.72 53.68 28.75
N TYR D 197 -43.92 53.46 30.05
CA TYR D 197 -45.21 53.12 30.61
C TYR D 197 -45.44 54.00 31.82
N GLU D 198 -46.72 54.24 32.15
CA GLU D 198 -47.09 54.88 33.41
C GLU D 198 -47.65 53.84 34.35
N VAL D 199 -47.34 53.99 35.64
CA VAL D 199 -47.72 53.03 36.67
C VAL D 199 -48.79 53.67 37.53
N SER D 200 -49.96 53.04 37.61
CA SER D 200 -51.07 53.53 38.43
C SER D 200 -51.19 52.58 39.63
N LEU D 201 -50.84 53.07 40.82
CA LEU D 201 -51.01 52.28 42.02
C LEU D 201 -52.49 52.03 42.33
N ARG D 202 -53.36 52.96 41.95
CA ARG D 202 -54.78 52.81 42.24
C ARG D 202 -55.40 51.70 41.41
N GLU D 203 -55.11 51.68 40.11
CA GLU D 203 -55.66 50.65 39.24
C GLU D 203 -54.84 49.36 39.27
N LYS D 204 -53.59 49.42 39.73
CA LYS D 204 -52.68 48.28 39.72
C LYS D 204 -52.45 47.79 38.29
N GLU D 205 -52.11 48.72 37.39
CA GLU D 205 -51.77 48.35 36.03
C GLU D 205 -51.03 49.50 35.34
N PHE D 206 -50.53 49.20 34.14
CA PHE D 206 -49.87 50.22 33.32
C PHE D 206 -50.90 51.03 32.55
N ASN D 207 -50.58 52.30 32.33
CA ASN D 207 -51.28 53.16 31.40
C ASN D 207 -50.31 53.67 30.33
N LYS D 208 -50.89 54.23 29.27
CA LYS D 208 -50.11 54.71 28.13
C LYS D 208 -49.01 55.64 28.59
N GLY D 209 -47.82 55.47 28.03
CA GLY D 209 -46.67 56.21 28.50
C GLY D 209 -46.55 57.58 27.86
N PRO D 210 -45.75 58.46 28.47
CA PRO D 210 -45.68 59.84 27.96
C PRO D 210 -45.06 59.98 26.59
N TRP D 211 -44.10 59.12 26.20
CA TRP D 211 -43.52 59.28 24.88
C TRP D 211 -43.33 57.94 24.17
N LYS D 212 -43.21 58.02 22.85
CA LYS D 212 -43.30 56.88 21.95
C LYS D 212 -42.07 55.98 21.98
N GLN D 213 -42.26 54.77 21.48
CA GLN D 213 -41.14 53.85 21.32
C GLN D 213 -40.18 54.40 20.28
N GLU D 214 -38.89 54.21 20.52
CA GLU D 214 -37.88 54.52 19.52
C GLU D 214 -36.95 53.33 19.37
N ASN D 215 -36.61 53.01 18.13
CA ASN D 215 -35.59 51.99 17.89
C ASN D 215 -34.24 52.57 18.31
N VAL D 216 -33.50 51.81 19.13
CA VAL D 216 -32.24 52.28 19.67
C VAL D 216 -31.13 51.33 19.29
N GLU D 217 -29.90 51.65 19.70
CA GLU D 217 -28.75 50.86 19.29
C GLU D 217 -28.93 49.40 19.68
N ALA D 218 -28.42 48.51 18.82
CA ALA D 218 -28.54 47.08 19.07
C ALA D 218 -27.89 46.68 20.39
N GLU D 219 -26.89 47.44 20.85
CA GLU D 219 -26.18 47.15 22.08
C GLU D 219 -26.53 48.14 23.19
N ALA D 220 -27.73 48.71 23.14
CA ALA D 220 -28.20 49.57 24.22
C ALA D 220 -28.13 48.83 25.56
N SER D 221 -27.31 49.34 26.47
CA SER D 221 -27.01 48.63 27.71
C SER D 221 -27.68 49.23 28.93
N MET D 222 -27.72 50.57 29.05
CA MET D 222 -28.13 51.21 30.29
C MET D 222 -29.08 52.37 30.02
N VAL D 223 -29.96 52.61 30.99
CA VAL D 223 -30.92 53.71 30.96
C VAL D 223 -30.60 54.66 32.09
N ILE D 224 -30.47 55.94 31.77
CA ILE D 224 -30.24 57.00 32.76
C ILE D 224 -31.48 57.88 32.80
N ALA D 225 -32.07 58.02 33.99
CA ALA D 225 -33.20 58.93 34.20
C ALA D 225 -32.65 60.31 34.58
N VAL D 226 -32.85 61.29 33.70
CA VAL D 226 -32.27 62.62 33.88
C VAL D 226 -33.22 63.54 34.64
N PRO D 227 -32.76 64.19 35.71
CA PRO D 227 -33.64 65.05 36.50
C PRO D 227 -33.95 66.38 35.82
N GLU D 228 -35.00 67.03 36.31
CA GLU D 228 -35.34 68.37 35.86
C GLU D 228 -34.13 69.27 36.07
N PRO D 229 -33.89 70.25 35.18
CA PRO D 229 -34.71 70.82 34.10
C PRO D 229 -34.96 69.90 32.90
N PHE D 230 -34.02 68.98 32.64
CA PHE D 230 -34.07 68.23 31.39
C PHE D 230 -35.26 67.25 31.33
N GLY D 231 -35.33 66.34 32.28
CA GLY D 231 -36.28 65.25 32.17
C GLY D 231 -35.82 64.29 31.08
N GLY D 232 -36.60 63.22 30.92
CA GLY D 232 -36.30 62.25 29.87
C GLY D 232 -35.23 61.25 30.30
N ALA D 233 -34.56 60.68 29.31
CA ALA D 233 -33.60 59.62 29.59
C ALA D 233 -32.45 59.64 28.59
N ILE D 234 -31.31 59.09 29.03
CA ILE D 234 -30.14 58.88 28.19
C ILE D 234 -29.92 57.38 28.09
N ILE D 235 -29.61 56.91 26.88
CA ILE D 235 -29.42 55.49 26.63
C ILE D 235 -27.96 55.29 26.24
N ILE D 236 -27.24 54.47 27.01
CA ILE D 236 -25.82 54.20 26.76
C ILE D 236 -25.73 52.91 25.94
N GLY D 237 -24.98 52.96 24.85
CA GLY D 237 -24.78 51.79 24.04
C GLY D 237 -23.32 51.40 23.91
N GLN D 238 -23.01 50.66 22.84
CA GLN D 238 -21.64 50.28 22.52
C GLN D 238 -20.94 51.36 21.69
N GLU D 239 -21.68 51.93 20.73
CA GLU D 239 -21.14 52.93 19.83
C GLU D 239 -21.71 54.33 20.04
N SER D 240 -22.91 54.44 20.61
CA SER D 240 -23.60 55.73 20.65
C SER D 240 -24.30 55.95 21.98
N ILE D 241 -24.48 57.23 22.31
CA ILE D 241 -25.24 57.68 23.47
C ILE D 241 -26.39 58.54 22.95
N THR D 242 -27.61 58.24 23.39
CA THR D 242 -28.78 58.92 22.88
C THR D 242 -29.61 59.48 24.03
N TYR D 243 -30.27 60.62 23.75
CA TYR D 243 -31.19 61.25 24.69
C TYR D 243 -32.60 61.18 24.11
N HIS D 244 -33.56 60.76 24.94
CA HIS D 244 -34.95 60.64 24.54
C HIS D 244 -35.84 61.38 25.52
N ASN D 245 -36.69 62.27 24.99
CA ASN D 245 -37.70 62.94 25.80
C ASN D 245 -38.79 63.44 24.86
N GLY D 246 -39.86 62.68 24.74
CA GLY D 246 -40.97 63.15 23.93
C GLY D 246 -40.53 63.49 22.52
N ASP D 247 -40.68 64.76 22.16
CA ASP D 247 -40.33 65.20 20.82
C ASP D 247 -38.83 65.35 20.63
N LYS D 248 -38.06 65.55 21.69
CA LYS D 248 -36.64 65.79 21.57
C LYS D 248 -35.87 64.48 21.38
N TYR D 249 -34.92 64.50 20.44
CA TYR D 249 -34.05 63.35 20.21
C TYR D 249 -32.65 63.85 19.87
N LEU D 250 -31.66 63.36 20.61
CA LEU D 250 -30.26 63.66 20.33
C LEU D 250 -29.48 62.36 20.24
N ALA D 251 -28.39 62.37 19.48
CA ALA D 251 -27.52 61.21 19.38
C ALA D 251 -26.09 61.67 19.12
N ILE D 252 -25.16 61.26 19.98
CA ILE D 252 -23.74 61.48 19.79
C ILE D 252 -23.07 60.12 19.73
N ALA D 253 -22.16 59.94 18.77
CA ALA D 253 -21.48 58.67 18.54
C ALA D 253 -19.98 58.92 18.38
N PRO D 254 -19.31 59.32 19.46
CA PRO D 254 -17.87 59.62 19.36
C PRO D 254 -17.07 58.35 19.18
N PRO D 255 -16.05 58.38 18.32
CA PRO D 255 -15.29 57.15 18.06
C PRO D 255 -14.60 56.59 19.29
N ILE D 256 -14.48 57.37 20.37
CA ILE D 256 -13.65 56.99 21.49
C ILE D 256 -14.30 55.86 22.29
N ILE D 257 -15.62 55.90 22.48
CA ILE D 257 -16.26 54.91 23.34
C ILE D 257 -16.41 53.55 22.68
N LYS D 258 -16.39 53.49 21.36
CA LYS D 258 -16.48 52.21 20.66
C LYS D 258 -15.30 51.31 21.00
N GLN D 259 -14.17 51.88 21.43
CA GLN D 259 -13.00 51.05 21.72
C GLN D 259 -13.25 50.07 22.85
N SER D 260 -14.00 50.49 23.88
CA SER D 260 -14.26 49.62 25.03
C SER D 260 -15.66 49.85 25.56
N THR D 261 -16.32 48.77 25.94
CA THR D 261 -17.70 48.84 26.40
C THR D 261 -17.83 49.67 27.67
N ILE D 262 -18.82 50.56 27.69
CA ILE D 262 -19.13 51.36 28.88
C ILE D 262 -20.09 50.56 29.76
N VAL D 263 -19.73 50.40 31.02
CA VAL D 263 -20.47 49.51 31.91
C VAL D 263 -21.13 50.20 33.09
N CYS D 264 -20.68 51.38 33.51
CA CYS D 264 -21.26 52.04 34.68
C CYS D 264 -21.38 53.54 34.46
N HIS D 265 -22.31 54.15 35.19
CA HIS D 265 -22.58 55.58 35.11
C HIS D 265 -23.00 56.13 36.47
N ASN D 266 -22.73 57.42 36.68
CA ASN D 266 -23.21 58.11 37.88
C ASN D 266 -23.51 59.58 37.59
N ARG D 267 -24.47 60.14 38.34
CA ARG D 267 -24.83 61.53 38.22
C ARG D 267 -23.91 62.36 39.10
N VAL D 268 -23.34 63.43 38.55
CA VAL D 268 -22.42 64.29 39.26
C VAL D 268 -23.17 65.51 39.78
N ASP D 269 -23.69 66.31 38.85
CA ASP D 269 -24.39 67.54 39.18
C ASP D 269 -25.86 67.24 39.39
N PRO D 270 -26.43 67.54 40.56
CA PRO D 270 -27.84 67.19 40.80
C PRO D 270 -28.79 67.55 39.68
N ASN D 271 -28.56 68.65 38.96
CA ASN D 271 -29.48 69.00 37.88
C ASN D 271 -29.32 68.12 36.64
N GLY D 272 -28.26 67.32 36.55
CA GLY D 272 -28.04 66.47 35.40
C GLY D 272 -27.10 67.01 34.35
N SER D 273 -26.40 68.10 34.64
CA SER D 273 -25.53 68.71 33.63
C SER D 273 -24.35 67.81 33.30
N ARG D 274 -23.82 67.08 34.29
CA ARG D 274 -22.63 66.26 34.09
C ARG D 274 -22.83 64.87 34.68
N TYR D 275 -22.36 63.85 33.95
CA TYR D 275 -22.37 62.47 34.40
C TYR D 275 -20.98 61.86 34.23
N LEU D 276 -20.66 60.85 35.04
CA LEU D 276 -19.45 60.06 34.89
C LEU D 276 -19.78 58.75 34.19
N LEU D 277 -18.85 58.28 33.35
CA LEU D 277 -18.97 56.99 32.66
C LEU D 277 -17.68 56.20 32.80
N GLY D 278 -17.80 54.89 33.02
CA GLY D 278 -16.65 54.02 33.05
C GLY D 278 -16.82 52.85 32.11
N ASP D 279 -15.69 52.35 31.60
CA ASP D 279 -15.69 51.26 30.62
C ASP D 279 -14.74 50.16 31.06
N MET D 280 -14.77 49.06 30.30
CA MET D 280 -14.07 47.85 30.72
C MET D 280 -12.55 47.98 30.71
N GLU D 281 -11.99 48.93 29.98
CA GLU D 281 -10.55 49.15 30.00
C GLU D 281 -10.14 50.08 31.14
N GLY D 282 -11.09 50.45 32.01
CA GLY D 282 -10.80 51.30 33.13
C GLY D 282 -10.84 52.78 32.85
N ARG D 283 -11.24 53.18 31.64
CA ARG D 283 -11.25 54.59 31.29
C ARG D 283 -12.43 55.30 31.96
N LEU D 284 -12.20 56.56 32.30
CA LEU D 284 -13.20 57.38 32.98
C LEU D 284 -13.55 58.56 32.08
N PHE D 285 -14.84 58.71 31.76
CA PHE D 285 -15.32 59.77 30.92
C PHE D 285 -16.25 60.70 31.70
N MET D 286 -16.39 61.93 31.19
CA MET D 286 -17.39 62.89 31.65
C MET D 286 -18.40 63.09 30.52
N LEU D 287 -19.67 62.87 30.81
CA LEU D 287 -20.75 63.10 29.86
C LEU D 287 -21.40 64.44 30.20
N LEU D 288 -21.40 65.35 29.22
CA LEU D 288 -21.83 66.73 29.42
C LEU D 288 -23.13 66.98 28.69
N LEU D 289 -24.11 67.54 29.39
CA LEU D 289 -25.39 67.93 28.80
C LEU D 289 -25.38 69.45 28.65
N GLU D 290 -25.26 69.92 27.41
CA GLU D 290 -25.18 71.36 27.13
C GLU D 290 -26.58 71.93 27.07
N LYS D 291 -26.88 72.88 27.96
CA LYS D 291 -28.21 73.43 28.11
C LYS D 291 -28.44 74.61 27.19
N GLU D 292 -29.69 74.78 26.78
CA GLU D 292 -30.14 75.95 26.03
C GLU D 292 -31.39 76.51 26.69
N GLU D 293 -31.34 77.77 27.10
CA GLU D 293 -32.49 78.42 27.69
C GLU D 293 -33.32 79.01 26.55
N GLN D 294 -34.61 78.72 26.56
CA GLN D 294 -35.53 79.27 25.58
C GLN D 294 -36.03 80.64 26.02
N MET D 295 -36.54 81.41 25.06
CA MET D 295 -37.10 82.71 25.40
C MET D 295 -38.25 82.55 26.39
N ASP D 296 -38.83 81.35 26.47
CA ASP D 296 -39.87 81.08 27.45
C ASP D 296 -39.37 81.16 28.90
N GLY D 297 -38.05 81.07 29.11
CA GLY D 297 -37.52 80.85 30.43
C GLY D 297 -37.35 79.39 30.77
N THR D 298 -37.79 78.49 29.89
CA THR D 298 -37.66 77.05 30.05
C THR D 298 -36.33 76.60 29.45
N VAL D 299 -35.86 75.44 29.90
CA VAL D 299 -34.55 74.94 29.49
C VAL D 299 -34.69 73.63 28.73
N THR D 300 -34.04 73.55 27.58
CA THR D 300 -33.98 72.36 26.75
C THR D 300 -32.52 71.92 26.57
N LEU D 301 -32.34 70.66 26.19
CA LEU D 301 -31.01 70.09 25.94
C LEU D 301 -30.57 70.37 24.51
N LYS D 302 -29.45 71.09 24.36
CA LYS D 302 -28.95 71.45 23.04
C LYS D 302 -28.06 70.36 22.44
N ASP D 303 -27.12 69.82 23.22
CA ASP D 303 -26.15 68.88 22.67
C ASP D 303 -25.56 68.02 23.78
N LEU D 304 -24.85 66.96 23.37
CA LEU D 304 -24.13 66.07 24.25
C LEU D 304 -22.64 66.11 23.91
N ARG D 305 -21.80 65.96 24.94
CA ARG D 305 -20.36 65.94 24.76
C ARG D 305 -19.76 64.90 25.70
N VAL D 306 -18.69 64.26 25.25
CA VAL D 306 -17.95 63.29 26.05
C VAL D 306 -16.48 63.71 26.11
N GLU D 307 -15.92 63.72 27.32
CA GLU D 307 -14.53 64.10 27.55
C GLU D 307 -13.84 63.00 28.34
N LEU D 308 -12.66 62.59 27.88
CA LEU D 308 -11.87 61.59 28.58
C LEU D 308 -11.17 62.26 29.77
N LEU D 309 -11.39 61.72 30.97
CA LEU D 309 -10.76 62.26 32.17
C LEU D 309 -9.46 61.55 32.50
N GLY D 310 -9.44 60.22 32.40
CA GLY D 310 -8.25 59.48 32.77
C GLY D 310 -8.54 58.00 32.92
N GLU D 311 -7.80 57.38 33.83
CA GLU D 311 -7.88 55.94 34.05
C GLU D 311 -8.12 55.66 35.52
N THR D 312 -9.00 54.72 35.79
CA THR D 312 -9.26 54.22 37.13
C THR D 312 -9.16 52.70 37.12
N SER D 313 -9.41 52.08 38.26
CA SER D 313 -9.60 50.64 38.29
C SER D 313 -10.89 50.29 37.56
N ILE D 314 -10.90 49.12 36.95
CA ILE D 314 -12.10 48.66 36.24
C ILE D 314 -13.28 48.74 37.21
N ALA D 315 -14.24 49.61 36.90
CA ALA D 315 -15.27 49.98 37.86
C ALA D 315 -16.51 49.13 37.63
N GLU D 316 -17.04 48.58 38.71
CA GLU D 316 -18.38 48.00 38.68
C GLU D 316 -19.41 49.13 38.80
N CYS D 317 -19.16 50.04 39.74
CA CYS D 317 -20.00 51.20 39.99
C CYS D 317 -19.14 52.39 40.34
N LEU D 318 -19.61 53.57 39.95
CA LEU D 318 -18.94 54.84 40.23
C LEU D 318 -19.89 55.70 41.05
N THR D 319 -19.35 56.42 42.03
CA THR D 319 -20.17 57.38 42.77
C THR D 319 -19.36 58.64 43.07
N TYR D 320 -19.91 59.79 42.67
CA TYR D 320 -19.25 61.06 42.93
C TYR D 320 -19.60 61.44 44.36
N LEU D 321 -18.60 61.78 45.16
CA LEU D 321 -18.87 62.19 46.53
C LEU D 321 -18.99 63.71 46.61
N ASP D 322 -17.88 64.43 46.58
CA ASP D 322 -17.94 65.89 46.62
C ASP D 322 -16.53 66.44 46.44
N ASN D 323 -16.48 67.72 46.05
CA ASN D 323 -15.22 68.45 45.92
C ASN D 323 -14.24 67.70 45.02
N GLY D 324 -14.78 67.06 43.98
CA GLY D 324 -13.97 66.39 42.99
C GLY D 324 -13.54 64.98 43.34
N VAL D 325 -14.02 64.44 44.46
CA VAL D 325 -13.62 63.12 44.93
C VAL D 325 -14.65 62.09 44.48
N VAL D 326 -14.17 61.04 43.83
CA VAL D 326 -15.01 59.95 43.31
C VAL D 326 -14.54 58.63 43.91
N PHE D 327 -15.50 57.78 44.29
CA PHE D 327 -15.20 56.43 44.77
C PHE D 327 -15.36 55.45 43.61
N VAL D 328 -14.30 54.70 43.33
CA VAL D 328 -14.29 53.74 42.24
C VAL D 328 -14.48 52.35 42.84
N GLY D 329 -15.72 51.83 42.78
CA GLY D 329 -16.01 50.51 43.27
C GLY D 329 -15.72 49.43 42.24
N SER D 330 -14.72 48.60 42.51
CA SER D 330 -14.24 47.62 41.55
C SER D 330 -14.46 46.20 42.07
N ARG D 331 -14.81 45.30 41.14
CA ARG D 331 -14.98 43.89 41.45
C ARG D 331 -13.87 43.04 40.85
N LEU D 332 -13.08 43.61 39.94
CA LEU D 332 -11.95 42.92 39.32
C LEU D 332 -10.59 43.43 39.80
N GLY D 333 -10.54 44.59 40.44
CA GLY D 333 -9.30 45.14 40.95
C GLY D 333 -9.51 45.95 42.21
N ASP D 334 -8.45 46.64 42.65
CA ASP D 334 -8.56 47.47 43.85
C ASP D 334 -9.57 48.58 43.65
N SER D 335 -10.38 48.84 44.67
CA SER D 335 -11.26 50.00 44.67
C SER D 335 -10.44 51.25 44.99
N GLN D 336 -11.04 52.41 44.77
CA GLN D 336 -10.27 53.64 44.87
C GLN D 336 -11.08 54.82 45.36
N LEU D 337 -10.38 55.79 45.94
CA LEU D 337 -10.78 57.18 45.97
C LEU D 337 -9.89 57.93 44.99
N VAL D 338 -10.48 58.73 44.11
CA VAL D 338 -9.69 59.50 43.15
C VAL D 338 -10.15 60.94 43.16
N LYS D 339 -9.23 61.84 42.79
CA LYS D 339 -9.48 63.27 42.71
C LYS D 339 -9.57 63.69 41.25
N LEU D 340 -10.64 64.39 40.91
CA LEU D 340 -10.83 64.98 39.58
C LEU D 340 -10.38 66.43 39.61
N ASN D 341 -9.41 66.78 38.76
CA ASN D 341 -8.87 68.12 38.71
C ASN D 341 -9.40 68.89 37.51
N VAL D 342 -9.44 70.22 37.64
CA VAL D 342 -9.89 71.07 36.54
C VAL D 342 -8.82 71.16 35.45
N ASP D 343 -7.55 71.26 35.85
CA ASP D 343 -6.43 71.27 34.93
C ASP D 343 -5.83 69.87 34.84
N SER D 344 -5.47 69.45 33.62
CA SER D 344 -4.83 68.17 33.43
C SER D 344 -3.37 68.23 33.90
N ASN D 345 -2.82 67.06 34.20
CA ASN D 345 -1.43 66.97 34.61
C ASN D 345 -0.55 66.86 33.36
N GLU D 346 0.75 66.62 33.55
CA GLU D 346 1.68 66.63 32.43
C GLU D 346 1.42 65.49 31.45
N GLN D 347 0.66 64.47 31.86
CA GLN D 347 0.36 63.33 31.01
C GLN D 347 -0.95 63.49 30.25
N GLY D 348 -1.68 64.58 30.49
CA GLY D 348 -2.98 64.77 29.89
C GLY D 348 -4.12 64.26 30.73
N SER D 349 -3.86 63.78 31.93
CA SER D 349 -4.86 63.17 32.78
C SER D 349 -5.41 64.19 33.77
N TYR D 350 -6.72 64.09 34.02
CA TYR D 350 -7.40 64.89 35.02
C TYR D 350 -7.67 64.11 36.31
N VAL D 351 -7.17 62.87 36.39
CA VAL D 351 -7.50 61.95 37.48
C VAL D 351 -6.23 61.63 38.26
N VAL D 352 -6.30 61.77 39.58
CA VAL D 352 -5.20 61.43 40.48
C VAL D 352 -5.74 60.57 41.61
N ALA D 353 -5.13 59.41 41.81
CA ALA D 353 -5.57 58.50 42.86
C ALA D 353 -5.25 59.08 44.24
N MET D 354 -6.22 59.00 45.14
CA MET D 354 -6.03 59.39 46.54
C MET D 354 -5.70 58.17 47.41
N GLU D 355 -6.62 57.20 47.45
CA GLU D 355 -6.46 56.02 48.27
C GLU D 355 -6.75 54.77 47.43
N THR D 356 -6.21 53.65 47.89
CA THR D 356 -6.44 52.35 47.25
C THR D 356 -6.92 51.36 48.29
N PHE D 357 -8.08 50.75 48.02
CA PHE D 357 -8.72 49.79 48.91
C PHE D 357 -8.44 48.38 48.41
N THR D 358 -7.83 47.56 49.26
CA THR D 358 -7.46 46.22 48.83
C THR D 358 -8.69 45.43 48.42
N ASN D 359 -8.64 44.87 47.21
CA ASN D 359 -9.65 43.95 46.72
C ASN D 359 -8.95 42.70 46.22
N LEU D 360 -9.14 41.58 46.90
CA LEU D 360 -8.57 40.33 46.41
C LEU D 360 -9.20 39.89 45.10
N GLY D 361 -10.30 40.50 44.69
CA GLY D 361 -10.86 40.29 43.38
C GLY D 361 -11.15 38.84 43.13
N PRO D 362 -11.38 38.49 41.86
CA PRO D 362 -11.55 37.07 41.52
C PRO D 362 -10.29 36.29 41.87
N ILE D 363 -10.45 35.27 42.70
CA ILE D 363 -9.35 34.38 43.05
C ILE D 363 -9.47 33.18 42.12
N VAL D 364 -8.74 33.23 41.01
CA VAL D 364 -8.84 32.15 40.02
C VAL D 364 -8.20 30.88 40.57
N ASP D 365 -7.04 31.01 41.22
CA ASP D 365 -6.31 29.88 41.80
C ASP D 365 -5.50 30.40 42.97
N MET D 366 -4.97 29.47 43.77
CA MET D 366 -4.13 29.86 44.90
C MET D 366 -3.33 28.66 45.40
N CYS D 367 -2.26 28.98 46.13
CA CYS D 367 -1.40 27.97 46.75
C CYS D 367 -0.98 28.43 48.13
N VAL D 368 -0.76 27.46 49.02
CA VAL D 368 -0.27 27.73 50.38
C VAL D 368 1.16 27.21 50.48
N VAL D 369 2.07 28.09 50.91
CA VAL D 369 3.49 27.75 51.00
C VAL D 369 4.08 28.48 52.19
N ASP D 370 4.95 27.79 52.94
CA ASP D 370 5.63 28.40 54.07
C ASP D 370 6.93 29.00 53.53
N LEU D 371 6.83 30.25 53.06
CA LEU D 371 8.00 30.90 52.48
C LEU D 371 9.07 31.13 53.52
N GLU D 372 8.66 31.27 54.78
CA GLU D 372 9.59 31.52 55.88
C GLU D 372 10.07 30.21 56.48
N ARG D 373 9.56 29.09 55.97
CA ARG D 373 9.85 27.73 56.39
C ARG D 373 9.47 27.44 57.85
N GLN D 374 8.68 28.32 58.48
CA GLN D 374 8.16 28.07 59.81
C GLN D 374 6.80 27.40 59.67
N GLY D 375 6.19 27.01 60.79
CA GLY D 375 4.88 26.39 60.71
C GLY D 375 3.86 27.26 60.02
N GLN D 376 3.97 28.58 60.21
CA GLN D 376 3.03 29.51 59.60
C GLN D 376 3.16 29.51 58.08
N GLY D 377 2.00 29.48 57.42
CA GLY D 377 1.91 29.38 55.97
C GLY D 377 1.36 30.64 55.34
N GLN D 378 1.73 30.87 54.08
CA GLN D 378 1.27 32.03 53.34
C GLN D 378 0.53 31.60 52.08
N LEU D 379 -0.47 32.41 51.71
CA LEU D 379 -1.36 32.13 50.59
C LEU D 379 -1.05 33.11 49.46
N VAL D 380 -0.59 32.58 48.32
CA VAL D 380 -0.34 33.40 47.14
C VAL D 380 -1.48 33.14 46.15
N THR D 381 -2.26 34.18 45.85
CA THR D 381 -3.44 34.03 45.02
C THR D 381 -3.19 34.55 43.61
N CYS D 382 -3.83 33.92 42.62
CA CYS D 382 -4.01 34.52 41.32
C CYS D 382 -5.29 35.35 41.39
N SER D 383 -5.14 36.67 41.41
CA SER D 383 -6.25 37.56 41.70
C SER D 383 -6.42 38.59 40.59
N GLY D 384 -7.69 38.98 40.36
CA GLY D 384 -7.99 40.03 39.42
C GLY D 384 -8.09 39.56 37.98
N ALA D 385 -8.38 40.52 37.10
CA ALA D 385 -8.48 40.27 35.68
C ALA D 385 -7.98 41.49 34.91
N PHE D 386 -7.49 41.22 33.70
CA PHE D 386 -7.05 42.24 32.75
C PHE D 386 -5.96 43.09 33.41
N LYS D 387 -6.02 44.42 33.30
CA LYS D 387 -4.94 45.27 33.82
C LYS D 387 -4.87 45.21 35.34
N GLU D 388 -5.90 44.70 36.00
CA GLU D 388 -5.93 44.57 37.44
C GLU D 388 -5.31 43.26 37.91
N GLY D 389 -4.84 42.44 36.99
CA GLY D 389 -4.29 41.15 37.38
C GLY D 389 -3.12 41.32 38.33
N SER D 390 -3.06 40.44 39.32
CA SER D 390 -2.04 40.52 40.35
C SER D 390 -1.88 39.17 41.01
N LEU D 391 -0.75 39.01 41.70
CA LEU D 391 -0.57 37.96 42.68
C LEU D 391 -0.65 38.62 44.04
N ARG D 392 -1.32 37.97 44.99
CA ARG D 392 -1.51 38.53 46.32
C ARG D 392 -0.96 37.53 47.33
N ILE D 393 0.03 37.96 48.10
CA ILE D 393 0.64 37.16 49.16
C ILE D 393 -0.03 37.58 50.46
N ILE D 394 -0.70 36.64 51.10
CA ILE D 394 -1.53 36.90 52.27
C ILE D 394 -0.96 36.07 53.39
N ARG D 395 -0.69 36.72 54.52
CA ARG D 395 -0.08 36.03 55.65
C ARG D 395 -0.90 36.42 56.87
N ASN D 396 -1.06 35.48 57.80
CA ASN D 396 -1.70 35.83 59.06
C ASN D 396 -0.64 36.56 59.88
N GLY D 397 -0.98 37.76 60.34
CA GLY D 397 -0.03 38.58 61.06
C GLY D 397 0.07 38.23 62.53
N ILE D 398 1.02 38.91 63.19
CA ILE D 398 1.21 38.74 64.62
C ILE D 398 1.42 40.14 65.24
N GLN D 408 -5.81 42.58 65.04
CA GLN D 408 -5.67 41.36 64.28
C GLN D 408 -6.12 41.60 62.84
N LYS D 409 -5.22 41.33 61.90
CA LYS D 409 -5.48 41.56 60.48
C LYS D 409 -4.60 40.61 59.67
N LEU D 410 -4.94 40.46 58.39
CA LEU D 410 -4.10 39.77 57.43
C LEU D 410 -3.21 40.79 56.74
N HIS D 411 -1.94 40.46 56.58
CA HIS D 411 -1.01 41.33 55.87
C HIS D 411 -0.93 40.84 54.43
N ILE D 412 -1.18 41.75 53.49
CA ILE D 412 -1.40 41.39 52.10
C ILE D 412 -0.40 42.17 51.26
N ARG D 413 0.50 41.43 50.60
CA ARG D 413 1.43 41.99 49.64
C ARG D 413 0.85 41.81 48.24
N THR D 414 0.94 42.85 47.43
CA THR D 414 0.35 42.86 46.10
C THR D 414 1.45 42.90 45.05
N VAL D 415 1.32 42.03 44.06
CA VAL D 415 2.30 41.91 42.98
C VAL D 415 1.56 42.13 41.67
N PRO D 416 1.64 43.33 41.10
CA PRO D 416 0.90 43.59 39.86
C PRO D 416 1.54 42.86 38.68
N LEU D 417 0.67 42.27 37.85
CA LEU D 417 1.07 41.64 36.61
C LEU D 417 0.57 42.39 35.39
N TYR D 418 -0.53 43.14 35.52
CA TYR D 418 -1.13 43.92 34.44
C TYR D 418 -1.65 43.04 33.30
N GLU D 419 -1.87 41.76 33.59
CA GLU D 419 -2.50 40.82 32.67
C GLU D 419 -3.24 39.82 33.55
N SER D 420 -4.12 39.05 32.93
CA SER D 420 -5.01 38.18 33.71
C SER D 420 -4.24 36.96 34.21
N PRO D 421 -4.16 36.72 35.52
CA PRO D 421 -3.52 35.50 36.04
C PRO D 421 -4.55 34.39 36.15
N ARG D 422 -4.17 33.19 35.70
CA ARG D 422 -5.15 32.11 35.67
C ARG D 422 -4.88 30.96 36.64
N LYS D 423 -3.66 30.42 36.68
CA LYS D 423 -3.32 29.34 37.59
C LYS D 423 -1.91 29.55 38.11
N ILE D 424 -1.66 29.05 39.32
CA ILE D 424 -0.37 29.22 39.99
C ILE D 424 0.07 27.88 40.55
N CYS D 425 1.38 27.67 40.54
CA CYS D 425 1.98 26.44 41.04
C CYS D 425 3.35 26.79 41.60
N TYR D 426 3.67 26.21 42.77
CA TYR D 426 4.92 26.50 43.45
C TYR D 426 5.92 25.38 43.19
N GLN D 427 7.15 25.75 42.89
CA GLN D 427 8.25 24.82 42.62
C GLN D 427 9.37 25.14 43.60
N GLU D 428 9.47 24.37 44.68
CA GLU D 428 10.47 24.67 45.70
C GLU D 428 11.89 24.56 45.15
N VAL D 429 12.15 23.52 44.35
CA VAL D 429 13.52 23.27 43.90
C VAL D 429 14.12 24.50 43.27
N SER D 430 13.32 25.27 42.53
CA SER D 430 13.79 26.46 41.84
C SER D 430 13.48 27.74 42.60
N GLN D 431 12.94 27.63 43.81
CA GLN D 431 12.54 28.81 44.59
C GLN D 431 11.75 29.77 43.72
N CYS D 432 10.80 29.24 42.96
CA CYS D 432 10.02 30.06 42.04
C CYS D 432 8.60 29.55 41.98
N PHE D 433 7.72 30.45 41.52
CA PHE D 433 6.32 30.13 41.26
C PHE D 433 6.09 30.06 39.76
N GLY D 434 5.28 29.11 39.33
CA GLY D 434 4.79 29.07 37.96
C GLY D 434 3.39 29.63 37.91
N VAL D 435 3.18 30.61 37.02
CA VAL D 435 1.90 31.28 36.88
C VAL D 435 1.51 31.24 35.41
N LEU D 436 0.30 30.76 35.13
CA LEU D 436 -0.27 30.83 33.80
C LEU D 436 -1.08 32.11 33.69
N SER D 437 -0.90 32.83 32.58
CA SER D 437 -1.52 34.14 32.43
C SER D 437 -1.89 34.36 30.97
N SER D 438 -2.83 35.27 30.75
CA SER D 438 -3.23 35.64 29.40
C SER D 438 -3.43 37.15 29.33
N ARG D 439 -3.09 37.71 28.18
CA ARG D 439 -3.25 39.14 27.90
C ARG D 439 -4.02 39.32 26.62
N ILE D 440 -4.73 40.44 26.52
CA ILE D 440 -5.56 40.73 25.36
C ILE D 440 -4.73 41.52 24.35
N GLU D 441 -4.64 41.00 23.12
CA GLU D 441 -4.11 41.76 22.00
C GLU D 441 -5.23 41.91 20.99
N VAL D 442 -5.09 42.91 20.11
CA VAL D 442 -6.15 43.27 19.18
C VAL D 442 -5.62 43.22 17.76
N GLN D 443 -6.47 42.73 16.85
CA GLN D 443 -6.10 42.63 15.45
C GLN D 443 -5.81 44.01 14.87
N ASP D 444 -4.63 44.16 14.27
CA ASP D 444 -4.17 45.43 13.75
C ASP D 444 -3.92 45.34 12.24
N THR D 445 -3.56 46.49 11.66
CA THR D 445 -3.39 46.63 10.23
C THR D 445 -2.20 45.87 9.67
N SER D 446 -1.31 45.37 10.53
CA SER D 446 -0.18 44.57 10.08
C SER D 446 -0.58 43.14 9.74
N GLY D 447 -1.80 42.74 10.06
CA GLY D 447 -2.20 41.35 10.01
C GLY D 447 -2.01 40.60 11.32
N GLY D 448 -1.11 41.07 12.17
CA GLY D 448 -0.92 40.50 13.49
C GLY D 448 -1.80 41.18 14.52
N THR D 449 -1.35 41.14 15.78
CA THR D 449 -2.06 41.75 16.89
C THR D 449 -1.10 42.59 17.70
N THR D 450 -1.67 43.50 18.48
CA THR D 450 -0.93 44.47 19.28
C THR D 450 -1.48 44.45 20.70
N ALA D 451 -0.59 44.49 21.68
CA ALA D 451 -1.00 44.51 23.06
C ALA D 451 -1.47 45.90 23.44
N LEU D 452 -2.56 45.97 24.21
CA LEU D 452 -3.13 47.26 24.57
C LEU D 452 -2.27 48.00 25.59
N ARG D 453 -1.38 47.31 26.28
CA ARG D 453 -0.50 47.90 27.29
C ARG D 453 0.60 46.89 27.61
N PRO D 454 1.73 47.37 28.11
CA PRO D 454 2.77 46.43 28.57
C PRO D 454 2.34 45.73 29.85
N SER D 455 2.78 44.48 30.00
CA SER D 455 2.39 43.68 31.14
C SER D 455 3.46 42.63 31.41
N ALA D 456 3.21 41.80 32.42
CA ALA D 456 4.23 40.89 32.92
C ALA D 456 4.86 40.04 31.83
N SER D 457 4.04 39.50 30.92
CA SER D 457 4.57 38.60 29.91
C SER D 457 5.36 39.33 28.82
N THR D 458 5.10 40.62 28.64
CA THR D 458 5.80 41.40 27.62
C THR D 458 7.01 42.12 28.15
N GLN D 459 7.10 42.30 29.46
CA GLN D 459 8.20 43.03 30.09
C GLN D 459 9.14 42.06 30.81
N ALA D 460 9.03 40.77 30.52
CA ALA D 460 9.86 39.77 31.18
C ALA D 460 11.31 39.90 30.76
N LEU D 461 12.19 39.50 31.69
CA LEU D 461 13.63 39.56 31.46
C LEU D 461 14.07 38.61 30.36
N SER D 462 13.71 37.33 30.47
CA SER D 462 13.97 36.34 29.44
C SER D 462 12.63 35.91 28.88
N SER D 463 12.58 35.64 27.58
CA SER D 463 11.32 35.32 26.92
C SER D 463 11.53 34.26 25.86
N SER D 464 10.45 33.54 25.56
CA SER D 464 10.46 32.51 24.53
C SER D 464 9.05 32.32 24.00
N VAL D 465 8.96 31.67 22.84
CA VAL D 465 7.70 31.38 22.18
C VAL D 465 7.75 29.95 21.68
N SER D 466 6.67 29.20 21.90
CA SER D 466 6.63 27.81 21.44
C SER D 466 6.83 27.76 19.94
N SER D 467 7.59 26.77 19.49
CA SER D 467 7.80 26.48 18.08
C SER D 467 7.16 25.15 17.69
N SER D 468 6.18 24.69 18.47
CA SER D 468 5.58 23.39 18.23
C SER D 468 4.95 23.34 16.85
N LYS D 469 5.19 22.23 16.15
CA LYS D 469 4.62 22.02 14.83
C LYS D 469 3.51 20.98 14.86
N LEU D 470 3.05 20.59 16.04
CA LEU D 470 2.09 19.49 16.16
C LEU D 470 0.82 19.77 15.36
N PHE D 471 0.21 20.94 15.60
CA PHE D 471 -0.99 21.28 14.86
C PHE D 471 -0.67 21.91 13.52
N SER D 472 0.58 22.31 13.29
CA SER D 472 1.04 22.77 12.00
C SER D 472 -0.01 23.55 11.26
N SER D 473 0.02 23.47 9.94
CA SER D 473 -0.98 24.09 9.07
C SER D 473 -2.20 23.21 8.85
N SER D 474 -2.22 22.00 9.40
CA SER D 474 -3.36 21.10 9.25
C SER D 474 -4.68 21.83 9.47
N THR D 475 -4.82 22.53 10.59
CA THR D 475 -6.04 23.28 10.84
C THR D 475 -6.12 24.47 9.89
N ALA D 476 -7.27 24.62 9.21
CA ALA D 476 -7.45 25.74 8.31
C ALA D 476 -7.49 27.06 9.08
N PRO D 477 -6.91 28.13 8.54
CA PRO D 477 -6.90 29.40 9.26
C PRO D 477 -8.26 30.07 9.18
N HIS D 478 -8.62 30.75 10.27
CA HIS D 478 -9.92 31.39 10.39
C HIS D 478 -9.81 32.88 10.11
N GLU D 479 -10.91 33.46 9.65
CA GLU D 479 -10.88 34.84 9.19
C GLU D 479 -10.69 35.75 10.39
N THR D 480 -9.81 36.74 10.23
CA THR D 480 -9.51 37.70 11.29
C THR D 480 -9.90 39.10 10.81
N SER D 481 -10.64 39.82 11.64
CA SER D 481 -11.10 41.16 11.31
C SER D 481 -10.41 42.17 12.21
N PHE D 482 -9.98 43.29 11.63
CA PHE D 482 -9.30 44.31 12.41
C PHE D 482 -10.17 44.74 13.58
N GLY D 483 -9.55 44.86 14.75
CA GLY D 483 -10.24 45.29 15.94
C GLY D 483 -10.70 44.18 16.86
N GLU D 484 -10.74 42.94 16.38
CA GLU D 484 -11.17 41.84 17.22
C GLU D 484 -10.13 41.54 18.28
N GLU D 485 -10.61 41.12 19.46
CA GLU D 485 -9.74 40.75 20.56
C GLU D 485 -9.37 39.28 20.48
N VAL D 486 -8.15 38.97 20.93
CA VAL D 486 -7.68 37.60 21.07
C VAL D 486 -6.89 37.51 22.37
N GLU D 487 -6.86 36.31 22.95
CA GLU D 487 -6.08 36.05 24.14
C GLU D 487 -4.75 35.42 23.77
N VAL D 488 -3.68 35.88 24.42
CA VAL D 488 -2.34 35.34 24.27
C VAL D 488 -1.92 34.79 25.63
N HIS D 489 -1.61 33.50 25.68
CA HIS D 489 -1.36 32.82 26.95
C HIS D 489 0.14 32.59 27.15
N ASN D 490 0.57 32.68 28.40
CA ASN D 490 1.98 32.63 28.75
C ASN D 490 2.18 31.85 30.04
N LEU D 491 3.37 31.29 30.19
CA LEU D 491 3.82 30.70 31.45
C LEU D 491 4.87 31.64 32.04
N LEU D 492 4.59 32.16 33.23
CA LEU D 492 5.50 33.08 33.90
C LEU D 492 6.23 32.35 35.01
N ILE D 493 7.55 32.56 35.08
CA ILE D 493 8.37 32.04 36.17
C ILE D 493 8.70 33.22 37.09
N ILE D 494 8.23 33.17 38.34
CA ILE D 494 8.28 34.30 39.25
C ILE D 494 8.96 33.87 40.55
N ASP D 495 9.93 34.66 40.99
CA ASP D 495 10.71 34.33 42.18
C ASP D 495 9.86 34.46 43.44
N GLN D 496 10.15 33.61 44.43
CA GLN D 496 9.35 33.54 45.66
C GLN D 496 9.65 34.67 46.64
N HIS D 497 10.69 35.46 46.41
CA HIS D 497 11.01 36.59 47.27
C HIS D 497 10.85 37.92 46.57
N THR D 498 11.52 38.07 45.42
CA THR D 498 11.44 39.30 44.65
C THR D 498 10.13 39.39 43.88
N PHE D 499 9.53 38.25 43.53
CA PHE D 499 8.32 38.23 42.72
C PHE D 499 8.53 38.96 41.39
N GLU D 500 9.73 38.79 40.83
CA GLU D 500 10.08 39.28 39.51
C GLU D 500 9.85 38.21 38.47
N VAL D 501 9.40 38.63 37.28
CA VAL D 501 9.17 37.68 36.20
C VAL D 501 10.53 37.34 35.61
N LEU D 502 11.06 36.17 35.97
CA LEU D 502 12.37 35.74 35.51
C LEU D 502 12.32 35.30 34.05
N HIS D 503 11.22 34.66 33.67
CA HIS D 503 11.03 34.16 32.31
C HIS D 503 9.56 34.25 31.94
N ALA D 504 9.29 34.44 30.65
CA ALA D 504 7.93 34.42 30.13
C ALA D 504 7.91 33.57 28.88
N HIS D 505 7.08 32.54 28.86
CA HIS D 505 6.93 31.65 27.72
C HIS D 505 5.56 31.89 27.08
N GLN D 506 5.56 32.22 25.80
CA GLN D 506 4.34 32.47 25.05
C GLN D 506 3.93 31.21 24.29
N PHE D 507 2.68 30.80 24.46
CA PHE D 507 2.18 29.60 23.81
C PHE D 507 1.73 29.90 22.39
N LEU D 508 1.30 28.84 21.69
CA LEU D 508 0.93 28.95 20.30
C LEU D 508 -0.24 29.92 20.13
N GLN D 509 -0.38 30.43 18.91
CA GLN D 509 -1.51 31.28 18.56
C GLN D 509 -2.81 30.50 18.75
N ASN D 510 -3.74 31.11 19.49
CA ASN D 510 -5.04 30.52 19.79
C ASN D 510 -4.95 29.32 20.74
N GLU D 511 -3.81 29.16 21.43
CA GLU D 511 -3.65 28.10 22.41
C GLU D 511 -3.89 28.67 23.80
N TYR D 512 -4.79 28.05 24.55
CA TYR D 512 -5.09 28.46 25.91
C TYR D 512 -4.38 27.51 26.88
N ALA D 513 -3.74 28.09 27.90
CA ALA D 513 -3.12 27.32 28.98
C ALA D 513 -4.16 27.18 30.09
N LEU D 514 -4.56 25.94 30.37
CA LEU D 514 -5.66 25.67 31.28
C LEU D 514 -5.24 25.03 32.60
N SER D 515 -4.11 24.32 32.63
CA SER D 515 -3.74 23.55 33.81
C SER D 515 -2.22 23.57 33.96
N LEU D 516 -1.77 23.52 35.21
CA LEU D 516 -0.35 23.63 35.53
C LEU D 516 -0.03 22.80 36.76
N VAL D 517 1.06 22.03 36.68
CA VAL D 517 1.58 21.29 37.81
C VAL D 517 3.10 21.46 37.87
N SER D 518 3.64 21.26 39.06
CA SER D 518 5.08 21.17 39.29
C SER D 518 5.34 19.86 40.01
N CYS D 519 6.16 18.99 39.41
CA CYS D 519 6.36 17.68 40.01
C CYS D 519 7.54 16.97 39.40
N LYS D 520 7.99 15.92 40.10
CA LYS D 520 8.92 14.93 39.58
C LYS D 520 8.08 13.75 39.09
N LEU D 521 8.52 13.13 38.00
CA LEU D 521 7.80 11.99 37.45
C LEU D 521 8.72 10.79 37.26
N GLY D 522 8.14 9.60 37.42
CA GLY D 522 8.87 8.39 37.12
C GLY D 522 10.16 8.30 37.89
N LYS D 523 11.22 7.89 37.18
CA LYS D 523 12.56 7.80 37.74
C LYS D 523 13.43 9.00 37.36
N ASP D 524 12.81 10.08 36.88
CA ASP D 524 13.53 11.29 36.53
C ASP D 524 13.64 12.20 37.76
N PRO D 525 14.85 12.47 38.26
CA PRO D 525 14.96 13.32 39.46
C PRO D 525 14.68 14.79 39.18
N ASN D 526 14.60 15.20 37.92
CA ASN D 526 14.38 16.60 37.59
C ASN D 526 12.94 17.00 37.89
N THR D 527 12.78 18.21 38.41
CA THR D 527 11.47 18.78 38.72
C THR D 527 11.02 19.69 37.59
N TYR D 528 9.84 19.42 37.05
CA TYR D 528 9.34 20.08 35.85
C TYR D 528 8.11 20.94 36.15
N PHE D 529 7.91 21.96 35.32
CA PHE D 529 6.63 22.63 35.17
C PHE D 529 5.92 21.99 33.98
N ILE D 530 4.69 21.51 34.20
CA ILE D 530 3.92 20.86 33.15
C ILE D 530 2.63 21.62 32.97
N VAL D 531 2.28 21.92 31.71
CA VAL D 531 1.14 22.75 31.38
C VAL D 531 0.23 21.97 30.42
N GLY D 532 -1.06 22.00 30.69
CA GLY D 532 -2.06 21.42 29.81
C GLY D 532 -2.83 22.53 29.10
N THR D 533 -2.97 22.37 27.79
CA THR D 533 -3.48 23.44 26.94
C THR D 533 -4.66 22.95 26.11
N ALA D 534 -5.29 23.92 25.43
CA ALA D 534 -6.39 23.66 24.52
C ALA D 534 -6.29 24.62 23.35
N MET D 535 -6.51 24.11 22.14
CA MET D 535 -6.59 24.94 20.95
C MET D 535 -8.01 25.48 20.83
N VAL D 536 -8.16 26.79 20.94
CA VAL D 536 -9.47 27.43 21.03
C VAL D 536 -9.70 28.13 19.70
N TYR D 537 -10.63 27.61 18.92
CA TYR D 537 -11.06 28.28 17.71
C TYR D 537 -12.52 28.67 17.87
N PRO D 538 -12.88 29.90 17.48
CA PRO D 538 -14.23 30.40 17.77
C PRO D 538 -15.35 29.51 17.25
N GLU D 539 -15.13 28.81 16.14
CA GLU D 539 -16.21 28.03 15.54
C GLU D 539 -16.54 26.78 16.36
N GLU D 540 -15.57 26.26 17.11
CA GLU D 540 -15.73 24.95 17.73
C GLU D 540 -16.48 25.06 19.06
N ALA D 541 -17.44 24.17 19.25
CA ALA D 541 -18.18 24.13 20.51
C ALA D 541 -17.34 23.64 21.67
N GLU D 542 -16.40 22.74 21.41
CA GLU D 542 -15.56 22.14 22.43
C GLU D 542 -14.24 21.87 21.71
N PRO D 543 -13.11 22.25 22.30
CA PRO D 543 -11.83 22.05 21.60
C PRO D 543 -11.62 20.60 21.21
N LYS D 544 -11.03 20.41 20.03
CA LYS D 544 -10.71 19.07 19.54
C LYS D 544 -9.20 18.86 19.46
N GLN D 545 -8.41 19.84 19.89
CA GLN D 545 -6.96 19.73 19.89
C GLN D 545 -6.38 20.30 21.18
N GLY D 546 -5.20 19.80 21.57
CA GLY D 546 -4.51 20.30 22.74
C GLY D 546 -3.14 19.68 22.88
N ARG D 547 -2.40 20.20 23.86
CA ARG D 547 -1.05 19.74 24.15
C ARG D 547 -0.84 19.62 25.66
N ILE D 548 0.02 18.67 26.04
CA ILE D 548 0.64 18.64 27.37
C ILE D 548 2.13 18.93 27.18
N VAL D 549 2.62 19.97 27.85
CA VAL D 549 3.99 20.45 27.65
C VAL D 549 4.74 20.36 28.98
N VAL D 550 5.96 19.82 28.92
CA VAL D 550 6.83 19.68 30.09
C VAL D 550 8.00 20.64 29.93
N PHE D 551 8.18 21.54 30.90
CA PHE D 551 9.29 22.49 30.92
C PHE D 551 10.23 22.16 32.08
N GLN D 552 11.48 22.61 31.97
CA GLN D 552 12.42 22.59 33.10
C GLN D 552 12.99 23.99 33.28
N TYR D 553 12.87 24.55 34.48
CA TYR D 553 13.54 25.81 34.79
C TYR D 553 14.82 25.50 35.57
N SER D 554 15.97 25.65 34.93
CA SER D 554 17.26 25.41 35.54
C SER D 554 18.26 26.37 34.93
N ASP D 555 19.13 26.93 35.76
CA ASP D 555 20.16 27.87 35.32
C ASP D 555 19.52 29.11 34.69
N GLY D 556 18.41 29.55 35.26
CA GLY D 556 17.82 30.79 34.82
C GLY D 556 17.15 30.75 33.46
N LYS D 557 17.05 29.57 32.84
CA LYS D 557 16.46 29.44 31.52
C LYS D 557 15.43 28.33 31.53
N LEU D 558 14.37 28.52 30.75
CA LEU D 558 13.29 27.55 30.62
C LEU D 558 13.47 26.76 29.35
N GLN D 559 13.61 25.45 29.47
CA GLN D 559 13.83 24.53 28.36
C GLN D 559 12.62 23.61 28.22
N THR D 560 12.12 23.47 26.99
CA THR D 560 11.00 22.58 26.74
C THR D 560 11.48 21.14 26.67
N VAL D 561 11.02 20.31 27.60
CA VAL D 561 11.52 18.95 27.70
C VAL D 561 10.76 18.00 26.80
N ALA D 562 9.45 18.14 26.73
CA ALA D 562 8.64 17.20 25.95
C ALA D 562 7.25 17.78 25.73
N GLU D 563 6.62 17.37 24.63
CA GLU D 563 5.26 17.77 24.29
C GLU D 563 4.48 16.52 23.87
N LYS D 564 3.25 16.44 24.36
CA LYS D 564 2.35 15.33 24.08
C LYS D 564 1.06 15.89 23.49
N GLU D 565 0.70 15.42 22.31
CA GLU D 565 -0.52 15.88 21.66
C GLU D 565 -1.73 15.12 22.17
N VAL D 566 -2.82 15.85 22.42
CA VAL D 566 -4.08 15.24 22.82
C VAL D 566 -5.19 15.82 21.95
N LYS D 567 -6.33 15.14 21.95
CA LYS D 567 -7.48 15.49 21.11
C LYS D 567 -8.55 16.22 21.90
N GLY D 568 -8.18 17.26 22.64
CA GLY D 568 -9.14 18.00 23.43
C GLY D 568 -8.45 18.97 24.37
N ALA D 569 -9.25 19.50 25.30
CA ALA D 569 -8.77 20.50 26.25
C ALA D 569 -8.31 19.81 27.52
N VAL D 570 -7.09 20.12 27.95
CA VAL D 570 -6.53 19.55 29.18
C VAL D 570 -6.97 20.47 30.34
N TYR D 571 -8.18 20.21 30.84
CA TYR D 571 -8.74 21.09 31.86
C TYR D 571 -7.99 20.97 33.18
N SER D 572 -7.48 19.79 33.52
CA SER D 572 -6.92 19.57 34.85
C SER D 572 -5.80 18.54 34.81
N MET D 573 -4.77 18.76 35.63
CA MET D 573 -3.69 17.81 35.81
C MET D 573 -3.31 17.74 37.29
N VAL D 574 -2.76 16.60 37.69
CA VAL D 574 -2.28 16.42 39.06
C VAL D 574 -1.30 15.26 39.08
N GLU D 575 -0.24 15.40 39.87
CA GLU D 575 0.72 14.32 40.04
C GLU D 575 0.09 13.18 40.83
N PHE D 576 0.34 11.94 40.38
CA PHE D 576 -0.32 10.75 40.92
C PHE D 576 0.71 9.63 41.02
N ASN D 577 1.35 9.54 42.18
CA ASN D 577 2.26 8.45 42.49
C ASN D 577 3.32 8.30 41.40
N GLY D 578 3.99 9.42 41.09
CA GLY D 578 5.02 9.44 40.09
C GLY D 578 4.54 9.44 38.66
N LYS D 579 3.23 9.40 38.44
CA LYS D 579 2.62 9.46 37.12
C LYS D 579 1.84 10.76 37.00
N LEU D 580 1.51 11.11 35.75
CA LEU D 580 0.79 12.34 35.46
C LEU D 580 -0.67 12.01 35.15
N LEU D 581 -1.58 12.51 35.98
CA LEU D 581 -3.02 12.32 35.80
C LEU D 581 -3.58 13.57 35.14
N ALA D 582 -4.18 13.41 33.95
CA ALA D 582 -4.69 14.54 33.18
C ALA D 582 -6.09 14.24 32.66
N SER D 583 -6.90 15.29 32.59
CA SER D 583 -8.26 15.20 32.09
C SER D 583 -8.35 15.91 30.74
N ILE D 584 -8.65 15.16 29.69
CA ILE D 584 -8.84 15.70 28.35
C ILE D 584 -10.32 15.54 28.01
N ASN D 585 -11.06 16.65 28.05
CA ASN D 585 -12.51 16.66 27.79
C ASN D 585 -13.14 15.60 28.68
N SER D 586 -13.90 14.65 28.13
CA SER D 586 -14.51 13.59 28.94
C SER D 586 -13.47 12.63 29.49
N THR D 587 -12.41 12.36 28.73
CA THR D 587 -11.45 11.32 29.10
C THR D 587 -10.58 11.73 30.28
N VAL D 588 -10.35 10.78 31.19
CA VAL D 588 -9.38 10.92 32.27
C VAL D 588 -8.27 9.90 32.04
N ARG D 589 -7.04 10.38 31.89
CA ARG D 589 -5.91 9.53 31.49
C ARG D 589 -4.80 9.57 32.52
N LEU D 590 -4.09 8.45 32.65
CA LEU D 590 -2.90 8.34 33.49
C LEU D 590 -1.71 8.11 32.57
N TYR D 591 -0.73 9.01 32.64
CA TYR D 591 0.47 8.94 31.81
C TYR D 591 1.66 8.49 32.64
N GLU D 592 2.53 7.68 32.03
CA GLU D 592 3.81 7.32 32.61
C GLU D 592 4.90 8.13 31.92
N TRP D 593 5.96 8.41 32.66
CA TRP D 593 7.10 9.19 32.17
C TRP D 593 8.23 8.22 31.86
N THR D 594 8.53 8.08 30.57
CA THR D 594 9.47 7.05 30.15
C THR D 594 10.90 7.48 30.44
N THR D 595 11.82 6.52 30.34
CA THR D 595 13.24 6.83 30.46
C THR D 595 13.75 7.65 29.28
N GLU D 596 12.99 7.72 28.19
CA GLU D 596 13.29 8.61 27.08
C GLU D 596 12.65 9.98 27.25
N LYS D 597 12.15 10.28 28.45
CA LYS D 597 11.59 11.59 28.80
C LYS D 597 10.42 11.99 27.89
N GLU D 598 9.48 11.07 27.73
CA GLU D 598 8.23 11.37 27.03
C GLU D 598 7.07 10.69 27.73
N LEU D 599 5.89 11.27 27.59
CA LEU D 599 4.70 10.76 28.25
C LEU D 599 4.09 9.62 27.46
N ARG D 600 3.69 8.56 28.18
CA ARG D 600 3.10 7.37 27.60
C ARG D 600 1.80 7.06 28.33
N THR D 601 0.75 6.80 27.56
CA THR D 601 -0.55 6.52 28.16
C THR D 601 -0.54 5.13 28.79
N GLU D 602 -1.03 5.04 30.03
CA GLU D 602 -1.20 3.75 30.68
C GLU D 602 -2.66 3.28 30.60
N CYS D 603 -3.60 4.10 31.07
CA CYS D 603 -5.01 3.71 31.13
C CYS D 603 -5.88 4.95 31.05
N ASN D 604 -7.14 4.75 30.65
CA ASN D 604 -8.07 5.85 30.43
C ASN D 604 -9.44 5.55 31.04
N HIS D 605 -10.17 6.60 31.37
CA HIS D 605 -11.56 6.52 31.85
C HIS D 605 -12.41 7.44 30.98
N TYR D 606 -13.57 6.96 30.52
CA TYR D 606 -14.34 7.72 29.54
C TYR D 606 -15.76 8.11 29.97
N ASN D 607 -16.27 7.63 31.10
CA ASN D 607 -17.66 7.92 31.46
C ASN D 607 -17.78 9.26 32.17
N ASN D 608 -17.50 10.33 31.42
CA ASN D 608 -17.61 11.69 31.92
C ASN D 608 -18.19 12.58 30.84
N ILE D 609 -18.87 13.64 31.27
CA ILE D 609 -19.31 14.67 30.34
C ILE D 609 -18.22 15.69 30.05
N MET D 610 -17.64 16.23 31.10
CA MET D 610 -16.49 17.11 30.99
C MET D 610 -15.74 17.06 32.32
N ALA D 611 -14.52 16.52 32.30
CA ALA D 611 -13.75 16.28 33.51
C ALA D 611 -12.97 17.55 33.82
N LEU D 612 -13.68 18.50 34.43
CA LEU D 612 -13.12 19.83 34.67
C LEU D 612 -12.15 19.83 35.84
N TYR D 613 -12.36 18.97 36.85
CA TYR D 613 -11.60 19.03 38.09
C TYR D 613 -11.09 17.67 38.53
N LEU D 614 -9.88 17.66 39.10
CA LEU D 614 -9.25 16.45 39.60
C LEU D 614 -8.60 16.71 40.96
N LYS D 615 -8.73 15.74 41.87
CA LYS D 615 -7.98 15.73 43.13
C LYS D 615 -7.64 14.26 43.41
N THR D 616 -6.56 14.03 44.16
CA THR D 616 -6.15 12.66 44.45
C THR D 616 -5.83 12.48 45.94
N LYS D 617 -5.86 11.21 46.35
CA LYS D 617 -5.40 10.80 47.68
C LYS D 617 -5.07 9.31 47.59
N GLY D 618 -3.79 8.97 47.72
CA GLY D 618 -3.40 7.58 47.53
C GLY D 618 -3.66 7.15 46.10
N ASP D 619 -4.31 5.99 45.94
CA ASP D 619 -4.71 5.51 44.63
C ASP D 619 -6.13 5.91 44.27
N PHE D 620 -6.74 6.81 45.03
CA PHE D 620 -8.11 7.27 44.78
C PHE D 620 -8.08 8.61 44.06
N ILE D 621 -9.00 8.78 43.10
CA ILE D 621 -9.07 9.99 42.29
C ILE D 621 -10.51 10.50 42.35
N LEU D 622 -10.67 11.78 42.63
CA LEU D 622 -11.97 12.44 42.64
C LEU D 622 -12.06 13.32 41.40
N VAL D 623 -13.11 13.13 40.61
CA VAL D 623 -13.28 13.82 39.34
C VAL D 623 -14.50 14.73 39.46
N GLY D 624 -14.37 15.96 39.00
CA GLY D 624 -15.48 16.89 39.02
C GLY D 624 -15.99 17.16 37.63
N ASP D 625 -17.28 16.89 37.40
CA ASP D 625 -17.90 16.99 36.09
C ASP D 625 -18.72 18.25 35.97
N LEU D 626 -18.97 18.66 34.73
CA LEU D 626 -19.75 19.86 34.48
C LEU D 626 -21.17 19.73 35.02
N MET D 627 -21.81 18.58 34.81
CA MET D 627 -23.18 18.36 35.26
C MET D 627 -23.39 17.12 36.10
N ARG D 628 -22.45 16.16 36.09
CA ARG D 628 -22.65 14.89 36.77
C ARG D 628 -21.98 14.83 38.14
N SER D 629 -21.77 15.98 38.77
CA SER D 629 -21.29 16.06 40.16
C SER D 629 -19.92 15.39 40.25
N VAL D 630 -19.69 14.50 41.22
CA VAL D 630 -18.36 13.98 41.51
C VAL D 630 -18.38 12.47 41.41
N LEU D 631 -17.30 11.92 40.82
CA LEU D 631 -17.11 10.48 40.69
C LEU D 631 -15.81 10.11 41.38
N LEU D 632 -15.87 9.10 42.26
CA LEU D 632 -14.67 8.59 42.92
C LEU D 632 -14.13 7.46 42.06
N LEU D 633 -12.97 7.67 41.45
CA LEU D 633 -12.28 6.65 40.69
C LEU D 633 -11.12 6.13 41.52
N ALA D 634 -10.74 4.89 41.26
CA ALA D 634 -9.62 4.26 41.95
C ALA D 634 -8.70 3.61 40.94
N TYR D 635 -7.40 3.77 41.16
CA TYR D 635 -6.40 3.12 40.33
C TYR D 635 -6.13 1.73 40.91
N LYS D 636 -6.28 0.70 40.09
CA LYS D 636 -6.03 -0.65 40.55
C LYS D 636 -4.67 -1.08 40.00
N PRO D 637 -3.59 -0.97 40.76
CA PRO D 637 -2.26 -1.21 40.19
C PRO D 637 -2.05 -2.63 39.70
N MET D 638 -2.71 -3.63 40.28
CA MET D 638 -2.51 -5.00 39.82
C MET D 638 -2.94 -5.16 38.37
N GLU D 639 -3.96 -4.42 37.92
CA GLU D 639 -4.41 -4.53 36.54
C GLU D 639 -3.96 -3.37 35.67
N GLY D 640 -3.56 -2.25 36.26
CA GLY D 640 -3.11 -1.11 35.48
C GLY D 640 -4.22 -0.35 34.77
N ASN D 641 -5.30 -0.07 35.49
CA ASN D 641 -6.47 0.57 34.90
C ASN D 641 -7.27 1.21 36.03
N PHE D 642 -8.33 1.92 35.67
CA PHE D 642 -9.22 2.55 36.64
C PHE D 642 -10.43 1.65 36.93
N GLU D 643 -11.09 1.94 38.04
CA GLU D 643 -12.34 1.28 38.39
C GLU D 643 -13.22 2.33 39.07
N GLU D 644 -14.50 2.40 38.68
CA GLU D 644 -15.41 3.38 39.27
C GLU D 644 -15.86 2.89 40.63
N ILE D 645 -15.47 3.62 41.68
CA ILE D 645 -15.87 3.23 43.03
C ILE D 645 -17.27 3.74 43.33
N ALA D 646 -17.56 5.01 43.04
CA ALA D 646 -18.89 5.53 43.29
C ALA D 646 -19.03 6.92 42.67
N ARG D 647 -20.27 7.26 42.31
CA ARG D 647 -20.62 8.54 41.71
C ARG D 647 -21.79 9.15 42.44
N ASP D 648 -21.80 10.49 42.52
CA ASP D 648 -22.94 11.22 43.05
C ASP D 648 -23.90 11.45 41.88
N PHE D 649 -24.97 10.65 41.83
CA PHE D 649 -25.89 10.70 40.70
C PHE D 649 -26.75 11.95 40.70
N ASN D 650 -26.86 12.66 41.82
CA ASN D 650 -27.55 13.94 41.80
C ASN D 650 -26.85 14.91 40.86
N PRO D 651 -27.59 15.69 40.05
CA PRO D 651 -26.95 16.56 39.07
C PRO D 651 -26.56 17.91 39.64
N ASN D 652 -25.26 18.25 39.56
CA ASN D 652 -24.74 19.51 40.08
C ASN D 652 -23.74 20.11 39.11
N TRP D 653 -23.76 21.44 38.99
CA TRP D 653 -22.79 22.16 38.18
C TRP D 653 -21.60 22.50 39.08
N MET D 654 -20.50 21.78 38.89
CA MET D 654 -19.38 21.87 39.80
C MET D 654 -18.50 23.07 39.46
N SER D 655 -17.99 23.74 40.50
CA SER D 655 -17.00 24.79 40.34
C SER D 655 -15.65 24.43 40.94
N ALA D 656 -15.63 23.51 41.90
CA ALA D 656 -14.39 23.03 42.51
C ALA D 656 -14.74 21.82 43.35
N VAL D 657 -13.74 20.97 43.57
CA VAL D 657 -13.89 19.78 44.41
C VAL D 657 -12.67 19.67 45.31
N GLU D 658 -12.78 18.83 46.33
CA GLU D 658 -11.67 18.56 47.23
C GLU D 658 -11.95 17.27 47.99
N ILE D 659 -10.88 16.54 48.29
CA ILE D 659 -10.96 15.34 49.11
C ILE D 659 -10.68 15.75 50.55
N LEU D 660 -11.62 15.45 51.44
CA LEU D 660 -11.41 15.74 52.86
C LEU D 660 -10.67 14.61 53.55
N ASP D 661 -11.09 13.38 53.33
CA ASP D 661 -10.44 12.19 53.85
C ASP D 661 -10.85 11.01 52.98
N ASP D 662 -10.46 9.80 53.39
CA ASP D 662 -10.68 8.64 52.54
C ASP D 662 -12.15 8.40 52.23
N ASP D 663 -13.07 8.96 53.03
CA ASP D 663 -14.49 8.71 52.88
C ASP D 663 -15.30 9.94 52.50
N ASN D 664 -14.82 11.14 52.81
CA ASN D 664 -15.58 12.37 52.60
C ASN D 664 -15.02 13.15 51.42
N PHE D 665 -15.93 13.69 50.60
CA PHE D 665 -15.57 14.45 49.41
C PHE D 665 -16.38 15.74 49.40
N LEU D 666 -15.69 16.85 49.14
CA LEU D 666 -16.26 18.18 49.25
C LEU D 666 -16.46 18.75 47.85
N GLY D 667 -17.58 19.45 47.66
CA GLY D 667 -17.88 20.03 46.36
C GLY D 667 -18.50 21.40 46.50
N ALA D 668 -18.33 22.20 45.44
CA ALA D 668 -18.89 23.55 45.36
C ALA D 668 -19.67 23.67 44.06
N GLU D 669 -20.87 24.24 44.14
CA GLU D 669 -21.80 24.35 43.04
C GLU D 669 -21.88 25.78 42.53
N ASN D 670 -22.33 25.91 41.27
CA ASN D 670 -22.56 27.23 40.68
C ASN D 670 -23.73 27.96 41.31
N ALA D 671 -24.45 27.30 42.22
CA ALA D 671 -25.53 27.90 42.95
C ALA D 671 -25.07 28.52 44.27
N PHE D 672 -23.76 28.66 44.45
CA PHE D 672 -23.19 29.18 45.68
C PHE D 672 -23.44 28.23 46.85
N ASN D 673 -23.39 26.92 46.58
CA ASN D 673 -23.65 25.94 47.62
C ASN D 673 -22.43 25.04 47.78
N LEU D 674 -22.24 24.53 48.98
CA LEU D 674 -21.20 23.57 49.29
C LEU D 674 -21.90 22.27 49.69
N PHE D 675 -21.38 21.13 49.26
CA PHE D 675 -22.00 19.87 49.64
C PHE D 675 -20.91 18.83 49.87
N VAL D 676 -21.20 17.88 50.75
CA VAL D 676 -20.27 16.80 51.09
C VAL D 676 -21.00 15.49 50.84
N CYS D 677 -20.43 14.64 49.99
CA CYS D 677 -20.93 13.30 49.73
C CYS D 677 -19.88 12.29 50.14
N GLN D 678 -20.31 11.17 50.71
CA GLN D 678 -19.40 10.14 51.19
C GLN D 678 -19.85 8.76 50.73
N LYS D 679 -18.88 7.84 50.72
CA LYS D 679 -19.19 6.43 50.50
C LYS D 679 -20.19 5.94 51.54
N ASP D 680 -21.21 5.21 51.07
CA ASP D 680 -22.33 4.85 51.94
C ASP D 680 -21.93 3.84 53.01
N SER D 681 -21.11 2.86 52.64
CA SER D 681 -20.65 1.82 53.58
C SER D 681 -21.81 1.21 54.37
N ALA D 682 -22.96 1.04 53.71
CA ALA D 682 -24.11 0.40 54.33
C ALA D 682 -24.84 -0.51 53.37
N ALA D 683 -25.50 -1.52 53.95
CA ALA D 683 -26.33 -2.52 53.28
C ALA D 683 -25.58 -3.58 52.47
N THR D 684 -24.25 -3.48 52.36
CA THR D 684 -23.44 -4.54 51.72
C THR D 684 -23.99 -4.94 50.35
N THR D 685 -24.60 -3.99 49.65
CA THR D 685 -25.13 -4.19 48.30
C THR D 685 -24.18 -3.49 47.33
N ASP D 686 -23.78 -4.18 46.26
CA ASP D 686 -22.89 -3.53 45.29
C ASP D 686 -23.51 -2.26 44.71
N GLU D 687 -24.82 -2.29 44.46
CA GLU D 687 -25.46 -1.09 43.92
C GLU D 687 -25.44 0.05 44.94
N GLU D 688 -25.67 -0.27 46.22
CA GLU D 688 -25.62 0.76 47.26
C GLU D 688 -24.23 1.38 47.36
N ARG D 689 -23.19 0.56 47.18
CA ARG D 689 -21.82 1.06 47.29
C ARG D 689 -21.54 2.11 46.23
N GLN D 690 -22.09 1.93 45.03
CA GLN D 690 -21.83 2.82 43.92
C GLN D 690 -22.53 4.16 44.06
N HIS D 691 -23.32 4.37 45.10
CA HIS D 691 -24.09 5.58 45.26
C HIS D 691 -23.36 6.42 46.30
N LEU D 692 -22.74 7.52 45.87
CA LEU D 692 -22.24 8.51 46.80
C LEU D 692 -23.40 9.38 47.24
N GLN D 693 -23.59 9.52 48.54
CA GLN D 693 -24.76 10.17 49.09
C GLN D 693 -24.39 11.55 49.63
N GLU D 694 -25.14 12.56 49.19
CA GLU D 694 -24.98 13.93 49.64
C GLU D 694 -25.45 14.04 51.09
N VAL D 695 -24.52 13.96 52.02
CA VAL D 695 -24.85 14.01 53.43
C VAL D 695 -24.82 15.42 53.99
N GLY D 696 -24.04 16.31 53.38
CA GLY D 696 -23.94 17.67 53.84
C GLY D 696 -24.32 18.67 52.78
N LEU D 697 -25.14 19.65 53.16
CA LEU D 697 -25.59 20.71 52.26
C LEU D 697 -25.53 22.04 53.01
N PHE D 698 -25.02 23.06 52.33
CA PHE D 698 -24.81 24.36 52.95
C PHE D 698 -24.78 25.42 51.86
N HIS D 699 -25.51 26.52 52.07
CA HIS D 699 -25.49 27.64 51.14
C HIS D 699 -24.39 28.60 51.59
N LEU D 700 -23.30 28.62 50.82
CA LEU D 700 -22.16 29.45 51.19
C LEU D 700 -22.44 30.92 50.94
N GLY D 701 -23.05 31.23 49.79
CA GLY D 701 -23.25 32.59 49.38
C GLY D 701 -22.11 33.15 48.55
N GLU D 702 -21.06 32.37 48.35
CA GLU D 702 -19.89 32.78 47.59
C GLU D 702 -19.64 31.74 46.51
N PHE D 703 -18.96 32.16 45.45
CA PHE D 703 -18.59 31.29 44.34
C PHE D 703 -17.15 30.79 44.53
N VAL D 704 -16.99 29.48 44.70
CA VAL D 704 -15.71 28.88 45.05
C VAL D 704 -14.98 28.44 43.79
N ASN D 705 -13.87 29.12 43.48
CA ASN D 705 -13.05 28.71 42.35
C ASN D 705 -12.05 27.62 42.71
N VAL D 706 -11.44 27.70 43.90
CA VAL D 706 -10.33 26.82 44.22
C VAL D 706 -10.46 26.33 45.66
N PHE D 707 -10.18 25.04 45.87
CA PHE D 707 -10.04 24.45 47.20
C PHE D 707 -8.57 24.10 47.38
N CYS D 708 -7.99 24.48 48.51
CA CYS D 708 -6.57 24.23 48.76
C CYS D 708 -6.41 23.77 50.20
N HIS D 709 -5.80 22.60 50.39
CA HIS D 709 -5.46 22.12 51.72
C HIS D 709 -4.34 22.98 52.31
N GLY D 710 -4.51 23.35 53.57
CA GLY D 710 -3.52 24.16 54.26
C GLY D 710 -4.18 25.09 55.25
N SER D 711 -3.34 25.74 56.05
CA SER D 711 -3.80 26.74 57.01
C SER D 711 -2.78 27.85 57.11
N LEU D 712 -3.26 29.05 57.43
CA LEU D 712 -2.42 30.23 57.58
C LEU D 712 -2.02 30.49 59.02
N VAL D 713 -2.60 29.76 59.97
CA VAL D 713 -2.21 29.89 61.38
C VAL D 713 -0.92 29.10 61.61
N MET D 714 -0.21 29.47 62.67
CA MET D 714 1.02 28.77 63.03
C MET D 714 0.75 27.34 63.49
N GLN D 715 1.41 26.40 62.84
CA GLN D 715 1.30 24.97 63.18
C GLN D 715 2.54 24.58 64.00
N ASN D 716 2.35 24.33 65.29
CA ASN D 716 3.44 23.93 66.17
C ASN D 716 3.60 22.41 66.12
N LEU D 717 4.84 21.95 65.96
CA LEU D 717 5.01 20.50 65.86
C LEU D 717 4.58 19.78 67.11
N GLY D 718 4.31 20.49 68.20
CA GLY D 718 3.85 19.82 69.40
C GLY D 718 2.38 19.50 69.22
N GLU D 719 1.98 18.32 69.69
CA GLU D 719 0.60 17.90 69.53
C GLU D 719 -0.33 18.75 70.39
N THR D 720 -1.36 19.29 69.77
CA THR D 720 -2.41 20.03 70.44
C THR D 720 -3.73 19.39 70.06
N SER D 721 -4.62 19.21 71.04
CA SER D 721 -5.87 18.50 70.78
C SER D 721 -6.90 19.56 70.38
N THR D 722 -6.89 19.89 69.09
CA THR D 722 -7.83 20.89 68.61
C THR D 722 -9.17 20.20 68.38
N PRO D 723 -10.28 20.89 68.65
CA PRO D 723 -11.58 20.28 68.31
C PRO D 723 -11.73 20.02 66.82
N THR D 724 -11.25 20.95 66.01
CA THR D 724 -11.33 20.83 64.56
C THR D 724 -10.30 19.86 64.03
N GLN D 725 -10.69 19.08 63.03
CA GLN D 725 -9.82 18.16 62.32
C GLN D 725 -9.79 18.54 60.85
N GLY D 726 -8.60 18.73 60.31
CA GLY D 726 -8.45 19.09 58.92
C GLY D 726 -8.53 20.59 58.69
N SER D 727 -8.08 21.01 57.51
CA SER D 727 -8.11 22.43 57.17
C SER D 727 -8.04 22.58 55.65
N VAL D 728 -9.15 23.02 55.03
CA VAL D 728 -9.20 23.31 53.61
C VAL D 728 -9.56 24.78 53.44
N LEU D 729 -8.75 25.52 52.70
CA LEU D 729 -9.01 26.92 52.38
C LEU D 729 -9.69 27.02 51.02
N PHE D 730 -10.52 28.04 50.85
CA PHE D 730 -11.16 28.24 49.55
C PHE D 730 -11.22 29.72 49.19
N GLY D 731 -10.90 29.98 47.92
CA GLY D 731 -10.91 31.33 47.37
C GLY D 731 -12.12 31.50 46.49
N THR D 732 -12.64 32.72 46.43
CA THR D 732 -13.91 32.97 45.76
C THR D 732 -13.83 34.16 44.83
N VAL D 733 -14.92 34.35 44.08
CA VAL D 733 -14.98 35.40 43.08
C VAL D 733 -14.96 36.78 43.72
N ASN D 734 -15.56 36.92 44.91
CA ASN D 734 -15.63 38.22 45.57
C ASN D 734 -14.43 38.49 46.47
N GLY D 735 -13.37 37.69 46.39
CA GLY D 735 -12.21 37.87 47.23
C GLY D 735 -12.31 37.21 48.58
N MET D 736 -13.49 36.74 48.96
CA MET D 736 -13.67 36.06 50.24
C MET D 736 -12.80 34.81 50.28
N ILE D 737 -12.07 34.65 51.38
CA ILE D 737 -11.31 33.45 51.68
C ILE D 737 -11.96 32.78 52.88
N GLY D 738 -12.23 31.49 52.77
CA GLY D 738 -12.89 30.73 53.81
C GLY D 738 -12.11 29.48 54.15
N LEU D 739 -12.61 28.76 55.15
CA LEU D 739 -11.94 27.57 55.67
C LEU D 739 -12.97 26.51 56.01
N VAL D 740 -12.70 25.28 55.57
CA VAL D 740 -13.53 24.13 55.88
C VAL D 740 -12.74 23.17 56.75
N THR D 741 -13.35 22.71 57.83
CA THR D 741 -12.75 21.72 58.72
C THR D 741 -13.85 20.79 59.18
N SER D 742 -13.46 19.58 59.56
CA SER D 742 -14.40 18.55 59.99
C SER D 742 -14.48 18.51 61.52
N LEU D 743 -15.59 17.96 62.00
CA LEU D 743 -15.85 17.88 63.43
C LEU D 743 -16.12 16.44 63.84
N SER D 744 -15.97 16.18 65.15
CA SER D 744 -16.46 14.94 65.73
C SER D 744 -17.96 15.07 65.98
N GLU D 745 -18.64 13.92 66.06
CA GLU D 745 -20.07 13.96 66.31
C GLU D 745 -20.38 14.72 67.59
N SER D 746 -19.54 14.55 68.62
CA SER D 746 -19.74 15.27 69.86
C SER D 746 -19.75 16.78 69.63
N TRP D 747 -18.85 17.26 68.78
CA TRP D 747 -18.70 18.70 68.56
C TRP D 747 -19.79 19.27 67.67
N TYR D 748 -20.19 18.53 66.63
CA TYR D 748 -21.27 19.01 65.77
C TYR D 748 -22.53 19.30 66.57
N ASN D 749 -22.97 18.34 67.38
CA ASN D 749 -24.20 18.49 68.13
C ASN D 749 -24.15 19.69 69.09
N LEU D 750 -23.04 19.90 69.79
CA LEU D 750 -22.95 21.09 70.64
C LEU D 750 -23.11 22.35 69.80
N LEU D 751 -22.31 22.47 68.73
CA LEU D 751 -22.31 23.69 67.92
C LEU D 751 -23.62 23.88 67.19
N LEU D 752 -24.27 22.79 66.77
CA LEU D 752 -25.59 22.90 66.16
C LEU D 752 -26.60 23.42 67.18
N ASP D 753 -26.60 22.85 68.38
CA ASP D 753 -27.51 23.31 69.42
C ASP D 753 -27.33 24.80 69.72
N MET D 754 -26.08 25.28 69.70
CA MET D 754 -25.84 26.69 69.95
C MET D 754 -26.41 27.56 68.84
N GLN D 755 -26.28 27.12 67.58
CA GLN D 755 -26.83 27.89 66.47
C GLN D 755 -28.32 28.14 66.67
N ASN D 756 -29.06 27.08 66.99
CA ASN D 756 -30.49 27.23 67.24
C ASN D 756 -30.76 28.16 68.41
N ARG D 757 -29.87 28.17 69.41
CA ARG D 757 -30.01 29.10 70.52
C ARG D 757 -29.63 30.52 70.13
N LEU D 758 -28.54 30.67 69.40
CA LEU D 758 -28.08 31.99 68.99
C LEU D 758 -29.09 32.68 68.09
N ASN D 759 -29.76 31.91 67.24
CA ASN D 759 -30.70 32.49 66.28
C ASN D 759 -31.91 33.11 66.97
N LYS D 760 -32.30 32.60 68.14
CA LYS D 760 -33.38 33.22 68.89
C LYS D 760 -32.92 34.55 69.51
N VAL D 761 -31.65 34.63 69.88
CA VAL D 761 -31.13 35.78 70.62
C VAL D 761 -30.75 36.91 69.68
N ILE D 762 -30.09 36.60 68.57
CA ILE D 762 -29.47 37.62 67.73
C ILE D 762 -30.49 38.21 66.77
N LYS D 763 -30.52 39.54 66.68
CA LYS D 763 -31.39 40.26 65.76
C LYS D 763 -30.64 40.44 64.44
N SER D 764 -31.21 39.93 63.35
CA SER D 764 -30.56 40.04 62.04
C SER D 764 -31.06 41.27 61.31
N VAL D 765 -30.19 41.85 60.49
CA VAL D 765 -30.58 42.98 59.67
C VAL D 765 -31.63 42.53 58.67
N GLY D 766 -32.76 43.24 58.63
CA GLY D 766 -33.88 42.86 57.81
C GLY D 766 -34.71 41.72 58.37
N LYS D 767 -34.35 41.21 59.54
CA LYS D 767 -35.07 40.11 60.18
C LYS D 767 -35.19 38.91 59.25
N ILE D 768 -34.05 38.53 58.66
CA ILE D 768 -33.97 37.35 57.81
C ILE D 768 -33.64 36.14 58.68
N GLU D 769 -34.48 35.11 58.60
CA GLU D 769 -34.25 33.87 59.33
C GLU D 769 -32.94 33.22 58.86
N HIS D 770 -32.06 32.93 59.83
CA HIS D 770 -30.78 32.32 59.48
C HIS D 770 -30.95 30.97 58.81
N SER D 771 -31.85 30.13 59.33
CA SER D 771 -32.03 28.80 58.75
C SER D 771 -32.34 28.88 57.27
N PHE D 772 -33.13 29.89 56.87
CA PHE D 772 -33.44 30.11 55.45
C PHE D 772 -32.19 30.47 54.66
N TRP D 773 -31.41 31.43 55.18
CA TRP D 773 -30.24 31.93 54.47
C TRP D 773 -29.26 30.82 54.12
N ARG D 774 -28.91 29.98 55.08
CA ARG D 774 -27.93 28.93 54.85
C ARG D 774 -28.54 27.66 54.24
N SER D 775 -29.84 27.66 53.94
CA SER D 775 -30.47 26.51 53.30
C SER D 775 -29.98 26.37 51.85
N PHE D 776 -29.70 25.12 51.46
CA PHE D 776 -29.30 24.79 50.09
C PHE D 776 -30.31 25.32 49.08
N HIS D 777 -29.83 26.07 48.09
CA HIS D 777 -30.75 26.72 47.15
C HIS D 777 -30.22 26.75 45.73
N THR D 778 -31.03 26.22 44.81
CA THR D 778 -30.91 26.41 43.37
C THR D 778 -32.25 26.94 42.86
N GLU D 779 -32.28 27.36 41.59
CA GLU D 779 -33.56 27.81 41.03
C GLU D 779 -34.64 26.74 41.16
N ARG D 780 -34.26 25.48 41.31
CA ARG D 780 -35.22 24.37 41.31
C ARG D 780 -35.45 23.73 42.66
N LYS D 781 -34.48 23.79 43.58
CA LYS D 781 -34.63 23.17 44.88
C LYS D 781 -34.25 24.11 46.00
N THR D 782 -34.85 23.86 47.17
CA THR D 782 -34.46 24.50 48.42
C THR D 782 -34.56 23.43 49.50
N GLU D 783 -33.40 23.05 50.06
CA GLU D 783 -33.32 22.06 51.11
C GLU D 783 -32.73 22.70 52.36
N PRO D 784 -33.13 22.24 53.55
CA PRO D 784 -32.49 22.74 54.77
C PRO D 784 -31.04 22.31 54.82
N ALA D 785 -30.19 23.18 55.34
CA ALA D 785 -28.78 22.84 55.46
C ALA D 785 -28.62 21.65 56.41
N THR D 786 -27.57 20.87 56.19
CA THR D 786 -27.30 19.71 57.02
C THR D 786 -25.80 19.43 56.99
N GLY D 787 -25.26 19.01 58.12
CA GLY D 787 -23.87 18.63 58.19
C GLY D 787 -22.87 19.76 58.23
N PHE D 788 -23.32 21.00 58.39
CA PHE D 788 -22.44 22.16 58.35
C PHE D 788 -22.76 23.10 59.50
N ILE D 789 -21.71 23.58 60.17
CA ILE D 789 -21.84 24.57 61.23
C ILE D 789 -21.40 25.92 60.65
N ASP D 790 -22.28 26.92 60.74
CA ASP D 790 -21.93 28.26 60.29
C ASP D 790 -20.96 28.88 61.29
N GLY D 791 -19.67 28.68 61.08
CA GLY D 791 -18.68 29.16 62.04
C GLY D 791 -18.75 30.64 62.29
N ASP D 792 -19.21 31.41 61.30
CA ASP D 792 -19.34 32.85 61.51
C ASP D 792 -20.42 33.17 62.51
N LEU D 793 -21.44 32.31 62.63
CA LEU D 793 -22.46 32.47 63.67
C LEU D 793 -21.93 32.08 65.04
N ILE D 794 -21.21 30.95 65.13
CA ILE D 794 -20.65 30.53 66.40
C ILE D 794 -19.72 31.61 66.95
N GLU D 795 -18.90 32.20 66.09
CA GLU D 795 -17.94 33.21 66.53
C GLU D 795 -18.58 34.53 66.91
N SER D 796 -19.86 34.74 66.64
CA SER D 796 -20.53 35.94 67.10
C SER D 796 -20.98 35.84 68.55
N PHE D 797 -21.01 34.62 69.10
CA PHE D 797 -21.30 34.45 70.53
C PHE D 797 -20.39 35.32 71.38
N LEU D 798 -19.12 35.46 70.99
CA LEU D 798 -18.18 36.26 71.75
C LEU D 798 -18.48 37.76 71.68
N ASP D 799 -19.35 38.20 70.77
CA ASP D 799 -19.61 39.61 70.58
C ASP D 799 -20.96 40.06 71.14
N ILE D 800 -21.82 39.13 71.58
CA ILE D 800 -23.09 39.52 72.19
C ILE D 800 -22.86 39.82 73.67
N SER D 801 -23.72 40.67 74.23
CA SER D 801 -23.55 41.15 75.59
C SER D 801 -23.69 40.01 76.60
N ARG D 802 -23.13 40.22 77.78
CA ARG D 802 -23.17 39.20 78.82
C ARG D 802 -24.59 38.74 79.12
N PRO D 803 -25.59 39.62 79.23
CA PRO D 803 -26.97 39.13 79.44
C PRO D 803 -27.43 38.13 78.41
N LYS D 804 -27.10 38.35 77.13
CA LYS D 804 -27.53 37.44 76.08
C LYS D 804 -26.75 36.14 76.12
N MET D 805 -25.46 36.19 76.45
CA MET D 805 -24.70 34.95 76.62
C MET D 805 -25.36 34.06 77.66
N GLN D 806 -25.79 34.65 78.78
CA GLN D 806 -26.45 33.87 79.83
C GLN D 806 -27.78 33.32 79.35
N GLU D 807 -28.49 34.07 78.48
CA GLU D 807 -29.71 33.55 77.89
C GLU D 807 -29.44 32.35 76.98
N VAL D 808 -28.32 32.37 76.26
CA VAL D 808 -28.03 31.31 75.30
C VAL D 808 -27.84 29.98 76.01
N VAL D 809 -27.12 29.99 77.14
CA VAL D 809 -26.76 28.75 77.83
C VAL D 809 -27.86 28.20 78.72
N ALA D 810 -29.00 28.86 78.82
CA ALA D 810 -30.07 28.39 79.69
C ALA D 810 -30.49 26.97 79.31
N ASN D 811 -30.46 26.06 80.29
CA ASN D 811 -30.86 24.66 80.10
C ASN D 811 -29.95 23.95 79.12
N LEU D 812 -28.70 24.40 79.02
CA LEU D 812 -27.70 23.78 78.17
C LEU D 812 -26.79 22.96 79.07
N GLN D 813 -26.55 21.70 78.71
CA GLN D 813 -25.68 20.83 79.48
C GLN D 813 -24.37 20.76 78.70
N TYR D 814 -23.27 20.81 79.43
CA TYR D 814 -21.95 20.90 78.83
C TYR D 814 -21.28 19.54 78.90
N ASP D 815 -20.30 19.35 78.02
CA ASP D 815 -19.53 18.12 77.97
C ASP D 815 -18.11 18.51 78.34
N ASP D 816 -17.61 17.95 79.43
CA ASP D 816 -16.28 18.24 79.95
C ASP D 816 -15.20 17.44 79.25
N GLY D 817 -15.56 16.47 78.42
CA GLY D 817 -14.59 15.58 77.85
C GLY D 817 -14.11 14.54 78.84
N SER D 818 -14.52 14.65 80.10
CA SER D 818 -14.25 13.67 81.13
C SER D 818 -15.44 12.77 81.36
N GLY D 819 -16.35 12.71 80.40
CA GLY D 819 -17.60 12.00 80.55
C GLY D 819 -18.63 12.74 81.37
N MET D 820 -18.20 13.72 82.18
CA MET D 820 -19.12 14.48 83.01
C MET D 820 -19.94 15.47 82.19
N LYS D 821 -21.24 15.51 82.46
CA LYS D 821 -22.17 16.44 81.84
C LYS D 821 -22.73 17.36 82.92
N ARG D 822 -22.59 18.68 82.73
CA ARG D 822 -23.06 19.64 83.72
C ARG D 822 -23.75 20.81 83.03
N GLU D 823 -24.47 21.60 83.82
CA GLU D 823 -25.08 22.82 83.28
C GLU D 823 -23.97 23.74 82.77
N ALA D 824 -24.21 24.41 81.66
CA ALA D 824 -23.18 25.18 80.99
C ALA D 824 -23.23 26.62 81.47
N THR D 825 -22.05 27.21 81.65
CA THR D 825 -21.92 28.61 81.97
C THR D 825 -21.43 29.36 80.73
N ALA D 826 -21.62 30.68 80.76
CA ALA D 826 -21.13 31.51 79.67
C ALA D 826 -19.62 31.35 79.52
N ASP D 827 -18.90 31.17 80.63
CA ASP D 827 -17.45 31.03 80.56
C ASP D 827 -17.04 29.71 79.91
N ASP D 828 -17.88 28.67 80.02
CA ASP D 828 -17.53 27.41 79.37
C ASP D 828 -17.58 27.54 77.85
N LEU D 829 -18.63 28.16 77.33
CA LEU D 829 -18.75 28.31 75.88
C LEU D 829 -17.76 29.34 75.34
N ILE D 830 -17.46 30.38 76.13
CA ILE D 830 -16.49 31.38 75.68
C ILE D 830 -15.14 30.73 75.46
N LYS D 831 -14.76 29.79 76.34
CA LYS D 831 -13.51 29.07 76.13
C LYS D 831 -13.59 28.24 74.85
N VAL D 832 -14.74 27.62 74.59
CA VAL D 832 -14.88 26.78 73.41
C VAL D 832 -14.81 27.63 72.14
N VAL D 833 -15.59 28.70 72.09
CA VAL D 833 -15.62 29.53 70.87
C VAL D 833 -14.25 30.15 70.62
N GLU D 834 -13.59 30.62 71.68
CA GLU D 834 -12.26 31.19 71.52
C GLU D 834 -11.30 30.19 70.91
N GLU D 835 -11.44 28.91 71.29
CA GLU D 835 -10.63 27.87 70.65
C GLU D 835 -10.91 27.79 69.16
N LEU D 836 -12.17 27.95 68.76
CA LEU D 836 -12.51 27.87 67.34
C LEU D 836 -11.99 29.06 66.55
N THR D 837 -11.84 30.23 67.19
CA THR D 837 -11.30 31.37 66.46
C THR D 837 -9.82 31.19 66.12
N ARG D 838 -9.14 30.23 66.75
CA ARG D 838 -7.70 30.10 66.54
C ARG D 838 -7.36 29.26 65.31
N ILE D 839 -8.34 28.63 64.67
CA ILE D 839 -8.04 27.80 63.51
C ILE D 839 -7.72 28.63 62.27
N HIS D 840 -8.15 29.88 62.24
CA HIS D 840 -7.91 30.75 61.10
C HIS D 840 -7.24 32.07 61.48
N THR E 7 -28.56 -14.52 13.51
CA THR E 7 -29.19 -13.39 12.85
C THR E 7 -29.45 -12.26 13.84
N GLU E 8 -29.91 -11.12 13.31
CA GLU E 8 -30.20 -9.95 14.14
C GLU E 8 -31.31 -10.20 15.15
N SER E 9 -32.10 -11.25 14.97
CA SER E 9 -33.29 -11.47 15.78
C SER E 9 -33.07 -12.40 16.97
N ASP E 10 -31.94 -13.10 17.03
CA ASP E 10 -31.74 -14.17 18.00
C ASP E 10 -31.24 -13.58 19.33
N TRP E 11 -32.17 -12.91 20.02
CA TRP E 11 -31.84 -12.22 21.25
C TRP E 11 -31.62 -13.21 22.39
N GLY E 12 -30.85 -12.76 23.39
CA GLY E 12 -30.59 -13.54 24.59
C GLY E 12 -29.42 -14.48 24.49
N LYS E 13 -28.81 -14.62 23.32
CA LYS E 13 -27.73 -15.57 23.08
C LYS E 13 -26.35 -14.92 23.13
N ARG E 14 -26.21 -13.77 22.48
CA ARG E 14 -24.92 -13.07 22.42
C ARG E 14 -24.47 -12.64 23.82
N CYS E 15 -23.17 -12.72 24.06
CA CYS E 15 -22.61 -12.44 25.36
C CYS E 15 -22.32 -10.95 25.53
N VAL E 16 -22.38 -10.49 26.78
CA VAL E 16 -22.04 -9.11 27.09
C VAL E 16 -20.55 -8.83 26.97
N ASP E 17 -19.73 -9.86 26.77
CA ASP E 17 -18.32 -9.64 26.44
C ASP E 17 -18.17 -8.76 25.21
N LYS E 18 -19.15 -8.77 24.32
CA LYS E 18 -19.12 -8.01 23.08
C LYS E 18 -19.28 -6.51 23.32
N PHE E 19 -19.46 -6.10 24.57
CA PHE E 19 -19.57 -4.70 24.96
C PHE E 19 -18.52 -4.40 26.02
N ASP E 20 -17.73 -3.35 25.81
CA ASP E 20 -16.84 -2.80 26.82
C ASP E 20 -17.60 -1.78 27.65
N ILE E 21 -17.61 -1.97 28.96
CA ILE E 21 -18.37 -1.10 29.86
C ILE E 21 -17.56 0.16 30.11
N ILE E 22 -18.11 1.31 29.70
CA ILE E 22 -17.42 2.58 29.94
C ILE E 22 -17.66 3.05 31.37
N GLY E 23 -18.86 2.86 31.87
CA GLY E 23 -19.19 3.28 33.23
C GLY E 23 -20.65 3.03 33.54
N ILE E 24 -21.03 3.43 34.75
CA ILE E 24 -22.39 3.27 35.24
C ILE E 24 -23.08 4.63 35.18
N ILE E 25 -24.04 4.78 34.26
CA ILE E 25 -24.74 6.05 34.10
C ILE E 25 -25.80 6.25 35.19
N GLY E 26 -26.56 5.22 35.53
CA GLY E 26 -27.59 5.40 36.54
C GLY E 26 -27.98 4.09 37.18
N GLU E 27 -28.75 4.21 38.27
CA GLU E 27 -29.26 3.06 39.01
C GLU E 27 -30.71 2.83 38.61
N GLY E 28 -31.02 1.62 38.14
CA GLY E 28 -32.33 1.30 37.61
C GLY E 28 -33.25 0.65 38.63
N THR E 29 -34.39 0.18 38.13
CA THR E 29 -35.38 -0.49 38.98
C THR E 29 -34.99 -1.94 39.26
N TYR E 30 -34.64 -2.68 38.21
CA TYR E 30 -34.30 -4.09 38.31
C TYR E 30 -32.80 -4.35 38.19
N GLY E 31 -32.01 -3.30 38.03
CA GLY E 31 -30.57 -3.43 37.95
C GLY E 31 -29.98 -2.09 37.57
N GLN E 32 -28.67 -2.01 37.69
CA GLN E 32 -27.97 -0.79 37.35
C GLN E 32 -27.91 -0.59 35.85
N VAL E 33 -27.79 0.66 35.44
CA VAL E 33 -27.71 1.05 34.03
C VAL E 33 -26.28 1.46 33.75
N TYR E 34 -25.69 0.88 32.71
CA TYR E 34 -24.29 1.07 32.36
C TYR E 34 -24.17 1.56 30.93
N LYS E 35 -23.19 2.42 30.68
CA LYS E 35 -22.81 2.83 29.33
C LYS E 35 -21.72 1.90 28.81
N ALA E 36 -21.82 1.53 27.52
CA ALA E 36 -20.89 0.59 26.93
C ALA E 36 -20.73 0.88 25.45
N LYS E 37 -19.66 0.33 24.88
CA LYS E 37 -19.37 0.45 23.45
C LYS E 37 -19.19 -0.93 22.83
N ASP E 38 -19.87 -1.16 21.71
CA ASP E 38 -19.80 -2.42 21.01
C ASP E 38 -18.38 -2.61 20.47
N LYS E 39 -17.74 -3.72 20.82
CA LYS E 39 -16.39 -3.97 20.33
C LYS E 39 -16.35 -4.07 18.81
N ASP E 40 -17.42 -4.60 18.20
CA ASP E 40 -17.40 -4.81 16.76
C ASP E 40 -17.80 -3.56 15.99
N THR E 41 -18.83 -2.85 16.44
CA THR E 41 -19.36 -1.74 15.67
C THR E 41 -18.88 -0.37 16.14
N GLY E 42 -18.33 -0.28 17.35
CA GLY E 42 -17.96 1.01 17.88
C GLY E 42 -19.14 1.85 18.30
N GLU E 43 -20.33 1.27 18.36
CA GLU E 43 -21.53 1.99 18.75
C GLU E 43 -21.63 2.13 20.26
N LEU E 44 -21.90 3.34 20.72
CA LEU E 44 -22.22 3.54 22.13
C LEU E 44 -23.63 3.05 22.43
N VAL E 45 -23.75 2.24 23.48
CA VAL E 45 -25.02 1.66 23.91
C VAL E 45 -25.14 1.81 25.42
N ALA E 46 -26.39 1.72 25.89
CA ALA E 46 -26.69 1.73 27.32
C ALA E 46 -27.25 0.36 27.68
N LEU E 47 -26.70 -0.25 28.73
CA LEU E 47 -27.06 -1.59 29.14
C LEU E 47 -27.81 -1.51 30.46
N LYS E 48 -29.02 -2.05 30.50
CA LYS E 48 -29.79 -2.18 31.73
C LYS E 48 -29.58 -3.60 32.24
N LYS E 49 -28.96 -3.73 33.41
CA LYS E 49 -28.69 -5.04 33.98
C LYS E 49 -29.99 -5.58 34.56
N VAL E 50 -30.35 -6.80 34.17
CA VAL E 50 -31.51 -7.49 34.74
C VAL E 50 -31.00 -8.63 35.59
N ARG E 51 -31.31 -8.58 36.88
CA ARG E 51 -30.85 -9.59 37.84
C ARG E 51 -32.04 -10.46 38.21
N LEU E 52 -31.96 -11.74 37.87
CA LEU E 52 -32.90 -12.73 38.37
C LEU E 52 -32.28 -13.60 39.46
N ASP E 53 -31.06 -13.25 39.92
CA ASP E 53 -30.39 -14.05 40.94
C ASP E 53 -31.16 -14.04 42.26
N ASN E 54 -31.93 -12.99 42.53
CA ASN E 54 -32.83 -13.03 43.68
C ASN E 54 -33.86 -14.14 43.54
N GLU E 55 -34.44 -14.30 42.33
CA GLU E 55 -35.33 -15.42 42.06
C GLU E 55 -36.53 -15.47 43.01
N LYS E 56 -36.88 -14.33 43.61
CA LYS E 56 -38.12 -14.27 44.39
C LYS E 56 -39.32 -14.60 43.51
N GLU E 57 -39.37 -14.00 42.33
CA GLU E 57 -40.38 -14.32 41.32
C GLU E 57 -39.74 -14.40 39.94
N GLY E 58 -38.43 -14.62 39.88
CA GLY E 58 -37.75 -14.79 38.60
C GLY E 58 -37.50 -13.48 37.89
N PHE E 59 -37.47 -13.55 36.56
CA PHE E 59 -37.21 -12.38 35.74
C PHE E 59 -38.21 -11.28 36.08
N PRO E 60 -37.77 -10.05 36.34
CA PRO E 60 -38.71 -9.02 36.79
C PRO E 60 -39.73 -8.65 35.73
N ILE E 61 -40.98 -8.52 36.16
CA ILE E 61 -42.03 -8.12 35.24
C ILE E 61 -41.74 -6.73 34.68
N THR E 62 -41.16 -5.85 35.49
CA THR E 62 -40.72 -4.55 35.01
C THR E 62 -39.90 -4.69 33.73
N ALA E 63 -38.96 -5.64 33.73
CA ALA E 63 -38.15 -5.88 32.53
C ALA E 63 -38.98 -6.57 31.45
N ILE E 64 -39.85 -7.51 31.83
CA ILE E 64 -40.68 -8.19 30.86
C ILE E 64 -41.58 -7.19 30.15
N ARG E 65 -42.19 -6.26 30.90
CA ARG E 65 -43.05 -5.26 30.27
C ARG E 65 -42.25 -4.43 29.26
N GLU E 66 -41.07 -3.96 29.66
CA GLU E 66 -40.31 -3.08 28.79
C GLU E 66 -39.85 -3.80 27.53
N ILE E 67 -39.45 -5.07 27.67
CA ILE E 67 -39.05 -5.84 26.49
C ILE E 67 -40.23 -6.01 25.54
N LYS E 68 -41.37 -6.46 26.07
CA LYS E 68 -42.55 -6.69 25.24
C LYS E 68 -43.00 -5.41 24.55
N ILE E 69 -43.06 -4.30 25.27
CA ILE E 69 -43.66 -3.09 24.73
C ILE E 69 -42.69 -2.41 23.76
N LEU E 70 -41.41 -2.34 24.12
CA LEU E 70 -40.47 -1.61 23.29
C LEU E 70 -40.12 -2.34 22.00
N ARG E 71 -40.28 -3.67 21.95
CA ARG E 71 -40.13 -4.37 20.69
C ARG E 71 -41.32 -4.20 19.76
N GLN E 72 -42.47 -3.83 20.31
CA GLN E 72 -43.65 -3.54 19.49
C GLN E 72 -43.64 -2.10 19.01
N LEU E 73 -43.09 -1.18 19.79
CA LEU E 73 -43.12 0.24 19.49
C LEU E 73 -41.84 0.64 18.79
N ILE E 74 -41.97 1.25 17.61
CA ILE E 74 -40.85 1.75 16.83
C ILE E 74 -41.20 3.17 16.41
N HIS E 75 -40.61 4.16 17.09
CA HIS E 75 -40.86 5.55 16.77
C HIS E 75 -39.60 6.34 17.05
N ARG E 76 -39.41 7.44 16.32
CA ARG E 76 -38.22 8.26 16.50
C ARG E 76 -38.16 8.84 17.92
N SER E 77 -39.33 9.04 18.54
CA SER E 77 -39.42 9.64 19.86
C SER E 77 -39.65 8.60 20.96
N VAL E 78 -39.44 7.32 20.65
CA VAL E 78 -39.47 6.23 21.63
C VAL E 78 -38.12 5.54 21.56
N VAL E 79 -37.55 5.23 22.73
CA VAL E 79 -36.20 4.69 22.76
C VAL E 79 -36.18 3.32 22.09
N ASN E 80 -35.09 3.02 21.37
CA ASN E 80 -34.96 1.78 20.64
C ASN E 80 -34.19 0.76 21.47
N MET E 81 -34.80 -0.39 21.73
CA MET E 81 -34.10 -1.53 22.31
C MET E 81 -33.48 -2.33 21.17
N LYS E 82 -32.15 -2.45 21.20
CA LYS E 82 -31.43 -3.03 20.08
C LYS E 82 -31.27 -4.54 20.21
N GLU E 83 -31.08 -5.01 21.44
CA GLU E 83 -30.88 -6.43 21.72
C GLU E 83 -30.79 -6.73 23.19
N ILE E 84 -30.71 -8.01 23.54
CA ILE E 84 -30.54 -8.47 24.91
C ILE E 84 -29.36 -9.44 24.91
N VAL E 85 -28.41 -9.21 25.81
CA VAL E 85 -27.21 -10.02 25.90
C VAL E 85 -27.13 -10.63 27.29
N THR E 86 -26.29 -11.65 27.43
CA THR E 86 -26.24 -12.45 28.64
C THR E 86 -24.84 -12.46 29.22
N ASP E 87 -24.76 -12.67 30.54
CA ASP E 87 -23.47 -12.94 31.17
C ASP E 87 -22.97 -14.31 30.71
N LYS E 88 -21.65 -14.48 30.71
CA LYS E 88 -21.08 -15.72 30.20
C LYS E 88 -21.62 -16.92 30.96
N GLN E 89 -22.20 -17.87 30.23
CA GLN E 89 -22.77 -19.09 30.80
C GLN E 89 -21.62 -20.07 31.03
N ASP E 90 -20.86 -19.85 32.11
CA ASP E 90 -19.75 -20.74 32.42
C ASP E 90 -20.24 -22.11 32.84
N ALA E 91 -21.39 -22.17 33.52
CA ALA E 91 -21.94 -23.44 33.97
C ALA E 91 -22.46 -24.25 32.78
N LEU E 92 -22.10 -25.53 32.72
CA LEU E 92 -22.64 -26.35 31.65
C LEU E 92 -24.04 -26.86 31.96
N ASP E 93 -24.52 -26.62 33.18
CA ASP E 93 -25.85 -27.04 33.61
C ASP E 93 -26.64 -25.75 33.84
N PHE E 94 -27.76 -25.61 33.13
CA PHE E 94 -28.60 -24.43 33.29
C PHE E 94 -29.07 -24.24 34.72
N LYS E 95 -29.13 -25.31 35.51
CA LYS E 95 -29.52 -25.16 36.90
C LYS E 95 -28.54 -24.24 37.65
N LYS E 96 -27.24 -24.41 37.41
CA LYS E 96 -26.23 -23.62 38.11
C LYS E 96 -26.14 -22.18 37.59
N ASP E 97 -26.62 -21.91 36.38
CA ASP E 97 -26.49 -20.57 35.81
C ASP E 97 -27.30 -19.54 36.59
N LYS E 98 -26.60 -18.64 37.29
CA LYS E 98 -27.21 -17.52 38.00
C LYS E 98 -26.79 -16.18 37.41
N GLY E 99 -26.26 -16.19 36.18
CA GLY E 99 -25.84 -14.96 35.53
C GLY E 99 -27.00 -14.03 35.20
N ALA E 100 -26.65 -12.79 34.89
CA ALA E 100 -27.63 -11.74 34.63
C ALA E 100 -27.76 -11.49 33.13
N PHE E 101 -28.84 -10.80 32.77
CA PHE E 101 -29.10 -10.34 31.42
C PHE E 101 -28.96 -8.83 31.33
N TYR E 102 -28.71 -8.35 30.11
CA TYR E 102 -28.54 -6.92 29.88
C TYR E 102 -29.43 -6.50 28.71
N LEU E 103 -30.23 -5.46 28.92
CA LEU E 103 -31.07 -4.90 27.87
C LEU E 103 -30.28 -3.80 27.19
N VAL E 104 -29.96 -3.99 25.91
CA VAL E 104 -29.13 -3.07 25.16
C VAL E 104 -30.02 -2.01 24.54
N PHE E 105 -29.74 -0.74 24.87
CA PHE E 105 -30.47 0.40 24.36
C PHE E 105 -29.51 1.35 23.65
N GLU E 106 -30.06 2.18 22.76
CA GLU E 106 -29.29 3.26 22.18
C GLU E 106 -28.85 4.24 23.27
N TYR E 107 -27.58 4.65 23.24
CA TYR E 107 -27.08 5.60 24.21
C TYR E 107 -27.63 7.00 23.93
N MET E 108 -28.09 7.67 24.98
CA MET E 108 -28.59 9.04 24.89
C MET E 108 -27.63 9.95 25.64
N ASP E 109 -27.23 11.06 24.99
CA ASP E 109 -26.21 11.92 25.58
C ASP E 109 -26.66 12.44 26.94
N HIS E 110 -27.89 12.94 27.05
CA HIS E 110 -28.33 13.58 28.28
C HIS E 110 -29.77 13.18 28.62
N ASP E 111 -30.12 13.42 29.88
CA ASP E 111 -31.50 13.32 30.36
C ASP E 111 -31.96 14.72 30.75
N LEU E 112 -33.26 14.98 30.54
CA LEU E 112 -33.78 16.32 30.79
C LEU E 112 -33.47 16.79 32.20
N MET E 113 -33.80 15.97 33.21
CA MET E 113 -33.60 16.38 34.59
C MET E 113 -32.17 16.87 34.83
N GLY E 114 -31.19 16.14 34.30
CA GLY E 114 -29.80 16.52 34.55
C GLY E 114 -29.47 17.88 34.00
N LEU E 115 -29.95 18.19 32.79
CA LEU E 115 -29.70 19.49 32.19
C LEU E 115 -30.36 20.60 32.99
N LEU E 116 -31.60 20.37 33.45
CA LEU E 116 -32.31 21.43 34.16
C LEU E 116 -31.76 21.63 35.56
N GLU E 117 -31.55 20.55 36.31
CA GLU E 117 -31.12 20.67 37.70
C GLU E 117 -29.74 21.31 37.78
N SER E 118 -28.83 20.93 36.88
CA SER E 118 -27.53 21.58 36.82
C SER E 118 -27.65 23.06 36.46
N GLY E 119 -28.78 23.48 35.89
CA GLY E 119 -28.90 24.85 35.44
C GLY E 119 -28.11 25.14 34.19
N LEU E 120 -27.74 24.11 33.43
CA LEU E 120 -26.85 24.24 32.30
C LEU E 120 -27.56 24.25 30.95
N VAL E 121 -28.85 24.56 30.90
CA VAL E 121 -29.54 24.59 29.61
C VAL E 121 -30.53 25.74 29.58
N HIS E 122 -30.73 26.28 28.39
CA HIS E 122 -31.71 27.34 28.17
C HIS E 122 -32.57 26.96 26.97
N PHE E 123 -33.88 27.06 27.13
CA PHE E 123 -34.83 26.72 26.08
C PHE E 123 -35.50 28.00 25.58
N SER E 124 -35.34 28.28 24.28
CA SER E 124 -36.11 29.33 23.64
C SER E 124 -37.49 28.79 23.24
N GLU E 125 -38.36 29.67 22.77
CA GLU E 125 -39.68 29.22 22.36
C GLU E 125 -39.57 28.08 21.35
N ASP E 126 -38.74 28.28 20.32
CA ASP E 126 -38.63 27.27 19.27
C ASP E 126 -38.06 25.96 19.81
N HIS E 127 -37.11 26.03 20.74
CA HIS E 127 -36.56 24.79 21.30
C HIS E 127 -37.65 24.02 22.03
N ILE E 128 -38.50 24.74 22.76
CA ILE E 128 -39.60 24.10 23.47
C ILE E 128 -40.58 23.51 22.47
N LYS E 129 -40.80 24.19 21.35
CA LYS E 129 -41.66 23.65 20.31
C LYS E 129 -41.12 22.32 19.80
N SER E 130 -39.83 22.26 19.46
CA SER E 130 -39.27 21.02 18.93
C SER E 130 -39.31 19.91 19.98
N PHE E 131 -39.08 20.25 21.24
CA PHE E 131 -39.09 19.25 22.31
C PHE E 131 -40.47 18.66 22.47
N MET E 132 -41.48 19.53 22.62
CA MET E 132 -42.83 19.06 22.88
C MET E 132 -43.41 18.33 21.67
N LYS E 133 -43.14 18.81 20.45
CA LYS E 133 -43.68 18.12 19.28
C LYS E 133 -43.12 16.71 19.17
N GLN E 134 -41.83 16.55 19.46
CA GLN E 134 -41.26 15.21 19.44
C GLN E 134 -41.85 14.35 20.57
N LEU E 135 -41.97 14.92 21.76
CA LEU E 135 -42.52 14.16 22.88
C LEU E 135 -43.98 13.81 22.65
N MET E 136 -44.77 14.77 22.16
CA MET E 136 -46.18 14.53 21.97
C MET E 136 -46.44 13.60 20.78
N GLU E 137 -45.58 13.66 19.76
CA GLU E 137 -45.68 12.70 18.67
C GLU E 137 -45.36 11.29 19.17
N GLY E 138 -44.31 11.17 19.98
CA GLY E 138 -44.01 9.89 20.59
C GLY E 138 -45.14 9.40 21.48
N LEU E 139 -45.73 10.31 22.26
CA LEU E 139 -46.81 9.93 23.14
C LEU E 139 -48.06 9.51 22.37
N GLU E 140 -48.42 10.22 21.30
CA GLU E 140 -49.60 9.80 20.54
C GLU E 140 -49.37 8.43 19.91
N TYR E 141 -48.15 8.18 19.44
CA TYR E 141 -47.83 6.88 18.88
C TYR E 141 -48.14 5.77 19.88
N CYS E 142 -47.67 5.92 21.11
CA CYS E 142 -47.97 4.92 22.14
C CYS E 142 -49.45 4.88 22.44
N HIS E 143 -50.10 6.05 22.53
CA HIS E 143 -51.52 6.09 22.85
C HIS E 143 -52.37 5.47 21.74
N LYS E 144 -51.99 5.67 20.47
CA LYS E 144 -52.73 5.00 19.39
C LYS E 144 -52.54 3.50 19.45
N LYS E 145 -51.39 3.03 19.93
CA LYS E 145 -51.15 1.61 20.15
C LYS E 145 -51.75 1.12 21.47
N ASN E 146 -52.50 1.98 22.16
CA ASN E 146 -53.23 1.64 23.38
C ASN E 146 -52.27 1.26 24.50
N PHE E 147 -51.19 2.03 24.66
CA PHE E 147 -50.22 1.85 25.72
C PHE E 147 -50.09 3.11 26.56
N LEU E 148 -49.94 2.92 27.88
CA LEU E 148 -49.77 4.01 28.83
C LEU E 148 -48.39 3.92 29.45
N HIS E 149 -47.63 5.01 29.41
CA HIS E 149 -46.31 5.00 30.02
C HIS E 149 -46.40 4.92 31.54
N ARG E 150 -47.12 5.86 32.15
CA ARG E 150 -47.49 5.91 33.54
C ARG E 150 -46.34 6.31 34.45
N ASP E 151 -45.18 6.69 33.92
CA ASP E 151 -44.08 7.20 34.74
C ASP E 151 -43.36 8.33 34.02
N ILE E 152 -44.12 9.26 33.44
CA ILE E 152 -43.48 10.35 32.68
C ILE E 152 -42.85 11.33 33.67
N LYS E 153 -41.53 11.44 33.61
CA LYS E 153 -40.78 12.36 34.45
C LYS E 153 -39.58 12.88 33.68
N CYS E 154 -39.08 14.04 34.09
CA CYS E 154 -37.97 14.66 33.38
C CYS E 154 -36.82 13.69 33.22
N SER E 155 -36.56 12.88 34.24
CA SER E 155 -35.47 11.90 34.18
C SER E 155 -35.72 10.87 33.08
N ASN E 156 -36.98 10.47 32.87
CA ASN E 156 -37.25 9.46 31.86
C ASN E 156 -37.21 10.02 30.44
N ILE E 157 -37.46 11.31 30.25
CA ILE E 157 -37.23 11.92 28.94
C ILE E 157 -35.73 12.06 28.68
N LEU E 158 -35.28 11.59 27.52
CA LEU E 158 -33.87 11.58 27.16
C LEU E 158 -33.64 12.40 25.90
N LEU E 159 -32.64 13.27 25.94
CA LEU E 159 -32.28 14.17 24.85
C LEU E 159 -30.80 14.00 24.50
N ASN E 160 -30.52 13.80 23.22
CA ASN E 160 -29.17 13.85 22.68
C ASN E 160 -28.89 15.21 22.04
N ASN E 161 -27.60 15.47 21.81
CA ASN E 161 -27.17 16.82 21.43
C ASN E 161 -27.78 17.30 20.12
N SER E 162 -28.17 16.37 19.24
CA SER E 162 -28.77 16.77 17.97
C SER E 162 -30.12 17.48 18.17
N GLY E 163 -30.74 17.31 19.33
CA GLY E 163 -32.06 17.86 19.58
C GLY E 163 -33.16 16.83 19.56
N GLN E 164 -32.82 15.56 19.47
CA GLN E 164 -33.77 14.48 19.39
C GLN E 164 -34.22 14.07 20.78
N ILE E 165 -35.53 13.92 20.95
CA ILE E 165 -36.12 13.54 22.23
C ILE E 165 -36.56 12.10 22.10
N LYS E 166 -36.24 11.28 23.11
CA LYS E 166 -36.74 9.90 23.14
C LYS E 166 -37.23 9.61 24.55
N LEU E 167 -38.43 9.05 24.64
CA LEU E 167 -38.99 8.62 25.92
C LEU E 167 -38.44 7.26 26.32
N ALA E 168 -38.38 7.02 27.64
CA ALA E 168 -37.71 5.82 28.14
C ALA E 168 -38.36 5.34 29.42
N ASP E 169 -37.83 4.23 29.95
CA ASP E 169 -38.32 3.56 31.15
C ASP E 169 -39.82 3.27 31.06
N PHE E 170 -40.13 2.33 30.16
CA PHE E 170 -41.49 1.84 29.96
C PHE E 170 -41.77 0.65 30.87
N GLY E 171 -41.23 0.71 32.10
CA GLY E 171 -41.34 -0.43 32.99
C GLY E 171 -42.69 -0.57 33.66
N LEU E 172 -43.46 0.50 33.75
CA LEU E 172 -44.79 0.47 34.33
C LEU E 172 -45.90 0.53 33.28
N ALA E 173 -45.54 0.39 32.00
CA ALA E 173 -46.51 0.58 30.93
C ALA E 173 -47.46 -0.60 30.85
N ARG E 174 -48.72 -0.30 30.52
CA ARG E 174 -49.79 -1.30 30.47
C ARG E 174 -50.69 -0.99 29.28
N LEU E 175 -51.29 -2.04 28.72
CA LEU E 175 -52.23 -1.85 27.63
C LEU E 175 -53.53 -1.32 28.21
N TYR E 176 -54.16 -0.39 27.49
CA TYR E 176 -55.41 0.23 27.95
C TYR E 176 -56.55 -0.19 27.06
N ASN E 177 -57.59 -0.74 27.67
CA ASN E 177 -58.85 -1.06 26.99
C ASN E 177 -59.94 -0.20 27.61
N SER E 178 -60.64 0.58 26.78
CA SER E 178 -61.74 1.37 27.31
C SER E 178 -62.90 0.46 27.72
N GLU E 179 -63.25 -0.51 26.88
CA GLU E 179 -64.25 -1.49 27.24
C GLU E 179 -63.68 -2.43 28.30
N GLU E 180 -64.57 -3.11 29.02
CA GLU E 180 -64.22 -4.05 30.07
C GLU E 180 -63.07 -3.46 30.91
N SER E 181 -63.35 -2.27 31.44
CA SER E 181 -62.40 -1.61 32.33
C SER E 181 -62.24 -2.40 33.62
N ARG E 182 -60.99 -2.67 33.99
CA ARG E 182 -60.58 -3.42 35.16
C ARG E 182 -59.66 -2.62 36.06
N PRO E 183 -59.50 -3.06 37.31
CA PRO E 183 -58.64 -2.32 38.25
C PRO E 183 -57.18 -2.27 37.81
N TYR E 184 -56.58 -1.09 37.99
CA TYR E 184 -55.18 -0.84 37.68
C TYR E 184 -54.45 -0.34 38.93
N ASN E 186 -52.76 2.05 41.35
CA ASN E 186 -53.07 3.47 41.44
C ASN E 186 -51.85 4.28 41.87
N LYS E 187 -51.83 5.57 41.53
CA LYS E 187 -50.72 6.46 41.88
C LYS E 187 -49.40 5.99 41.30
N VAL E 188 -49.42 5.63 40.02
CA VAL E 188 -48.24 5.08 39.38
C VAL E 188 -47.25 6.19 39.05
N ILE E 189 -47.73 7.36 38.64
CA ILE E 189 -46.85 8.43 38.21
C ILE E 189 -46.20 9.06 39.42
N THR E 190 -45.00 9.62 39.22
CA THR E 190 -44.31 10.29 40.31
C THR E 190 -45.10 11.51 40.77
N LEU E 191 -45.01 11.79 42.08
CA LEU E 191 -45.92 12.77 42.67
C LEU E 191 -45.87 14.12 41.97
N TRP E 192 -44.67 14.60 41.62
CA TRP E 192 -44.60 15.94 41.06
C TRP E 192 -45.32 16.03 39.72
N TYR E 193 -45.41 14.94 38.98
CA TYR E 193 -46.07 14.94 37.67
C TYR E 193 -47.35 14.10 37.67
N ARG E 194 -48.01 13.94 38.82
CA ARG E 194 -49.19 13.11 38.90
C ARG E 194 -50.47 13.92 38.77
N PRO E 195 -51.43 13.39 38.00
CA PRO E 195 -52.70 14.12 37.76
C PRO E 195 -53.61 14.07 38.99
N PRO E 196 -54.57 14.99 39.09
CA PRO E 196 -55.48 14.98 40.25
C PRO E 196 -56.30 13.69 40.38
N GLU E 197 -56.73 13.10 39.27
CA GLU E 197 -57.52 11.88 39.34
C GLU E 197 -56.79 10.79 40.13
N LEU E 198 -55.50 10.60 39.86
CA LEU E 198 -54.78 9.56 40.58
C LEU E 198 -54.60 9.92 42.05
N LEU E 199 -54.46 11.22 42.35
CA LEU E 199 -54.38 11.67 43.74
C LEU E 199 -55.67 11.39 44.49
N LEU E 200 -56.81 11.56 43.82
CA LEU E 200 -58.14 11.33 44.40
C LEU E 200 -58.59 9.88 44.30
N GLY E 201 -57.72 8.96 43.88
CA GLY E 201 -57.98 7.54 43.98
C GLY E 201 -58.68 6.88 42.81
N GLU E 202 -58.46 7.37 41.59
CA GLU E 202 -59.03 6.74 40.40
C GLU E 202 -58.27 5.45 40.10
N GLU E 203 -58.90 4.30 40.35
CA GLU E 203 -58.25 3.03 40.09
C GLU E 203 -58.26 2.63 38.63
N ARG E 204 -59.19 3.15 37.83
CA ARG E 204 -59.28 2.87 36.41
C ARG E 204 -59.14 4.21 35.67
N TYR E 205 -57.95 4.51 35.18
CA TYR E 205 -57.64 5.81 34.61
C TYR E 205 -57.49 5.78 33.10
N THR E 206 -57.57 6.96 32.50
CA THR E 206 -57.47 7.14 31.06
C THR E 206 -56.01 7.34 30.68
N PRO E 207 -55.69 7.34 29.37
CA PRO E 207 -54.34 7.72 28.97
C PRO E 207 -54.01 9.18 29.26
N ALA E 208 -54.99 9.99 29.64
CA ALA E 208 -54.75 11.40 29.89
C ALA E 208 -53.87 11.64 31.10
N ILE E 209 -53.58 10.59 31.87
CA ILE E 209 -52.61 10.74 32.97
C ILE E 209 -51.25 11.14 32.41
N ASP E 210 -50.87 10.56 31.27
CA ASP E 210 -49.59 10.92 30.66
C ASP E 210 -49.61 12.32 30.08
N VAL E 211 -50.77 12.77 29.57
CA VAL E 211 -50.85 14.12 29.04
C VAL E 211 -50.65 15.14 30.16
N TRP E 212 -51.25 14.89 31.32
CA TRP E 212 -51.05 15.79 32.46
C TRP E 212 -49.57 15.93 32.78
N SER E 213 -48.84 14.82 32.80
CA SER E 213 -47.42 14.87 33.10
C SER E 213 -46.70 15.76 32.10
N CYS E 214 -46.98 15.58 30.81
CA CYS E 214 -46.33 16.38 29.78
C CYS E 214 -46.71 17.85 29.91
N GLY E 215 -47.91 18.15 30.40
CA GLY E 215 -48.26 19.53 30.65
C GLY E 215 -47.43 20.14 31.76
N CYS E 216 -47.19 19.37 32.82
CA CYS E 216 -46.28 19.82 33.87
C CYS E 216 -44.89 20.09 33.33
N ILE E 217 -44.42 19.23 32.42
CA ILE E 217 -43.11 19.45 31.81
C ILE E 217 -43.12 20.70 30.95
N LEU E 218 -44.22 20.93 30.21
CA LEU E 218 -44.31 22.13 29.38
C LEU E 218 -44.14 23.38 30.22
N GLY E 219 -44.87 23.48 31.33
CA GLY E 219 -44.72 24.64 32.19
C GLY E 219 -43.32 24.76 32.76
N GLU E 220 -42.74 23.63 33.17
CA GLU E 220 -41.39 23.65 33.75
C GLU E 220 -40.37 24.19 32.75
N LEU E 221 -40.56 23.91 31.45
CA LEU E 221 -39.63 24.41 30.45
C LEU E 221 -39.70 25.92 30.27
N PHE E 222 -40.82 26.56 30.65
CA PHE E 222 -40.92 28.01 30.55
C PHE E 222 -40.48 28.72 31.84
N THR E 223 -40.38 28.01 32.95
CA THR E 223 -39.92 28.61 34.20
C THR E 223 -38.58 28.06 34.69
N LYS E 224 -38.16 26.90 34.19
CA LYS E 224 -36.98 26.18 34.65
C LYS E 224 -37.16 25.63 36.06
N LYS E 225 -38.38 25.64 36.60
CA LYS E 225 -38.64 25.07 37.93
C LYS E 225 -39.95 24.28 37.84
N PRO E 226 -40.00 23.08 38.40
CA PRO E 226 -41.24 22.29 38.35
C PRO E 226 -42.42 23.07 38.94
N ILE E 227 -43.62 22.73 38.46
CA ILE E 227 -44.80 23.52 38.80
C ILE E 227 -45.36 23.10 40.15
N PHE E 228 -45.43 21.80 40.42
CA PHE E 228 -46.06 21.27 41.62
C PHE E 228 -45.04 20.47 42.41
N GLN E 229 -44.38 21.12 43.37
CA GLN E 229 -43.37 20.50 44.22
C GLN E 229 -44.00 20.25 45.58
N ALA E 230 -44.24 18.97 45.89
CA ALA E 230 -44.85 18.59 47.16
C ALA E 230 -44.26 17.27 47.63
N ASN E 231 -44.51 16.97 48.90
CA ASN E 231 -43.99 15.76 49.54
C ASN E 231 -45.06 14.71 49.81
N LEU E 232 -46.31 15.10 50.02
CA LEU E 232 -47.39 14.19 50.32
C LEU E 232 -48.57 14.50 49.38
N GLU E 233 -49.41 13.50 49.16
CA GLU E 233 -50.46 13.63 48.16
C GLU E 233 -51.36 14.84 48.45
N LEU E 234 -51.64 15.11 49.71
CA LEU E 234 -52.52 16.23 50.03
C LEU E 234 -51.87 17.57 49.65
N ALA E 235 -50.60 17.76 50.03
CA ALA E 235 -49.91 18.99 49.66
C ALA E 235 -49.85 19.17 48.15
N GLN E 236 -49.74 18.07 47.40
CA GLN E 236 -49.72 18.16 45.94
C GLN E 236 -51.07 18.60 45.40
N LEU E 237 -52.15 17.98 45.88
CA LEU E 237 -53.50 18.39 45.46
C LEU E 237 -53.74 19.86 45.79
N GLU E 238 -53.22 20.33 46.92
CA GLU E 238 -53.38 21.74 47.28
C GLU E 238 -52.69 22.65 46.28
N LEU E 239 -51.48 22.28 45.85
CA LEU E 239 -50.78 23.11 44.87
C LEU E 239 -51.49 23.11 43.52
N ILE E 240 -51.97 21.95 43.09
CA ILE E 240 -52.75 21.87 41.86
C ILE E 240 -53.99 22.75 41.95
N SER E 241 -54.67 22.73 43.11
CA SER E 241 -55.90 23.49 43.24
C SER E 241 -55.66 24.98 43.17
N ARG E 242 -54.58 25.46 43.81
CA ARG E 242 -54.30 26.90 43.79
C ARG E 242 -54.15 27.43 42.38
N LEU E 243 -53.65 26.60 41.47
CA LEU E 243 -53.37 27.01 40.10
C LEU E 243 -54.50 26.63 39.14
N CYS E 244 -54.96 25.39 39.18
CA CYS E 244 -55.95 24.88 38.25
C CYS E 244 -57.37 25.05 38.73
N GLY E 245 -57.58 25.41 39.98
CA GLY E 245 -58.90 25.41 40.58
C GLY E 245 -59.14 24.15 41.37
N SER E 246 -59.99 24.24 42.39
CA SER E 246 -60.22 23.09 43.22
C SER E 246 -61.08 22.08 42.46
N PRO E 247 -60.77 20.79 42.53
CA PRO E 247 -61.68 19.78 41.96
C PRO E 247 -63.07 19.94 42.56
N CYS E 248 -64.07 20.04 41.69
CA CYS E 248 -65.45 20.18 42.12
C CYS E 248 -66.36 19.79 40.97
N PRO E 249 -67.57 19.31 41.25
CA PRO E 249 -68.47 18.91 40.16
C PRO E 249 -68.75 20.02 39.15
N ALA E 250 -68.56 21.29 39.54
CA ALA E 250 -68.84 22.39 38.61
C ALA E 250 -68.02 22.26 37.34
N VAL E 251 -66.79 21.77 37.45
CA VAL E 251 -65.89 21.64 36.30
C VAL E 251 -65.49 20.19 36.04
N TRP E 252 -65.88 19.26 36.91
CA TRP E 252 -65.44 17.87 36.85
C TRP E 252 -66.59 17.01 37.34
N PRO E 253 -67.63 16.85 36.52
CA PRO E 253 -68.89 16.28 37.02
C PRO E 253 -68.73 14.98 37.77
N ASP E 254 -67.78 14.14 37.38
CA ASP E 254 -67.61 12.82 37.96
C ASP E 254 -66.60 12.78 39.11
N VAL E 255 -66.14 13.94 39.59
CA VAL E 255 -65.17 13.93 40.68
C VAL E 255 -65.78 13.31 41.92
N ILE E 256 -67.11 13.43 42.08
CA ILE E 256 -67.81 12.88 43.24
C ILE E 256 -67.78 11.37 43.30
N ARG E 257 -67.39 10.70 42.22
CA ARG E 257 -67.25 9.25 42.25
C ARG E 257 -65.92 8.78 42.84
N LEU E 258 -64.99 9.69 43.07
CA LEU E 258 -63.63 9.24 43.40
C LEU E 258 -63.51 8.97 44.90
N PRO E 259 -62.82 7.88 45.27
CA PRO E 259 -62.73 7.53 46.70
C PRO E 259 -62.34 8.68 47.61
N TYR E 260 -61.34 9.48 47.24
CA TYR E 260 -60.77 10.48 48.14
C TYR E 260 -61.27 11.89 47.85
N PHE E 261 -62.37 12.04 47.12
CA PHE E 261 -62.86 13.38 46.83
C PHE E 261 -63.20 14.12 48.13
N ASN E 262 -63.98 13.48 48.99
CA ASN E 262 -64.31 14.07 50.29
C ASN E 262 -63.14 14.03 51.26
N THR E 263 -62.32 12.97 51.19
CA THR E 263 -61.21 12.86 52.13
C THR E 263 -60.18 13.96 51.89
N MET E 264 -59.72 14.08 50.64
CA MET E 264 -58.66 15.03 50.30
C MET E 264 -59.28 16.34 49.78
N LYS E 265 -59.99 17.03 50.67
CA LYS E 265 -60.50 18.32 50.25
C LYS E 265 -59.38 19.35 50.30
N PRO E 266 -59.28 20.23 49.30
CA PRO E 266 -58.30 21.32 49.41
C PRO E 266 -58.73 22.35 50.45
N LYS E 267 -57.75 23.14 50.89
CA LYS E 267 -58.00 24.13 51.93
C LYS E 267 -59.18 25.03 51.58
N LYS E 268 -59.26 25.45 50.32
CA LYS E 268 -60.33 26.32 49.85
C LYS E 268 -60.90 25.73 48.57
N GLN E 269 -62.00 26.32 48.11
CA GLN E 269 -62.50 26.06 46.76
C GLN E 269 -61.92 27.15 45.86
N TYR E 270 -60.71 26.90 45.37
CA TYR E 270 -59.97 27.89 44.61
C TYR E 270 -60.54 28.03 43.20
N ARG E 271 -60.48 29.23 42.66
CA ARG E 271 -60.72 29.43 41.24
C ARG E 271 -59.44 29.16 40.45
N ARG E 272 -59.61 28.89 39.16
CA ARG E 272 -58.46 28.65 38.29
C ARG E 272 -57.72 29.97 38.05
N ARG E 273 -56.41 29.95 38.23
CA ARG E 273 -55.59 31.13 38.01
C ARG E 273 -54.47 30.90 37.00
N LEU E 274 -54.49 29.76 36.31
CA LEU E 274 -53.35 29.33 35.51
C LEU E 274 -52.91 30.40 34.51
N ARG E 275 -53.86 31.02 33.81
CA ARG E 275 -53.49 32.01 32.80
C ARG E 275 -52.89 33.25 33.42
N GLU E 276 -53.27 33.57 34.65
CA GLU E 276 -52.71 34.73 35.34
C GLU E 276 -51.29 34.43 35.81
N GLU E 277 -51.10 33.25 36.41
CA GLU E 277 -49.79 32.91 36.95
C GLU E 277 -48.76 32.68 35.86
N PHE E 278 -49.19 32.28 34.66
CA PHE E 278 -48.31 32.03 33.52
C PHE E 278 -48.44 33.11 32.44
N SER E 279 -48.77 34.33 32.84
CA SER E 279 -49.07 35.37 31.86
C SER E 279 -47.90 35.67 30.92
N PHE E 280 -46.67 35.34 31.31
CA PHE E 280 -45.50 35.60 30.47
C PHE E 280 -45.30 34.58 29.35
N ILE E 281 -46.09 33.52 29.29
CA ILE E 281 -45.90 32.48 28.28
C ILE E 281 -46.54 32.95 26.97
N PRO E 282 -45.93 32.66 25.81
CA PRO E 282 -46.60 33.00 24.54
C PRO E 282 -47.99 32.40 24.48
N SER E 283 -48.91 33.13 23.84
CA SER E 283 -50.32 32.74 23.89
C SER E 283 -50.54 31.36 23.30
N ALA E 284 -49.91 31.06 22.17
CA ALA E 284 -50.09 29.74 21.56
C ALA E 284 -49.68 28.63 22.54
N ALA E 285 -48.58 28.84 23.26
CA ALA E 285 -48.13 27.85 24.24
C ALA E 285 -49.04 27.83 25.47
N LEU E 286 -49.42 29.02 25.95
CA LEU E 286 -50.28 29.09 27.13
C LEU E 286 -51.59 28.35 26.91
N ASP E 287 -52.17 28.50 25.72
CA ASP E 287 -53.39 27.77 25.40
C ASP E 287 -53.15 26.26 25.46
N LEU E 288 -51.99 25.81 24.98
CA LEU E 288 -51.65 24.39 25.09
C LEU E 288 -51.55 23.96 26.55
N LEU E 289 -50.87 24.77 27.38
CA LEU E 289 -50.74 24.44 28.79
C LEU E 289 -52.09 24.34 29.47
N ASP E 290 -52.98 25.30 29.20
CA ASP E 290 -54.29 25.32 29.84
C ASP E 290 -55.06 24.03 29.57
N HIS E 291 -54.95 23.49 28.35
CA HIS E 291 -55.70 22.30 27.97
C HIS E 291 -55.07 21.04 28.55
N MET E 292 -53.73 20.97 28.55
CA MET E 292 -53.06 19.79 29.09
C MET E 292 -53.27 19.68 30.59
N LEU E 293 -53.33 20.82 31.28
CA LEU E 293 -53.55 20.87 32.73
C LEU E 293 -55.01 21.12 33.08
N THR E 294 -55.92 20.51 32.32
CA THR E 294 -57.33 20.54 32.65
C THR E 294 -57.62 19.46 33.68
N LEU E 295 -58.37 19.81 34.72
CA LEU E 295 -58.52 18.91 35.85
C LEU E 295 -59.22 17.62 35.45
N ASP E 296 -60.34 17.73 34.75
CA ASP E 296 -61.17 16.57 34.43
C ASP E 296 -60.53 15.79 33.30
N PRO E 297 -60.09 14.55 33.51
CA PRO E 297 -59.41 13.82 32.42
C PRO E 297 -60.27 13.66 31.17
N SER E 298 -61.60 13.72 31.30
CA SER E 298 -62.47 13.62 30.14
C SER E 298 -62.63 14.96 29.41
N LYS E 299 -62.14 16.06 29.99
CA LYS E 299 -62.06 17.35 29.32
C LYS E 299 -60.64 17.73 28.96
N ARG E 300 -59.64 17.02 29.50
CA ARG E 300 -58.25 17.27 29.15
C ARG E 300 -57.94 16.79 27.74
N CYS E 301 -57.20 17.62 27.00
CA CYS E 301 -56.88 17.31 25.61
C CYS E 301 -56.08 16.01 25.53
N THR E 302 -56.10 15.42 24.33
CA THR E 302 -55.33 14.22 24.03
C THR E 302 -53.98 14.60 23.43
N ALA E 303 -53.14 13.58 23.22
CA ALA E 303 -51.88 13.82 22.54
C ALA E 303 -52.10 14.31 21.11
N GLU E 304 -53.06 13.70 20.40
CA GLU E 304 -53.36 14.13 19.04
C GLU E 304 -53.78 15.60 19.00
N GLN E 305 -54.60 16.01 19.96
CA GLN E 305 -55.09 17.39 19.96
C GLN E 305 -53.97 18.40 20.20
N THR E 306 -52.96 18.07 21.00
CA THR E 306 -51.84 18.98 21.19
C THR E 306 -51.08 19.18 19.89
N LEU E 307 -50.96 18.12 19.09
CA LEU E 307 -50.30 18.25 17.79
C LEU E 307 -51.14 19.06 16.82
N GLN E 308 -52.43 19.28 17.13
CA GLN E 308 -53.28 20.17 16.35
C GLN E 308 -53.53 21.45 17.12
N SER E 309 -52.49 22.02 17.71
CA SER E 309 -52.56 23.28 18.42
C SER E 309 -51.78 24.34 17.65
N ASP E 310 -52.17 25.60 17.81
CA ASP E 310 -51.43 26.67 17.15
C ASP E 310 -49.95 26.64 17.53
N PHE E 311 -49.61 26.03 18.66
CA PHE E 311 -48.23 26.02 19.13
C PHE E 311 -47.40 24.99 18.38
N LEU E 312 -47.92 23.78 18.19
CA LEU E 312 -47.16 22.69 17.60
C LEU E 312 -47.60 22.34 16.19
N LYS E 313 -48.68 22.92 15.69
CA LYS E 313 -49.29 22.47 14.44
C LYS E 313 -48.31 22.61 13.29
N ASP E 314 -47.65 23.77 13.20
CA ASP E 314 -46.78 24.08 12.08
C ASP E 314 -45.30 23.89 12.39
N VAL E 315 -44.96 23.25 13.50
CA VAL E 315 -43.55 23.03 13.84
C VAL E 315 -43.00 21.93 12.93
N GLU E 316 -41.97 22.27 12.17
CA GLU E 316 -41.27 21.33 11.30
C GLU E 316 -40.03 20.80 12.00
N LEU E 317 -39.97 19.48 12.18
CA LEU E 317 -38.82 18.89 12.88
C LEU E 317 -37.57 18.87 12.01
N SER E 318 -37.69 19.14 10.70
CA SER E 318 -36.49 19.30 9.88
C SER E 318 -35.55 20.30 10.56
N LYS E 319 -36.08 21.44 10.98
CA LYS E 319 -35.41 22.37 11.89
C LYS E 319 -35.46 21.83 13.31
N MET E 320 -34.58 20.87 13.62
CA MET E 320 -34.62 20.29 14.96
C MET E 320 -34.44 21.34 16.05
N ALA E 321 -33.77 22.45 15.73
CA ALA E 321 -33.43 23.48 16.69
C ALA E 321 -32.99 22.80 17.97
N PRO E 322 -31.71 22.47 18.08
CA PRO E 322 -31.22 21.90 19.35
C PRO E 322 -31.28 22.91 20.46
N PRO E 323 -31.54 22.47 21.70
CA PRO E 323 -31.49 23.41 22.82
C PRO E 323 -30.08 23.91 23.02
N ASP E 324 -29.97 25.12 23.57
CA ASP E 324 -28.68 25.79 23.70
C ASP E 324 -27.94 25.23 24.91
N LEU E 325 -26.95 24.38 24.64
CA LEU E 325 -26.16 23.67 25.64
C LEU E 325 -24.76 24.26 25.70
N PRO E 326 -24.32 24.73 26.87
CA PRO E 326 -22.97 25.33 26.98
C PRO E 326 -21.94 24.23 27.21
N HIS E 327 -20.86 24.29 26.43
CA HIS E 327 -19.70 23.40 26.62
C HIS E 327 -18.40 24.17 26.83
N TRP E 328 -18.40 25.48 26.62
CA TRP E 328 -17.24 26.32 26.89
C TRP E 328 -17.79 27.62 27.47
N GLN E 329 -16.98 28.36 28.22
CA GLN E 329 -17.36 29.56 28.94
C GLN E 329 -18.05 29.17 30.25
N ASP E 330 -18.35 27.88 30.46
CA ASP E 330 -18.78 27.34 31.75
C ASP E 330 -17.61 26.88 32.60
N CYS E 331 -16.46 26.62 31.99
CA CYS E 331 -15.26 26.19 32.71
C CYS E 331 -14.79 27.25 33.70
N THR F 24 -35.65 -8.47 11.44
CA THR F 24 -36.10 -7.77 12.63
C THR F 24 -36.62 -8.77 13.67
N LYS F 25 -37.83 -9.31 13.40
CA LYS F 25 -38.45 -10.26 14.30
C LYS F 25 -38.25 -11.68 13.78
N PRO F 26 -38.10 -12.67 14.65
CA PRO F 26 -37.80 -14.02 14.15
C PRO F 26 -39.04 -14.70 13.57
N CYS F 27 -38.78 -15.70 12.74
CA CYS F 27 -39.84 -16.47 12.09
C CYS F 27 -40.19 -17.66 12.97
N TRP F 28 -41.45 -17.75 13.36
CA TRP F 28 -41.92 -18.80 14.26
C TRP F 28 -42.83 -19.81 13.57
N TYR F 29 -42.64 -20.02 12.27
CA TYR F 29 -43.48 -20.94 11.51
C TYR F 29 -42.64 -21.90 10.70
N TRP F 30 -43.00 -23.18 10.81
CA TRP F 30 -42.34 -24.29 10.12
C TRP F 30 -43.35 -24.98 9.21
N ASP F 31 -42.84 -25.76 8.26
CA ASP F 31 -43.67 -26.63 7.44
C ASP F 31 -43.92 -27.94 8.18
N LYS F 32 -45.11 -28.54 7.96
CA LYS F 32 -45.37 -29.81 8.62
C LYS F 32 -44.24 -30.81 8.36
N LYS F 33 -43.78 -30.89 7.10
CA LYS F 33 -42.72 -31.83 6.77
C LYS F 33 -41.50 -31.63 7.65
N ASP F 34 -41.30 -30.41 8.16
CA ASP F 34 -40.16 -30.14 9.02
C ASP F 34 -40.33 -30.76 10.41
N LEU F 35 -41.56 -31.03 10.84
CA LEU F 35 -41.77 -31.60 12.17
C LEU F 35 -41.28 -33.03 12.29
N ALA F 36 -40.92 -33.67 11.17
CA ALA F 36 -40.29 -34.99 11.22
C ALA F 36 -38.85 -34.91 11.69
N HIS F 37 -38.32 -33.70 11.89
CA HIS F 37 -36.91 -33.48 12.21
C HIS F 37 -36.75 -32.61 13.45
N THR F 38 -37.68 -32.71 14.38
CA THR F 38 -37.53 -32.03 15.65
C THR F 38 -36.44 -32.72 16.47
N PRO F 39 -35.82 -32.01 17.41
CA PRO F 39 -34.87 -32.68 18.33
C PRO F 39 -35.47 -33.95 18.93
N SER F 40 -36.76 -33.93 19.25
CA SER F 40 -37.41 -35.10 19.82
C SER F 40 -37.40 -36.28 18.84
N GLN F 41 -37.78 -36.01 17.59
CA GLN F 41 -37.78 -37.08 16.59
C GLN F 41 -36.39 -37.66 16.39
N LEU F 42 -35.37 -36.81 16.34
CA LEU F 42 -34.02 -37.26 16.03
C LEU F 42 -33.36 -37.96 17.22
N GLU F 43 -33.90 -37.83 18.42
CA GLU F 43 -33.48 -38.64 19.55
C GLU F 43 -34.27 -39.93 19.66
N GLY F 44 -35.01 -40.31 18.62
CA GLY F 44 -35.68 -41.58 18.57
C GLY F 44 -37.14 -41.58 18.98
N LEU F 45 -37.69 -40.44 19.33
CA LEU F 45 -39.11 -40.35 19.65
C LEU F 45 -39.93 -40.45 18.37
N ASP F 46 -40.97 -41.27 18.37
CA ASP F 46 -41.74 -41.47 17.15
C ASP F 46 -42.80 -40.39 16.99
N PRO F 47 -43.34 -40.22 15.78
CA PRO F 47 -44.27 -39.10 15.56
C PRO F 47 -45.47 -39.13 16.49
N ALA F 48 -46.05 -40.31 16.72
CA ALA F 48 -47.23 -40.39 17.57
C ALA F 48 -46.89 -39.95 18.99
N THR F 49 -45.73 -40.35 19.50
CA THR F 49 -45.37 -40.01 20.87
C THR F 49 -45.18 -38.52 21.04
N GLU F 50 -44.48 -37.87 20.11
CA GLU F 50 -44.31 -36.42 20.24
C GLU F 50 -45.65 -35.70 20.16
N ALA F 51 -46.53 -36.14 19.25
CA ALA F 51 -47.86 -35.54 19.19
C ALA F 51 -48.57 -35.69 20.53
N ARG F 52 -48.45 -36.86 21.15
CA ARG F 52 -49.06 -37.09 22.46
C ARG F 52 -48.45 -36.17 23.52
N TYR F 53 -47.12 -36.10 23.56
CA TYR F 53 -46.47 -35.23 24.54
C TYR F 53 -46.92 -33.78 24.38
N ARG F 54 -47.10 -33.33 23.14
CA ARG F 54 -47.58 -31.96 22.92
C ARG F 54 -49.02 -31.81 23.43
N ARG F 55 -49.89 -32.78 23.14
CA ARG F 55 -51.25 -32.72 23.66
C ARG F 55 -51.25 -32.69 25.18
N GLU F 56 -50.49 -33.59 25.81
CA GLU F 56 -50.48 -33.66 27.26
C GLU F 56 -49.94 -32.37 27.86
N GLY F 57 -48.87 -31.83 27.28
CA GLY F 57 -48.33 -30.58 27.78
C GLY F 57 -49.27 -29.41 27.58
N ALA F 58 -49.88 -29.32 26.40
CA ALA F 58 -50.82 -28.24 26.14
C ALA F 58 -52.00 -28.31 27.10
N ARG F 59 -52.62 -29.48 27.24
CA ARG F 59 -53.78 -29.60 28.12
C ARG F 59 -53.39 -29.41 29.58
N PHE F 60 -52.20 -29.86 29.97
CA PHE F 60 -51.69 -29.57 31.31
C PHE F 60 -51.64 -28.07 31.57
N ILE F 61 -51.04 -27.32 30.64
CA ILE F 61 -51.03 -25.86 30.78
C ILE F 61 -52.45 -25.34 30.83
N PHE F 62 -53.31 -25.82 29.92
CA PHE F 62 -54.69 -25.37 29.85
C PHE F 62 -55.42 -25.61 31.17
N ASP F 63 -55.32 -26.84 31.68
CA ASP F 63 -56.06 -27.18 32.90
C ASP F 63 -55.50 -26.47 34.13
N VAL F 64 -54.17 -26.42 34.26
CA VAL F 64 -53.58 -25.74 35.41
C VAL F 64 -54.04 -24.28 35.44
N GLY F 65 -53.93 -23.59 34.30
CA GLY F 65 -54.29 -22.20 34.24
C GLY F 65 -55.77 -21.95 34.41
N THR F 66 -56.60 -22.88 33.92
CA THR F 66 -58.03 -22.78 34.14
C THR F 66 -58.35 -22.88 35.62
N ARG F 67 -57.74 -23.85 36.31
CA ARG F 67 -57.92 -24.00 37.75
C ARG F 67 -57.47 -22.75 38.50
N LEU F 68 -56.42 -22.09 38.02
CA LEU F 68 -55.94 -20.85 38.63
C LEU F 68 -56.76 -19.64 38.23
N GLY F 69 -57.77 -19.81 37.37
CA GLY F 69 -58.63 -18.70 37.00
C GLY F 69 -58.06 -17.78 35.95
N LEU F 70 -57.18 -18.29 35.09
CA LEU F 70 -56.43 -17.43 34.18
C LEU F 70 -57.20 -17.13 32.90
N HIS F 71 -57.01 -15.91 32.40
CA HIS F 71 -57.57 -15.45 31.14
C HIS F 71 -57.17 -16.36 29.99
N TYR F 72 -58.03 -16.40 28.95
CA TYR F 72 -57.80 -17.35 27.86
C TYR F 72 -56.55 -17.02 27.06
N ASP F 73 -56.19 -15.75 26.93
CA ASP F 73 -54.95 -15.40 26.25
C ASP F 73 -53.75 -15.93 27.02
N THR F 74 -53.79 -15.87 28.34
CA THR F 74 -52.66 -16.33 29.14
C THR F 74 -52.42 -17.82 28.92
N LEU F 75 -53.49 -18.62 28.85
CA LEU F 75 -53.33 -20.04 28.60
C LEU F 75 -52.67 -20.28 27.25
N ALA F 76 -53.17 -19.59 26.22
CA ALA F 76 -52.65 -19.79 24.87
C ALA F 76 -51.19 -19.36 24.77
N THR F 77 -50.83 -18.24 25.39
CA THR F 77 -49.45 -17.77 25.32
C THR F 77 -48.50 -18.82 25.89
N GLY F 78 -48.83 -19.36 27.06
CA GLY F 78 -48.01 -20.43 27.63
C GLY F 78 -47.92 -21.63 26.72
N ILE F 79 -49.03 -22.01 26.10
CA ILE F 79 -49.02 -23.19 25.23
C ILE F 79 -48.13 -22.95 24.02
N ILE F 80 -48.18 -21.73 23.46
CA ILE F 80 -47.38 -21.43 22.28
C ILE F 80 -45.90 -21.32 22.62
N TYR F 81 -45.58 -20.72 23.78
CA TYR F 81 -44.21 -20.83 24.27
C TYR F 81 -43.80 -22.30 24.35
N PHE F 82 -44.68 -23.12 24.93
CA PHE F 82 -44.42 -24.55 25.09
C PHE F 82 -44.14 -25.22 23.75
N HIS F 83 -45.01 -24.99 22.76
CA HIS F 83 -44.81 -25.62 21.45
C HIS F 83 -43.49 -25.19 20.83
N ARG F 84 -43.19 -23.88 20.89
CA ARG F 84 -41.95 -23.38 20.29
C ARG F 84 -40.73 -23.97 20.98
N PHE F 85 -40.77 -24.08 22.31
CA PHE F 85 -39.66 -24.64 23.06
C PHE F 85 -39.21 -25.97 22.49
N TYR F 86 -40.15 -26.86 22.22
CA TYR F 86 -39.82 -28.21 21.75
C TYR F 86 -39.58 -28.28 20.25
N MET F 87 -39.46 -27.12 19.60
CA MET F 87 -38.80 -27.06 18.30
C MET F 87 -37.28 -26.91 18.45
N PHE F 88 -36.80 -26.60 19.66
CA PHE F 88 -35.39 -26.40 19.91
C PHE F 88 -34.81 -27.39 20.89
N HIS F 89 -35.65 -28.17 21.57
CA HIS F 89 -35.20 -29.12 22.59
C HIS F 89 -35.99 -30.40 22.44
N SER F 90 -35.49 -31.45 23.09
CA SER F 90 -36.09 -32.77 23.03
C SER F 90 -36.96 -33.00 24.25
N PHE F 91 -38.09 -33.67 24.05
CA PHE F 91 -38.94 -34.04 25.17
C PHE F 91 -38.21 -34.96 26.14
N LYS F 92 -37.15 -35.64 25.69
CA LYS F 92 -36.40 -36.54 26.54
C LYS F 92 -35.45 -35.79 27.48
N GLN F 93 -35.11 -34.54 27.17
CA GLN F 93 -34.19 -33.77 27.99
C GLN F 93 -34.89 -32.75 28.88
N PHE F 94 -36.11 -32.34 28.54
CA PHE F 94 -36.86 -31.37 29.32
C PHE F 94 -38.22 -32.00 29.59
N PRO F 95 -38.41 -32.62 30.76
CA PRO F 95 -39.72 -33.23 31.05
C PRO F 95 -40.82 -32.21 30.87
N ARG F 96 -41.88 -32.63 30.18
CA ARG F 96 -42.80 -31.67 29.56
C ARG F 96 -43.62 -30.90 30.59
N TYR F 97 -44.00 -31.54 31.70
CA TYR F 97 -44.88 -30.84 32.64
C TYR F 97 -44.12 -29.76 33.41
N VAL F 98 -42.80 -29.94 33.60
CA VAL F 98 -41.99 -28.87 34.17
C VAL F 98 -41.93 -27.68 33.21
N THR F 99 -41.63 -27.95 31.94
CA THR F 99 -41.64 -26.91 30.92
C THR F 99 -43.00 -26.21 30.87
N GLY F 100 -44.09 -26.98 30.90
CA GLY F 100 -45.41 -26.40 30.89
C GLY F 100 -45.64 -25.42 32.03
N ALA F 101 -45.31 -25.84 33.25
CA ALA F 101 -45.47 -24.94 34.39
C ALA F 101 -44.67 -23.67 34.20
N CYS F 102 -43.44 -23.80 33.68
CA CYS F 102 -42.61 -22.63 33.42
C CYS F 102 -43.25 -21.73 32.37
N CYS F 103 -43.76 -22.30 31.28
CA CYS F 103 -44.39 -21.50 30.24
C CYS F 103 -45.58 -20.71 30.79
N LEU F 104 -46.43 -21.37 31.58
CA LEU F 104 -47.57 -20.67 32.16
C LEU F 104 -47.10 -19.57 33.11
N PHE F 105 -46.07 -19.88 33.90
CA PHE F 105 -45.53 -18.89 34.84
C PHE F 105 -45.08 -17.63 34.11
N LEU F 106 -44.31 -17.79 33.04
CA LEU F 106 -43.85 -16.63 32.28
C LEU F 106 -45.01 -15.96 31.55
N ALA F 107 -45.91 -16.77 30.97
CA ALA F 107 -47.06 -16.21 30.26
C ALA F 107 -47.85 -15.27 31.18
N GLY F 108 -48.04 -15.67 32.44
CA GLY F 108 -48.74 -14.82 33.37
C GLY F 108 -48.09 -13.46 33.54
N LYS F 109 -46.76 -13.43 33.59
CA LYS F 109 -46.05 -12.16 33.68
C LYS F 109 -46.16 -11.37 32.39
N VAL F 110 -46.06 -12.06 31.25
CA VAL F 110 -46.13 -11.36 29.97
C VAL F 110 -47.51 -10.74 29.77
N GLU F 111 -48.57 -11.48 30.07
CA GLU F 111 -49.93 -11.05 29.79
C GLU F 111 -50.55 -10.27 30.95
N GLU F 112 -49.77 -9.92 31.96
CA GLU F 112 -50.26 -9.15 33.10
C GLU F 112 -51.39 -9.88 33.83
N THR F 113 -51.27 -11.21 33.92
CA THR F 113 -52.12 -12.03 34.77
C THR F 113 -51.22 -12.91 35.63
N PRO F 114 -50.35 -12.30 36.43
CA PRO F 114 -49.29 -13.08 37.10
C PRO F 114 -49.82 -13.96 38.22
N LYS F 115 -49.15 -15.08 38.41
CA LYS F 115 -49.41 -16.00 39.51
C LYS F 115 -48.06 -16.40 40.11
N LYS F 116 -48.07 -16.70 41.41
CA LYS F 116 -46.86 -17.13 42.10
C LYS F 116 -46.52 -18.56 41.71
N CYS F 117 -45.22 -18.81 41.55
CA CYS F 117 -44.79 -20.14 41.12
C CYS F 117 -45.27 -21.23 42.07
N LYS F 118 -45.33 -20.93 43.37
CA LYS F 118 -45.79 -21.93 44.33
C LYS F 118 -47.24 -22.33 44.03
N ASP F 119 -48.05 -21.38 43.56
CA ASP F 119 -49.44 -21.71 43.27
C ASP F 119 -49.55 -22.60 42.04
N ILE F 120 -48.68 -22.37 41.04
CA ILE F 120 -48.67 -23.22 39.86
C ILE F 120 -48.25 -24.64 40.22
N ILE F 121 -47.26 -24.78 41.10
CA ILE F 121 -46.82 -26.11 41.53
C ILE F 121 -47.94 -26.81 42.29
N LYS F 122 -48.58 -26.10 43.23
CA LYS F 122 -49.68 -26.69 43.98
C LYS F 122 -50.74 -27.24 43.04
N THR F 123 -51.10 -26.45 42.02
CA THR F 123 -52.12 -26.89 41.08
C THR F 123 -51.63 -28.06 40.24
N ALA F 124 -50.35 -28.02 39.82
CA ALA F 124 -49.80 -29.15 39.06
C ALA F 124 -49.82 -30.43 39.87
N ARG F 125 -49.61 -30.33 41.19
CA ARG F 125 -49.67 -31.53 42.03
C ARG F 125 -51.10 -32.06 42.06
N SER F 126 -52.09 -31.16 42.08
CA SER F 126 -53.48 -31.58 42.08
C SER F 126 -53.81 -32.39 40.82
N LEU F 127 -53.24 -32.00 39.68
CA LEU F 127 -53.62 -32.58 38.39
C LEU F 127 -52.74 -33.75 37.95
N LEU F 128 -51.50 -33.84 38.43
CA LEU F 128 -50.61 -34.90 38.02
C LEU F 128 -50.61 -36.05 39.04
N ASN F 129 -50.41 -37.27 38.54
CA ASN F 129 -50.25 -38.42 39.43
C ASN F 129 -48.82 -38.42 39.99
N ASP F 130 -48.47 -39.45 40.75
CA ASP F 130 -47.16 -39.48 41.38
C ASP F 130 -46.05 -39.69 40.35
N VAL F 131 -46.28 -40.55 39.36
CA VAL F 131 -45.27 -40.76 38.32
C VAL F 131 -45.00 -39.46 37.59
N GLN F 132 -46.06 -38.76 37.20
CA GLN F 132 -45.92 -37.53 36.44
C GLN F 132 -45.24 -36.44 37.25
N PHE F 133 -45.65 -36.25 38.50
CA PHE F 133 -45.05 -35.22 39.33
C PHE F 133 -43.60 -35.53 39.69
N GLY F 134 -43.16 -36.78 39.49
CA GLY F 134 -41.75 -37.09 39.69
C GLY F 134 -40.85 -36.23 38.83
N GLN F 135 -41.38 -35.75 37.70
CA GLN F 135 -40.58 -34.91 36.81
C GLN F 135 -40.04 -33.68 37.53
N PHE F 136 -40.78 -33.18 38.52
CA PHE F 136 -40.40 -31.97 39.23
C PHE F 136 -39.33 -32.21 40.29
N GLY F 137 -38.97 -33.46 40.57
CA GLY F 137 -37.89 -33.74 41.47
C GLY F 137 -38.16 -33.29 42.90
N ASP F 138 -37.05 -33.10 43.64
CA ASP F 138 -37.13 -32.82 45.07
C ASP F 138 -37.55 -31.39 45.38
N ASP F 139 -37.27 -30.44 44.47
CA ASP F 139 -37.64 -29.04 44.67
C ASP F 139 -38.35 -28.58 43.39
N PRO F 140 -39.67 -28.79 43.31
CA PRO F 140 -40.38 -28.40 42.09
C PRO F 140 -40.23 -26.93 41.72
N LYS F 141 -40.42 -26.01 42.66
CA LYS F 141 -40.31 -24.59 42.32
C LYS F 141 -38.96 -24.30 41.68
N GLU F 142 -37.88 -24.84 42.25
CA GLU F 142 -36.55 -24.60 41.69
C GLU F 142 -36.46 -25.12 40.26
N GLU F 143 -36.93 -26.34 40.00
CA GLU F 143 -36.88 -26.87 38.65
C GLU F 143 -37.58 -25.95 37.66
N VAL F 144 -38.67 -25.33 38.07
CA VAL F 144 -39.40 -24.42 37.19
C VAL F 144 -38.65 -23.10 37.05
N MET F 145 -38.27 -22.49 38.18
CA MET F 145 -37.61 -21.18 38.12
C MET F 145 -36.31 -21.27 37.33
N VAL F 146 -35.61 -22.39 37.45
CA VAL F 146 -34.34 -22.57 36.75
C VAL F 146 -34.54 -22.57 35.24
N LEU F 147 -35.67 -23.12 34.79
CA LEU F 147 -35.92 -23.26 33.36
C LEU F 147 -36.28 -21.93 32.71
N GLU F 148 -36.74 -20.97 33.50
CA GLU F 148 -37.16 -19.68 32.94
C GLU F 148 -36.04 -19.01 32.16
N ARG F 149 -34.78 -19.19 32.57
CA ARG F 149 -33.69 -18.60 31.81
C ARG F 149 -33.63 -19.18 30.40
N ILE F 150 -33.72 -20.51 30.29
CA ILE F 150 -33.67 -21.14 28.98
C ILE F 150 -34.91 -20.80 28.16
N LEU F 151 -36.07 -20.80 28.79
CA LEU F 151 -37.31 -20.48 28.08
C LEU F 151 -37.18 -19.14 27.38
N LEU F 152 -36.78 -18.11 28.12
CA LEU F 152 -36.64 -16.77 27.54
C LEU F 152 -35.64 -16.76 26.39
N GLN F 153 -34.51 -17.44 26.55
CA GLN F 153 -33.55 -17.51 25.46
C GLN F 153 -34.09 -18.31 24.28
N THR F 154 -34.80 -19.40 24.56
CA THR F 154 -35.34 -20.22 23.47
C THR F 154 -36.36 -19.46 22.66
N ILE F 155 -37.25 -18.70 23.31
CA ILE F 155 -38.26 -17.94 22.59
C ILE F 155 -37.67 -16.61 22.14
N LYS F 156 -36.35 -16.46 22.23
CA LYS F 156 -35.64 -15.31 21.67
C LYS F 156 -36.20 -13.99 22.18
N PHE F 157 -36.67 -13.99 23.42
CA PHE F 157 -37.23 -12.81 24.07
C PHE F 157 -38.28 -12.12 23.21
N ASP F 158 -38.86 -12.86 22.28
CA ASP F 158 -40.00 -12.38 21.49
C ASP F 158 -41.24 -12.77 22.29
N LEU F 159 -41.63 -11.90 23.21
CA LEU F 159 -42.66 -12.23 24.19
C LEU F 159 -44.06 -11.94 23.67
N GLN F 160 -44.21 -11.00 22.76
CA GLN F 160 -45.54 -10.66 22.26
C GLN F 160 -46.03 -11.79 21.37
N VAL F 161 -47.23 -12.29 21.65
CA VAL F 161 -47.85 -13.34 20.87
C VAL F 161 -49.31 -12.97 20.70
N GLU F 162 -49.83 -13.13 19.48
CA GLU F 162 -51.24 -12.95 19.20
C GLU F 162 -51.89 -14.30 18.90
N HIS F 163 -53.18 -14.39 19.19
CA HIS F 163 -53.91 -15.64 19.14
C HIS F 163 -55.13 -15.54 18.24
N PRO F 164 -55.60 -16.67 17.73
CA PRO F 164 -56.76 -16.64 16.82
C PRO F 164 -57.98 -15.97 17.42
N TYR F 165 -58.10 -15.94 18.75
CA TYR F 165 -59.32 -15.46 19.36
C TYR F 165 -59.64 -14.03 18.93
N GLN F 166 -58.65 -13.13 19.02
CA GLN F 166 -58.94 -11.72 18.75
C GLN F 166 -59.35 -11.52 17.30
N PHE F 167 -58.84 -12.36 16.40
CA PHE F 167 -59.22 -12.25 14.99
C PHE F 167 -60.57 -12.89 14.73
N LEU F 168 -60.89 -13.99 15.43
CA LEU F 168 -62.21 -14.56 15.35
C LEU F 168 -63.28 -13.53 15.70
N LEU F 169 -63.01 -12.71 16.72
CA LEU F 169 -63.96 -11.69 17.14
C LEU F 169 -63.93 -10.49 16.20
N LYS F 170 -62.73 -10.07 15.80
CA LYS F 170 -62.60 -8.94 14.88
C LYS F 170 -63.39 -9.20 13.59
N TYR F 171 -63.33 -10.42 13.08
CA TYR F 171 -64.01 -10.75 11.84
C TYR F 171 -65.50 -10.93 12.07
N ALA F 172 -65.89 -11.55 13.18
CA ALA F 172 -67.31 -11.78 13.45
C ALA F 172 -68.08 -10.47 13.59
N LYS F 173 -67.46 -9.43 14.19
CA LYS F 173 -68.21 -8.18 14.33
C LYS F 173 -68.59 -7.60 12.97
N GLN F 174 -67.87 -7.95 11.91
CA GLN F 174 -68.18 -7.46 10.57
C GLN F 174 -69.22 -8.32 9.86
N LEU F 175 -69.79 -9.31 10.55
CA LEU F 175 -70.90 -10.08 10.03
C LEU F 175 -72.21 -9.49 10.51
N LYS F 176 -73.18 -9.39 9.60
CA LYS F 176 -74.49 -8.87 9.90
C LYS F 176 -75.53 -9.87 9.43
N GLY F 177 -76.48 -10.20 10.28
CA GLY F 177 -77.48 -11.19 9.93
C GLY F 177 -78.12 -11.75 11.18
N ASP F 178 -78.61 -12.99 11.06
CA ASP F 178 -79.22 -13.67 12.18
C ASP F 178 -78.23 -13.70 13.34
N LYS F 179 -78.53 -12.95 14.41
CA LYS F 179 -77.62 -12.88 15.55
C LYS F 179 -77.36 -14.25 16.14
N ASN F 180 -78.37 -15.10 16.22
CA ASN F 180 -78.21 -16.40 16.86
C ASN F 180 -77.41 -17.37 15.99
N LYS F 181 -77.56 -17.30 14.67
CA LYS F 181 -76.73 -18.13 13.81
C LYS F 181 -75.28 -17.70 13.87
N ILE F 182 -75.03 -16.39 13.88
CA ILE F 182 -73.67 -15.88 13.97
C ILE F 182 -73.05 -16.25 15.32
N GLN F 183 -73.84 -16.18 16.40
CA GLN F 183 -73.31 -16.57 17.70
C GLN F 183 -72.98 -18.05 17.73
N LYS F 184 -73.83 -18.90 17.13
CA LYS F 184 -73.51 -20.31 17.08
C LYS F 184 -72.20 -20.52 16.31
N LEU F 185 -72.00 -19.74 15.24
CA LEU F 185 -70.76 -19.81 14.49
C LEU F 185 -69.56 -19.48 15.38
N VAL F 186 -69.65 -18.40 16.15
CA VAL F 186 -68.50 -17.97 16.93
C VAL F 186 -68.13 -19.01 17.98
N GLN F 187 -69.11 -19.45 18.78
CA GLN F 187 -68.78 -20.38 19.85
C GLN F 187 -68.16 -21.66 19.29
N MET F 188 -68.76 -22.22 18.24
CA MET F 188 -68.18 -23.41 17.65
C MET F 188 -66.76 -23.14 17.17
N ALA F 189 -66.55 -21.99 16.51
CA ALA F 189 -65.21 -21.62 16.08
C ALA F 189 -64.30 -21.41 17.29
N TRP F 190 -64.82 -20.76 18.34
CA TRP F 190 -64.04 -20.58 19.56
C TRP F 190 -63.59 -21.90 20.14
N THR F 191 -64.50 -22.87 20.20
CA THR F 191 -64.13 -24.21 20.67
C THR F 191 -63.03 -24.80 19.80
N PHE F 192 -63.12 -24.63 18.48
CA PHE F 192 -62.08 -25.17 17.60
C PHE F 192 -60.73 -24.53 17.89
N VAL F 193 -60.72 -23.24 18.23
CA VAL F 193 -59.46 -22.61 18.60
C VAL F 193 -58.88 -23.26 19.85
N ASN F 194 -59.73 -23.45 20.87
CA ASN F 194 -59.27 -24.09 22.11
C ASN F 194 -58.72 -25.49 21.82
N ASP F 195 -59.37 -26.24 20.94
CA ASP F 195 -58.89 -27.58 20.63
C ASP F 195 -57.66 -27.54 19.73
N SER F 196 -57.51 -26.48 18.92
CA SER F 196 -56.35 -26.40 18.03
C SER F 196 -55.04 -26.15 18.78
N LEU F 197 -55.12 -25.66 20.02
CA LEU F 197 -53.91 -25.38 20.79
C LEU F 197 -53.12 -26.65 21.11
N CYS F 198 -53.78 -27.81 21.04
CA CYS F 198 -53.12 -29.10 21.26
C CYS F 198 -52.33 -29.56 20.05
N THR F 199 -52.35 -28.82 18.96
CA THR F 199 -51.73 -29.21 17.70
C THR F 199 -50.57 -28.28 17.38
N THR F 200 -49.84 -28.63 16.34
CA THR F 200 -48.73 -27.82 15.83
C THR F 200 -49.22 -26.77 14.83
N LEU F 201 -50.54 -26.57 14.72
CA LEU F 201 -51.06 -25.50 13.88
C LEU F 201 -50.54 -24.13 14.33
N SER F 202 -50.38 -23.95 15.64
CA SER F 202 -49.81 -22.71 16.15
C SER F 202 -48.45 -22.44 15.50
N LEU F 203 -47.74 -23.50 15.12
CA LEU F 203 -46.41 -23.40 14.54
C LEU F 203 -46.41 -23.40 13.02
N GLN F 204 -47.57 -23.60 12.39
CA GLN F 204 -47.66 -23.69 10.94
C GLN F 204 -48.28 -22.48 10.29
N TRP F 205 -49.24 -21.84 10.96
CA TRP F 205 -50.04 -20.78 10.36
C TRP F 205 -50.22 -19.61 11.31
N GLU F 206 -50.17 -18.41 10.73
CA GLU F 206 -50.42 -17.20 11.49
C GLU F 206 -51.78 -17.28 12.19
N PRO F 207 -51.96 -16.56 13.30
CA PRO F 207 -53.26 -16.65 14.00
C PRO F 207 -54.43 -16.24 13.14
N GLU F 208 -54.25 -15.21 12.30
CA GLU F 208 -55.34 -14.76 11.43
C GLU F 208 -55.86 -15.90 10.55
N ILE F 209 -54.95 -16.72 10.04
CA ILE F 209 -55.36 -17.82 9.17
C ILE F 209 -56.14 -18.87 9.96
N ILE F 210 -55.69 -19.18 11.18
CA ILE F 210 -56.41 -20.14 12.00
C ILE F 210 -57.82 -19.63 12.26
N ALA F 211 -57.95 -18.34 12.59
CA ALA F 211 -59.26 -17.77 12.88
C ALA F 211 -60.21 -17.94 11.70
N VAL F 212 -59.71 -17.73 10.48
CA VAL F 212 -60.54 -17.95 9.30
C VAL F 212 -60.91 -19.42 9.19
N ALA F 213 -59.92 -20.30 9.35
CA ALA F 213 -60.15 -21.72 9.18
C ALA F 213 -61.24 -22.23 10.13
N VAL F 214 -61.23 -21.77 11.37
CA VAL F 214 -62.24 -22.27 12.32
C VAL F 214 -63.62 -21.69 12.00
N MET F 215 -63.68 -20.45 11.53
CA MET F 215 -64.94 -19.92 11.01
C MET F 215 -65.38 -20.73 9.80
N TYR F 216 -64.44 -21.02 8.90
CA TYR F 216 -64.70 -21.84 7.73
C TYR F 216 -65.25 -23.21 8.13
N LEU F 217 -64.63 -23.83 9.14
CA LEU F 217 -65.08 -25.13 9.59
C LEU F 217 -66.46 -25.03 10.25
N ALA F 218 -66.61 -24.09 11.18
CA ALA F 218 -67.90 -23.92 11.85
C ALA F 218 -69.00 -23.65 10.83
N GLY F 219 -68.69 -22.90 9.78
CA GLY F 219 -69.69 -22.63 8.76
C GLY F 219 -70.16 -23.89 8.06
N ARG F 220 -69.21 -24.73 7.64
CA ARG F 220 -69.58 -25.96 6.95
C ARG F 220 -70.44 -26.86 7.83
N LEU F 221 -70.02 -27.07 9.08
CA LEU F 221 -70.74 -28.00 9.94
C LEU F 221 -72.12 -27.47 10.30
N CYS F 222 -72.27 -26.15 10.39
CA CYS F 222 -73.56 -25.54 10.70
C CYS F 222 -74.39 -25.26 9.45
N LYS F 223 -73.90 -25.65 8.28
CA LYS F 223 -74.60 -25.41 7.02
C LYS F 223 -74.88 -23.91 6.84
N PHE F 224 -73.90 -23.07 7.19
CA PHE F 224 -74.04 -21.63 7.03
C PHE F 224 -73.32 -21.14 5.77
N GLU F 225 -73.87 -20.09 5.17
CA GLU F 225 -73.26 -19.41 4.03
C GLU F 225 -72.70 -18.09 4.58
N ILE F 226 -71.47 -18.12 5.11
CA ILE F 226 -70.96 -16.96 5.83
C ILE F 226 -70.96 -15.73 4.94
N GLN F 227 -70.74 -15.92 3.63
CA GLN F 227 -70.63 -14.79 2.71
C GLN F 227 -71.85 -13.88 2.80
N GLU F 228 -73.03 -14.45 3.02
CA GLU F 228 -74.25 -13.66 3.04
C GLU F 228 -74.20 -12.59 4.12
N TRP F 229 -73.46 -12.84 5.21
CA TRP F 229 -73.37 -11.92 6.32
C TRP F 229 -72.30 -10.84 6.12
N THR F 230 -71.51 -10.93 5.06
CA THR F 230 -70.44 -9.98 4.83
C THR F 230 -70.94 -8.78 4.04
N SER F 231 -70.07 -7.78 3.93
CA SER F 231 -70.36 -6.62 3.11
C SER F 231 -70.37 -6.93 1.62
N LYS F 232 -69.93 -8.13 1.23
CA LYS F 232 -69.87 -8.54 -0.18
C LYS F 232 -70.60 -9.87 -0.31
N PRO F 233 -71.94 -9.87 -0.22
CA PRO F 233 -72.69 -11.13 -0.08
C PRO F 233 -72.61 -12.04 -1.30
N MET F 234 -72.09 -11.56 -2.43
CA MET F 234 -71.97 -12.37 -3.63
C MET F 234 -70.53 -12.75 -3.91
N TYR F 235 -69.64 -12.53 -2.94
CA TYR F 235 -68.24 -12.91 -3.02
C TYR F 235 -68.08 -14.25 -2.31
N ARG F 236 -68.00 -15.34 -3.07
CA ARG F 236 -68.06 -16.65 -2.43
C ARG F 236 -66.84 -16.89 -1.54
N ARG F 237 -65.70 -16.28 -1.87
CA ARG F 237 -64.51 -16.39 -1.01
C ARG F 237 -64.49 -15.26 0.01
N TRP F 238 -65.30 -15.44 1.06
CA TRP F 238 -65.52 -14.39 2.05
C TRP F 238 -64.24 -14.04 2.80
N TRP F 239 -63.34 -15.00 3.01
CA TRP F 239 -62.18 -14.73 3.85
C TRP F 239 -61.24 -13.73 3.22
N GLU F 240 -61.32 -13.53 1.90
CA GLU F 240 -60.36 -12.65 1.26
C GLU F 240 -60.44 -11.23 1.80
N GLN F 241 -61.60 -10.83 2.34
CA GLN F 241 -61.67 -9.50 2.95
C GLN F 241 -61.09 -9.47 4.35
N PHE F 242 -60.86 -10.64 4.97
CA PHE F 242 -60.25 -10.69 6.29
C PHE F 242 -58.77 -11.03 6.25
N VAL F 243 -58.40 -12.13 5.59
CA VAL F 243 -57.02 -12.55 5.48
C VAL F 243 -56.74 -12.73 3.99
N GLN F 244 -55.94 -11.83 3.42
CA GLN F 244 -55.62 -11.88 2.00
C GLN F 244 -54.61 -12.98 1.73
N ASP F 245 -54.72 -13.58 0.54
CA ASP F 245 -53.74 -14.53 0.02
C ASP F 245 -53.76 -15.85 0.80
N VAL F 246 -54.94 -16.31 1.17
CA VAL F 246 -55.08 -17.61 1.82
C VAL F 246 -55.82 -18.55 0.87
N PRO F 247 -55.16 -19.58 0.34
CA PRO F 247 -55.84 -20.53 -0.53
C PRO F 247 -56.73 -21.50 0.24
N VAL F 248 -57.73 -22.04 -0.47
CA VAL F 248 -58.66 -22.96 0.15
C VAL F 248 -57.90 -24.19 0.64
N ASP F 249 -56.85 -24.58 -0.09
CA ASP F 249 -56.03 -25.72 0.33
C ASP F 249 -55.63 -25.59 1.78
N VAL F 250 -55.21 -24.40 2.19
CA VAL F 250 -54.77 -24.18 3.57
C VAL F 250 -55.93 -24.35 4.54
N LEU F 251 -57.07 -23.74 4.23
CA LEU F 251 -58.21 -23.86 5.12
C LEU F 251 -58.64 -25.32 5.27
N GLU F 252 -58.57 -26.09 4.19
CA GLU F 252 -58.92 -27.51 4.28
C GLU F 252 -57.88 -28.28 5.08
N ASP F 253 -56.60 -27.97 4.87
CA ASP F 253 -55.55 -28.61 5.65
C ASP F 253 -55.74 -28.36 7.14
N ILE F 254 -56.03 -27.11 7.50
CA ILE F 254 -56.26 -26.79 8.91
C ILE F 254 -57.51 -27.49 9.43
N CYS F 255 -58.60 -27.43 8.67
CA CYS F 255 -59.83 -28.10 9.10
C CYS F 255 -59.59 -29.58 9.30
N HIS F 256 -58.82 -30.21 8.40
CA HIS F 256 -58.58 -31.65 8.53
C HIS F 256 -57.86 -31.96 9.84
N GLN F 257 -56.86 -31.16 10.19
CA GLN F 257 -56.09 -31.41 11.40
C GLN F 257 -56.94 -31.23 12.66
N ILE F 258 -57.84 -30.24 12.66
CA ILE F 258 -58.70 -30.05 13.83
C ILE F 258 -59.65 -31.22 13.99
N LEU F 259 -60.29 -31.65 12.90
CA LEU F 259 -61.25 -32.75 12.99
C LEU F 259 -60.61 -34.06 13.40
N ASP F 260 -59.32 -34.26 13.06
CA ASP F 260 -58.65 -35.50 13.43
C ASP F 260 -58.61 -35.70 14.94
N LEU F 261 -58.39 -34.62 15.69
CA LEU F 261 -58.43 -34.71 17.14
C LEU F 261 -59.75 -35.27 17.63
N TYR F 262 -60.85 -34.78 17.05
CA TYR F 262 -62.18 -35.19 17.48
C TYR F 262 -62.44 -36.67 17.24
N SER F 263 -62.05 -37.18 16.07
CA SER F 263 -62.31 -38.58 15.76
C SER F 263 -61.51 -39.51 16.67
N GLN F 264 -60.24 -39.20 16.88
CA GLN F 264 -59.40 -40.02 17.76
C GLN F 264 -59.93 -40.05 19.19
N GLY F 265 -60.25 -38.89 19.75
CA GLY F 265 -60.61 -38.83 21.15
C GLY F 265 -62.02 -39.25 21.43
N LYS F 266 -62.44 -38.98 22.67
CA LYS F 266 -63.81 -39.24 23.04
C LYS F 266 -64.69 -38.05 22.70
N GLN F 267 -64.09 -36.87 22.57
CA GLN F 267 -64.84 -35.70 22.14
C GLN F 267 -65.23 -35.88 20.68
N GLN F 268 -66.40 -35.34 20.34
CA GLN F 268 -66.91 -35.40 18.98
C GLN F 268 -67.15 -33.96 18.51
N MET F 269 -67.47 -33.80 17.23
CA MET F 269 -67.61 -32.45 16.68
C MET F 269 -68.58 -31.65 17.54
N PRO F 270 -68.30 -30.37 17.78
CA PRO F 270 -69.09 -29.63 18.79
C PRO F 270 -70.58 -29.55 18.54
N HIS F 271 -71.02 -29.25 17.31
CA HIS F 271 -72.44 -29.01 17.02
C HIS F 271 -73.20 -28.41 18.20
N MET G 5 13.16 -61.30 -7.35
CA MET G 5 14.37 -60.86 -6.56
C MET G 5 14.01 -60.58 -5.10
N SER G 6 12.71 -60.61 -4.80
CA SER G 6 12.22 -60.43 -3.43
C SER G 6 11.43 -61.67 -3.01
N TYR G 7 11.47 -61.98 -1.72
CA TYR G 7 10.85 -63.18 -1.19
C TYR G 7 10.09 -62.85 0.08
N ASN G 8 8.80 -63.18 0.11
CA ASN G 8 7.95 -62.84 1.24
C ASN G 8 6.96 -63.97 1.52
N TYR G 9 6.41 -63.95 2.74
CA TYR G 9 5.55 -65.01 3.26
C TYR G 9 4.35 -64.33 3.91
N VAL G 10 3.15 -64.79 3.58
CA VAL G 10 1.91 -64.17 4.06
C VAL G 10 1.04 -65.26 4.68
N VAL G 11 0.63 -65.03 5.94
CA VAL G 11 -0.22 -65.96 6.66
C VAL G 11 -1.42 -65.21 7.23
N THR G 12 -2.48 -65.97 7.50
CA THR G 12 -3.64 -65.45 8.20
C THR G 12 -3.46 -65.70 9.69
N ALA G 13 -3.39 -64.61 10.46
CA ALA G 13 -3.37 -64.73 11.91
C ALA G 13 -4.77 -64.79 12.49
N GLN G 14 -5.72 -64.08 11.86
CA GLN G 14 -7.12 -64.10 12.21
C GLN G 14 -7.93 -64.20 10.93
N LYS G 15 -8.81 -65.19 10.86
CA LYS G 15 -9.61 -65.38 9.65
C LYS G 15 -10.65 -64.28 9.52
N PRO G 16 -11.22 -64.13 8.33
CA PRO G 16 -12.29 -63.13 8.14
C PRO G 16 -13.43 -63.34 9.13
N THR G 17 -13.86 -62.25 9.76
CA THR G 17 -14.93 -62.28 10.75
C THR G 17 -16.24 -61.70 10.24
N ALA G 18 -16.21 -60.85 9.22
CA ALA G 18 -17.41 -60.21 8.72
C ALA G 18 -18.24 -61.19 7.91
N VAL G 19 -19.55 -61.14 8.12
CA VAL G 19 -20.49 -62.01 7.40
C VAL G 19 -20.91 -61.30 6.13
N ASN G 20 -20.69 -61.94 4.98
CA ASN G 20 -21.09 -61.36 3.70
C ASN G 20 -22.36 -61.97 3.13
N GLY G 21 -22.77 -63.14 3.59
CA GLY G 21 -24.00 -63.75 3.12
C GLY G 21 -24.35 -64.98 3.93
N CYS G 22 -25.65 -65.28 3.95
CA CYS G 22 -26.15 -66.42 4.71
C CYS G 22 -27.37 -67.04 4.06
N VAL G 23 -27.44 -68.37 4.08
CA VAL G 23 -28.56 -69.12 3.55
C VAL G 23 -29.00 -70.19 4.53
N THR G 24 -30.27 -70.58 4.43
CA THR G 24 -30.87 -71.65 5.21
C THR G 24 -31.39 -72.73 4.27
N GLY G 25 -31.16 -73.99 4.63
CA GLY G 25 -31.65 -75.07 3.79
C GLY G 25 -31.36 -76.41 4.43
N HIS G 26 -31.55 -77.46 3.64
CA HIS G 26 -31.32 -78.83 4.08
C HIS G 26 -30.15 -79.37 3.26
N PHE G 27 -28.95 -78.93 3.62
CA PHE G 27 -27.74 -79.19 2.86
C PHE G 27 -27.02 -80.44 3.35
N THR G 28 -26.88 -80.60 4.66
CA THR G 28 -26.17 -81.76 5.19
C THR G 28 -27.04 -83.01 5.20
N SER G 29 -28.34 -82.86 5.44
CA SER G 29 -29.28 -83.98 5.40
C SER G 29 -30.66 -83.41 5.11
N ALA G 30 -31.50 -84.25 4.49
CA ALA G 30 -32.86 -83.80 4.19
C ALA G 30 -33.68 -83.50 5.44
N GLU G 31 -33.22 -83.93 6.62
CA GLU G 31 -33.94 -83.72 7.87
C GLU G 31 -33.42 -82.53 8.66
N ASP G 32 -32.10 -82.34 8.72
CA ASP G 32 -31.56 -81.23 9.47
C ASP G 32 -31.86 -79.90 8.79
N LEU G 33 -31.98 -78.85 9.60
CA LEU G 33 -32.06 -77.48 9.12
C LEU G 33 -30.70 -76.81 9.35
N ASN G 34 -30.11 -76.29 8.28
CA ASN G 34 -28.75 -75.78 8.34
C ASN G 34 -28.71 -74.27 8.14
N LEU G 35 -27.65 -73.66 8.67
CA LEU G 35 -27.32 -72.26 8.41
C LEU G 35 -25.91 -72.22 7.83
N LEU G 36 -25.80 -71.78 6.57
CA LEU G 36 -24.50 -71.64 5.92
C LEU G 36 -24.12 -70.16 5.95
N ILE G 37 -23.02 -69.86 6.62
CA ILE G 37 -22.52 -68.50 6.77
C ILE G 37 -21.32 -68.32 5.84
N ALA G 38 -21.28 -67.17 5.18
CA ALA G 38 -20.23 -66.90 4.20
C ALA G 38 -19.46 -65.69 4.71
N LYS G 39 -18.37 -65.94 5.42
CA LYS G 39 -17.37 -64.90 5.65
C LYS G 39 -16.39 -65.02 4.49
N ASN G 40 -15.72 -63.92 4.16
CA ASN G 40 -14.96 -63.90 2.91
C ASN G 40 -14.02 -65.10 2.86
N THR G 41 -14.09 -65.86 1.78
CA THR G 41 -13.28 -67.04 1.49
C THR G 41 -13.58 -68.23 2.40
N ARG G 42 -14.57 -68.13 3.29
CA ARG G 42 -14.84 -69.19 4.25
C ARG G 42 -16.31 -69.58 4.18
N LEU G 43 -16.57 -70.89 4.13
CA LEU G 43 -17.93 -71.42 4.21
C LEU G 43 -18.06 -72.09 5.57
N GLU G 44 -18.97 -71.58 6.39
CA GLU G 44 -19.24 -72.14 7.70
C GLU G 44 -20.60 -72.82 7.65
N ILE G 45 -20.64 -74.11 8.02
CA ILE G 45 -21.85 -74.90 8.01
C ILE G 45 -22.24 -75.21 9.45
N TYR G 46 -23.49 -74.91 9.79
CA TYR G 46 -24.04 -75.16 11.11
C TYR G 46 -25.31 -76.00 10.96
N VAL G 47 -25.73 -76.59 12.07
CA VAL G 47 -27.03 -77.26 12.15
C VAL G 47 -27.86 -76.52 13.19
N VAL G 48 -29.09 -76.20 12.82
CA VAL G 48 -29.96 -75.41 13.70
C VAL G 48 -30.56 -76.34 14.73
N THR G 49 -30.43 -75.97 16.01
CA THR G 49 -30.97 -76.73 17.12
C THR G 49 -31.98 -75.86 17.86
N ALA G 50 -32.57 -76.43 18.90
CA ALA G 50 -33.46 -75.68 19.78
C ALA G 50 -32.70 -74.77 20.73
N GLU G 51 -31.38 -74.92 20.83
CA GLU G 51 -30.55 -74.14 21.73
C GLU G 51 -29.78 -73.03 21.03
N GLY G 52 -29.37 -73.25 19.78
CA GLY G 52 -28.53 -72.32 19.05
C GLY G 52 -28.02 -72.96 17.78
N LEU G 53 -26.73 -72.78 17.48
CA LEU G 53 -26.13 -73.33 16.27
C LEU G 53 -25.07 -74.35 16.65
N ARG G 54 -25.11 -75.51 15.98
CA ARG G 54 -24.10 -76.54 16.15
C ARG G 54 -23.20 -76.56 14.93
N PRO G 55 -21.89 -76.28 15.07
CA PRO G 55 -21.00 -76.33 13.91
C PRO G 55 -20.85 -77.75 13.37
N VAL G 56 -20.64 -77.84 12.06
CA VAL G 56 -20.52 -79.12 11.37
C VAL G 56 -19.22 -79.22 10.60
N LYS G 57 -18.88 -78.19 9.83
CA LYS G 57 -17.71 -78.20 8.97
C LYS G 57 -17.43 -76.78 8.53
N GLU G 58 -16.16 -76.47 8.36
CA GLU G 58 -15.74 -75.21 7.77
C GLU G 58 -14.71 -75.53 6.70
N VAL G 59 -14.88 -74.96 5.53
CA VAL G 59 -13.95 -75.11 4.42
C VAL G 59 -13.54 -73.72 3.98
N GLY G 60 -12.33 -73.62 3.45
CA GLY G 60 -11.89 -72.43 2.76
C GLY G 60 -12.02 -72.65 1.26
N MET G 61 -12.22 -71.56 0.54
CA MET G 61 -12.29 -71.61 -0.91
C MET G 61 -11.24 -70.68 -1.49
N TYR G 62 -10.71 -71.07 -2.65
CA TYR G 62 -9.72 -70.28 -3.36
C TYR G 62 -10.42 -69.21 -4.21
N GLY G 63 -11.14 -68.33 -3.51
CA GLY G 63 -11.95 -67.31 -4.15
C GLY G 63 -12.87 -66.60 -3.18
N LYS G 64 -13.15 -65.32 -3.42
CA LYS G 64 -14.10 -64.58 -2.60
C LYS G 64 -15.52 -64.99 -2.96
N ILE G 65 -16.32 -65.35 -1.97
CA ILE G 65 -17.66 -65.84 -2.22
C ILE G 65 -18.57 -64.67 -2.56
N ALA G 66 -19.13 -64.66 -3.78
CA ALA G 66 -20.03 -63.61 -4.21
C ALA G 66 -21.50 -64.05 -4.18
N VAL G 67 -21.79 -65.23 -4.72
CA VAL G 67 -23.13 -65.80 -4.71
C VAL G 67 -23.07 -67.10 -3.93
N MET G 68 -23.98 -67.25 -2.96
CA MET G 68 -24.16 -68.48 -2.20
C MET G 68 -25.65 -68.76 -2.13
N GLU G 69 -26.07 -69.86 -2.75
CA GLU G 69 -27.49 -70.19 -2.83
C GLU G 69 -27.64 -71.70 -2.79
N LEU G 70 -28.73 -72.15 -2.18
CA LEU G 70 -29.05 -73.56 -2.01
C LEU G 70 -30.22 -73.93 -2.91
N PHE G 71 -30.07 -75.03 -3.65
CA PHE G 71 -31.13 -75.49 -4.54
C PHE G 71 -31.24 -77.00 -4.45
N ARG G 72 -32.44 -77.51 -4.77
CA ARG G 72 -32.75 -78.93 -4.73
C ARG G 72 -33.39 -79.37 -6.04
N PRO G 73 -32.60 -79.87 -7.00
CA PRO G 73 -33.20 -80.32 -8.25
C PRO G 73 -33.94 -81.64 -8.08
N LYS G 74 -34.95 -81.83 -8.92
CA LYS G 74 -35.76 -83.04 -8.87
C LYS G 74 -34.88 -84.29 -8.92
N GLY G 75 -35.10 -85.19 -7.97
CA GLY G 75 -34.33 -86.42 -7.88
C GLY G 75 -33.28 -86.43 -6.79
N GLU G 76 -32.94 -85.27 -6.25
CA GLU G 76 -31.94 -85.20 -5.19
C GLU G 76 -32.63 -85.43 -3.85
N SER G 77 -31.94 -86.12 -2.95
CA SER G 77 -32.49 -86.37 -1.62
C SER G 77 -32.40 -85.12 -0.75
N LYS G 78 -31.45 -84.23 -1.02
CA LYS G 78 -31.21 -83.08 -0.18
C LYS G 78 -30.68 -81.93 -1.02
N ASP G 79 -30.55 -80.76 -0.39
CA ASP G 79 -30.16 -79.55 -1.10
C ASP G 79 -28.69 -79.59 -1.55
N LEU G 80 -28.43 -78.93 -2.67
CA LEU G 80 -27.09 -78.69 -3.19
C LEU G 80 -26.78 -77.19 -3.10
N LEU G 81 -25.49 -76.86 -3.20
CA LEU G 81 -25.04 -75.49 -3.01
C LEU G 81 -24.39 -74.95 -4.28
N PHE G 82 -24.79 -73.75 -4.68
CA PHE G 82 -24.14 -73.03 -5.77
C PHE G 82 -23.32 -71.88 -5.20
N ILE G 83 -22.05 -71.81 -5.60
CA ILE G 83 -21.15 -70.73 -5.18
C ILE G 83 -20.47 -70.18 -6.43
N LEU G 84 -20.49 -68.86 -6.58
CA LEU G 84 -19.77 -68.16 -7.63
C LEU G 84 -18.81 -67.19 -6.97
N THR G 85 -17.53 -67.28 -7.33
CA THR G 85 -16.53 -66.43 -6.70
C THR G 85 -16.44 -65.09 -7.45
N ALA G 86 -15.73 -64.15 -6.81
CA ALA G 86 -15.57 -62.83 -7.41
C ALA G 86 -14.75 -62.86 -8.69
N LYS G 87 -13.95 -63.91 -8.88
CA LYS G 87 -13.24 -64.14 -10.13
C LYS G 87 -14.04 -65.01 -11.10
N TYR G 88 -15.32 -65.26 -10.83
CA TYR G 88 -16.22 -65.97 -11.73
C TYR G 88 -15.93 -67.48 -11.77
N ASN G 89 -15.49 -68.04 -10.64
CA ASN G 89 -15.38 -69.48 -10.49
C ASN G 89 -16.72 -69.99 -9.99
N ALA G 90 -17.38 -70.81 -10.81
CA ALA G 90 -18.67 -71.38 -10.45
C ALA G 90 -18.50 -72.84 -10.05
N CYS G 91 -19.37 -73.29 -9.16
CA CYS G 91 -19.35 -74.69 -8.76
C CYS G 91 -20.67 -75.03 -8.09
N ILE G 92 -21.03 -76.32 -8.17
CA ILE G 92 -22.16 -76.87 -7.42
C ILE G 92 -21.59 -77.90 -6.46
N LEU G 93 -21.94 -77.77 -5.19
CA LEU G 93 -21.32 -78.54 -4.12
C LEU G 93 -22.35 -79.45 -3.48
N GLU G 94 -21.86 -80.59 -3.01
CA GLU G 94 -22.68 -81.56 -2.30
C GLU G 94 -21.97 -81.89 -1.00
N TYR G 95 -22.72 -81.91 0.10
CA TYR G 95 -22.20 -82.36 1.38
C TYR G 95 -22.28 -83.88 1.44
N LYS G 96 -21.15 -84.52 1.75
CA LYS G 96 -21.13 -85.97 1.86
C LYS G 96 -20.29 -86.37 3.06
N GLN G 97 -20.89 -87.18 3.94
CA GLN G 97 -20.26 -87.61 5.17
C GLN G 97 -20.48 -89.11 5.38
N SER G 98 -19.40 -89.84 5.63
CA SER G 98 -19.43 -91.27 5.91
C SER G 98 -18.68 -91.50 7.22
N GLY G 99 -19.42 -91.68 8.31
CA GLY G 99 -18.82 -91.79 9.64
C GLY G 99 -18.27 -90.46 10.10
N GLU G 100 -17.00 -90.42 10.49
CA GLU G 100 -16.39 -89.18 10.95
C GLU G 100 -15.78 -88.36 9.82
N SER G 101 -15.67 -88.91 8.62
CA SER G 101 -15.00 -88.26 7.51
C SER G 101 -16.00 -87.40 6.75
N ILE G 102 -15.75 -86.09 6.73
CA ILE G 102 -16.61 -85.14 6.04
C ILE G 102 -15.90 -84.64 4.80
N ASP G 103 -16.63 -84.64 3.68
CA ASP G 103 -16.12 -84.13 2.42
C ASP G 103 -17.18 -83.22 1.81
N ILE G 104 -16.74 -82.26 1.01
CA ILE G 104 -17.64 -81.45 0.18
C ILE G 104 -17.26 -81.78 -1.26
N ILE G 105 -18.21 -82.36 -1.98
CA ILE G 105 -17.97 -82.92 -3.31
C ILE G 105 -18.35 -81.87 -4.34
N THR G 106 -17.47 -81.68 -5.32
CA THR G 106 -17.74 -80.76 -6.43
C THR G 106 -18.38 -81.55 -7.56
N ARG G 107 -19.69 -81.38 -7.73
CA ARG G 107 -20.41 -82.11 -8.76
C ARG G 107 -20.27 -81.46 -10.13
N ALA G 108 -20.13 -80.14 -10.17
CA ALA G 108 -19.96 -79.39 -11.41
C ALA G 108 -19.09 -78.18 -11.12
N HIS G 109 -18.31 -77.77 -12.11
CA HIS G 109 -17.47 -76.59 -11.89
C HIS G 109 -17.08 -76.01 -13.23
N GLY G 110 -16.80 -74.71 -13.21
CA GLY G 110 -16.37 -74.00 -14.41
C GLY G 110 -16.29 -72.53 -14.11
N ASN G 111 -15.68 -71.81 -15.06
CA ASN G 111 -15.52 -70.36 -14.97
C ASN G 111 -16.44 -69.69 -15.97
N VAL G 112 -17.25 -68.74 -15.51
CA VAL G 112 -18.31 -68.17 -16.34
C VAL G 112 -17.93 -66.77 -16.85
N GLN G 113 -16.65 -66.42 -16.81
CA GLN G 113 -16.24 -65.11 -17.27
C GLN G 113 -16.43 -64.98 -18.78
N ASP G 114 -16.94 -63.82 -19.21
CA ASP G 114 -17.09 -63.52 -20.63
C ASP G 114 -15.90 -62.70 -21.10
N ARG G 115 -15.44 -62.98 -22.32
CA ARG G 115 -14.30 -62.24 -22.86
C ARG G 115 -14.60 -60.75 -22.94
N ILE G 116 -15.83 -60.40 -23.32
CA ILE G 116 -16.23 -59.01 -23.48
C ILE G 116 -17.48 -58.76 -22.66
N GLY G 117 -17.44 -57.72 -21.81
CA GLY G 117 -18.58 -57.35 -21.00
C GLY G 117 -18.23 -56.26 -20.01
N ARG G 118 -19.22 -55.44 -19.64
CA ARG G 118 -18.99 -54.36 -18.69
C ARG G 118 -19.51 -54.79 -17.32
N PRO G 119 -18.64 -54.94 -16.31
CA PRO G 119 -19.12 -55.31 -14.98
C PRO G 119 -20.20 -54.35 -14.48
N SER G 120 -21.25 -54.91 -13.90
CA SER G 120 -22.42 -54.13 -13.54
C SER G 120 -22.18 -53.29 -12.29
N GLU G 121 -22.92 -52.19 -12.19
CA GLU G 121 -22.75 -51.27 -11.07
C GLU G 121 -23.17 -51.90 -9.76
N THR G 122 -24.30 -52.62 -9.73
CA THR G 122 -24.79 -53.22 -8.50
C THR G 122 -24.23 -54.62 -8.25
N GLY G 123 -23.18 -55.02 -8.99
CA GLY G 123 -22.44 -56.24 -8.68
C GLY G 123 -23.07 -57.53 -9.16
N ILE G 124 -22.35 -58.62 -8.88
CA ILE G 124 -22.79 -59.94 -9.29
C ILE G 124 -24.09 -60.28 -8.60
N ILE G 125 -25.07 -60.76 -9.37
CA ILE G 125 -26.33 -61.28 -8.84
C ILE G 125 -26.49 -62.71 -9.32
N GLY G 126 -26.86 -63.60 -8.40
CA GLY G 126 -27.15 -64.97 -8.74
C GLY G 126 -28.49 -65.41 -8.19
N ILE G 127 -29.31 -66.00 -9.05
CA ILE G 127 -30.65 -66.45 -8.68
C ILE G 127 -30.86 -67.83 -9.29
N ILE G 128 -31.75 -68.61 -8.70
CA ILE G 128 -32.03 -69.96 -9.17
C ILE G 128 -33.54 -70.13 -9.30
N ASP G 129 -33.95 -70.78 -10.38
CA ASP G 129 -35.35 -71.00 -10.66
C ASP G 129 -36.03 -71.78 -9.53
N PRO G 130 -37.31 -71.50 -9.27
CA PRO G 130 -38.03 -72.32 -8.28
C PRO G 130 -38.09 -73.79 -8.63
N GLU G 131 -38.09 -74.10 -9.92
CA GLU G 131 -38.10 -75.47 -10.39
C GLU G 131 -36.69 -76.05 -10.55
N CYS G 132 -35.66 -75.31 -10.13
CA CYS G 132 -34.27 -75.74 -10.29
C CYS G 132 -34.01 -76.17 -11.73
N ARG G 133 -34.53 -75.36 -12.66
CA ARG G 133 -34.32 -75.56 -14.09
C ARG G 133 -33.06 -74.87 -14.58
N MET G 134 -32.67 -73.77 -13.96
CA MET G 134 -31.53 -73.00 -14.43
C MET G 134 -31.00 -72.12 -13.30
N ILE G 135 -29.76 -71.65 -13.49
CA ILE G 135 -29.15 -70.63 -12.66
C ILE G 135 -29.04 -69.36 -13.49
N GLY G 136 -29.64 -68.27 -13.00
CA GLY G 136 -29.52 -66.98 -13.65
C GLY G 136 -28.40 -66.17 -13.00
N LEU G 137 -27.57 -65.57 -13.85
CA LEU G 137 -26.48 -64.72 -13.38
C LEU G 137 -26.55 -63.38 -14.07
N ARG G 138 -26.44 -62.29 -13.30
CA ARG G 138 -26.30 -60.94 -13.83
C ARG G 138 -24.88 -60.51 -13.54
N LEU G 139 -23.99 -60.70 -14.52
CA LEU G 139 -22.59 -60.36 -14.37
C LEU G 139 -22.22 -59.04 -15.04
N TYR G 140 -22.79 -58.76 -16.20
CA TYR G 140 -22.41 -57.60 -17.00
C TYR G 140 -23.64 -56.82 -17.42
N ASP G 141 -23.47 -55.52 -17.61
CA ASP G 141 -24.53 -54.68 -18.13
C ASP G 141 -25.02 -55.21 -19.49
N GLY G 142 -26.33 -55.24 -19.66
CA GLY G 142 -26.90 -55.61 -20.94
C GLY G 142 -26.91 -57.09 -21.25
N LEU G 143 -26.52 -57.94 -20.31
CA LEU G 143 -26.48 -59.37 -20.54
C LEU G 143 -27.04 -60.13 -19.34
N PHE G 144 -27.70 -61.25 -19.66
CA PHE G 144 -28.24 -62.18 -18.69
C PHE G 144 -27.72 -63.57 -19.05
N LYS G 145 -26.98 -64.19 -18.14
CA LYS G 145 -26.36 -65.48 -18.38
C LYS G 145 -27.21 -66.59 -17.76
N VAL G 146 -27.40 -67.67 -18.50
CA VAL G 146 -28.17 -68.81 -18.04
C VAL G 146 -27.28 -70.04 -18.03
N ILE G 147 -27.16 -70.67 -16.86
CA ILE G 147 -26.57 -72.01 -16.76
C ILE G 147 -27.74 -72.99 -16.62
N PRO G 148 -28.05 -73.79 -17.65
CA PRO G 148 -29.13 -74.77 -17.49
C PRO G 148 -28.72 -75.87 -16.54
N LEU G 149 -29.66 -76.27 -15.68
CA LEU G 149 -29.40 -77.28 -14.65
C LEU G 149 -29.73 -78.67 -15.20
N ASP G 150 -28.94 -79.08 -16.18
CA ASP G 150 -28.98 -80.45 -16.68
C ASP G 150 -28.06 -81.31 -15.82
N ARG G 151 -28.43 -82.60 -15.69
CA ARG G 151 -27.63 -83.49 -14.87
C ARG G 151 -26.22 -83.65 -15.45
N ASP G 152 -26.08 -83.58 -16.77
CA ASP G 152 -24.81 -83.80 -17.43
C ASP G 152 -23.96 -82.53 -17.51
N ASN G 153 -24.51 -81.37 -17.14
CA ASN G 153 -23.79 -80.10 -17.30
C ASN G 153 -22.79 -79.92 -16.16
N LYS G 154 -21.81 -80.83 -16.12
CA LYS G 154 -20.78 -80.82 -15.09
C LYS G 154 -19.71 -79.78 -15.33
N GLU G 155 -19.63 -79.21 -16.52
CA GLU G 155 -18.72 -78.10 -16.79
C GLU G 155 -19.40 -76.73 -16.67
N LEU G 156 -20.68 -76.71 -16.30
CA LEU G 156 -21.44 -75.47 -16.13
C LEU G 156 -21.33 -74.58 -17.39
N LYS G 157 -21.57 -75.19 -18.54
CA LYS G 157 -21.64 -74.42 -19.78
C LYS G 157 -22.89 -73.56 -19.76
N ALA G 158 -22.77 -72.36 -20.34
CA ALA G 158 -23.84 -71.38 -20.24
C ALA G 158 -23.89 -70.54 -21.51
N PHE G 159 -25.03 -69.87 -21.69
CA PHE G 159 -25.25 -68.98 -22.83
C PHE G 159 -25.77 -67.65 -22.30
N ASN G 160 -25.57 -66.59 -23.10
CA ASN G 160 -26.04 -65.26 -22.74
C ASN G 160 -27.27 -64.91 -23.56
N ILE G 161 -28.21 -64.23 -22.92
CA ILE G 161 -29.37 -63.63 -23.58
C ILE G 161 -29.18 -62.12 -23.55
N ARG G 162 -29.33 -61.47 -24.71
CA ARG G 162 -29.26 -60.02 -24.75
C ARG G 162 -30.35 -59.43 -23.87
N LEU G 163 -29.98 -58.40 -23.12
CA LEU G 163 -30.87 -57.74 -22.17
C LEU G 163 -30.98 -56.29 -22.61
N GLU G 164 -32.20 -55.89 -23.00
CA GLU G 164 -32.38 -54.54 -23.54
C GLU G 164 -32.06 -53.47 -22.50
N GLU G 165 -32.44 -53.72 -21.25
CA GLU G 165 -32.27 -52.77 -20.15
C GLU G 165 -30.84 -52.86 -19.62
N LEU G 166 -30.03 -51.84 -19.89
CA LEU G 166 -28.61 -51.94 -19.61
C LEU G 166 -28.32 -51.82 -18.12
N HIS G 167 -29.05 -50.97 -17.40
CA HIS G 167 -28.77 -50.68 -16.00
C HIS G 167 -29.85 -51.36 -15.16
N VAL G 168 -29.55 -52.59 -14.73
CA VAL G 168 -30.46 -53.39 -13.90
C VAL G 168 -30.04 -53.27 -12.45
N ILE G 169 -31.02 -53.05 -11.57
CA ILE G 169 -30.74 -52.89 -10.15
C ILE G 169 -30.77 -54.22 -9.40
N ASP G 170 -31.86 -54.98 -9.55
CA ASP G 170 -32.01 -56.24 -8.84
C ASP G 170 -32.96 -57.14 -9.63
N VAL G 171 -32.76 -58.45 -9.51
CA VAL G 171 -33.56 -59.42 -10.26
C VAL G 171 -33.80 -60.65 -9.42
N LYS G 172 -35.00 -61.24 -9.57
CA LYS G 172 -35.38 -62.48 -8.92
C LYS G 172 -36.22 -63.32 -9.87
N PHE G 173 -36.10 -64.64 -9.76
CA PHE G 173 -37.04 -65.53 -10.44
C PHE G 173 -38.36 -65.50 -9.71
N LEU G 174 -39.47 -65.53 -10.46
CA LEU G 174 -40.79 -65.39 -9.85
C LEU G 174 -41.39 -66.77 -9.58
N TYR G 175 -42.22 -66.83 -8.55
CA TYR G 175 -42.97 -68.04 -8.22
C TYR G 175 -44.33 -68.03 -8.92
N GLY G 176 -44.89 -69.22 -9.10
CA GLY G 176 -46.26 -69.31 -9.57
C GLY G 176 -46.46 -69.03 -11.03
N CYS G 177 -45.45 -69.27 -11.87
CA CYS G 177 -45.53 -68.91 -13.26
C CYS G 177 -45.58 -70.13 -14.17
N GLN G 178 -46.30 -69.97 -15.27
CA GLN G 178 -46.48 -71.03 -16.25
C GLN G 178 -45.13 -71.43 -16.86
N ALA G 179 -44.22 -70.48 -16.99
CA ALA G 179 -42.86 -70.69 -17.46
C ALA G 179 -41.86 -70.01 -16.54
N PRO G 180 -40.58 -70.42 -16.57
CA PRO G 180 -39.57 -69.71 -15.77
C PRO G 180 -39.55 -68.22 -16.11
N THR G 181 -39.69 -67.38 -15.08
CA THR G 181 -39.85 -65.94 -15.26
C THR G 181 -38.97 -65.15 -14.32
N ILE G 182 -38.37 -64.06 -14.83
CA ILE G 182 -37.57 -63.14 -14.04
C ILE G 182 -38.31 -61.80 -13.91
N CYS G 183 -38.27 -61.23 -12.72
CA CYS G 183 -38.77 -59.88 -12.43
C CYS G 183 -37.61 -59.03 -11.96
N PHE G 184 -37.42 -57.87 -12.59
CA PHE G 184 -36.28 -57.02 -12.24
C PHE G 184 -36.67 -55.54 -12.29
N VAL G 185 -35.99 -54.77 -11.45
CA VAL G 185 -36.06 -53.30 -11.47
C VAL G 185 -34.84 -52.79 -12.22
N TYR G 186 -35.07 -51.87 -13.15
CA TYR G 186 -34.00 -51.29 -13.95
C TYR G 186 -34.15 -49.79 -13.96
N GLN G 187 -33.06 -49.10 -14.31
CA GLN G 187 -33.03 -47.66 -14.37
C GLN G 187 -32.62 -47.20 -15.77
N ASP G 188 -33.38 -46.26 -16.30
CA ASP G 188 -33.09 -45.61 -17.58
C ASP G 188 -33.34 -44.12 -17.36
N PRO G 189 -33.12 -43.27 -18.37
CA PRO G 189 -33.28 -41.82 -18.13
C PRO G 189 -34.68 -41.43 -17.69
N GLN G 190 -35.67 -42.28 -17.86
CA GLN G 190 -37.06 -41.96 -17.57
C GLN G 190 -37.46 -42.31 -16.14
N GLY G 191 -36.51 -42.73 -15.30
CA GLY G 191 -36.81 -43.14 -13.94
C GLY G 191 -36.50 -44.60 -13.74
N ARG G 192 -37.07 -45.22 -12.72
CA ARG G 192 -36.91 -46.65 -12.50
C ARG G 192 -38.21 -47.38 -12.79
N HIS G 193 -38.09 -48.58 -13.33
CA HIS G 193 -39.22 -49.39 -13.73
C HIS G 193 -39.02 -50.85 -13.33
N VAL G 194 -40.14 -51.56 -13.21
CA VAL G 194 -40.14 -53.00 -12.95
C VAL G 194 -40.69 -53.68 -14.20
N LYS G 195 -39.99 -54.73 -14.65
CA LYS G 195 -40.32 -55.43 -15.89
C LYS G 195 -40.15 -56.92 -15.70
N THR G 196 -40.87 -57.70 -16.51
CA THR G 196 -40.78 -59.16 -16.48
C THR G 196 -40.47 -59.72 -17.85
N TYR G 197 -39.72 -60.82 -17.85
CA TYR G 197 -39.45 -61.60 -19.05
C TYR G 197 -39.67 -63.08 -18.73
N GLU G 198 -39.93 -63.88 -19.76
CA GLU G 198 -39.92 -65.33 -19.64
C GLU G 198 -38.64 -65.85 -20.28
N VAL G 199 -38.06 -66.89 -19.69
CA VAL G 199 -36.78 -67.43 -20.13
C VAL G 199 -37.03 -68.77 -20.82
N SER G 200 -36.61 -68.87 -22.07
CA SER G 200 -36.75 -70.10 -22.85
C SER G 200 -35.39 -70.74 -23.00
N LEU G 201 -35.20 -71.89 -22.33
CA LEU G 201 -33.96 -72.64 -22.48
C LEU G 201 -33.85 -73.22 -23.89
N ARG G 202 -34.98 -73.53 -24.51
CA ARG G 202 -34.96 -74.12 -25.85
C ARG G 202 -34.56 -73.10 -26.90
N GLU G 203 -35.19 -71.93 -26.88
CA GLU G 203 -34.89 -70.89 -27.86
C GLU G 203 -33.66 -70.07 -27.49
N LYS G 204 -33.25 -70.10 -26.22
CA LYS G 204 -32.13 -69.30 -25.74
C LYS G 204 -32.38 -67.81 -25.96
N GLU G 205 -33.56 -67.35 -25.54
CA GLU G 205 -33.88 -65.93 -25.59
C GLU G 205 -35.04 -65.65 -24.64
N PHE G 206 -35.29 -64.36 -24.43
CA PHE G 206 -36.43 -63.93 -23.63
C PHE G 206 -37.69 -63.88 -24.48
N ASN G 207 -38.84 -64.14 -23.85
CA ASN G 207 -40.15 -63.91 -24.44
C ASN G 207 -40.89 -62.89 -23.58
N LYS G 208 -41.94 -62.31 -24.16
CA LYS G 208 -42.71 -61.30 -23.43
C LYS G 208 -43.15 -61.85 -22.09
N GLY G 209 -43.01 -61.05 -21.05
CA GLY G 209 -43.23 -61.51 -19.70
C GLY G 209 -44.69 -61.51 -19.33
N PRO G 210 -44.99 -62.15 -18.20
CA PRO G 210 -46.41 -62.32 -17.82
C PRO G 210 -47.14 -61.02 -17.55
N TRP G 211 -46.47 -59.97 -17.07
CA TRP G 211 -47.18 -58.72 -16.83
C TRP G 211 -46.36 -57.49 -17.19
N LYS G 212 -47.09 -56.39 -17.38
CA LYS G 212 -46.59 -55.16 -17.95
C LYS G 212 -45.69 -54.43 -16.96
N GLN G 213 -44.95 -53.45 -17.48
CA GLN G 213 -44.12 -52.58 -16.66
C GLN G 213 -44.93 -51.63 -15.80
N GLU G 214 -44.37 -51.32 -14.63
CA GLU G 214 -44.84 -50.27 -13.73
C GLU G 214 -43.68 -49.35 -13.39
N ASN G 215 -43.95 -48.05 -13.31
CA ASN G 215 -42.97 -47.10 -12.79
C ASN G 215 -42.83 -47.29 -11.28
N VAL G 216 -41.58 -47.28 -10.79
CA VAL G 216 -41.34 -47.55 -9.38
C VAL G 216 -40.61 -46.37 -8.75
N GLU G 217 -40.36 -46.44 -7.45
CA GLU G 217 -39.67 -45.39 -6.74
C GLU G 217 -38.31 -45.12 -7.36
N ALA G 218 -37.90 -43.84 -7.35
CA ALA G 218 -36.63 -43.48 -7.96
C ALA G 218 -35.47 -44.24 -7.33
N GLU G 219 -35.61 -44.61 -6.06
CA GLU G 219 -34.58 -45.36 -5.34
C GLU G 219 -35.02 -46.79 -5.03
N ALA G 220 -35.88 -47.37 -5.87
CA ALA G 220 -36.24 -48.77 -5.72
C ALA G 220 -34.99 -49.63 -5.70
N SER G 221 -34.78 -50.34 -4.58
CA SER G 221 -33.51 -51.00 -4.30
C SER G 221 -33.54 -52.52 -4.47
N MET G 222 -34.59 -53.20 -4.01
CA MET G 222 -34.56 -54.65 -3.92
C MET G 222 -35.84 -55.26 -4.46
N VAL G 223 -35.72 -56.49 -4.97
CA VAL G 223 -36.85 -57.27 -5.45
C VAL G 223 -37.00 -58.51 -4.58
N ILE G 224 -38.22 -58.73 -4.09
CA ILE G 224 -38.57 -59.91 -3.31
C ILE G 224 -39.53 -60.73 -4.16
N ALA G 225 -39.19 -62.00 -4.39
CA ALA G 225 -40.08 -62.92 -5.08
C ALA G 225 -41.01 -63.52 -4.02
N VAL G 226 -42.30 -63.21 -4.11
CA VAL G 226 -43.25 -63.63 -3.09
C VAL G 226 -43.75 -65.03 -3.44
N PRO G 227 -43.67 -65.98 -2.51
CA PRO G 227 -44.10 -67.34 -2.86
C PRO G 227 -45.61 -67.42 -2.97
N GLU G 228 -46.07 -68.36 -3.81
CA GLU G 228 -47.49 -68.65 -3.87
C GLU G 228 -47.96 -69.16 -2.51
N PRO G 229 -49.20 -68.84 -2.10
CA PRO G 229 -50.35 -68.37 -2.88
C PRO G 229 -50.29 -66.99 -3.50
N PHE G 230 -49.58 -66.04 -2.87
CA PHE G 230 -49.65 -64.66 -3.36
C PHE G 230 -49.04 -64.56 -4.76
N GLY G 231 -47.80 -65.02 -4.90
CA GLY G 231 -47.08 -64.85 -6.16
C GLY G 231 -46.70 -63.39 -6.34
N GLY G 232 -45.99 -63.14 -7.44
CA GLY G 232 -45.63 -61.79 -7.75
C GLY G 232 -44.38 -61.36 -7.00
N ALA G 233 -44.25 -60.04 -6.81
CA ALA G 233 -43.05 -59.50 -6.21
C ALA G 233 -43.35 -58.26 -5.38
N ILE G 234 -42.48 -58.03 -4.39
CA ILE G 234 -42.49 -56.81 -3.58
C ILE G 234 -41.20 -56.06 -3.85
N ILE G 235 -41.31 -54.74 -4.07
CA ILE G 235 -40.17 -53.88 -4.39
C ILE G 235 -39.99 -52.86 -3.29
N ILE G 236 -38.80 -52.90 -2.66
CA ILE G 236 -38.47 -52.07 -1.51
C ILE G 236 -37.69 -50.86 -1.98
N GLY G 237 -38.10 -49.67 -1.53
CA GLY G 237 -37.38 -48.45 -1.83
C GLY G 237 -36.91 -47.73 -0.59
N GLN G 238 -36.69 -46.42 -0.70
CA GLN G 238 -36.36 -45.58 0.45
C GLN G 238 -37.60 -45.08 1.18
N GLU G 239 -38.64 -44.72 0.43
CA GLU G 239 -39.86 -44.17 1.02
C GLU G 239 -41.05 -45.11 0.96
N SER G 240 -41.08 -46.06 0.02
CA SER G 240 -42.28 -46.84 -0.23
C SER G 240 -41.96 -48.31 -0.47
N ILE G 241 -42.94 -49.17 -0.14
CA ILE G 241 -42.91 -50.60 -0.43
C ILE G 241 -44.13 -50.92 -1.29
N THR G 242 -43.91 -51.59 -2.42
CA THR G 242 -44.98 -51.86 -3.37
C THR G 242 -45.04 -53.34 -3.74
N TYR G 243 -46.26 -53.81 -4.04
CA TYR G 243 -46.51 -55.16 -4.50
C TYR G 243 -47.02 -55.12 -5.94
N HIS G 244 -46.46 -55.98 -6.79
CA HIS G 244 -46.79 -56.03 -8.20
C HIS G 244 -47.13 -57.44 -8.63
N ASN G 245 -48.30 -57.62 -9.24
CA ASN G 245 -48.63 -58.93 -9.84
C ASN G 245 -49.78 -58.73 -10.82
N GLY G 246 -49.44 -58.68 -12.10
CA GLY G 246 -50.46 -58.54 -13.14
C GLY G 246 -51.27 -57.28 -12.91
N ASP G 247 -52.58 -57.45 -12.71
CA ASP G 247 -53.44 -56.29 -12.50
C ASP G 247 -53.36 -55.75 -11.08
N LYS G 248 -52.91 -56.55 -10.11
CA LYS G 248 -52.88 -56.15 -8.72
C LYS G 248 -51.68 -55.25 -8.43
N TYR G 249 -51.92 -54.16 -7.71
CA TYR G 249 -50.86 -53.23 -7.29
C TYR G 249 -51.19 -52.71 -5.91
N LEU G 250 -50.25 -52.81 -4.98
CA LEU G 250 -50.40 -52.26 -3.64
C LEU G 250 -49.22 -51.32 -3.38
N ALA G 251 -49.44 -50.31 -2.55
CA ALA G 251 -48.34 -49.42 -2.18
C ALA G 251 -48.60 -48.86 -0.79
N ILE G 252 -47.65 -49.10 0.10
CA ILE G 252 -47.63 -48.51 1.43
C ILE G 252 -46.33 -47.73 1.55
N ALA G 253 -46.41 -46.53 2.10
CA ALA G 253 -45.26 -45.62 2.21
C ALA G 253 -45.20 -45.07 3.63
N PRO G 254 -44.88 -45.91 4.61
CA PRO G 254 -44.86 -45.46 6.00
C PRO G 254 -43.70 -44.51 6.24
N PRO G 255 -43.92 -43.44 7.00
CA PRO G 255 -42.86 -42.44 7.19
C PRO G 255 -41.63 -42.99 7.90
N ILE G 256 -41.77 -44.12 8.60
CA ILE G 256 -40.70 -44.58 9.48
C ILE G 256 -39.54 -45.14 8.68
N ILE G 257 -39.83 -45.83 7.57
CA ILE G 257 -38.74 -46.45 6.81
C ILE G 257 -37.93 -45.38 6.07
N LYS G 258 -38.53 -44.21 5.83
CA LYS G 258 -37.82 -43.12 5.18
C LYS G 258 -36.62 -42.67 5.99
N GLN G 259 -36.63 -42.90 7.31
CA GLN G 259 -35.57 -42.38 8.17
C GLN G 259 -34.23 -43.03 7.84
N SER G 260 -34.23 -44.33 7.51
CA SER G 260 -33.01 -45.07 7.22
C SER G 260 -33.26 -46.06 6.10
N THR G 261 -32.28 -46.16 5.20
CA THR G 261 -32.39 -47.04 4.05
C THR G 261 -32.50 -48.50 4.47
N ILE G 262 -33.42 -49.23 3.85
CA ILE G 262 -33.58 -50.65 4.10
C ILE G 262 -32.62 -51.40 3.19
N VAL G 263 -31.78 -52.26 3.77
CA VAL G 263 -30.71 -52.89 3.01
C VAL G 263 -30.85 -54.40 2.91
N CYS G 264 -31.57 -55.08 3.81
CA CYS G 264 -31.65 -56.53 3.78
C CYS G 264 -33.07 -56.97 4.09
N HIS G 265 -33.42 -58.17 3.59
CA HIS G 265 -34.74 -58.74 3.76
C HIS G 265 -34.61 -60.26 3.84
N ASN G 266 -35.51 -60.87 4.62
CA ASN G 266 -35.58 -62.32 4.68
C ASN G 266 -37.03 -62.75 4.85
N ARG G 267 -37.34 -63.93 4.33
CA ARG G 267 -38.69 -64.49 4.42
C ARG G 267 -38.82 -65.29 5.70
N VAL G 268 -39.90 -65.06 6.44
CA VAL G 268 -40.14 -65.77 7.69
C VAL G 268 -41.07 -66.95 7.42
N ASP G 269 -42.29 -66.66 6.96
CA ASP G 269 -43.29 -67.71 6.74
C ASP G 269 -43.18 -68.23 5.32
N PRO G 270 -42.89 -69.52 5.12
CA PRO G 270 -42.88 -70.07 3.76
C PRO G 270 -44.09 -69.72 2.93
N ASN G 271 -45.26 -69.50 3.55
CA ASN G 271 -46.45 -69.13 2.82
C ASN G 271 -46.39 -67.70 2.30
N GLY G 272 -45.40 -66.91 2.74
CA GLY G 272 -45.20 -65.57 2.23
C GLY G 272 -45.87 -64.48 3.00
N SER G 273 -46.47 -64.79 4.15
CA SER G 273 -47.22 -63.78 4.89
C SER G 273 -46.30 -62.76 5.57
N ARG G 274 -45.13 -63.20 6.03
CA ARG G 274 -44.28 -62.35 6.86
C ARG G 274 -42.83 -62.33 6.36
N TYR G 275 -42.24 -61.13 6.34
CA TYR G 275 -40.84 -60.93 5.98
C TYR G 275 -40.17 -60.06 7.03
N LEU G 276 -38.85 -60.20 7.17
CA LEU G 276 -38.05 -59.31 8.01
C LEU G 276 -37.34 -58.28 7.14
N LEU G 277 -37.17 -57.06 7.66
CA LEU G 277 -36.45 -56.00 6.99
C LEU G 277 -35.42 -55.37 7.93
N GLY G 278 -34.26 -55.06 7.40
CA GLY G 278 -33.25 -54.38 8.17
C GLY G 278 -32.76 -53.12 7.48
N ASP G 279 -32.32 -52.15 8.30
CA ASP G 279 -31.90 -50.85 7.79
C ASP G 279 -30.53 -50.47 8.33
N MET G 280 -29.98 -49.38 7.80
CA MET G 280 -28.62 -48.96 8.11
C MET G 280 -28.49 -48.48 9.56
N GLU G 281 -29.59 -48.10 10.20
CA GLU G 281 -29.56 -47.68 11.60
C GLU G 281 -29.67 -48.86 12.57
N GLY G 282 -29.64 -50.09 12.05
CA GLY G 282 -29.73 -51.27 12.90
C GLY G 282 -31.13 -51.68 13.28
N ARG G 283 -32.14 -51.00 12.75
CA ARG G 283 -33.53 -51.30 13.06
C ARG G 283 -34.00 -52.55 12.32
N LEU G 284 -34.88 -53.30 12.98
CA LEU G 284 -35.46 -54.52 12.40
C LEU G 284 -36.96 -54.37 12.32
N PHE G 285 -37.50 -54.54 11.11
CA PHE G 285 -38.92 -54.44 10.85
C PHE G 285 -39.49 -55.79 10.47
N MET G 286 -40.80 -55.93 10.64
CA MET G 286 -41.57 -57.05 10.11
C MET G 286 -42.50 -56.53 9.03
N LEU G 287 -42.43 -57.11 7.84
CA LEU G 287 -43.31 -56.77 6.74
C LEU G 287 -44.42 -57.83 6.66
N LEU G 288 -45.66 -57.38 6.80
CA LEU G 288 -46.82 -58.26 6.87
C LEU G 288 -47.69 -58.10 5.64
N LEU G 289 -48.09 -59.23 5.05
CA LEU G 289 -49.00 -59.29 3.92
C LEU G 289 -50.38 -59.66 4.45
N GLU G 290 -51.33 -58.74 4.34
CA GLU G 290 -52.65 -58.94 4.94
C GLU G 290 -53.50 -59.89 4.10
N LYS G 291 -53.87 -61.02 4.67
CA LYS G 291 -54.65 -62.03 3.99
C LYS G 291 -56.14 -61.73 4.20
N GLU G 292 -56.94 -62.10 3.19
CA GLU G 292 -58.39 -62.08 3.30
C GLU G 292 -58.87 -63.45 2.85
N GLU G 293 -59.62 -64.13 3.71
CA GLU G 293 -60.12 -65.47 3.40
C GLU G 293 -61.38 -65.35 2.55
N GLN G 294 -61.36 -65.99 1.39
CA GLN G 294 -62.52 -66.06 0.51
C GLN G 294 -63.31 -67.34 0.77
N MET G 295 -64.57 -67.32 0.36
CA MET G 295 -65.42 -68.49 0.53
C MET G 295 -64.92 -69.69 -0.25
N ASP G 296 -64.13 -69.47 -1.30
CA ASP G 296 -63.52 -70.55 -2.06
C ASP G 296 -62.55 -71.39 -1.23
N GLY G 297 -62.16 -70.89 -0.05
CA GLY G 297 -61.09 -71.47 0.73
C GLY G 297 -59.74 -70.89 0.46
N THR G 298 -59.64 -69.99 -0.51
CA THR G 298 -58.42 -69.28 -0.91
C THR G 298 -58.27 -67.94 -0.20
N VAL G 299 -57.05 -67.41 -0.27
CA VAL G 299 -56.65 -66.16 0.38
C VAL G 299 -56.26 -65.14 -0.69
N THR G 300 -56.71 -63.89 -0.50
CA THR G 300 -56.33 -62.77 -1.35
C THR G 300 -55.55 -61.74 -0.55
N LEU G 301 -54.72 -60.95 -1.26
CA LEU G 301 -53.88 -59.93 -0.63
C LEU G 301 -54.63 -58.61 -0.56
N LYS G 302 -54.92 -58.17 0.67
CA LYS G 302 -55.66 -56.94 0.92
C LYS G 302 -54.77 -55.71 1.05
N ASP G 303 -53.72 -55.78 1.87
CA ASP G 303 -52.87 -54.63 2.14
C ASP G 303 -51.54 -55.11 2.71
N LEU G 304 -50.61 -54.16 2.85
CA LEU G 304 -49.29 -54.41 3.43
C LEU G 304 -49.11 -53.59 4.70
N ARG G 305 -48.33 -54.12 5.64
CA ARG G 305 -48.05 -53.44 6.89
C ARG G 305 -46.59 -53.59 7.26
N VAL G 306 -46.04 -52.56 7.90
CA VAL G 306 -44.68 -52.56 8.41
C VAL G 306 -44.73 -52.26 9.91
N GLU G 307 -44.03 -53.09 10.71
CA GLU G 307 -44.00 -52.95 12.15
C GLU G 307 -42.57 -53.02 12.66
N LEU G 308 -42.19 -52.05 13.47
CA LEU G 308 -40.85 -52.01 14.05
C LEU G 308 -40.75 -53.00 15.21
N LEU G 309 -39.76 -53.88 15.15
CA LEU G 309 -39.54 -54.85 16.21
C LEU G 309 -38.54 -54.36 17.24
N GLY G 310 -37.44 -53.76 16.79
CA GLY G 310 -36.39 -53.33 17.69
C GLY G 310 -35.12 -53.02 16.91
N GLU G 311 -33.99 -53.32 17.55
CA GLU G 311 -32.67 -53.02 16.99
C GLU G 311 -31.81 -54.28 17.02
N THR G 312 -31.01 -54.46 15.98
CA THR G 312 -29.98 -55.48 15.90
C THR G 312 -28.68 -54.77 15.54
N SER G 313 -27.60 -55.54 15.41
CA SER G 313 -26.39 -54.96 14.85
C SER G 313 -26.65 -54.60 13.40
N ILE G 314 -25.97 -53.55 12.91
CA ILE G 314 -26.20 -53.12 11.53
C ILE G 314 -26.06 -54.36 10.66
N ALA G 315 -27.14 -54.81 10.03
CA ALA G 315 -27.20 -56.13 9.43
C ALA G 315 -26.93 -56.08 7.94
N GLU G 316 -26.01 -56.93 7.48
CA GLU G 316 -25.82 -57.18 6.06
C GLU G 316 -26.79 -58.23 5.54
N CYS G 317 -26.94 -59.33 6.28
CA CYS G 317 -27.78 -60.44 5.85
C CYS G 317 -28.66 -60.84 7.03
N LEU G 318 -29.89 -61.25 6.74
CA LEU G 318 -30.82 -61.76 7.73
C LEU G 318 -31.27 -63.15 7.31
N THR G 319 -31.33 -64.06 8.29
CA THR G 319 -31.82 -65.42 8.05
C THR G 319 -32.64 -65.86 9.25
N TYR G 320 -33.90 -66.21 9.00
CA TYR G 320 -34.81 -66.63 10.05
C TYR G 320 -34.67 -68.12 10.32
N LEU G 321 -34.13 -68.47 11.48
CA LEU G 321 -34.06 -69.87 11.91
C LEU G 321 -35.44 -70.19 12.52
N ASP G 322 -35.66 -71.44 12.90
CA ASP G 322 -36.98 -71.78 13.43
C ASP G 322 -37.11 -71.35 14.90
N ASN G 323 -38.36 -71.40 15.39
CA ASN G 323 -38.70 -71.06 16.77
C ASN G 323 -38.34 -69.63 17.13
N GLY G 324 -38.62 -68.71 16.21
CA GLY G 324 -38.46 -67.29 16.48
C GLY G 324 -37.04 -66.77 16.53
N VAL G 325 -36.05 -67.59 16.16
CA VAL G 325 -34.64 -67.22 16.25
C VAL G 325 -34.15 -66.68 14.92
N VAL G 326 -33.51 -65.52 14.94
CA VAL G 326 -32.96 -64.88 13.76
C VAL G 326 -31.46 -64.72 13.90
N PHE G 327 -30.73 -65.03 12.82
CA PHE G 327 -29.30 -64.77 12.73
C PHE G 327 -29.07 -63.45 12.01
N VAL G 328 -28.41 -62.52 12.67
CA VAL G 328 -28.13 -61.19 12.13
C VAL G 328 -26.68 -61.19 11.66
N GLY G 329 -26.48 -61.38 10.36
CA GLY G 329 -25.15 -61.34 9.79
C GLY G 329 -24.70 -59.93 9.53
N SER G 330 -23.68 -59.47 10.26
CA SER G 330 -23.21 -58.09 10.19
C SER G 330 -21.80 -58.04 9.65
N ARG G 331 -21.54 -57.04 8.80
CA ARG G 331 -20.22 -56.77 8.25
C ARG G 331 -19.61 -55.52 8.85
N LEU G 332 -20.41 -54.69 9.54
CA LEU G 332 -19.94 -53.49 10.21
C LEU G 332 -19.90 -53.63 11.73
N GLY G 333 -20.55 -54.65 12.29
CA GLY G 333 -20.51 -54.87 13.72
C GLY G 333 -20.58 -56.34 14.09
N ASP G 334 -20.70 -56.65 15.37
CA ASP G 334 -20.80 -58.05 15.78
C ASP G 334 -22.05 -58.69 15.19
N SER G 335 -21.89 -59.92 14.68
CA SER G 335 -23.04 -60.71 14.28
C SER G 335 -23.69 -61.33 15.51
N GLN G 336 -24.94 -61.75 15.35
CA GLN G 336 -25.66 -62.23 16.53
C GLN G 336 -26.79 -63.17 16.16
N LEU G 337 -27.21 -63.95 17.16
CA LEU G 337 -28.52 -64.57 17.21
C LEU G 337 -29.42 -63.75 18.14
N VAL G 338 -30.65 -63.50 17.71
CA VAL G 338 -31.61 -62.75 18.52
C VAL G 338 -32.90 -63.56 18.63
N LYS G 339 -33.63 -63.28 19.70
CA LYS G 339 -34.92 -63.89 19.96
C LYS G 339 -36.00 -62.88 19.58
N LEU G 340 -36.90 -63.29 18.69
CA LEU G 340 -38.04 -62.45 18.35
C LEU G 340 -39.20 -62.88 19.25
N ASN G 341 -39.67 -61.96 20.07
CA ASN G 341 -40.72 -62.26 21.04
C ASN G 341 -42.06 -61.71 20.59
N VAL G 342 -43.12 -62.39 21.03
CA VAL G 342 -44.47 -61.87 20.89
C VAL G 342 -44.66 -60.75 21.90
N ASP G 343 -43.98 -60.83 23.04
CA ASP G 343 -44.07 -59.83 24.09
C ASP G 343 -42.98 -58.77 23.95
N SER G 344 -43.37 -57.51 24.10
CA SER G 344 -42.42 -56.41 24.14
C SER G 344 -41.75 -56.35 25.51
N ASN G 345 -40.54 -55.81 25.54
CA ASN G 345 -39.82 -55.68 26.79
C ASN G 345 -40.09 -54.32 27.44
N GLU G 346 -39.33 -54.00 28.49
CA GLU G 346 -39.57 -52.80 29.28
C GLU G 346 -39.32 -51.53 28.49
N GLN G 347 -38.59 -51.61 27.37
CA GLN G 347 -38.32 -50.48 26.50
C GLN G 347 -39.25 -50.43 25.29
N GLY G 348 -40.12 -51.42 25.13
CA GLY G 348 -40.98 -51.49 23.97
C GLY G 348 -40.47 -52.33 22.82
N SER G 349 -39.35 -53.03 22.99
CA SER G 349 -38.72 -53.80 21.94
C SER G 349 -39.13 -55.27 22.02
N TYR G 350 -39.26 -55.88 20.84
CA TYR G 350 -39.56 -57.30 20.72
C TYR G 350 -38.32 -58.15 20.44
N VAL G 351 -37.13 -57.54 20.47
CA VAL G 351 -35.89 -58.18 20.06
C VAL G 351 -34.97 -58.31 21.26
N VAL G 352 -34.48 -59.53 21.50
CA VAL G 352 -33.59 -59.82 22.62
C VAL G 352 -32.40 -60.61 22.10
N ALA G 353 -31.19 -60.14 22.43
CA ALA G 353 -29.98 -60.84 22.00
C ALA G 353 -29.82 -62.15 22.75
N MET G 354 -29.49 -63.21 22.01
CA MET G 354 -29.14 -64.49 22.60
C MET G 354 -27.63 -64.66 22.66
N GLU G 355 -26.97 -64.59 21.50
CA GLU G 355 -25.53 -64.77 21.39
C GLU G 355 -24.94 -63.62 20.59
N THR G 356 -23.67 -63.35 20.84
CA THR G 356 -22.93 -62.32 20.12
C THR G 356 -21.66 -62.95 19.57
N PHE G 357 -21.49 -62.85 18.26
CA PHE G 357 -20.32 -63.42 17.59
C PHE G 357 -19.36 -62.29 17.29
N THR G 358 -18.14 -62.39 17.81
CA THR G 358 -17.18 -61.32 17.63
C THR G 358 -16.96 -61.07 16.15
N ASN G 359 -17.09 -59.81 15.74
CA ASN G 359 -16.76 -59.38 14.39
C ASN G 359 -15.78 -58.24 14.54
N LEU G 360 -14.52 -58.46 14.17
CA LEU G 360 -13.57 -57.37 14.19
C LEU G 360 -13.94 -56.29 13.19
N GLY G 361 -14.88 -56.57 12.29
CA GLY G 361 -15.49 -55.57 11.45
C GLY G 361 -14.46 -54.82 10.66
N PRO G 362 -14.89 -53.68 10.08
CA PRO G 362 -13.93 -52.82 9.37
C PRO G 362 -12.85 -52.34 10.33
N ILE G 363 -11.60 -52.65 10.00
CA ILE G 363 -10.46 -52.21 10.79
C ILE G 363 -9.92 -50.96 10.11
N VAL G 364 -10.32 -49.80 10.62
CA VAL G 364 -9.90 -48.54 10.02
C VAL G 364 -8.41 -48.30 10.28
N ASP G 365 -7.97 -48.58 11.52
CA ASP G 365 -6.58 -48.40 11.90
C ASP G 365 -6.27 -49.36 13.04
N MET G 366 -4.97 -49.49 13.35
CA MET G 366 -4.55 -50.31 14.48
C MET G 366 -3.12 -49.95 14.86
N CYS G 367 -2.78 -50.23 16.12
CA CYS G 367 -1.43 -50.05 16.64
C CYS G 367 -1.08 -51.18 17.58
N VAL G 368 0.22 -51.44 17.72
CA VAL G 368 0.74 -52.48 18.60
C VAL G 368 1.40 -51.83 19.80
N VAL G 369 1.05 -52.30 21.01
CA VAL G 369 1.53 -51.73 22.26
C VAL G 369 1.80 -52.87 23.23
N ASP G 370 2.95 -52.83 23.91
CA ASP G 370 3.32 -53.82 24.92
C ASP G 370 2.93 -53.28 26.29
N LEU G 371 1.70 -53.56 26.70
CA LEU G 371 1.19 -53.00 27.95
C LEU G 371 1.87 -53.63 29.18
N GLU G 372 2.17 -54.91 29.11
CA GLU G 372 2.79 -55.62 30.23
C GLU G 372 4.30 -55.67 30.13
N ARG G 373 4.90 -55.08 29.08
CA ARG G 373 6.35 -55.10 28.92
C ARG G 373 6.85 -56.53 28.84
N GLN G 374 5.96 -57.44 28.42
CA GLN G 374 6.28 -58.85 28.30
C GLN G 374 6.92 -59.20 26.96
N GLY G 375 7.38 -58.21 26.21
CA GLY G 375 7.98 -58.52 24.93
C GLY G 375 7.00 -59.17 23.97
N GLN G 376 5.72 -59.24 24.34
CA GLN G 376 4.73 -59.90 23.49
C GLN G 376 4.10 -58.88 22.54
N GLY G 377 3.34 -57.96 23.09
CA GLY G 377 2.62 -56.97 22.30
C GLY G 377 1.14 -57.26 22.23
N GLN G 378 0.34 -56.19 22.20
CA GLN G 378 -1.10 -56.28 22.08
C GLN G 378 -1.52 -55.43 20.87
N LEU G 379 -2.56 -55.89 20.19
CA LEU G 379 -3.06 -55.23 18.98
C LEU G 379 -4.37 -54.52 19.34
N VAL G 380 -4.33 -53.19 19.29
CA VAL G 380 -5.49 -52.34 19.56
C VAL G 380 -5.97 -51.80 18.22
N THR G 381 -7.18 -52.20 17.83
CA THR G 381 -7.74 -51.86 16.54
C THR G 381 -8.85 -50.84 16.68
N CYS G 382 -8.94 -49.93 15.71
CA CYS G 382 -10.15 -49.15 15.50
C CYS G 382 -11.08 -49.95 14.61
N SER G 383 -12.14 -50.51 15.21
CA SER G 383 -12.98 -51.48 14.51
C SER G 383 -14.43 -51.06 14.53
N GLY G 384 -15.12 -51.43 13.46
CA GLY G 384 -16.54 -51.18 13.33
C GLY G 384 -16.83 -49.80 12.78
N ALA G 385 -18.12 -49.53 12.60
CA ALA G 385 -18.57 -48.23 12.11
C ALA G 385 -19.92 -47.91 12.73
N PHE G 386 -20.19 -46.61 12.89
CA PHE G 386 -21.46 -46.08 13.39
C PHE G 386 -21.73 -46.70 14.78
N LYS G 387 -22.95 -47.16 15.05
CA LYS G 387 -23.31 -47.65 16.38
C LYS G 387 -22.55 -48.89 16.79
N GLU G 388 -21.97 -49.63 15.83
CA GLU G 388 -21.18 -50.82 16.11
C GLU G 388 -19.71 -50.50 16.29
N GLY G 389 -19.32 -49.23 16.24
CA GLY G 389 -17.92 -48.89 16.42
C GLY G 389 -17.39 -49.34 17.76
N SER G 390 -16.13 -49.77 17.76
CA SER G 390 -15.50 -50.29 18.96
C SER G 390 -13.99 -50.20 18.83
N LEU G 391 -13.31 -50.30 19.97
CA LEU G 391 -11.88 -50.59 20.02
C LEU G 391 -11.74 -52.04 20.48
N ARG G 392 -10.81 -52.78 19.87
CA ARG G 392 -10.66 -54.21 20.15
C ARG G 392 -9.22 -54.48 20.54
N ILE G 393 -9.02 -55.09 21.71
CA ILE G 393 -7.70 -55.41 22.23
C ILE G 393 -7.45 -56.90 21.98
N ILE G 394 -6.40 -57.23 21.23
CA ILE G 394 -6.16 -58.59 20.76
C ILE G 394 -4.79 -59.08 21.21
N ARG G 395 -4.77 -60.26 21.85
CA ARG G 395 -3.55 -60.89 22.34
C ARG G 395 -3.58 -62.39 22.14
N ASN G 396 -2.39 -62.98 22.02
CA ASN G 396 -2.23 -64.43 21.94
C ASN G 396 -2.36 -65.06 23.32
N GLY G 397 -3.15 -66.13 23.40
CA GLY G 397 -3.29 -66.85 24.66
C GLY G 397 -2.13 -67.81 24.86
N ILE G 398 -1.53 -67.77 26.04
CA ILE G 398 -0.31 -68.52 26.31
C ILE G 398 -0.44 -69.33 27.59
N LYS G 409 -5.67 -69.92 20.30
CA LYS G 409 -6.66 -68.92 19.91
C LYS G 409 -6.31 -67.54 20.47
N LEU G 410 -7.01 -66.53 19.95
CA LEU G 410 -6.83 -65.14 20.38
C LEU G 410 -7.83 -64.72 21.43
N HIS G 411 -7.36 -63.94 22.40
CA HIS G 411 -8.22 -63.32 23.40
C HIS G 411 -8.52 -61.89 22.97
N ILE G 412 -9.81 -61.54 22.89
CA ILE G 412 -10.25 -60.29 22.29
C ILE G 412 -11.13 -59.56 23.29
N ARG G 413 -10.70 -58.39 23.73
CA ARG G 413 -11.51 -57.51 24.58
C ARG G 413 -12.16 -56.44 23.71
N THR G 414 -13.42 -56.15 23.99
CA THR G 414 -14.22 -55.22 23.19
C THR G 414 -14.52 -53.97 24.01
N VAL G 415 -14.30 -52.81 23.42
CA VAL G 415 -14.49 -51.49 24.06
C VAL G 415 -15.55 -50.75 23.23
N PRO G 416 -16.80 -50.72 23.52
CA PRO G 416 -17.77 -50.07 22.66
C PRO G 416 -17.63 -48.56 22.73
N LEU G 417 -17.72 -47.91 21.58
CA LEU G 417 -17.71 -46.45 21.49
C LEU G 417 -19.04 -45.89 21.03
N TYR G 418 -19.83 -46.67 20.29
CA TYR G 418 -21.12 -46.23 19.77
C TYR G 418 -20.98 -45.10 18.76
N GLU G 419 -19.76 -44.93 18.25
CA GLU G 419 -19.46 -43.98 17.18
C GLU G 419 -18.30 -44.58 16.40
N SER G 420 -18.06 -44.04 15.21
CA SER G 420 -17.10 -44.65 14.30
C SER G 420 -15.67 -44.33 14.71
N PRO G 421 -14.83 -45.34 14.95
CA PRO G 421 -13.41 -45.07 15.22
C PRO G 421 -12.63 -44.98 13.92
N ARG G 422 -11.76 -43.98 13.84
CA ARG G 422 -11.06 -43.62 12.61
C ARG G 422 -9.56 -43.84 12.68
N LYS G 423 -8.89 -43.34 13.71
CA LYS G 423 -7.46 -43.51 13.86
C LYS G 423 -7.13 -43.69 15.34
N ILE G 424 -6.06 -44.43 15.62
CA ILE G 424 -5.62 -44.68 16.98
C ILE G 424 -4.12 -44.49 17.09
N CYS G 425 -3.67 -43.96 18.22
CA CYS G 425 -2.27 -43.72 18.48
C CYS G 425 -2.05 -43.84 19.98
N TYR G 426 -0.99 -44.53 20.38
CA TYR G 426 -0.70 -44.79 21.79
C TYR G 426 0.37 -43.83 22.29
N GLN G 427 0.14 -43.29 23.48
CA GLN G 427 1.04 -42.33 24.12
C GLN G 427 1.40 -42.86 25.51
N GLU G 428 2.60 -43.45 25.62
CA GLU G 428 3.00 -44.05 26.89
C GLU G 428 3.09 -43.01 27.99
N VAL G 429 3.62 -41.83 27.67
CA VAL G 429 3.83 -40.78 28.68
C VAL G 429 2.55 -40.54 29.47
N SER G 430 1.41 -40.57 28.79
CA SER G 430 0.13 -40.31 29.42
C SER G 430 -0.63 -41.58 29.77
N GLN G 431 -0.04 -42.75 29.53
CA GLN G 431 -0.72 -44.02 29.78
C GLN G 431 -2.14 -43.99 29.22
N CYS G 432 -2.25 -43.51 27.99
CA CYS G 432 -3.53 -43.35 27.32
C CYS G 432 -3.38 -43.64 25.85
N PHE G 433 -4.49 -43.95 25.20
CA PHE G 433 -4.58 -44.10 23.76
C PHE G 433 -5.29 -42.86 23.23
N GLY G 434 -4.81 -42.32 22.13
CA GLY G 434 -5.52 -41.27 21.41
C GLY G 434 -6.25 -41.87 20.21
N VAL G 435 -7.55 -41.61 20.15
CA VAL G 435 -8.41 -42.16 19.10
C VAL G 435 -9.24 -41.04 18.49
N LEU G 436 -9.24 -40.95 17.16
CA LEU G 436 -10.08 -40.03 16.41
C LEU G 436 -11.41 -40.71 16.07
N SER G 437 -12.50 -39.96 16.16
CA SER G 437 -13.83 -40.55 16.00
C SER G 437 -14.76 -39.58 15.29
N SER G 438 -15.86 -40.14 14.77
CA SER G 438 -16.91 -39.36 14.12
C SER G 438 -18.26 -39.88 14.58
N ARG G 439 -19.21 -38.96 14.77
CA ARG G 439 -20.58 -39.32 15.09
C ARG G 439 -21.50 -38.63 14.10
N ILE G 440 -22.59 -39.31 13.74
CA ILE G 440 -23.55 -38.76 12.78
C ILE G 440 -24.65 -38.04 13.56
N GLU G 441 -24.82 -36.75 13.27
CA GLU G 441 -25.92 -35.94 13.75
C GLU G 441 -26.73 -35.46 12.56
N VAL G 442 -27.97 -35.05 12.83
CA VAL G 442 -28.90 -34.68 11.78
C VAL G 442 -29.39 -33.26 12.01
N GLN G 443 -29.52 -32.52 10.91
CA GLN G 443 -30.02 -31.16 10.95
C GLN G 443 -31.44 -31.14 11.49
N ASP G 444 -31.67 -30.34 12.53
CA ASP G 444 -32.96 -30.32 13.20
C ASP G 444 -33.62 -28.95 13.07
N THR G 445 -34.86 -28.87 13.60
CA THR G 445 -35.71 -27.70 13.43
C THR G 445 -35.22 -26.48 14.18
N SER G 446 -34.25 -26.63 15.08
CA SER G 446 -33.69 -25.48 15.79
C SER G 446 -32.67 -24.71 14.95
N GLY G 447 -32.27 -25.24 13.80
CA GLY G 447 -31.14 -24.75 13.08
C GLY G 447 -29.84 -25.44 13.42
N GLY G 448 -29.75 -26.06 14.59
CA GLY G 448 -28.60 -26.87 14.96
C GLY G 448 -28.75 -28.30 14.51
N THR G 449 -28.04 -29.19 15.21
CA THR G 449 -28.07 -30.61 14.90
C THR G 449 -28.29 -31.41 16.17
N THR G 450 -28.77 -32.64 16.00
CA THR G 450 -29.10 -33.52 17.10
C THR G 450 -28.48 -34.89 16.87
N ALA G 451 -27.84 -35.43 17.91
CA ALA G 451 -27.25 -36.75 17.83
C ALA G 451 -28.33 -37.81 18.01
N LEU G 452 -28.24 -38.88 17.22
CA LEU G 452 -29.25 -39.93 17.22
C LEU G 452 -29.18 -40.80 18.46
N ARG G 453 -28.05 -40.80 19.15
CA ARG G 453 -27.80 -41.63 20.32
C ARG G 453 -26.55 -41.08 21.01
N PRO G 454 -26.40 -41.30 22.32
CA PRO G 454 -25.16 -40.88 22.98
C PRO G 454 -24.00 -41.79 22.60
N SER G 455 -22.79 -41.23 22.60
CA SER G 455 -21.62 -42.00 22.23
C SER G 455 -20.38 -41.42 22.92
N ALA G 456 -19.23 -42.02 22.63
CA ALA G 456 -18.01 -41.73 23.38
C ALA G 456 -17.74 -40.24 23.49
N SER G 457 -17.94 -39.48 22.40
CA SER G 457 -17.60 -38.08 22.42
C SER G 457 -18.54 -37.25 23.30
N THR G 458 -19.77 -37.74 23.53
CA THR G 458 -20.72 -37.06 24.40
C THR G 458 -20.66 -37.58 25.84
N GLN G 459 -20.06 -38.74 26.06
CA GLN G 459 -20.01 -39.36 27.38
C GLN G 459 -18.61 -39.34 28.00
N ALA G 460 -17.74 -38.46 27.53
CA ALA G 460 -16.42 -38.32 28.13
C ALA G 460 -16.54 -37.72 29.52
N LEU G 461 -15.55 -38.01 30.37
CA LEU G 461 -15.54 -37.42 31.70
C LEU G 461 -15.40 -35.90 31.60
N SER G 462 -14.39 -35.44 30.88
CA SER G 462 -14.18 -34.04 30.56
C SER G 462 -14.28 -33.86 29.04
N SER G 463 -14.76 -32.69 28.62
CA SER G 463 -14.97 -32.45 27.21
C SER G 463 -14.60 -31.02 26.85
N SER G 464 -14.29 -30.80 25.57
CA SER G 464 -13.95 -29.48 25.07
C SER G 464 -14.36 -29.39 23.61
N VAL G 465 -14.38 -28.15 23.11
CA VAL G 465 -14.76 -27.86 21.72
C VAL G 465 -13.76 -26.85 21.18
N SER G 466 -13.27 -27.08 19.96
CA SER G 466 -12.33 -26.14 19.37
C SER G 466 -12.98 -24.76 19.28
N SER G 467 -12.21 -23.73 19.62
CA SER G 467 -12.63 -22.34 19.49
C SER G 467 -11.82 -21.62 18.42
N SER G 468 -11.23 -22.38 17.50
CA SER G 468 -10.37 -21.79 16.49
C SER G 468 -11.12 -20.82 15.60
N LYS G 469 -10.50 -19.67 15.36
CA LYS G 469 -10.99 -18.67 14.42
C LYS G 469 -10.15 -18.64 13.15
N LEU G 470 -9.34 -19.68 12.93
CA LEU G 470 -8.41 -19.68 11.80
C LEU G 470 -9.15 -19.46 10.49
N PHE G 471 -10.23 -20.22 10.25
CA PHE G 471 -11.02 -20.01 9.05
C PHE G 471 -12.00 -18.87 9.21
N SER G 472 -12.11 -18.34 10.43
CA SER G 472 -12.82 -17.11 10.72
C SER G 472 -14.10 -16.92 9.93
N SER G 473 -14.20 -15.82 9.16
CA SER G 473 -15.45 -15.60 8.46
C SER G 473 -15.60 -16.46 7.22
N SER G 474 -14.49 -16.86 6.60
CA SER G 474 -14.53 -17.72 5.43
C SER G 474 -15.32 -17.07 4.29
N THR G 475 -16.41 -16.39 4.61
CA THR G 475 -17.30 -15.79 3.62
C THR G 475 -17.68 -16.81 2.55
N ALA G 476 -18.15 -17.95 3.02
CA ALA G 476 -18.61 -19.04 2.16
C ALA G 476 -19.81 -19.67 2.85
N PRO G 477 -20.98 -19.03 2.76
CA PRO G 477 -22.15 -19.56 3.49
C PRO G 477 -22.68 -20.81 2.80
N HIS G 478 -22.95 -21.84 3.60
CA HIS G 478 -23.47 -23.11 3.11
C HIS G 478 -24.85 -23.39 3.67
N GLU G 479 -25.78 -23.70 2.77
CA GLU G 479 -27.16 -23.94 3.15
C GLU G 479 -27.29 -25.27 3.88
N THR G 480 -28.09 -25.29 4.94
CA THR G 480 -28.34 -26.49 5.73
C THR G 480 -29.82 -26.81 5.63
N SER G 481 -30.16 -28.05 5.28
CA SER G 481 -31.53 -28.47 5.14
C SER G 481 -31.90 -29.50 6.20
N PHE G 482 -33.11 -29.35 6.76
CA PHE G 482 -33.58 -30.27 7.79
C PHE G 482 -33.54 -31.71 7.28
N GLY G 483 -33.03 -32.61 8.12
CA GLY G 483 -32.96 -34.02 7.79
C GLY G 483 -31.63 -34.45 7.24
N GLU G 484 -30.80 -33.51 6.81
CA GLU G 484 -29.48 -33.86 6.28
C GLU G 484 -28.58 -34.36 7.40
N GLU G 485 -27.72 -35.30 7.07
CA GLU G 485 -26.75 -35.82 8.02
C GLU G 485 -25.48 -34.98 7.96
N VAL G 486 -24.80 -34.88 9.11
CA VAL G 486 -23.48 -34.28 9.20
C VAL G 486 -22.64 -35.19 10.07
N GLU G 487 -21.34 -35.20 9.84
CA GLU G 487 -20.39 -35.90 10.70
C GLU G 487 -19.80 -34.88 11.65
N VAL G 488 -19.73 -35.22 12.94
CA VAL G 488 -19.12 -34.39 13.96
C VAL G 488 -17.91 -35.15 14.47
N HIS G 489 -16.73 -34.55 14.34
CA HIS G 489 -15.47 -35.24 14.58
C HIS G 489 -14.86 -34.84 15.91
N ASN G 490 -14.22 -35.82 16.57
CA ASN G 490 -13.70 -35.65 17.91
C ASN G 490 -12.38 -36.39 18.05
N LEU G 491 -11.55 -35.94 18.99
CA LEU G 491 -10.37 -36.67 19.44
C LEU G 491 -10.66 -37.18 20.85
N LEU G 492 -10.57 -38.49 21.03
CA LEU G 492 -10.87 -39.13 22.32
C LEU G 492 -9.56 -39.53 22.99
N ILE G 493 -9.45 -39.25 24.28
CA ILE G 493 -8.35 -39.72 25.11
C ILE G 493 -8.88 -40.87 25.95
N ILE G 494 -8.32 -42.07 25.77
CA ILE G 494 -8.85 -43.29 26.37
C ILE G 494 -7.73 -43.97 27.15
N ASP G 495 -8.04 -44.34 28.39
CA ASP G 495 -7.04 -44.93 29.29
C ASP G 495 -6.64 -46.33 28.83
N GLN G 496 -5.38 -46.68 29.11
CA GLN G 496 -4.85 -47.96 28.65
C GLN G 496 -5.28 -49.12 29.54
N HIS G 497 -5.86 -48.85 30.70
CA HIS G 497 -6.32 -49.90 31.61
C HIS G 497 -7.83 -49.94 31.73
N THR G 498 -8.44 -48.83 32.12
CA THR G 498 -9.90 -48.78 32.23
C THR G 498 -10.53 -48.69 30.85
N PHE G 499 -9.80 -48.13 29.88
CA PHE G 499 -10.33 -47.87 28.56
C PHE G 499 -11.59 -47.00 28.65
N GLU G 500 -11.55 -46.05 29.58
CA GLU G 500 -12.58 -45.03 29.76
C GLU G 500 -12.19 -43.77 29.00
N VAL G 501 -13.17 -43.08 28.44
CA VAL G 501 -12.94 -41.87 27.67
C VAL G 501 -12.71 -40.73 28.66
N LEU G 502 -11.45 -40.34 28.85
CA LEU G 502 -11.13 -39.31 29.83
C LEU G 502 -11.44 -37.90 29.32
N HIS G 503 -11.16 -37.64 28.04
CA HIS G 503 -11.42 -36.34 27.45
C HIS G 503 -11.82 -36.54 26.01
N ALA G 504 -12.68 -35.65 25.52
CA ALA G 504 -13.11 -35.63 24.12
C ALA G 504 -13.06 -34.21 23.62
N HIS G 505 -12.32 -33.98 22.54
CA HIS G 505 -12.22 -32.67 21.91
C HIS G 505 -12.99 -32.70 20.61
N GLN G 506 -13.97 -31.79 20.47
CA GLN G 506 -14.78 -31.74 19.27
C GLN G 506 -14.17 -30.72 18.32
N PHE G 507 -13.92 -31.13 17.08
CA PHE G 507 -13.29 -30.25 16.11
C PHE G 507 -14.35 -29.32 15.50
N LEU G 508 -13.87 -28.39 14.68
CA LEU G 508 -14.75 -27.34 14.18
C LEU G 508 -15.89 -27.91 13.35
N GLN G 509 -16.94 -27.11 13.22
CA GLN G 509 -18.08 -27.45 12.36
C GLN G 509 -17.61 -27.71 10.94
N ASN G 510 -18.01 -28.88 10.42
CA ASN G 510 -17.65 -29.34 9.08
C ASN G 510 -16.17 -29.70 8.94
N GLU G 511 -15.45 -29.89 10.05
CA GLU G 511 -14.05 -30.28 10.01
C GLU G 511 -13.88 -31.77 10.24
N TYR G 512 -13.15 -32.43 9.34
CA TYR G 512 -12.83 -33.84 9.45
C TYR G 512 -11.42 -34.04 10.00
N ALA G 513 -11.28 -34.96 10.94
CA ALA G 513 -9.97 -35.37 11.46
C ALA G 513 -9.49 -36.59 10.68
N LEU G 514 -8.36 -36.46 10.00
CA LEU G 514 -7.88 -37.48 9.07
C LEU G 514 -6.63 -38.22 9.53
N SER G 515 -5.79 -37.60 10.36
CA SER G 515 -4.49 -38.16 10.70
C SER G 515 -4.14 -37.83 12.14
N LEU G 516 -3.41 -38.75 12.78
CA LEU G 516 -3.09 -38.63 14.19
C LEU G 516 -1.73 -39.24 14.50
N VAL G 517 -0.92 -38.51 15.26
CA VAL G 517 0.35 -39.01 15.77
C VAL G 517 0.51 -38.60 17.22
N SER G 518 1.36 -39.36 17.93
CA SER G 518 1.81 -39.04 19.28
C SER G 518 3.34 -39.01 19.24
N CYS G 519 3.92 -37.86 19.58
CA CYS G 519 5.38 -37.76 19.46
C CYS G 519 5.89 -36.51 20.15
N LYS G 520 7.21 -36.50 20.37
CA LYS G 520 7.98 -35.32 20.76
C LYS G 520 8.58 -34.70 19.51
N LEU G 521 8.67 -33.36 19.49
CA LEU G 521 9.22 -32.65 18.35
C LEU G 521 10.33 -31.72 18.80
N GLY G 522 11.30 -31.52 17.90
CA GLY G 522 12.39 -30.59 18.17
C GLY G 522 13.10 -30.97 19.45
N LYS G 523 13.42 -29.95 20.26
CA LYS G 523 13.98 -30.16 21.58
C LYS G 523 12.92 -29.99 22.68
N ASP G 524 11.64 -30.04 22.31
CA ASP G 524 10.56 -29.86 23.27
C ASP G 524 10.31 -31.18 23.98
N PRO G 525 10.50 -31.27 25.29
CA PRO G 525 10.39 -32.57 25.98
C PRO G 525 8.96 -33.05 26.12
N ASN G 526 7.96 -32.22 25.86
CA ASN G 526 6.58 -32.63 26.02
C ASN G 526 6.17 -33.55 24.88
N THR G 527 5.38 -34.56 25.21
CA THR G 527 4.83 -35.48 24.23
C THR G 527 3.44 -34.98 23.85
N TYR G 528 3.22 -34.75 22.56
CA TYR G 528 2.00 -34.13 22.09
C TYR G 528 1.17 -35.10 21.27
N PHE G 529 -0.15 -34.89 21.28
CA PHE G 529 -1.05 -35.45 20.29
C PHE G 529 -1.24 -34.43 19.17
N ILE G 530 -0.99 -34.84 17.94
CA ILE G 530 -1.06 -33.94 16.78
C ILE G 530 -2.07 -34.50 15.80
N VAL G 531 -2.98 -33.65 15.33
CA VAL G 531 -4.09 -34.05 14.47
C VAL G 531 -4.06 -33.24 13.19
N GLY G 532 -4.25 -33.91 12.06
CA GLY G 532 -4.40 -33.27 10.76
C GLY G 532 -5.85 -33.35 10.30
N THR G 533 -6.37 -32.22 9.84
CA THR G 533 -7.79 -32.09 9.54
C THR G 533 -8.01 -31.57 8.13
N ALA G 534 -9.28 -31.56 7.72
CA ALA G 534 -9.70 -31.03 6.43
C ALA G 534 -11.09 -30.40 6.60
N MET G 535 -11.29 -29.24 5.99
CA MET G 535 -12.60 -28.59 5.97
C MET G 535 -13.42 -29.15 4.81
N VAL G 536 -14.51 -29.85 5.14
CA VAL G 536 -15.25 -30.67 4.18
C VAL G 536 -16.61 -30.06 3.91
N TYR G 537 -16.83 -29.61 2.68
CA TYR G 537 -18.11 -29.15 2.18
C TYR G 537 -18.51 -29.93 0.95
N PRO G 538 -19.78 -30.33 0.82
CA PRO G 538 -20.18 -31.08 -0.38
C PRO G 538 -19.81 -30.38 -1.67
N GLU G 539 -19.73 -29.04 -1.65
CA GLU G 539 -19.50 -28.29 -2.87
C GLU G 539 -18.09 -28.50 -3.43
N GLU G 540 -17.12 -28.83 -2.57
CA GLU G 540 -15.73 -28.92 -2.98
C GLU G 540 -15.43 -30.34 -3.45
N ALA G 541 -14.81 -30.47 -4.63
CA ALA G 541 -14.38 -31.78 -5.09
C ALA G 541 -13.20 -32.28 -4.29
N GLU G 542 -12.38 -31.36 -3.79
CA GLU G 542 -11.17 -31.69 -3.06
C GLU G 542 -11.04 -30.58 -2.03
N PRO G 543 -10.84 -30.91 -0.75
CA PRO G 543 -10.77 -29.85 0.28
C PRO G 543 -9.66 -28.84 -0.04
N LYS G 544 -9.96 -27.57 0.26
CA LYS G 544 -9.01 -26.49 0.03
C LYS G 544 -8.55 -25.81 1.31
N GLN G 545 -9.00 -26.27 2.47
CA GLN G 545 -8.59 -25.72 3.76
C GLN G 545 -8.35 -26.86 4.72
N GLY G 546 -7.47 -26.65 5.69
CA GLY G 546 -7.22 -27.69 6.68
C GLY G 546 -6.34 -27.17 7.80
N ARG G 547 -6.16 -28.03 8.81
CA ARG G 547 -5.39 -27.65 9.98
C ARG G 547 -4.46 -28.78 10.41
N ILE G 548 -3.32 -28.41 10.99
CA ILE G 548 -2.53 -29.28 11.84
C ILE G 548 -2.57 -28.68 13.23
N VAL G 549 -3.04 -29.46 14.20
CA VAL G 549 -3.23 -28.98 15.57
C VAL G 549 -2.37 -29.80 16.52
N VAL G 550 -1.68 -29.12 17.42
CA VAL G 550 -0.84 -29.75 18.43
C VAL G 550 -1.54 -29.65 19.78
N PHE G 551 -1.85 -30.79 20.37
CA PHE G 551 -2.46 -30.84 21.70
C PHE G 551 -1.47 -31.45 22.69
N GLN G 552 -1.67 -31.13 23.97
CA GLN G 552 -1.00 -31.84 25.06
C GLN G 552 -2.04 -32.34 26.05
N TYR G 553 -1.98 -33.62 26.40
CA TYR G 553 -2.84 -34.16 27.44
C TYR G 553 -2.07 -34.09 28.76
N SER G 554 -2.50 -33.18 29.65
CA SER G 554 -1.89 -33.01 30.94
C SER G 554 -2.98 -32.63 31.93
N ASP G 555 -2.96 -33.25 33.10
CA ASP G 555 -3.92 -32.94 34.16
C ASP G 555 -5.36 -33.18 33.71
N GLY G 556 -5.57 -34.27 32.98
CA GLY G 556 -6.89 -34.72 32.61
C GLY G 556 -7.59 -33.94 31.51
N LYS G 557 -6.93 -32.95 30.92
CA LYS G 557 -7.53 -32.12 29.88
C LYS G 557 -6.57 -31.93 28.72
N LEU G 558 -7.14 -31.69 27.54
CA LEU G 558 -6.36 -31.46 26.32
C LEU G 558 -6.26 -29.96 26.08
N GLN G 559 -5.03 -29.47 25.96
CA GLN G 559 -4.73 -28.06 25.76
C GLN G 559 -4.21 -27.86 24.35
N THR G 560 -4.75 -26.86 23.65
CA THR G 560 -4.30 -26.53 22.30
C THR G 560 -2.99 -25.76 22.40
N VAL G 561 -1.91 -26.37 21.92
CA VAL G 561 -0.58 -25.79 22.07
C VAL G 561 -0.23 -24.90 20.88
N ALA G 562 -0.60 -25.32 19.68
CA ALA G 562 -0.21 -24.63 18.46
C ALA G 562 -1.14 -25.08 17.35
N GLU G 563 -1.36 -24.18 16.40
CA GLU G 563 -2.25 -24.41 15.27
C GLU G 563 -1.58 -23.94 13.99
N LYS G 564 -1.66 -24.76 12.94
CA LYS G 564 -1.06 -24.43 11.66
C LYS G 564 -2.11 -24.57 10.56
N GLU G 565 -2.30 -23.51 9.79
CA GLU G 565 -3.25 -23.53 8.68
C GLU G 565 -2.59 -24.09 7.43
N VAL G 566 -3.32 -24.95 6.72
CA VAL G 566 -2.87 -25.51 5.46
C VAL G 566 -3.98 -25.33 4.42
N LYS G 567 -3.61 -25.46 3.15
CA LYS G 567 -4.55 -25.27 2.05
C LYS G 567 -5.02 -26.60 1.45
N GLY G 568 -5.46 -27.52 2.30
CA GLY G 568 -5.90 -28.81 1.83
C GLY G 568 -6.13 -29.76 2.97
N ALA G 569 -6.27 -31.05 2.63
CA ALA G 569 -6.52 -32.09 3.61
C ALA G 569 -5.22 -32.71 4.06
N VAL G 570 -5.02 -32.77 5.38
CA VAL G 570 -3.82 -33.40 5.95
C VAL G 570 -4.14 -34.89 6.08
N TYR G 571 -3.92 -35.60 4.97
CA TYR G 571 -4.29 -37.01 4.92
C TYR G 571 -3.41 -37.87 5.84
N SER G 572 -2.14 -37.51 5.99
CA SER G 572 -1.22 -38.39 6.70
C SER G 572 -0.12 -37.58 7.39
N MET G 573 0.28 -38.02 8.57
CA MET G 573 1.38 -37.44 9.33
C MET G 573 2.21 -38.56 9.93
N VAL G 574 3.49 -38.26 10.16
CA VAL G 574 4.41 -39.23 10.75
C VAL G 574 5.58 -38.47 11.37
N GLU G 575 6.06 -38.96 12.52
CA GLU G 575 7.23 -38.36 13.15
C GLU G 575 8.46 -38.63 12.28
N PHE G 576 9.28 -37.61 12.09
CA PHE G 576 10.43 -37.73 11.18
C PHE G 576 11.63 -37.00 11.79
N ASN G 577 12.42 -37.73 12.57
CA ASN G 577 13.68 -37.23 13.10
C ASN G 577 13.51 -35.89 13.79
N GLY G 578 12.55 -35.84 14.72
CA GLY G 578 12.27 -34.63 15.46
C GLY G 578 11.48 -33.59 14.70
N LYS G 579 11.15 -33.85 13.44
CA LYS G 579 10.34 -32.99 12.61
C LYS G 579 9.02 -33.67 12.30
N LEU G 580 8.05 -32.89 11.85
CA LEU G 580 6.72 -33.38 11.53
C LEU G 580 6.57 -33.46 10.02
N LEU G 581 6.38 -34.68 9.51
CA LEU G 581 6.17 -34.92 8.09
C LEU G 581 4.68 -35.10 7.84
N ALA G 582 4.11 -34.23 7.00
CA ALA G 582 2.69 -34.23 6.72
C ALA G 582 2.43 -34.12 5.23
N SER G 583 1.37 -34.78 4.79
CA SER G 583 0.94 -34.76 3.39
C SER G 583 -0.35 -33.94 3.30
N ILE G 584 -0.28 -32.82 2.58
CA ILE G 584 -1.42 -31.93 2.36
C ILE G 584 -1.78 -32.03 0.89
N ASN G 585 -2.86 -32.74 0.57
CA ASN G 585 -3.31 -32.98 -0.81
C ASN G 585 -2.12 -33.53 -1.60
N SER G 586 -1.74 -32.92 -2.72
CA SER G 586 -0.59 -33.40 -3.49
C SER G 586 0.72 -33.17 -2.76
N THR G 587 0.81 -32.10 -1.98
CA THR G 587 2.07 -31.72 -1.36
C THR G 587 2.45 -32.67 -0.23
N VAL G 588 3.75 -33.00 -0.17
CA VAL G 588 4.35 -33.69 0.96
C VAL G 588 5.30 -32.69 1.61
N ARG G 589 5.04 -32.37 2.88
CA ARG G 589 5.71 -31.27 3.56
C ARG G 589 6.40 -31.75 4.84
N LEU G 590 7.54 -31.15 5.14
CA LEU G 590 8.29 -31.39 6.37
C LEU G 590 8.29 -30.10 7.20
N TYR G 591 7.76 -30.18 8.42
CA TYR G 591 7.69 -29.06 9.33
C TYR G 591 8.73 -29.21 10.43
N GLU G 592 9.27 -28.07 10.87
CA GLU G 592 10.13 -28.00 12.04
C GLU G 592 9.35 -27.45 13.22
N TRP G 593 9.71 -27.89 14.43
CA TRP G 593 9.06 -27.45 15.67
C TRP G 593 9.97 -26.43 16.33
N THR G 594 9.55 -25.17 16.33
CA THR G 594 10.41 -24.09 16.77
C THR G 594 10.46 -24.00 18.29
N THR G 595 11.41 -23.19 18.77
CA THR G 595 11.52 -22.88 20.18
C THR G 595 10.34 -22.05 20.67
N GLU G 596 9.56 -21.49 19.75
CA GLU G 596 8.34 -20.76 20.05
C GLU G 596 7.10 -21.65 20.06
N LYS G 597 7.28 -22.97 20.01
CA LYS G 597 6.18 -23.93 20.03
C LYS G 597 5.22 -23.69 18.87
N GLU G 598 5.78 -23.52 17.66
CA GLU G 598 4.96 -23.44 16.45
C GLU G 598 5.68 -24.14 15.30
N LEU G 599 4.89 -24.62 14.36
CA LEU G 599 5.42 -25.36 13.22
C LEU G 599 5.90 -24.42 12.11
N ARG G 600 7.07 -24.75 11.55
CA ARG G 600 7.68 -23.98 10.47
C ARG G 600 8.04 -24.91 9.34
N THR G 601 7.65 -24.53 8.12
CA THR G 601 7.88 -25.36 6.95
C THR G 601 9.35 -25.33 6.54
N GLU G 602 9.93 -26.51 6.29
CA GLU G 602 11.30 -26.59 5.79
C GLU G 602 11.35 -26.87 4.29
N CYS G 603 10.71 -27.96 3.85
CA CYS G 603 10.76 -28.37 2.45
C CYS G 603 9.49 -29.12 2.08
N ASN G 604 9.14 -29.06 0.80
CA ASN G 604 7.91 -29.68 0.31
C ASN G 604 8.15 -30.36 -1.02
N HIS G 605 7.32 -31.36 -1.31
CA HIS G 605 7.35 -32.12 -2.55
C HIS G 605 5.97 -32.09 -3.20
N TYR G 606 5.92 -31.83 -4.51
CA TYR G 606 4.66 -31.57 -5.18
C TYR G 606 4.27 -32.57 -6.27
N ASN G 607 5.13 -33.52 -6.63
CA ASN G 607 4.82 -34.42 -7.75
C ASN G 607 3.92 -35.57 -7.28
N ASN G 608 2.69 -35.20 -6.90
CA ASN G 608 1.72 -36.19 -6.48
C ASN G 608 0.34 -35.83 -7.01
N ILE G 609 -0.49 -36.85 -7.18
CA ILE G 609 -1.91 -36.65 -7.46
C ILE G 609 -2.68 -36.44 -6.17
N MET G 610 -2.51 -37.35 -5.22
CA MET G 610 -3.06 -37.19 -3.87
C MET G 610 -2.18 -38.04 -2.95
N ALA G 611 -1.51 -37.40 -1.99
CA ALA G 611 -0.51 -38.05 -1.14
C ALA G 611 -1.21 -38.63 0.09
N LEU G 612 -1.78 -39.82 -0.09
CA LEU G 612 -2.65 -40.37 0.93
C LEU G 612 -1.91 -40.99 2.11
N TYR G 613 -0.76 -41.63 1.86
CA TYR G 613 -0.12 -42.45 2.87
C TYR G 613 1.36 -42.13 3.00
N LEU G 614 1.87 -42.17 4.23
CA LEU G 614 3.26 -41.90 4.50
C LEU G 614 3.83 -42.93 5.48
N LYS G 615 5.05 -43.37 5.20
CA LYS G 615 5.83 -44.19 6.12
C LYS G 615 7.29 -43.72 5.98
N THR G 616 8.07 -43.86 7.05
CA THR G 616 9.46 -43.42 7.01
C THR G 616 10.40 -44.47 7.61
N LYS G 617 11.68 -44.34 7.25
CA LYS G 617 12.74 -45.17 7.82
C LYS G 617 14.03 -44.39 7.62
N GLY G 618 14.63 -43.93 8.71
CA GLY G 618 15.81 -43.08 8.58
C GLY G 618 15.42 -41.77 7.91
N ASP G 619 16.18 -41.39 6.89
CA ASP G 619 15.85 -40.22 6.07
C ASP G 619 15.04 -40.59 4.83
N PHE G 620 14.53 -41.82 4.76
CA PHE G 620 13.75 -42.29 3.61
C PHE G 620 12.27 -42.17 3.89
N ILE G 621 11.50 -41.81 2.86
CA ILE G 621 10.06 -41.59 2.96
C ILE G 621 9.36 -42.37 1.85
N LEU G 622 8.33 -43.12 2.21
CA LEU G 622 7.51 -43.86 1.24
C LEU G 622 6.15 -43.19 1.13
N VAL G 623 5.72 -42.89 -0.10
CA VAL G 623 4.46 -42.18 -0.34
C VAL G 623 3.51 -43.04 -1.15
N GLY G 624 2.24 -43.09 -0.73
CA GLY G 624 1.20 -43.80 -1.46
C GLY G 624 0.18 -42.85 -2.07
N ASP G 625 -0.03 -42.94 -3.38
CA ASP G 625 -0.87 -42.01 -4.11
C ASP G 625 -2.22 -42.66 -4.45
N LEU G 626 -3.21 -41.81 -4.74
CA LEU G 626 -4.53 -42.34 -5.09
C LEU G 626 -4.47 -43.23 -6.32
N MET G 627 -3.71 -42.82 -7.35
CA MET G 627 -3.60 -43.60 -8.57
C MET G 627 -2.19 -43.88 -9.03
N ARG G 628 -1.18 -43.17 -8.53
CA ARG G 628 0.18 -43.27 -9.05
C ARG G 628 1.07 -44.18 -8.21
N SER G 629 0.47 -45.13 -7.50
CA SER G 629 1.20 -46.19 -6.79
C SER G 629 2.13 -45.56 -5.76
N VAL G 630 3.41 -45.97 -5.70
CA VAL G 630 4.28 -45.61 -4.59
C VAL G 630 5.53 -44.91 -5.11
N LEU G 631 5.96 -43.87 -4.38
CA LEU G 631 7.16 -43.10 -4.67
C LEU G 631 8.09 -43.12 -3.47
N LEU G 632 9.36 -43.43 -3.69
CA LEU G 632 10.37 -43.39 -2.63
C LEU G 632 11.03 -42.01 -2.64
N LEU G 633 10.81 -41.24 -1.59
CA LEU G 633 11.46 -39.95 -1.38
C LEU G 633 12.54 -40.08 -0.31
N ALA G 634 13.54 -39.21 -0.40
CA ALA G 634 14.64 -39.17 0.55
C ALA G 634 14.89 -37.73 0.95
N TYR G 635 15.16 -37.52 2.24
CA TYR G 635 15.52 -36.21 2.77
C TYR G 635 17.03 -36.03 2.64
N LYS G 636 17.45 -34.93 2.01
CA LYS G 636 18.87 -34.65 1.86
C LYS G 636 19.24 -33.62 2.92
N PRO G 637 19.81 -34.03 4.06
CA PRO G 637 20.00 -33.08 5.17
C PRO G 637 20.92 -31.94 4.82
N MET G 638 21.90 -32.18 3.94
CA MET G 638 22.90 -31.17 3.62
C MET G 638 22.29 -29.95 2.94
N GLU G 639 21.28 -30.18 2.11
CA GLU G 639 20.69 -29.16 1.24
C GLU G 639 19.37 -28.65 1.77
N GLY G 640 18.74 -29.38 2.69
CA GLY G 640 17.46 -28.97 3.23
C GLY G 640 16.32 -29.14 2.25
N ASN G 641 16.26 -30.28 1.57
CA ASN G 641 15.26 -30.52 0.55
C ASN G 641 15.01 -32.01 0.42
N PHE G 642 14.02 -32.37 -0.38
CA PHE G 642 13.73 -33.75 -0.71
C PHE G 642 14.40 -34.10 -2.05
N GLU G 643 14.54 -35.40 -2.30
CA GLU G 643 15.01 -35.89 -3.60
C GLU G 643 14.26 -37.16 -3.93
N GLU G 644 13.75 -37.24 -5.16
CA GLU G 644 13.03 -38.43 -5.59
C GLU G 644 14.05 -39.51 -5.92
N ILE G 645 14.07 -40.56 -5.13
CA ILE G 645 15.00 -41.66 -5.35
C ILE G 645 14.47 -42.60 -6.42
N ALA G 646 13.19 -42.96 -6.33
CA ALA G 646 12.60 -43.90 -7.28
C ALA G 646 11.09 -43.92 -7.13
N ARG G 647 10.42 -44.25 -8.24
CA ARG G 647 8.97 -44.31 -8.33
C ARG G 647 8.52 -45.60 -9.02
N ASP G 648 7.38 -46.13 -8.57
CA ASP G 648 6.73 -47.25 -9.25
C ASP G 648 5.80 -46.68 -10.32
N PHE G 649 6.23 -46.77 -11.58
CA PHE G 649 5.45 -46.13 -12.64
C PHE G 649 4.19 -46.90 -13.00
N ASN G 650 4.08 -48.18 -12.66
CA ASN G 650 2.84 -48.91 -12.89
C ASN G 650 1.71 -48.25 -12.11
N PRO G 651 0.52 -48.08 -12.71
CA PRO G 651 -0.56 -47.36 -12.02
C PRO G 651 -1.38 -48.28 -11.13
N ASN G 652 -1.44 -47.98 -9.83
CA ASN G 652 -2.21 -48.79 -8.88
C ASN G 652 -2.94 -47.88 -7.93
N TRP G 653 -4.18 -48.23 -7.59
CA TRP G 653 -4.96 -47.49 -6.60
C TRP G 653 -4.66 -48.03 -5.21
N MET G 654 -3.93 -47.25 -4.42
CA MET G 654 -3.39 -47.71 -3.14
C MET G 654 -4.41 -47.61 -2.01
N SER G 655 -4.34 -48.57 -1.09
CA SER G 655 -5.11 -48.55 0.14
C SER G 655 -4.24 -48.43 1.39
N ALA G 656 -2.98 -48.85 1.32
CA ALA G 656 -2.04 -48.73 2.43
C ALA G 656 -0.66 -49.11 1.90
N VAL G 657 0.38 -48.60 2.58
CA VAL G 657 1.76 -48.89 2.24
C VAL G 657 2.55 -49.22 3.49
N GLU G 658 3.73 -49.80 3.30
CA GLU G 658 4.62 -50.12 4.40
C GLU G 658 6.03 -50.32 3.87
N ILE G 659 7.01 -49.95 4.69
CA ILE G 659 8.42 -50.16 4.38
C ILE G 659 8.84 -51.46 5.06
N LEU G 660 9.35 -52.40 4.26
CA LEU G 660 9.86 -53.66 4.80
C LEU G 660 11.32 -53.53 5.24
N ASP G 661 12.16 -52.97 4.38
CA ASP G 661 13.56 -52.71 4.69
C ASP G 661 14.04 -51.61 3.74
N ASP G 662 15.33 -51.31 3.78
CA ASP G 662 15.85 -50.18 3.03
C ASP G 662 15.63 -50.32 1.52
N ASP G 663 15.40 -51.54 1.02
CA ASP G 663 15.25 -51.75 -0.41
C ASP G 663 13.87 -52.24 -0.84
N ASN G 664 13.14 -52.94 0.03
CA ASN G 664 11.84 -53.50 -0.36
C ASN G 664 10.70 -52.73 0.29
N PHE G 665 9.66 -52.46 -0.51
CA PHE G 665 8.51 -51.67 -0.10
C PHE G 665 7.23 -52.38 -0.51
N LEU G 666 6.26 -52.45 0.41
CA LEU G 666 5.03 -53.23 0.23
C LEU G 666 3.81 -52.32 0.10
N GLY G 667 2.89 -52.71 -0.78
CA GLY G 667 1.68 -51.93 -1.01
C GLY G 667 0.45 -52.80 -1.20
N ALA G 668 -0.71 -52.19 -0.94
CA ALA G 668 -2.01 -52.84 -1.09
C ALA G 668 -2.92 -52.01 -1.99
N GLU G 669 -3.57 -52.67 -2.96
CA GLU G 669 -4.42 -52.01 -3.95
C GLU G 669 -5.89 -52.33 -3.72
N ASN G 670 -6.75 -51.50 -4.31
CA ASN G 670 -8.19 -51.67 -4.16
C ASN G 670 -8.73 -52.90 -4.87
N ALA G 671 -7.89 -53.63 -5.61
CA ALA G 671 -8.29 -54.87 -6.25
C ALA G 671 -8.04 -56.08 -5.37
N PHE G 672 -7.73 -55.86 -4.09
CA PHE G 672 -7.44 -56.93 -3.14
C PHE G 672 -6.14 -57.66 -3.50
N ASN G 673 -5.14 -56.90 -3.97
CA ASN G 673 -3.84 -57.44 -4.34
C ASN G 673 -2.74 -56.74 -3.57
N LEU G 674 -1.66 -57.46 -3.32
CA LEU G 674 -0.46 -56.97 -2.65
C LEU G 674 0.71 -57.06 -3.61
N PHE G 675 1.59 -56.06 -3.56
CA PHE G 675 2.77 -56.03 -4.41
C PHE G 675 3.93 -55.42 -3.64
N VAL G 676 5.15 -55.83 -4.00
CA VAL G 676 6.36 -55.37 -3.36
C VAL G 676 7.25 -54.77 -4.44
N CYS G 677 7.70 -53.54 -4.22
CA CYS G 677 8.58 -52.85 -5.15
C CYS G 677 9.98 -52.75 -4.52
N GLN G 678 11.00 -52.85 -5.36
CA GLN G 678 12.38 -52.84 -4.89
C GLN G 678 13.15 -51.76 -5.64
N LYS G 679 14.04 -51.07 -4.91
CA LYS G 679 14.97 -50.16 -5.55
C LYS G 679 15.79 -50.95 -6.55
N ASP G 680 15.91 -50.48 -7.78
CA ASP G 680 16.55 -51.29 -8.80
C ASP G 680 18.05 -51.36 -8.51
N SER G 681 18.42 -51.94 -7.37
CA SER G 681 19.80 -52.07 -6.93
C SER G 681 20.47 -50.70 -7.05
N ALA G 682 21.69 -50.62 -7.62
CA ALA G 682 22.39 -49.36 -7.83
C ALA G 682 23.00 -49.42 -9.23
N ALA G 683 22.14 -49.42 -10.25
CA ALA G 683 22.58 -49.55 -11.63
C ALA G 683 23.29 -48.28 -12.10
N THR G 684 24.28 -48.46 -12.97
CA THR G 684 24.92 -47.31 -13.60
C THR G 684 23.91 -46.33 -14.17
N THR G 685 22.89 -46.84 -14.86
CA THR G 685 21.89 -45.97 -15.47
C THR G 685 21.15 -45.18 -14.41
N ASP G 686 21.08 -43.85 -14.59
CA ASP G 686 20.26 -43.06 -13.68
C ASP G 686 18.79 -43.43 -13.85
N GLU G 687 18.38 -43.78 -15.06
CA GLU G 687 17.00 -44.16 -15.32
C GLU G 687 16.63 -45.43 -14.56
N GLU G 688 17.52 -46.42 -14.53
CA GLU G 688 17.21 -47.66 -13.82
C GLU G 688 17.03 -47.41 -12.34
N ARG G 689 17.85 -46.54 -11.75
CA ARG G 689 17.75 -46.29 -10.31
C ARG G 689 16.41 -45.64 -9.95
N GLN G 690 15.93 -44.71 -10.76
CA GLN G 690 14.69 -43.99 -10.47
C GLN G 690 13.45 -44.85 -10.68
N HIS G 691 13.63 -46.12 -11.05
CA HIS G 691 12.55 -47.07 -11.29
C HIS G 691 12.40 -48.08 -10.16
N LEU G 692 11.26 -48.04 -9.48
CA LEU G 692 10.90 -49.11 -8.55
C LEU G 692 10.24 -50.25 -9.31
N GLN G 693 10.74 -51.47 -9.11
CA GLN G 693 10.28 -52.64 -9.86
C GLN G 693 9.43 -53.54 -8.97
N GLU G 694 8.23 -53.87 -9.45
CA GLU G 694 7.33 -54.76 -8.72
C GLU G 694 7.92 -56.16 -8.77
N VAL G 695 8.61 -56.55 -7.70
CA VAL G 695 9.25 -57.85 -7.67
C VAL G 695 8.31 -58.94 -7.15
N GLY G 696 7.35 -58.61 -6.31
CA GLY G 696 6.40 -59.57 -5.73
C GLY G 696 4.97 -59.12 -5.98
N LEU G 697 4.15 -60.08 -6.40
CA LEU G 697 2.73 -59.84 -6.63
C LEU G 697 1.93 -61.00 -6.07
N PHE G 698 0.82 -60.70 -5.38
CA PHE G 698 0.02 -61.71 -4.69
C PHE G 698 -1.38 -61.15 -4.51
N HIS G 699 -2.38 -61.99 -4.82
CA HIS G 699 -3.78 -61.62 -4.63
C HIS G 699 -4.22 -62.08 -3.24
N LEU G 700 -4.39 -61.12 -2.33
CA LEU G 700 -4.80 -61.46 -0.97
C LEU G 700 -6.29 -61.80 -0.88
N GLY G 701 -7.14 -61.03 -1.55
CA GLY G 701 -8.56 -61.19 -1.42
C GLY G 701 -9.21 -60.31 -0.36
N GLU G 702 -8.42 -59.51 0.36
CA GLU G 702 -8.93 -58.64 1.41
C GLU G 702 -8.47 -57.22 1.14
N PHE G 703 -9.24 -56.25 1.65
CA PHE G 703 -8.92 -54.84 1.51
C PHE G 703 -8.12 -54.43 2.74
N VAL G 704 -6.85 -54.09 2.54
CA VAL G 704 -5.92 -53.83 3.63
C VAL G 704 -5.93 -52.34 3.92
N ASN G 705 -6.49 -51.96 5.07
CA ASN G 705 -6.54 -50.56 5.45
C ASN G 705 -5.25 -50.10 6.13
N VAL G 706 -4.62 -50.97 6.93
CA VAL G 706 -3.50 -50.56 7.77
C VAL G 706 -2.39 -51.60 7.72
N PHE G 707 -1.15 -51.13 7.61
CA PHE G 707 0.07 -51.93 7.77
C PHE G 707 0.78 -51.50 9.05
N CYS G 708 1.16 -52.45 9.90
CA CYS G 708 1.80 -52.13 11.18
C CYS G 708 2.92 -53.11 11.51
N HIS G 709 4.10 -52.55 11.80
CA HIS G 709 5.23 -53.38 12.26
C HIS G 709 4.97 -53.89 13.68
N GLY G 710 5.21 -55.16 13.90
CA GLY G 710 5.03 -55.75 15.22
C GLY G 710 4.55 -57.19 15.09
N SER G 711 4.53 -57.86 16.24
CA SER G 711 4.01 -59.23 16.29
C SER G 711 3.34 -59.47 17.62
N LEU G 712 2.40 -60.44 17.61
CA LEU G 712 1.69 -60.84 18.81
C LEU G 712 2.34 -62.02 19.52
N VAL G 713 3.35 -62.64 18.90
CA VAL G 713 4.09 -63.73 19.55
C VAL G 713 5.14 -63.16 20.49
N MET G 714 5.56 -63.99 21.43
CA MET G 714 6.64 -63.64 22.33
C MET G 714 7.94 -63.57 21.53
N GLN G 715 8.60 -62.42 21.57
CA GLN G 715 9.88 -62.26 20.89
C GLN G 715 10.93 -62.53 21.98
N ASN G 716 11.63 -63.66 21.88
CA ASN G 716 12.54 -64.06 22.94
C ASN G 716 13.82 -63.24 22.85
N LEU G 717 14.26 -62.71 24.00
CA LEU G 717 15.44 -61.87 24.02
C LEU G 717 16.64 -62.57 23.38
N GLY G 718 16.72 -63.90 23.48
CA GLY G 718 17.85 -64.58 22.91
C GLY G 718 17.70 -64.74 21.41
N GLU G 719 18.82 -64.63 20.70
CA GLU G 719 18.82 -64.75 19.25
C GLU G 719 18.48 -66.18 18.84
N THR G 720 17.63 -66.30 17.84
CA THR G 720 17.29 -67.58 17.23
C THR G 720 17.34 -67.36 15.72
N SER G 721 17.93 -68.31 15.01
CA SER G 721 18.11 -68.12 13.56
C SER G 721 16.79 -68.56 12.93
N THR G 722 15.86 -67.61 12.88
CA THR G 722 14.53 -67.92 12.39
C THR G 722 14.55 -67.82 10.87
N PRO G 723 13.78 -68.67 10.19
CA PRO G 723 13.68 -68.52 8.73
C PRO G 723 13.10 -67.19 8.32
N THR G 724 12.07 -66.74 9.02
CA THR G 724 11.40 -65.49 8.73
C THR G 724 12.18 -64.31 9.33
N GLN G 725 12.25 -63.22 8.58
CA GLN G 725 12.85 -61.97 9.03
C GLN G 725 11.83 -60.86 8.89
N GLY G 726 11.62 -60.12 9.98
CA GLY G 726 10.65 -59.04 9.98
C GLY G 726 9.26 -59.51 10.37
N SER G 727 8.40 -58.54 10.67
CA SER G 727 7.02 -58.85 11.06
C SER G 727 6.15 -57.63 10.81
N VAL G 728 5.26 -57.72 9.83
CA VAL G 728 4.28 -56.68 9.54
C VAL G 728 2.88 -57.28 9.68
N LEU G 729 2.06 -56.67 10.53
CA LEU G 729 0.67 -57.02 10.68
C LEU G 729 -0.18 -56.06 9.85
N PHE G 730 -1.31 -56.56 9.33
CA PHE G 730 -2.21 -55.71 8.57
C PHE G 730 -3.66 -56.10 8.85
N GLY G 731 -4.52 -55.08 8.94
CA GLY G 731 -5.94 -55.27 9.16
C GLY G 731 -6.75 -55.02 7.90
N THR G 732 -7.88 -55.69 7.78
CA THR G 732 -8.69 -55.66 6.56
C THR G 732 -10.14 -55.31 6.90
N VAL G 733 -10.92 -55.02 5.85
CA VAL G 733 -12.30 -54.60 6.04
C VAL G 733 -13.16 -55.73 6.59
N ASN G 734 -12.87 -56.97 6.19
CA ASN G 734 -13.67 -58.13 6.58
C ASN G 734 -13.24 -58.71 7.91
N GLY G 735 -12.42 -57.99 8.66
CA GLY G 735 -11.95 -58.43 9.97
C GLY G 735 -10.70 -59.28 9.95
N MET G 736 -10.27 -59.75 8.78
CA MET G 736 -9.08 -60.57 8.68
C MET G 736 -7.85 -59.79 9.12
N ILE G 737 -7.02 -60.41 9.98
CA ILE G 737 -5.71 -59.88 10.34
C ILE G 737 -4.67 -60.83 9.77
N GLY G 738 -3.66 -60.26 9.09
CA GLY G 738 -2.64 -61.05 8.44
C GLY G 738 -1.24 -60.62 8.84
N LEU G 739 -0.27 -61.35 8.31
CA LEU G 739 1.14 -61.18 8.65
C LEU G 739 1.99 -61.34 7.40
N VAL G 740 2.89 -60.37 7.19
CA VAL G 740 3.85 -60.41 6.09
C VAL G 740 5.25 -60.46 6.68
N THR G 741 6.07 -61.38 6.17
CA THR G 741 7.45 -61.51 6.61
C THR G 741 8.32 -61.87 5.41
N SER G 742 9.62 -61.63 5.55
CA SER G 742 10.58 -61.88 4.49
C SER G 742 11.26 -63.23 4.68
N LEU G 743 11.75 -63.78 3.56
CA LEU G 743 12.44 -65.06 3.55
C LEU G 743 13.80 -64.92 2.89
N SER G 744 14.68 -65.88 3.15
CA SER G 744 15.90 -66.03 2.36
C SER G 744 15.58 -66.76 1.06
N GLU G 745 16.47 -66.59 0.07
CA GLU G 745 16.24 -67.24 -1.21
C GLU G 745 16.09 -68.76 -1.06
N SER G 746 16.94 -69.37 -0.24
CA SER G 746 16.84 -70.81 -0.03
C SER G 746 15.48 -71.18 0.55
N TRP G 747 14.97 -70.36 1.47
CA TRP G 747 13.72 -70.67 2.13
C TRP G 747 12.53 -70.48 1.19
N TYR G 748 12.58 -69.44 0.36
CA TYR G 748 11.55 -69.26 -0.66
C TYR G 748 11.48 -70.47 -1.58
N ASN G 749 12.63 -70.86 -2.15
CA ASN G 749 12.63 -71.96 -3.11
C ASN G 749 12.08 -73.24 -2.51
N LEU G 750 12.46 -73.55 -1.28
CA LEU G 750 11.91 -74.74 -0.62
C LEU G 750 10.40 -74.64 -0.52
N LEU G 751 9.89 -73.52 0.00
CA LEU G 751 8.47 -73.38 0.24
C LEU G 751 7.69 -73.27 -1.06
N LEU G 752 8.26 -72.62 -2.07
CA LEU G 752 7.59 -72.55 -3.37
C LEU G 752 7.48 -73.95 -3.98
N ASP G 753 8.58 -74.71 -3.96
CA ASP G 753 8.53 -76.09 -4.45
C ASP G 753 7.50 -76.89 -3.67
N MET G 754 7.37 -76.63 -2.37
CA MET G 754 6.36 -77.33 -1.58
C MET G 754 4.95 -76.94 -2.01
N GLN G 755 4.73 -75.65 -2.29
CA GLN G 755 3.40 -75.22 -2.70
C GLN G 755 2.95 -75.94 -3.97
N ASN G 756 3.78 -75.88 -5.01
CA ASN G 756 3.45 -76.54 -6.27
C ASN G 756 3.23 -78.03 -6.07
N ARG G 757 3.94 -78.63 -5.11
CA ARG G 757 3.68 -80.02 -4.77
C ARG G 757 2.37 -80.16 -4.00
N LEU G 758 2.12 -79.25 -3.05
CA LEU G 758 0.91 -79.34 -2.23
C LEU G 758 -0.34 -79.20 -3.08
N ASN G 759 -0.28 -78.36 -4.12
CA ASN G 759 -1.46 -78.10 -4.93
C ASN G 759 -1.90 -79.35 -5.69
N LYS G 760 -0.97 -80.26 -5.99
CA LYS G 760 -1.36 -81.52 -6.61
C LYS G 760 -2.07 -82.44 -5.63
N VAL G 761 -1.70 -82.36 -4.35
CA VAL G 761 -2.25 -83.22 -3.32
C VAL G 761 -3.60 -82.70 -2.85
N ILE G 762 -3.71 -81.40 -2.64
CA ILE G 762 -4.87 -80.83 -1.95
C ILE G 762 -6.02 -80.63 -2.93
N LYS G 763 -7.21 -81.09 -2.53
CA LYS G 763 -8.43 -80.85 -3.29
C LYS G 763 -9.12 -79.61 -2.75
N SER G 764 -9.35 -78.64 -3.63
CA SER G 764 -10.02 -77.40 -3.26
C SER G 764 -11.52 -77.51 -3.53
N VAL G 765 -12.31 -76.82 -2.70
CA VAL G 765 -13.74 -76.75 -2.93
C VAL G 765 -13.99 -76.00 -4.23
N GLY G 766 -14.82 -76.59 -5.10
CA GLY G 766 -15.06 -76.04 -6.41
C GLY G 766 -14.01 -76.34 -7.44
N LYS G 767 -12.98 -77.12 -7.10
CA LYS G 767 -11.91 -77.49 -8.02
C LYS G 767 -11.27 -76.22 -8.62
N ILE G 768 -10.98 -75.25 -7.76
CA ILE G 768 -10.34 -74.00 -8.16
C ILE G 768 -8.84 -74.14 -8.07
N GLU G 769 -8.14 -73.87 -9.17
CA GLU G 769 -6.68 -73.90 -9.17
C GLU G 769 -6.13 -72.83 -8.24
N HIS G 770 -5.24 -73.24 -7.33
CA HIS G 770 -4.66 -72.29 -6.39
C HIS G 770 -3.90 -71.19 -7.12
N SER G 771 -3.12 -71.55 -8.14
CA SER G 771 -2.35 -70.56 -8.88
C SER G 771 -3.26 -69.46 -9.44
N PHE G 772 -4.45 -69.84 -9.90
CA PHE G 772 -5.42 -68.86 -10.41
C PHE G 772 -5.89 -67.92 -9.30
N TRP G 773 -6.30 -68.49 -8.17
CA TRP G 773 -6.83 -67.68 -7.06
C TRP G 773 -5.84 -66.63 -6.62
N ARG G 774 -4.58 -67.00 -6.41
CA ARG G 774 -3.60 -66.06 -5.91
C ARG G 774 -2.96 -65.22 -7.01
N SER G 775 -3.37 -65.40 -8.27
CA SER G 775 -2.83 -64.57 -9.33
C SER G 775 -3.31 -63.13 -9.18
N PHE G 776 -2.39 -62.19 -9.34
CA PHE G 776 -2.72 -60.76 -9.35
C PHE G 776 -3.83 -60.51 -10.35
N HIS G 777 -4.92 -59.91 -9.89
CA HIS G 777 -6.11 -59.74 -10.73
C HIS G 777 -6.69 -58.35 -10.54
N THR G 778 -6.83 -57.64 -11.65
CA THR G 778 -7.58 -56.40 -11.74
C THR G 778 -8.60 -56.57 -12.87
N GLU G 779 -9.59 -55.68 -12.94
CA GLU G 779 -10.54 -55.78 -14.04
C GLU G 779 -9.82 -55.74 -15.39
N ARG G 780 -8.60 -55.23 -15.44
CA ARG G 780 -7.87 -55.06 -16.70
C ARG G 780 -6.72 -56.02 -16.91
N LYS G 781 -6.07 -56.50 -15.86
CA LYS G 781 -4.95 -57.44 -16.04
C LYS G 781 -5.06 -58.57 -15.03
N THR G 782 -4.49 -59.73 -15.39
CA THR G 782 -4.37 -60.86 -14.47
C THR G 782 -3.00 -61.49 -14.71
N GLU G 783 -2.11 -61.38 -13.72
CA GLU G 783 -0.76 -61.93 -13.80
C GLU G 783 -0.56 -62.99 -12.71
N PRO G 784 0.28 -63.99 -12.95
CA PRO G 784 0.56 -64.99 -11.90
C PRO G 784 1.34 -64.39 -10.74
N ALA G 785 1.04 -64.89 -9.54
CA ALA G 785 1.72 -64.42 -8.34
C ALA G 785 3.21 -64.70 -8.43
N THR G 786 4.00 -63.86 -7.76
CA THR G 786 5.44 -64.01 -7.74
C THR G 786 5.98 -63.38 -6.46
N GLY G 787 7.01 -63.99 -5.89
CA GLY G 787 7.66 -63.42 -4.72
C GLY G 787 6.90 -63.59 -3.43
N PHE G 788 5.83 -64.38 -3.43
CA PHE G 788 4.98 -64.54 -2.26
C PHE G 788 4.69 -66.02 -2.03
N ILE G 789 4.80 -66.45 -0.77
CA ILE G 789 4.44 -67.79 -0.36
C ILE G 789 3.11 -67.71 0.38
N ASP G 790 2.13 -68.47 -0.09
CA ASP G 790 0.83 -68.53 0.58
C ASP G 790 0.98 -69.30 1.89
N GLY G 791 1.26 -68.58 2.97
CA GLY G 791 1.56 -69.25 4.24
C GLY G 791 0.44 -70.14 4.72
N ASP G 792 -0.80 -69.81 4.38
CA ASP G 792 -1.93 -70.67 4.76
C ASP G 792 -1.90 -71.99 3.99
N LEU G 793 -1.32 -72.00 2.80
CA LEU G 793 -1.14 -73.26 2.08
C LEU G 793 -0.03 -74.09 2.72
N ILE G 794 1.11 -73.44 3.03
CA ILE G 794 2.21 -74.14 3.68
C ILE G 794 1.77 -74.74 5.01
N GLU G 795 1.02 -73.97 5.81
CA GLU G 795 0.61 -74.45 7.12
C GLU G 795 -0.40 -75.59 7.06
N SER G 796 -0.97 -75.88 5.90
CA SER G 796 -1.90 -77.00 5.76
C SER G 796 -1.19 -78.33 5.57
N PHE G 797 0.11 -78.32 5.28
CA PHE G 797 0.89 -79.57 5.20
C PHE G 797 0.73 -80.39 6.48
N LEU G 798 0.63 -79.73 7.63
CA LEU G 798 0.50 -80.44 8.90
C LEU G 798 -0.84 -81.16 9.03
N ASP G 799 -1.80 -80.90 8.15
CA ASP G 799 -3.12 -81.51 8.25
C ASP G 799 -3.37 -82.59 7.22
N ILE G 800 -2.50 -82.75 6.22
CA ILE G 800 -2.73 -83.75 5.18
C ILE G 800 -2.23 -85.11 5.65
N SER G 801 -2.82 -86.17 5.09
CA SER G 801 -2.48 -87.52 5.51
C SER G 801 -1.06 -87.87 5.11
N ARG G 802 -0.49 -88.83 5.85
CA ARG G 802 0.88 -89.25 5.57
C ARG G 802 1.07 -89.76 4.15
N PRO G 803 0.17 -90.56 3.56
CA PRO G 803 0.38 -90.95 2.15
C PRO G 803 0.60 -89.74 1.27
N LYS G 804 -0.16 -88.67 1.51
CA LYS G 804 -0.02 -87.45 0.74
C LYS G 804 1.26 -86.71 1.12
N MET G 805 1.64 -86.73 2.40
CA MET G 805 2.93 -86.16 2.78
C MET G 805 4.06 -86.83 2.01
N GLN G 806 3.99 -88.15 1.84
CA GLN G 806 5.03 -88.86 1.11
C GLN G 806 5.11 -88.41 -0.34
N GLU G 807 3.96 -88.11 -0.95
CA GLU G 807 3.98 -87.61 -2.32
C GLU G 807 4.71 -86.28 -2.39
N VAL G 808 4.54 -85.43 -1.38
CA VAL G 808 5.19 -84.12 -1.39
C VAL G 808 6.69 -84.27 -1.24
N VAL G 809 7.14 -85.15 -0.34
CA VAL G 809 8.58 -85.23 -0.05
C VAL G 809 9.33 -86.09 -1.05
N ALA G 810 8.62 -86.77 -1.96
CA ALA G 810 9.29 -87.56 -2.98
C ALA G 810 10.13 -86.65 -3.89
N ASN G 811 11.41 -86.99 -4.05
CA ASN G 811 12.29 -86.29 -4.95
C ASN G 811 12.56 -84.84 -4.53
N LEU G 812 12.49 -84.57 -3.23
CA LEU G 812 12.62 -83.22 -2.71
C LEU G 812 13.98 -82.98 -2.08
N GLN G 813 14.59 -81.84 -2.40
CA GLN G 813 15.89 -81.45 -1.88
C GLN G 813 15.71 -80.35 -0.84
N TYR G 814 16.43 -80.46 0.27
CA TYR G 814 16.40 -79.49 1.35
C TYR G 814 17.81 -79.00 1.64
N ASP G 815 17.88 -77.76 2.11
CA ASP G 815 19.16 -77.10 2.42
C ASP G 815 19.26 -77.14 3.93
N ASP G 816 20.00 -78.12 4.44
CA ASP G 816 20.19 -78.33 5.87
C ASP G 816 21.53 -77.74 6.27
N GLY G 817 21.47 -76.56 6.90
CA GLY G 817 22.63 -75.81 7.35
C GLY G 817 23.06 -74.71 6.40
N SER G 818 24.13 -74.95 5.63
CA SER G 818 24.57 -73.98 4.62
C SER G 818 25.29 -74.75 3.54
N GLY G 819 24.58 -75.03 2.44
CA GLY G 819 25.14 -75.71 1.30
C GLY G 819 24.96 -77.23 1.31
N MET G 820 24.90 -77.84 2.48
CA MET G 820 24.72 -79.29 2.55
C MET G 820 23.30 -79.62 2.10
N LYS G 821 23.17 -80.16 0.89
CA LYS G 821 21.87 -80.43 0.28
C LYS G 821 21.58 -81.92 0.35
N ARG G 822 20.41 -82.28 0.90
CA ARG G 822 19.99 -83.66 1.12
C ARG G 822 18.51 -83.81 0.85
N GLU G 823 18.12 -85.01 0.41
CA GLU G 823 16.70 -85.28 0.21
C GLU G 823 15.94 -85.17 1.53
N ALA G 824 14.72 -84.65 1.45
CA ALA G 824 13.92 -84.35 2.62
C ALA G 824 12.95 -85.49 2.94
N THR G 825 12.75 -85.72 4.23
CA THR G 825 11.76 -86.65 4.72
C THR G 825 10.55 -85.87 5.24
N ALA G 826 9.44 -86.58 5.42
CA ALA G 826 8.26 -85.95 6.00
C ALA G 826 8.59 -85.35 7.36
N ASP G 827 9.49 -85.99 8.12
CA ASP G 827 9.86 -85.43 9.41
C ASP G 827 10.67 -84.14 9.25
N ASP G 828 11.40 -83.99 8.14
CA ASP G 828 12.13 -82.74 7.91
C ASP G 828 11.17 -81.58 7.65
N LEU G 829 10.15 -81.80 6.80
CA LEU G 829 9.23 -80.72 6.46
C LEU G 829 8.30 -80.36 7.62
N ILE G 830 7.90 -81.36 8.42
CA ILE G 830 7.08 -81.04 9.59
C ILE G 830 7.85 -80.14 10.54
N LYS G 831 9.16 -80.37 10.67
CA LYS G 831 9.97 -79.44 11.46
C LYS G 831 9.95 -78.05 10.82
N VAL G 832 10.02 -77.99 9.50
CA VAL G 832 10.04 -76.71 8.80
C VAL G 832 8.71 -75.98 8.98
N VAL G 833 7.60 -76.67 8.71
CA VAL G 833 6.30 -76.01 8.79
C VAL G 833 5.98 -75.58 10.21
N GLU G 834 6.21 -76.47 11.18
CA GLU G 834 5.89 -76.16 12.57
C GLU G 834 6.64 -74.92 13.05
N GLU G 835 7.90 -74.76 12.64
CA GLU G 835 8.62 -73.55 13.00
C GLU G 835 7.96 -72.32 12.40
N LEU G 836 7.43 -72.44 11.17
CA LEU G 836 6.78 -71.31 10.52
C LEU G 836 5.47 -70.93 11.20
N THR G 837 4.78 -71.89 11.82
CA THR G 837 3.54 -71.56 12.52
C THR G 837 3.79 -70.72 13.77
N ARG G 838 5.04 -70.58 14.20
CA ARG G 838 5.32 -69.87 15.43
C ARG G 838 5.39 -68.36 15.25
N ILE G 839 5.31 -67.87 14.01
CA ILE G 839 5.44 -66.43 13.80
C ILE G 839 4.19 -65.68 14.22
N HIS G 840 3.05 -66.37 14.33
CA HIS G 840 1.81 -65.73 14.78
C HIS G 840 1.14 -66.54 15.89
N THR H 7 14.54 -14.69 -29.73
CA THR H 7 13.18 -14.62 -30.26
C THR H 7 12.40 -15.90 -29.92
N GLU H 8 11.12 -15.89 -30.28
CA GLU H 8 10.27 -17.06 -30.00
C GLU H 8 10.76 -18.31 -30.72
N SER H 9 11.56 -18.17 -31.76
CA SER H 9 11.92 -19.29 -32.63
C SER H 9 13.27 -19.93 -32.33
N ASP H 10 14.13 -19.29 -31.52
CA ASP H 10 15.51 -19.74 -31.37
C ASP H 10 15.58 -20.86 -30.32
N TRP H 11 15.11 -22.03 -30.73
CA TRP H 11 15.06 -23.18 -29.85
C TRP H 11 16.45 -23.75 -29.62
N GLY H 12 16.60 -24.46 -28.51
CA GLY H 12 17.84 -25.12 -28.19
C GLY H 12 18.85 -24.29 -27.46
N LYS H 13 18.60 -22.98 -27.28
CA LYS H 13 19.55 -22.08 -26.66
C LYS H 13 19.24 -21.82 -25.19
N ARG H 14 17.97 -21.56 -24.87
CA ARG H 14 17.58 -21.30 -23.49
C ARG H 14 17.84 -22.52 -22.60
N CYS H 15 18.29 -22.24 -21.38
CA CYS H 15 18.70 -23.27 -20.45
C CYS H 15 17.51 -23.80 -19.65
N VAL H 16 17.63 -25.05 -19.23
CA VAL H 16 16.60 -25.66 -18.39
C VAL H 16 16.59 -25.09 -16.98
N ASP H 17 17.57 -24.25 -16.62
CA ASP H 17 17.51 -23.54 -15.35
C ASP H 17 16.22 -22.75 -15.18
N LYS H 18 15.58 -22.36 -16.28
CA LYS H 18 14.36 -21.58 -16.26
C LYS H 18 13.16 -22.38 -15.78
N PHE H 19 13.33 -23.66 -15.46
CA PHE H 19 12.27 -24.52 -14.98
C PHE H 19 12.66 -25.13 -13.64
N ASP H 20 11.74 -25.08 -12.67
CA ASP H 20 11.88 -25.86 -11.45
C ASP H 20 11.35 -27.26 -11.70
N ILE H 21 12.20 -28.27 -11.53
CA ILE H 21 11.77 -29.65 -11.80
C ILE H 21 11.05 -30.20 -10.58
N ILE H 22 9.77 -30.54 -10.77
CA ILE H 22 8.94 -31.01 -9.66
C ILE H 22 9.12 -32.50 -9.42
N GLY H 23 9.21 -33.30 -10.48
CA GLY H 23 9.34 -34.73 -10.31
C GLY H 23 9.38 -35.43 -11.66
N ILE H 24 9.46 -36.76 -11.61
CA ILE H 24 9.53 -37.60 -12.79
C ILE H 24 8.15 -38.23 -12.97
N ILE H 25 7.42 -37.81 -14.01
CA ILE H 25 6.07 -38.32 -14.19
C ILE H 25 6.08 -39.73 -14.75
N GLY H 26 6.95 -39.98 -15.73
CA GLY H 26 6.99 -41.29 -16.36
C GLY H 26 8.31 -41.53 -17.06
N GLU H 27 8.48 -42.76 -17.50
CA GLU H 27 9.62 -43.16 -18.31
C GLU H 27 9.20 -43.15 -19.77
N GLY H 28 9.94 -42.43 -20.59
CA GLY H 28 9.62 -42.28 -22.00
C GLY H 28 10.33 -43.30 -22.85
N THR H 29 10.18 -43.16 -24.16
CA THR H 29 10.82 -44.09 -25.07
C THR H 29 12.31 -43.79 -25.21
N TYR H 30 12.67 -42.52 -25.37
CA TYR H 30 14.06 -42.12 -25.52
C TYR H 30 14.65 -41.43 -24.30
N GLY H 31 13.88 -41.27 -23.22
CA GLY H 31 14.39 -40.63 -22.03
C GLY H 31 13.30 -40.41 -21.03
N GLN H 32 13.71 -40.02 -19.83
CA GLN H 32 12.75 -39.80 -18.75
C GLN H 32 11.92 -38.55 -18.99
N VAL H 33 10.69 -38.58 -18.49
CA VAL H 33 9.75 -37.47 -18.62
C VAL H 33 9.54 -36.85 -17.24
N TYR H 34 9.67 -35.54 -17.16
CA TYR H 34 9.59 -34.81 -15.90
C TYR H 34 8.49 -33.76 -15.96
N LYS H 35 7.80 -33.56 -14.84
CA LYS H 35 6.89 -32.44 -14.64
C LYS H 35 7.69 -31.27 -14.09
N ALA H 36 7.37 -30.06 -14.53
CA ALA H 36 8.15 -28.90 -14.15
C ALA H 36 7.27 -27.66 -14.13
N LYS H 37 7.77 -26.60 -13.49
CA LYS H 37 7.08 -25.33 -13.42
C LYS H 37 7.99 -24.25 -13.99
N ASP H 38 7.46 -23.45 -14.92
CA ASP H 38 8.21 -22.34 -15.49
C ASP H 38 8.40 -21.24 -14.44
N LYS H 39 9.65 -20.85 -14.22
CA LYS H 39 9.95 -19.84 -13.20
C LYS H 39 9.34 -18.49 -13.55
N ASP H 40 9.27 -18.15 -14.85
CA ASP H 40 8.81 -16.81 -15.23
C ASP H 40 7.28 -16.74 -15.29
N THR H 41 6.64 -17.75 -15.87
CA THR H 41 5.20 -17.70 -16.13
C THR H 41 4.38 -18.53 -15.14
N GLY H 42 5.01 -19.44 -14.41
CA GLY H 42 4.27 -20.33 -13.54
C GLY H 42 3.50 -21.43 -14.23
N GLU H 43 3.73 -21.64 -15.52
CA GLU H 43 3.02 -22.66 -16.27
C GLU H 43 3.61 -24.03 -15.99
N LEU H 44 2.76 -25.01 -15.72
CA LEU H 44 3.24 -26.38 -15.59
C LEU H 44 3.60 -26.93 -16.97
N VAL H 45 4.77 -27.56 -17.08
CA VAL H 45 5.25 -28.09 -18.33
C VAL H 45 5.76 -29.51 -18.08
N ALA H 46 5.82 -30.30 -19.16
CA ALA H 46 6.41 -31.63 -19.12
C ALA H 46 7.64 -31.64 -20.01
N LEU H 47 8.77 -32.09 -19.48
CA LEU H 47 10.04 -32.07 -20.18
C LEU H 47 10.48 -33.50 -20.46
N LYS H 48 10.73 -33.79 -21.74
CA LYS H 48 11.29 -35.08 -22.16
C LYS H 48 12.79 -34.92 -22.35
N LYS H 49 13.58 -35.59 -21.52
CA LYS H 49 15.03 -35.47 -21.57
C LYS H 49 15.58 -36.33 -22.71
N VAL H 50 16.33 -35.70 -23.62
CA VAL H 50 16.97 -36.42 -24.71
C VAL H 50 18.47 -36.35 -24.46
N ARG H 51 19.11 -37.50 -24.30
CA ARG H 51 20.51 -37.61 -23.96
C ARG H 51 21.31 -38.09 -25.16
N LEU H 52 22.34 -37.33 -25.53
CA LEU H 52 23.28 -37.76 -26.55
C LEU H 52 24.51 -38.42 -25.96
N ASP H 53 24.52 -38.65 -24.64
CA ASP H 53 25.71 -39.22 -24.02
C ASP H 53 25.93 -40.68 -24.42
N ASN H 54 24.85 -41.42 -24.68
CA ASN H 54 25.01 -42.77 -25.20
C ASN H 54 25.78 -42.73 -26.51
N GLU H 55 25.47 -41.74 -27.35
CA GLU H 55 26.25 -41.43 -28.56
C GLU H 55 26.37 -42.65 -29.44
N LYS H 56 25.45 -43.61 -29.30
CA LYS H 56 25.43 -44.76 -30.19
C LYS H 56 25.26 -44.27 -31.62
N GLU H 57 24.30 -43.37 -31.82
CA GLU H 57 24.07 -42.71 -33.10
C GLU H 57 23.71 -41.25 -32.90
N GLY H 58 24.08 -40.65 -31.77
CA GLY H 58 23.79 -39.24 -31.57
C GLY H 58 22.34 -39.02 -31.17
N PHE H 59 21.80 -37.88 -31.60
CA PHE H 59 20.44 -37.52 -31.25
C PHE H 59 19.50 -38.64 -31.68
N PRO H 60 18.62 -39.12 -30.78
CA PRO H 60 17.79 -40.27 -31.14
C PRO H 60 16.75 -39.89 -32.18
N ILE H 61 16.56 -40.77 -33.17
CA ILE H 61 15.59 -40.50 -34.21
C ILE H 61 14.18 -40.39 -33.62
N THR H 62 13.89 -41.21 -32.61
CA THR H 62 12.60 -41.11 -31.93
C THR H 62 12.30 -39.66 -31.57
N ALA H 63 13.29 -38.95 -31.02
CA ALA H 63 13.11 -37.54 -30.71
C ALA H 63 13.10 -36.69 -31.98
N ILE H 64 13.97 -37.02 -32.94
CA ILE H 64 14.01 -36.24 -34.18
C ILE H 64 12.65 -36.26 -34.85
N ARG H 65 12.02 -37.44 -34.93
CA ARG H 65 10.72 -37.52 -35.56
C ARG H 65 9.72 -36.60 -34.84
N GLU H 66 9.70 -36.67 -33.51
CA GLU H 66 8.73 -35.90 -32.75
C GLU H 66 8.97 -34.40 -32.90
N ILE H 67 10.23 -33.99 -32.93
CA ILE H 67 10.54 -32.58 -33.17
C ILE H 67 10.10 -32.19 -34.58
N LYS H 68 10.52 -32.97 -35.57
CA LYS H 68 10.20 -32.66 -36.96
C LYS H 68 8.71 -32.59 -37.18
N ILE H 69 7.95 -33.53 -36.63
CA ILE H 69 6.53 -33.64 -36.94
C ILE H 69 5.71 -32.67 -36.11
N LEU H 70 5.98 -32.56 -34.81
CA LEU H 70 5.10 -31.76 -33.95
C LEU H 70 5.25 -30.26 -34.18
N ARG H 71 6.38 -29.80 -34.75
CA ARG H 71 6.47 -28.40 -35.15
C ARG H 71 5.63 -28.12 -36.40
N GLN H 72 5.28 -29.18 -37.14
CA GLN H 72 4.41 -29.04 -38.31
C GLN H 72 2.93 -29.08 -37.94
N LEU H 73 2.59 -29.81 -36.89
CA LEU H 73 1.20 -30.07 -36.52
C LEU H 73 0.71 -29.08 -35.47
N ILE H 74 -0.40 -28.42 -35.76
CA ILE H 74 -1.02 -27.46 -34.84
C ILE H 74 -2.50 -27.83 -34.77
N HIS H 75 -2.90 -28.54 -33.72
CA HIS H 75 -4.29 -28.93 -33.53
C HIS H 75 -4.58 -29.00 -32.05
N ARG H 76 -5.85 -28.74 -31.67
CA ARG H 76 -6.20 -28.75 -30.26
C ARG H 76 -6.04 -30.13 -29.64
N SER H 77 -6.22 -31.18 -30.43
CA SER H 77 -6.17 -32.56 -29.95
C SER H 77 -4.83 -33.22 -30.23
N VAL H 78 -3.80 -32.44 -30.58
CA VAL H 78 -2.44 -32.92 -30.74
C VAL H 78 -1.58 -32.14 -29.75
N VAL H 79 -0.69 -32.85 -29.06
CA VAL H 79 0.12 -32.21 -28.03
C VAL H 79 1.04 -31.18 -28.66
N ASN H 80 1.20 -30.04 -27.99
CA ASN H 80 2.00 -28.95 -28.49
C ASN H 80 3.39 -29.00 -27.87
N MET H 81 4.42 -29.03 -28.71
CA MET H 81 5.79 -28.83 -28.27
C MET H 81 6.08 -27.33 -28.20
N LYS H 82 6.41 -26.84 -27.01
CA LYS H 82 6.53 -25.41 -26.76
C LYS H 82 7.92 -24.87 -27.06
N GLU H 83 8.97 -25.60 -26.73
CA GLU H 83 10.32 -25.17 -27.03
C GLU H 83 11.28 -26.31 -26.67
N ILE H 84 12.56 -26.10 -26.95
CA ILE H 84 13.61 -27.05 -26.60
C ILE H 84 14.70 -26.31 -25.83
N VAL H 85 15.04 -26.83 -24.65
CA VAL H 85 16.02 -26.22 -23.76
C VAL H 85 17.13 -27.22 -23.52
N THR H 86 18.26 -26.71 -23.02
CA THR H 86 19.47 -27.51 -22.88
C THR H 86 19.99 -27.44 -21.45
N ASP H 87 20.76 -28.46 -21.07
CA ASP H 87 21.50 -28.39 -19.82
C ASP H 87 22.57 -27.30 -19.91
N LYS H 88 22.95 -26.77 -18.75
CA LYS H 88 23.94 -25.69 -18.72
C LYS H 88 25.22 -26.12 -19.42
N GLN H 89 25.64 -25.34 -20.42
CA GLN H 89 26.85 -25.64 -21.17
C GLN H 89 28.06 -25.14 -20.37
N ASP H 90 28.25 -25.74 -19.19
CA ASP H 90 29.34 -25.34 -18.31
C ASP H 90 30.70 -25.66 -18.91
N ALA H 91 30.78 -26.65 -19.80
CA ALA H 91 32.06 -27.03 -20.38
C ALA H 91 32.56 -25.93 -21.30
N LEU H 92 33.83 -25.54 -21.10
CA LEU H 92 34.43 -24.49 -21.92
C LEU H 92 34.53 -24.90 -23.38
N ASP H 93 34.65 -26.20 -23.64
CA ASP H 93 34.76 -26.77 -24.97
C ASP H 93 33.54 -27.63 -25.22
N PHE H 94 32.79 -27.29 -26.28
CA PHE H 94 31.58 -28.06 -26.58
C PHE H 94 31.88 -29.54 -26.81
N LYS H 95 33.10 -29.86 -27.23
CA LYS H 95 33.50 -31.26 -27.34
C LYS H 95 33.33 -31.95 -25.99
N LYS H 96 33.69 -31.24 -24.90
CA LYS H 96 33.53 -31.76 -23.55
C LYS H 96 32.07 -31.81 -23.13
N ASP H 97 31.20 -31.02 -23.77
CA ASP H 97 29.81 -30.90 -23.36
C ASP H 97 29.09 -32.24 -23.55
N LYS H 98 28.68 -32.85 -22.44
CA LYS H 98 27.89 -34.08 -22.46
C LYS H 98 26.47 -33.82 -22.00
N GLY H 99 26.05 -32.55 -21.97
CA GLY H 99 24.72 -32.21 -21.54
C GLY H 99 23.63 -32.69 -22.48
N ALA H 100 22.42 -32.76 -21.94
CA ALA H 100 21.24 -33.25 -22.63
C ALA H 100 20.32 -32.10 -23.01
N PHE H 101 19.36 -32.41 -23.88
CA PHE H 101 18.30 -31.48 -24.27
C PHE H 101 16.97 -31.91 -23.67
N TYR H 102 16.06 -30.95 -23.56
CA TYR H 102 14.72 -31.21 -23.01
C TYR H 102 13.67 -30.66 -23.96
N LEU H 103 12.70 -31.51 -24.32
CA LEU H 103 11.58 -31.09 -25.16
C LEU H 103 10.44 -30.64 -24.27
N VAL H 104 10.08 -29.36 -24.34
CA VAL H 104 9.08 -28.77 -23.46
C VAL H 104 7.71 -28.97 -24.07
N PHE H 105 6.82 -29.62 -23.32
CA PHE H 105 5.44 -29.87 -23.73
C PHE H 105 4.49 -29.29 -22.71
N GLU H 106 3.26 -29.02 -23.15
CA GLU H 106 2.20 -28.63 -22.22
C GLU H 106 1.90 -29.78 -21.26
N TYR H 107 1.77 -29.47 -19.97
CA TYR H 107 1.47 -30.49 -19.00
C TYR H 107 0.01 -30.94 -19.13
N MET H 108 -0.19 -32.25 -19.09
CA MET H 108 -1.52 -32.86 -19.12
C MET H 108 -1.76 -33.56 -17.79
N ASP H 109 -2.92 -33.32 -17.19
CA ASP H 109 -3.17 -33.78 -15.83
C ASP H 109 -3.03 -35.30 -15.70
N HIS H 110 -3.64 -36.06 -16.60
CA HIS H 110 -3.68 -37.50 -16.46
C HIS H 110 -3.47 -38.18 -17.82
N ASP H 111 -3.16 -39.47 -17.77
CA ASP H 111 -3.14 -40.33 -18.95
C ASP H 111 -4.25 -41.36 -18.85
N LEU H 112 -4.81 -41.74 -20.00
CA LEU H 112 -5.97 -42.63 -20.00
C LEU H 112 -5.69 -43.92 -19.24
N MET H 113 -4.58 -44.60 -19.55
CA MET H 113 -4.28 -45.85 -18.88
C MET H 113 -4.29 -45.69 -17.36
N GLY H 114 -3.69 -44.60 -16.87
CA GLY H 114 -3.64 -44.40 -15.43
C GLY H 114 -5.02 -44.26 -14.82
N LEU H 115 -5.90 -43.50 -15.46
CA LEU H 115 -7.25 -43.36 -14.94
C LEU H 115 -8.00 -44.66 -15.01
N LEU H 116 -7.88 -45.39 -16.11
CA LEU H 116 -8.62 -46.64 -16.28
C LEU H 116 -8.07 -47.74 -15.39
N GLU H 117 -6.73 -47.89 -15.35
CA GLU H 117 -6.13 -48.96 -14.56
C GLU H 117 -6.40 -48.76 -13.08
N SER H 118 -6.30 -47.51 -12.60
CA SER H 118 -6.63 -47.24 -11.20
C SER H 118 -8.09 -47.55 -10.88
N GLY H 119 -8.94 -47.69 -11.90
CA GLY H 119 -10.35 -47.89 -11.66
C GLY H 119 -11.06 -46.67 -11.15
N LEU H 120 -10.44 -45.51 -11.32
CA LEU H 120 -10.91 -44.24 -10.77
C LEU H 120 -11.63 -43.42 -11.82
N VAL H 121 -12.22 -44.06 -12.83
CA VAL H 121 -13.00 -43.32 -13.83
C VAL H 121 -14.19 -44.13 -14.31
N HIS H 122 -15.26 -43.40 -14.62
CA HIS H 122 -16.47 -43.93 -15.23
C HIS H 122 -16.85 -43.04 -16.41
N PHE H 123 -17.08 -43.66 -17.57
CA PHE H 123 -17.43 -42.93 -18.79
C PHE H 123 -18.86 -43.22 -19.21
N SER H 124 -19.67 -42.16 -19.30
CA SER H 124 -20.99 -42.25 -19.89
C SER H 124 -20.91 -42.14 -21.40
N GLU H 125 -22.03 -42.41 -22.07
CA GLU H 125 -22.07 -42.27 -23.53
C GLU H 125 -21.66 -40.85 -23.94
N ASP H 126 -22.25 -39.84 -23.30
CA ASP H 126 -21.91 -38.45 -23.63
C ASP H 126 -20.43 -38.19 -23.42
N HIS H 127 -19.84 -38.81 -22.39
CA HIS H 127 -18.40 -38.67 -22.17
C HIS H 127 -17.60 -39.30 -23.30
N ILE H 128 -18.01 -40.48 -23.77
CA ILE H 128 -17.26 -41.12 -24.85
C ILE H 128 -17.40 -40.33 -26.14
N LYS H 129 -18.58 -39.74 -26.39
CA LYS H 129 -18.73 -38.91 -27.58
C LYS H 129 -17.74 -37.76 -27.58
N SER H 130 -17.66 -37.03 -26.45
CA SER H 130 -16.73 -35.90 -26.37
C SER H 130 -15.30 -36.37 -26.52
N PHE H 131 -15.00 -37.56 -26.00
CA PHE H 131 -13.65 -38.12 -26.06
C PHE H 131 -13.25 -38.49 -27.49
N MET H 132 -14.08 -39.33 -28.13
CA MET H 132 -13.71 -39.85 -29.44
C MET H 132 -13.68 -38.76 -30.50
N LYS H 133 -14.59 -37.79 -30.42
CA LYS H 133 -14.60 -36.74 -31.43
C LYS H 133 -13.28 -36.00 -31.42
N GLN H 134 -12.73 -35.74 -30.23
CA GLN H 134 -11.43 -35.09 -30.13
C GLN H 134 -10.31 -35.98 -30.65
N LEU H 135 -10.32 -37.26 -30.26
CA LEU H 135 -9.24 -38.14 -30.65
C LEU H 135 -9.21 -38.33 -32.16
N MET H 136 -10.38 -38.58 -32.74
CA MET H 136 -10.46 -38.83 -34.18
C MET H 136 -10.26 -37.56 -34.98
N GLU H 137 -10.66 -36.41 -34.42
CA GLU H 137 -10.35 -35.15 -35.08
C GLU H 137 -8.85 -34.91 -35.12
N GLY H 138 -8.15 -35.21 -34.02
CA GLY H 138 -6.70 -35.11 -34.05
C GLY H 138 -6.08 -36.05 -35.06
N LEU H 139 -6.57 -37.29 -35.12
CA LEU H 139 -6.02 -38.26 -36.06
C LEU H 139 -6.29 -37.83 -37.50
N GLU H 140 -7.47 -37.26 -37.77
CA GLU H 140 -7.76 -36.81 -39.12
C GLU H 140 -6.79 -35.71 -39.53
N TYR H 141 -6.49 -34.80 -38.60
CA TYR H 141 -5.52 -33.75 -38.89
C TYR H 141 -4.17 -34.36 -39.28
N CYS H 142 -3.67 -35.29 -38.46
CA CYS H 142 -2.39 -35.94 -38.74
C CYS H 142 -2.44 -36.75 -40.04
N HIS H 143 -3.52 -37.50 -40.24
CA HIS H 143 -3.66 -38.27 -41.47
C HIS H 143 -3.81 -37.34 -42.67
N LYS H 144 -4.47 -36.21 -42.48
CA LYS H 144 -4.55 -35.21 -43.53
C LYS H 144 -3.19 -34.66 -43.90
N LYS H 145 -2.29 -34.54 -42.92
CA LYS H 145 -0.92 -34.12 -43.17
C LYS H 145 -0.04 -35.29 -43.57
N ASN H 146 -0.64 -36.47 -43.80
CA ASN H 146 0.07 -37.66 -44.30
C ASN H 146 1.09 -38.17 -43.29
N PHE H 147 0.68 -38.22 -42.03
CA PHE H 147 1.51 -38.77 -40.95
C PHE H 147 0.77 -39.92 -40.29
N LEU H 148 1.50 -40.97 -39.94
CA LEU H 148 0.94 -42.14 -39.28
C LEU H 148 1.48 -42.15 -37.85
N HIS H 149 0.60 -42.25 -36.86
CA HIS H 149 1.05 -42.18 -35.48
C HIS H 149 1.89 -43.39 -35.11
N ARG H 150 1.31 -44.57 -35.28
CA ARG H 150 1.98 -45.87 -35.18
C ARG H 150 2.30 -46.28 -33.75
N ASP H 151 1.83 -45.51 -32.76
CA ASP H 151 1.98 -45.92 -31.37
C ASP H 151 0.75 -45.56 -30.56
N ILE H 152 -0.43 -45.77 -31.12
CA ILE H 152 -1.67 -45.38 -30.44
C ILE H 152 -1.99 -46.41 -29.35
N LYS H 153 -2.01 -45.95 -28.10
CA LYS H 153 -2.34 -46.78 -26.96
C LYS H 153 -2.93 -45.87 -25.90
N CYS H 154 -3.65 -46.48 -24.95
CA CYS H 154 -4.31 -45.70 -23.91
C CYS H 154 -3.36 -44.72 -23.23
N SER H 155 -2.13 -45.16 -22.96
CA SER H 155 -1.19 -44.29 -22.25
C SER H 155 -0.88 -43.03 -23.05
N ASN H 156 -0.81 -43.14 -24.39
CA ASN H 156 -0.46 -42.00 -25.22
C ASN H 156 -1.61 -41.00 -25.35
N ILE H 157 -2.86 -41.45 -25.22
CA ILE H 157 -3.96 -40.49 -25.12
C ILE H 157 -3.87 -39.80 -23.77
N LEU H 158 -3.86 -38.47 -23.78
CA LEU H 158 -3.69 -37.68 -22.55
C LEU H 158 -4.93 -36.85 -22.33
N LEU H 159 -5.44 -36.89 -21.10
CA LEU H 159 -6.67 -36.22 -20.71
C LEU H 159 -6.33 -35.29 -19.55
N ASN H 160 -6.66 -34.00 -19.71
CA ASN H 160 -6.60 -33.08 -18.59
C ASN H 160 -7.99 -32.93 -18.00
N ASN H 161 -8.04 -32.38 -16.78
CA ASN H 161 -9.29 -32.37 -16.03
C ASN H 161 -10.40 -31.59 -16.71
N SER H 162 -10.08 -30.67 -17.62
CA SER H 162 -11.15 -29.97 -18.32
C SER H 162 -11.97 -30.89 -19.20
N GLY H 163 -11.40 -32.02 -19.61
CA GLY H 163 -12.02 -32.91 -20.56
C GLY H 163 -11.40 -32.87 -21.93
N GLN H 164 -10.29 -32.15 -22.08
CA GLN H 164 -9.61 -32.01 -23.36
C GLN H 164 -8.68 -33.18 -23.59
N ILE H 165 -8.74 -33.74 -24.79
CA ILE H 165 -7.93 -34.89 -25.19
C ILE H 165 -6.85 -34.43 -26.16
N LYS H 166 -5.63 -34.89 -25.93
CA LYS H 166 -4.48 -34.63 -26.78
C LYS H 166 -3.70 -35.92 -26.99
N LEU H 167 -3.34 -36.19 -28.25
CA LEU H 167 -2.47 -37.30 -28.63
C LEU H 167 -1.03 -36.95 -28.27
N ALA H 168 -0.19 -37.96 -28.11
CA ALA H 168 1.06 -37.67 -27.41
C ALA H 168 2.38 -38.14 -28.02
N ASP H 169 2.65 -39.44 -28.01
CA ASP H 169 3.98 -39.92 -28.40
C ASP H 169 4.08 -40.10 -29.92
N PHE H 170 4.67 -39.11 -30.59
CA PHE H 170 4.93 -39.19 -32.02
C PHE H 170 6.35 -39.67 -32.34
N GLY H 171 6.92 -40.55 -31.52
CA GLY H 171 8.27 -41.03 -31.77
C GLY H 171 8.38 -42.05 -32.87
N LEU H 172 7.29 -42.75 -33.15
CA LEU H 172 7.26 -43.75 -34.20
C LEU H 172 6.54 -43.24 -35.44
N ALA H 173 6.21 -41.94 -35.48
CA ALA H 173 5.40 -41.39 -36.57
C ALA H 173 6.22 -41.21 -37.83
N ARG H 174 5.61 -41.51 -38.97
CA ARG H 174 6.28 -41.43 -40.25
C ARG H 174 5.30 -40.97 -41.32
N LEU H 175 5.83 -40.36 -42.37
CA LEU H 175 5.01 -39.86 -43.46
C LEU H 175 4.53 -41.00 -44.36
N TYR H 176 3.31 -40.86 -44.88
CA TYR H 176 2.70 -41.84 -45.76
C TYR H 176 2.56 -41.26 -47.16
N ASN H 177 3.11 -41.95 -48.15
CA ASN H 177 2.89 -41.62 -49.56
C ASN H 177 2.17 -42.83 -50.17
N SER H 178 0.95 -42.62 -50.66
CA SER H 178 0.21 -43.72 -51.29
C SER H 178 0.76 -44.05 -52.66
N GLU H 179 1.12 -43.03 -53.44
CA GLU H 179 1.65 -43.26 -54.80
C GLU H 179 2.97 -44.02 -54.77
N GLU H 180 3.77 -43.80 -53.74
CA GLU H 180 5.08 -44.43 -53.56
C GLU H 180 5.00 -45.40 -52.39
N SER H 181 4.82 -46.68 -52.70
CA SER H 181 4.88 -47.70 -51.65
C SER H 181 6.29 -47.73 -51.06
N ARG H 182 6.39 -47.65 -49.74
CA ARG H 182 7.68 -47.71 -49.07
C ARG H 182 7.66 -48.88 -48.10
N PRO H 183 8.74 -49.64 -47.97
CA PRO H 183 8.77 -50.68 -46.92
C PRO H 183 8.85 -50.02 -45.56
N TYR H 184 8.04 -50.51 -44.62
CA TYR H 184 8.04 -49.96 -43.28
C TYR H 184 8.37 -51.10 -42.31
N ASN H 186 7.16 -53.91 -39.72
CA ASN H 186 5.98 -54.74 -39.55
C ASN H 186 5.30 -54.62 -38.18
N LYS H 187 6.13 -54.54 -37.13
CA LYS H 187 5.66 -54.53 -35.75
C LYS H 187 5.76 -53.13 -35.16
N VAL H 188 4.76 -52.29 -35.44
CA VAL H 188 4.81 -50.88 -35.04
C VAL H 188 3.95 -50.57 -33.81
N ILE H 189 2.70 -51.05 -33.73
CA ILE H 189 1.82 -50.71 -32.61
C ILE H 189 1.86 -51.83 -31.57
N THR H 190 1.53 -51.49 -30.32
CA THR H 190 1.50 -52.49 -29.25
C THR H 190 0.44 -53.55 -29.54
N LEU H 191 0.75 -54.79 -29.11
CA LEU H 191 -0.01 -55.94 -29.57
C LEU H 191 -1.50 -55.80 -29.30
N TRP H 192 -1.87 -55.24 -28.14
CA TRP H 192 -3.28 -55.14 -27.77
C TRP H 192 -4.02 -54.22 -28.73
N TYR H 193 -3.34 -53.22 -29.28
CA TYR H 193 -3.93 -52.27 -30.21
C TYR H 193 -3.29 -52.40 -31.60
N ARG H 194 -2.74 -53.57 -31.92
CA ARG H 194 -2.08 -53.72 -33.20
C ARG H 194 -3.08 -54.24 -34.22
N PRO H 195 -3.07 -53.69 -35.43
CA PRO H 195 -4.08 -54.08 -36.42
C PRO H 195 -3.83 -55.48 -36.94
N PRO H 196 -4.87 -56.14 -37.47
CA PRO H 196 -4.68 -57.50 -37.98
C PRO H 196 -3.73 -57.56 -39.16
N GLU H 197 -3.76 -56.55 -40.03
CA GLU H 197 -2.88 -56.55 -41.20
C GLU H 197 -1.42 -56.66 -40.78
N LEU H 198 -1.01 -55.89 -39.77
CA LEU H 198 0.40 -55.92 -39.38
C LEU H 198 0.76 -57.24 -38.72
N LEU H 199 -0.19 -57.89 -38.06
CA LEU H 199 0.08 -59.19 -37.47
C LEU H 199 0.38 -60.23 -38.55
N LEU H 200 -0.31 -60.15 -39.68
CA LEU H 200 -0.10 -61.04 -40.81
C LEU H 200 1.06 -60.60 -41.70
N GLY H 201 1.84 -59.61 -41.24
CA GLY H 201 3.11 -59.28 -41.83
C GLY H 201 3.11 -58.23 -42.92
N GLU H 202 2.18 -57.27 -42.89
CA GLU H 202 2.18 -56.19 -43.87
C GLU H 202 3.30 -55.21 -43.53
N GLU H 203 4.09 -54.84 -44.52
CA GLU H 203 5.17 -53.87 -44.34
C GLU H 203 4.90 -52.57 -45.11
N ARG H 204 3.90 -52.57 -45.99
CA ARG H 204 3.42 -51.38 -46.70
C ARG H 204 1.98 -51.19 -46.21
N TYR H 205 1.83 -50.44 -45.11
CA TYR H 205 0.55 -50.34 -44.44
C TYR H 205 -0.05 -48.96 -44.61
N THR H 206 -1.35 -48.90 -44.39
CA THR H 206 -2.13 -47.68 -44.56
C THR H 206 -2.15 -46.88 -43.28
N PRO H 207 -2.67 -45.65 -43.33
CA PRO H 207 -2.95 -44.91 -42.09
C PRO H 207 -4.02 -45.58 -41.26
N ALA H 208 -4.71 -46.59 -41.81
CA ALA H 208 -5.77 -47.28 -41.10
C ALA H 208 -5.26 -48.11 -39.93
N ILE H 209 -3.93 -48.27 -39.80
CA ILE H 209 -3.39 -48.94 -38.63
C ILE H 209 -3.79 -48.18 -37.37
N ASP H 210 -3.79 -46.84 -37.47
CA ASP H 210 -4.17 -46.01 -36.34
C ASP H 210 -5.67 -46.06 -36.06
N VAL H 211 -6.48 -46.21 -37.10
CA VAL H 211 -7.92 -46.31 -36.87
C VAL H 211 -8.26 -47.57 -36.10
N TRP H 212 -7.61 -48.68 -36.42
CA TRP H 212 -7.85 -49.92 -35.66
C TRP H 212 -7.58 -49.69 -34.18
N SER H 213 -6.44 -49.07 -33.85
CA SER H 213 -6.10 -48.83 -32.45
C SER H 213 -7.17 -47.98 -31.76
N CYS H 214 -7.59 -46.89 -32.41
CA CYS H 214 -8.60 -46.03 -31.81
C CYS H 214 -9.91 -46.79 -31.66
N GLY H 215 -10.20 -47.70 -32.57
CA GLY H 215 -11.39 -48.52 -32.42
C GLY H 215 -11.30 -49.44 -31.23
N CYS H 216 -10.12 -50.02 -31.00
CA CYS H 216 -9.91 -50.80 -29.78
C CYS H 216 -10.19 -49.96 -28.55
N ILE H 217 -9.78 -48.69 -28.59
CA ILE H 217 -10.05 -47.79 -27.47
C ILE H 217 -11.55 -47.52 -27.34
N LEU H 218 -12.26 -47.34 -28.45
CA LEU H 218 -13.69 -47.11 -28.38
C LEU H 218 -14.38 -48.23 -27.61
N GLY H 219 -14.09 -49.49 -27.96
CA GLY H 219 -14.67 -50.59 -27.24
C GLY H 219 -14.25 -50.61 -25.78
N GLU H 220 -12.97 -50.31 -25.52
CA GLU H 220 -12.45 -50.35 -24.16
C GLU H 220 -13.18 -49.36 -23.26
N LEU H 221 -13.58 -48.21 -23.80
CA LEU H 221 -14.28 -47.22 -22.99
C LEU H 221 -15.67 -47.71 -22.59
N PHE H 222 -16.25 -48.65 -23.33
CA PHE H 222 -17.55 -49.21 -22.99
C PHE H 222 -17.44 -50.42 -22.08
N THR H 223 -16.25 -51.02 -21.96
CA THR H 223 -16.03 -52.13 -21.04
C THR H 223 -15.07 -51.79 -19.91
N LYS H 224 -14.25 -50.74 -20.07
CA LYS H 224 -13.20 -50.36 -19.14
C LYS H 224 -12.06 -51.39 -19.11
N LYS H 225 -12.04 -52.32 -20.06
CA LYS H 225 -11.03 -53.36 -20.20
C LYS H 225 -10.64 -53.49 -21.67
N PRO H 226 -9.35 -53.63 -21.97
CA PRO H 226 -8.96 -53.82 -23.38
C PRO H 226 -9.66 -55.02 -23.99
N ILE H 227 -9.87 -54.94 -25.31
CA ILE H 227 -10.70 -55.93 -25.98
C ILE H 227 -9.90 -57.19 -26.30
N PHE H 228 -8.66 -57.02 -26.77
CA PHE H 228 -7.84 -58.13 -27.25
C PHE H 228 -6.57 -58.17 -26.41
N GLN H 229 -6.58 -58.94 -25.33
CA GLN H 229 -5.41 -59.04 -24.46
C GLN H 229 -4.76 -60.41 -24.65
N ALA H 230 -3.59 -60.39 -25.28
CA ALA H 230 -2.78 -61.58 -25.48
C ALA H 230 -1.33 -61.14 -25.41
N ASN H 231 -0.43 -62.09 -25.28
CA ASN H 231 0.99 -61.81 -25.14
C ASN H 231 1.80 -62.10 -26.41
N LEU H 232 1.30 -62.94 -27.31
CA LEU H 232 2.00 -63.30 -28.53
C LEU H 232 1.13 -63.05 -29.75
N GLU H 233 1.80 -62.81 -30.88
CA GLU H 233 1.12 -62.33 -32.07
C GLU H 233 0.04 -63.30 -32.55
N LEU H 234 0.29 -64.60 -32.48
CA LEU H 234 -0.72 -65.55 -32.93
C LEU H 234 -1.93 -65.55 -31.98
N ALA H 235 -1.67 -65.60 -30.68
CA ALA H 235 -2.76 -65.55 -29.71
C ALA H 235 -3.58 -64.28 -29.90
N GLN H 236 -2.93 -63.19 -30.32
CA GLN H 236 -3.67 -61.95 -30.58
C GLN H 236 -4.58 -62.11 -31.80
N LEU H 237 -4.04 -62.64 -32.89
CA LEU H 237 -4.85 -62.87 -34.09
C LEU H 237 -6.02 -63.79 -33.80
N GLU H 238 -5.82 -64.78 -32.94
CA GLU H 238 -6.92 -65.67 -32.56
C GLU H 238 -8.01 -64.88 -31.85
N LEU H 239 -7.63 -63.99 -30.94
CA LEU H 239 -8.63 -63.20 -30.22
C LEU H 239 -9.31 -62.22 -31.15
N ILE H 240 -8.56 -61.55 -32.03
CA ILE H 240 -9.18 -60.68 -33.02
C ILE H 240 -10.18 -61.46 -33.87
N SER H 241 -9.81 -62.68 -34.25
CA SER H 241 -10.65 -63.48 -35.14
C SER H 241 -11.94 -63.93 -34.45
N ARG H 242 -11.87 -64.36 -33.19
CA ARG H 242 -13.07 -64.84 -32.51
C ARG H 242 -14.17 -63.81 -32.50
N LEU H 243 -13.80 -62.53 -32.49
CA LEU H 243 -14.74 -61.42 -32.43
C LEU H 243 -15.08 -60.87 -33.80
N CYS H 244 -14.06 -60.60 -34.61
CA CYS H 244 -14.23 -59.95 -35.90
C CYS H 244 -14.45 -60.92 -37.05
N GLY H 245 -14.22 -62.21 -36.82
CA GLY H 245 -14.19 -63.17 -37.90
C GLY H 245 -12.76 -63.46 -38.32
N SER H 246 -12.55 -64.64 -38.85
CA SER H 246 -11.20 -65.00 -39.26
C SER H 246 -10.83 -64.28 -40.55
N PRO H 247 -9.60 -63.79 -40.67
CA PRO H 247 -9.15 -63.27 -41.97
C PRO H 247 -9.31 -64.33 -43.05
N CYS H 248 -9.99 -63.97 -44.14
CA CYS H 248 -10.19 -64.88 -45.25
C CYS H 248 -10.53 -64.07 -46.49
N PRO H 249 -10.22 -64.60 -47.68
CA PRO H 249 -10.50 -63.81 -48.90
C PRO H 249 -11.95 -63.43 -49.08
N ALA H 250 -12.89 -64.18 -48.49
CA ALA H 250 -14.31 -63.84 -48.65
C ALA H 250 -14.62 -62.44 -48.16
N VAL H 251 -13.93 -61.99 -47.11
CA VAL H 251 -14.16 -60.68 -46.51
C VAL H 251 -12.97 -59.76 -46.65
N TRP H 252 -11.84 -60.26 -47.15
CA TRP H 252 -10.59 -59.50 -47.21
C TRP H 252 -9.85 -59.99 -48.45
N PRO H 253 -10.34 -59.64 -49.64
CA PRO H 253 -9.87 -60.29 -50.87
C PRO H 253 -8.36 -60.34 -51.03
N ASP H 254 -7.64 -59.32 -50.55
CA ASP H 254 -6.20 -59.24 -50.76
C ASP H 254 -5.41 -59.86 -49.62
N VAL H 255 -6.07 -60.55 -48.69
CA VAL H 255 -5.34 -61.15 -47.57
C VAL H 255 -4.37 -62.22 -48.06
N ILE H 256 -4.68 -62.87 -49.19
CA ILE H 256 -3.84 -63.93 -49.72
C ILE H 256 -2.48 -63.42 -50.16
N ARG H 257 -2.31 -62.09 -50.27
CA ARG H 257 -1.01 -61.52 -50.57
C ARG H 257 -0.12 -61.40 -49.34
N LEU H 258 -0.66 -61.62 -48.16
CA LEU H 258 0.15 -61.27 -46.99
C LEU H 258 1.11 -62.40 -46.62
N PRO H 259 2.31 -62.04 -46.18
CA PRO H 259 3.32 -63.07 -45.90
C PRO H 259 2.83 -64.22 -45.04
N TYR H 260 2.11 -63.93 -43.96
CA TYR H 260 1.81 -64.92 -42.94
C TYR H 260 0.38 -65.42 -43.02
N PHE H 261 -0.30 -65.21 -44.15
CA PHE H 261 -1.69 -65.62 -44.24
C PHE H 261 -1.81 -67.14 -44.08
N ASN H 262 -0.97 -67.91 -44.80
CA ASN H 262 -1.00 -69.36 -44.63
C ASN H 262 -0.41 -69.76 -43.28
N THR H 263 0.60 -69.02 -42.83
CA THR H 263 1.33 -69.37 -41.61
C THR H 263 0.48 -69.19 -40.36
N MET H 264 -0.07 -67.98 -40.16
CA MET H 264 -0.77 -67.66 -38.92
C MET H 264 -2.26 -67.91 -39.06
N LYS H 265 -2.62 -69.16 -39.21
CA LYS H 265 -4.04 -69.44 -39.29
C LYS H 265 -4.67 -69.48 -37.90
N PRO H 266 -5.87 -68.94 -37.73
CA PRO H 266 -6.59 -69.09 -36.46
C PRO H 266 -7.06 -70.54 -36.24
N LYS H 267 -7.42 -70.83 -34.99
CA LYS H 267 -7.88 -72.16 -34.64
C LYS H 267 -8.98 -72.64 -35.58
N LYS H 268 -9.91 -71.75 -35.91
CA LYS H 268 -11.04 -72.05 -36.78
C LYS H 268 -11.18 -70.94 -37.82
N GLN H 269 -12.13 -71.14 -38.73
CA GLN H 269 -12.64 -70.06 -39.59
C GLN H 269 -13.87 -69.48 -38.90
N TYR H 270 -13.62 -68.52 -38.00
CA TYR H 270 -14.68 -67.96 -37.16
C TYR H 270 -15.59 -67.03 -37.95
N ARG H 271 -16.87 -66.99 -37.55
CA ARG H 271 -17.76 -65.96 -38.05
C ARG H 271 -17.60 -64.69 -37.20
N ARG H 272 -18.01 -63.57 -37.78
CA ARG H 272 -17.98 -62.31 -37.06
C ARG H 272 -19.09 -62.28 -36.02
N ARG H 273 -18.74 -61.92 -34.78
CA ARG H 273 -19.69 -61.86 -33.68
C ARG H 273 -19.72 -60.49 -33.03
N LEU H 274 -19.04 -59.50 -33.63
CA LEU H 274 -18.82 -58.23 -32.95
C LEU H 274 -20.11 -57.59 -32.47
N ARG H 275 -21.13 -57.53 -33.34
CA ARG H 275 -22.36 -56.88 -32.91
C ARG H 275 -23.06 -57.71 -31.82
N GLU H 276 -22.82 -59.01 -31.81
CA GLU H 276 -23.43 -59.86 -30.79
C GLU H 276 -22.75 -59.67 -29.44
N GLU H 277 -21.42 -59.75 -29.41
CA GLU H 277 -20.71 -59.63 -28.15
C GLU H 277 -20.71 -58.20 -27.60
N PHE H 278 -20.90 -57.19 -28.45
CA PHE H 278 -21.03 -55.81 -27.98
C PHE H 278 -22.47 -55.32 -28.05
N SER H 279 -23.45 -56.23 -27.94
CA SER H 279 -24.84 -55.84 -28.10
C SER H 279 -25.28 -54.81 -27.07
N PHE H 280 -24.57 -54.70 -25.95
CA PHE H 280 -24.93 -53.73 -24.91
C PHE H 280 -24.53 -52.29 -25.27
N ILE H 281 -23.80 -52.09 -26.36
CA ILE H 281 -23.34 -50.76 -26.76
C ILE H 281 -24.44 -50.04 -27.53
N PRO H 282 -24.59 -48.72 -27.36
CA PRO H 282 -25.58 -47.98 -28.15
C PRO H 282 -25.41 -48.20 -29.65
N SER H 283 -26.54 -48.12 -30.37
CA SER H 283 -26.55 -48.50 -31.78
C SER H 283 -25.59 -47.62 -32.59
N ALA H 284 -25.64 -46.31 -32.39
CA ALA H 284 -24.75 -45.42 -33.13
C ALA H 284 -23.29 -45.76 -32.86
N ALA H 285 -22.96 -46.07 -31.60
CA ALA H 285 -21.60 -46.43 -31.26
C ALA H 285 -21.22 -47.80 -31.80
N LEU H 286 -22.11 -48.78 -31.66
CA LEU H 286 -21.83 -50.13 -32.14
C LEU H 286 -21.52 -50.11 -33.64
N ASP H 287 -22.29 -49.32 -34.39
CA ASP H 287 -22.02 -49.18 -35.82
C ASP H 287 -20.62 -48.60 -36.05
N LEU H 288 -20.23 -47.62 -35.23
CA LEU H 288 -18.87 -47.09 -35.33
C LEU H 288 -17.84 -48.16 -35.03
N LEU H 289 -18.04 -48.90 -33.94
CA LEU H 289 -17.09 -49.94 -33.57
C LEU H 289 -16.97 -51.00 -34.66
N ASP H 290 -18.12 -51.43 -35.19
CA ASP H 290 -18.11 -52.46 -36.22
C ASP H 290 -17.25 -52.05 -37.42
N HIS H 291 -17.31 -50.77 -37.79
CA HIS H 291 -16.57 -50.29 -38.94
C HIS H 291 -15.09 -50.07 -38.64
N MET H 292 -14.78 -49.54 -37.46
CA MET H 292 -13.38 -49.32 -37.12
C MET H 292 -12.63 -50.64 -36.97
N LEU H 293 -13.29 -51.68 -36.46
CA LEU H 293 -12.69 -52.99 -36.28
C LEU H 293 -13.01 -53.91 -37.46
N THR H 294 -12.96 -53.35 -38.66
CA THR H 294 -13.08 -54.11 -39.90
C THR H 294 -11.72 -54.67 -40.29
N LEU H 295 -11.70 -55.96 -40.65
CA LEU H 295 -10.43 -56.65 -40.87
C LEU H 295 -9.65 -56.04 -42.04
N ASP H 296 -10.31 -55.85 -43.17
CA ASP H 296 -9.62 -55.40 -44.38
C ASP H 296 -9.37 -53.91 -44.30
N PRO H 297 -8.10 -53.48 -44.22
CA PRO H 297 -7.83 -52.04 -44.04
C PRO H 297 -8.38 -51.18 -45.17
N SER H 298 -8.57 -51.74 -46.36
CA SER H 298 -9.14 -50.97 -47.46
C SER H 298 -10.65 -50.84 -47.32
N LYS H 299 -11.25 -51.56 -46.39
CA LYS H 299 -12.66 -51.40 -46.07
C LYS H 299 -12.87 -50.77 -44.70
N ARG H 300 -11.80 -50.66 -43.91
CA ARG H 300 -11.90 -50.00 -42.61
C ARG H 300 -12.13 -48.51 -42.80
N CYS H 301 -13.06 -47.97 -42.02
CA CYS H 301 -13.42 -46.57 -42.15
C CYS H 301 -12.20 -45.68 -41.91
N THR H 302 -12.27 -44.46 -42.43
CA THR H 302 -11.23 -43.48 -42.21
C THR H 302 -11.58 -42.62 -41.00
N ALA H 303 -10.64 -41.76 -40.60
CA ALA H 303 -10.91 -40.86 -39.49
C ALA H 303 -12.03 -39.89 -39.83
N GLU H 304 -12.02 -39.36 -41.05
CA GLU H 304 -13.09 -38.44 -41.45
C GLU H 304 -14.44 -39.12 -41.38
N GLN H 305 -14.52 -40.36 -41.85
CA GLN H 305 -15.79 -41.08 -41.85
C GLN H 305 -16.30 -41.31 -40.44
N THR H 306 -15.40 -41.47 -39.46
CA THR H 306 -15.86 -41.61 -38.08
C THR H 306 -16.49 -40.32 -37.59
N LEU H 307 -15.90 -39.17 -37.97
CA LEU H 307 -16.44 -37.86 -37.59
C LEU H 307 -17.71 -37.54 -38.35
N GLN H 308 -17.96 -38.26 -39.45
CA GLN H 308 -19.22 -38.16 -40.17
C GLN H 308 -20.07 -39.40 -39.88
N SER H 309 -20.12 -39.80 -38.62
CA SER H 309 -20.92 -40.93 -38.17
C SER H 309 -22.07 -40.42 -37.32
N ASP H 310 -23.15 -41.20 -37.26
CA ASP H 310 -24.26 -40.81 -36.41
C ASP H 310 -23.82 -40.58 -34.97
N PHE H 311 -22.71 -41.19 -34.56
CA PHE H 311 -22.26 -41.10 -33.17
C PHE H 311 -21.52 -39.78 -32.89
N LEU H 312 -20.63 -39.37 -33.79
CA LEU H 312 -19.76 -38.22 -33.56
C LEU H 312 -20.09 -37.03 -34.44
N LYS H 313 -20.99 -37.17 -35.40
CA LYS H 313 -21.24 -36.10 -36.36
C LYS H 313 -21.86 -34.88 -35.70
N ASP H 314 -22.84 -35.09 -34.83
CA ASP H 314 -23.61 -34.02 -34.25
C ASP H 314 -23.12 -33.60 -32.86
N VAL H 315 -21.95 -34.09 -32.45
CA VAL H 315 -21.37 -33.76 -31.16
C VAL H 315 -20.79 -32.35 -31.17
N GLU H 316 -21.23 -31.52 -30.22
CA GLU H 316 -20.70 -30.17 -30.07
C GLU H 316 -19.53 -30.18 -29.08
N LEU H 317 -18.35 -29.75 -29.55
CA LEU H 317 -17.15 -29.79 -28.71
C LEU H 317 -17.14 -28.65 -27.68
N SER H 318 -17.97 -27.62 -27.87
CA SER H 318 -18.13 -26.57 -26.86
C SER H 318 -18.55 -27.15 -25.51
N LYS H 319 -19.48 -28.12 -25.51
CA LYS H 319 -19.87 -28.78 -24.28
C LYS H 319 -18.65 -29.33 -23.55
N MET H 320 -17.77 -30.03 -24.28
CA MET H 320 -16.58 -30.64 -23.70
C MET H 320 -16.86 -31.22 -22.33
N ALA H 321 -17.69 -32.25 -22.28
CA ALA H 321 -18.11 -32.89 -21.05
C ALA H 321 -16.91 -33.20 -20.17
N PRO H 322 -16.84 -32.67 -18.94
CA PRO H 322 -15.73 -33.02 -18.04
C PRO H 322 -15.91 -34.47 -17.61
N PRO H 323 -14.82 -35.24 -17.49
CA PRO H 323 -14.98 -36.64 -17.06
C PRO H 323 -15.32 -36.79 -15.59
N ASP H 324 -16.00 -37.89 -15.28
CA ASP H 324 -16.36 -38.21 -13.89
C ASP H 324 -15.19 -38.96 -13.25
N LEU H 325 -14.32 -38.23 -12.56
CA LEU H 325 -13.15 -38.80 -11.88
C LEU H 325 -13.30 -38.57 -10.38
N PRO H 326 -13.26 -39.61 -9.55
CA PRO H 326 -13.33 -39.38 -8.10
C PRO H 326 -12.14 -38.61 -7.55
N HIS H 327 -12.46 -37.63 -6.68
CA HIS H 327 -11.42 -36.86 -6.00
C HIS H 327 -11.48 -36.95 -4.49
N TRP H 328 -12.68 -36.98 -3.90
CA TRP H 328 -12.82 -37.08 -2.45
C TRP H 328 -14.03 -37.89 -2.05
N GLN H 329 -13.93 -38.49 -0.87
CA GLN H 329 -14.89 -39.37 -0.23
C GLN H 329 -14.86 -40.77 -0.85
N ASP H 330 -14.28 -40.93 -2.04
CA ASP H 330 -13.99 -42.25 -2.62
C ASP H 330 -12.57 -42.71 -2.31
N CYS H 331 -11.68 -41.79 -1.99
CA CYS H 331 -10.29 -42.16 -1.68
C CYS H 331 -10.23 -43.12 -0.50
N HIS H 332 -11.08 -42.91 0.51
CA HIS H 332 -11.23 -43.87 1.60
C HIS H 332 -12.45 -44.75 1.33
N GLU H 333 -12.32 -46.03 1.64
CA GLU H 333 -13.43 -46.96 1.47
C GLU H 333 -14.64 -46.45 2.26
N LEU H 334 -15.80 -46.48 1.63
CA LEU H 334 -17.00 -45.88 2.19
C LEU H 334 -17.87 -46.97 2.81
N TRP H 335 -18.10 -46.86 4.12
CA TRP H 335 -19.12 -47.69 4.76
C TRP H 335 -20.53 -47.22 4.40
N SER H 336 -20.66 -45.96 3.99
CA SER H 336 -21.92 -45.41 3.51
C SER H 336 -22.15 -45.82 2.06
N THR I 24 6.84 -17.93 -34.14
CA THR I 24 6.55 -19.35 -34.21
C THR I 24 7.76 -20.12 -34.75
N LYS I 25 7.94 -20.09 -36.08
CA LYS I 25 9.07 -20.75 -36.76
C LYS I 25 10.00 -19.69 -37.38
N PRO I 26 11.29 -19.98 -37.44
CA PRO I 26 12.27 -18.96 -37.83
C PRO I 26 12.34 -18.65 -39.33
N CYS I 27 12.92 -17.48 -39.62
CA CYS I 27 13.15 -17.03 -40.99
C CYS I 27 14.53 -17.46 -41.45
N TRP I 28 14.58 -18.20 -42.56
CA TRP I 28 15.82 -18.75 -43.09
C TRP I 28 16.25 -18.13 -44.41
N TYR I 29 15.89 -16.88 -44.68
CA TYR I 29 16.25 -16.26 -45.95
C TYR I 29 16.88 -14.89 -45.74
N TRP I 30 17.99 -14.67 -46.42
CA TRP I 30 18.75 -13.43 -46.36
C TRP I 30 18.78 -12.78 -47.74
N ASP I 31 19.12 -11.49 -47.77
CA ASP I 31 19.39 -10.81 -49.03
C ASP I 31 20.83 -11.07 -49.46
N LYS I 32 21.06 -11.05 -50.77
CA LYS I 32 22.41 -11.20 -51.30
C LYS I 32 23.38 -10.27 -50.61
N LYS I 33 22.98 -9.03 -50.39
CA LYS I 33 23.87 -8.06 -49.77
C LYS I 33 24.35 -8.53 -48.40
N ASP I 34 23.55 -9.33 -47.72
CA ASP I 34 23.88 -9.76 -46.36
C ASP I 34 25.01 -10.77 -46.32
N LEU I 35 25.28 -11.46 -47.42
CA LEU I 35 26.36 -12.45 -47.45
C LEU I 35 27.73 -11.81 -47.34
N ALA I 36 27.82 -10.48 -47.48
CA ALA I 36 29.07 -9.77 -47.24
C ALA I 36 29.42 -9.71 -45.76
N HIS I 37 28.53 -10.18 -44.89
CA HIS I 37 28.68 -10.03 -43.45
C HIS I 37 28.50 -11.36 -42.73
N THR I 38 28.86 -12.46 -43.38
CA THR I 38 28.86 -13.74 -42.70
C THR I 38 30.04 -13.78 -41.73
N PRO I 39 29.95 -14.62 -40.69
CA PRO I 39 31.11 -14.79 -39.81
C PRO I 39 32.41 -15.04 -40.55
N SER I 40 32.36 -15.80 -41.64
CA SER I 40 33.56 -16.08 -42.42
C SER I 40 34.13 -14.80 -43.02
N GLN I 41 33.28 -13.98 -43.64
CA GLN I 41 33.75 -12.73 -44.21
C GLN I 41 34.39 -11.85 -43.15
N LEU I 42 33.78 -11.80 -41.97
CA LEU I 42 34.23 -10.91 -40.91
C LEU I 42 35.46 -11.44 -40.19
N GLU I 43 35.80 -12.72 -40.37
CA GLU I 43 37.07 -13.24 -39.89
C GLU I 43 38.17 -13.17 -40.95
N GLY I 44 37.95 -12.41 -42.02
CA GLY I 44 38.97 -12.17 -43.02
C GLY I 44 38.93 -13.05 -44.24
N LEU I 45 37.97 -13.96 -44.33
CA LEU I 45 37.82 -14.78 -45.53
C LEU I 45 37.21 -13.93 -46.65
N ASP I 46 37.79 -14.00 -47.84
CA ASP I 46 37.29 -13.16 -48.92
C ASP I 46 36.12 -13.84 -49.63
N PRO I 47 35.32 -13.07 -50.38
CA PRO I 47 34.10 -13.65 -50.96
C PRO I 47 34.35 -14.85 -51.86
N ALA I 48 35.40 -14.82 -52.68
CA ALA I 48 35.66 -15.95 -53.56
C ALA I 48 35.94 -17.21 -52.76
N THR I 49 36.71 -17.09 -51.68
CA THR I 49 37.07 -18.26 -50.88
C THR I 49 35.85 -18.86 -50.20
N GLU I 50 34.98 -18.02 -49.60
CA GLU I 50 33.82 -18.58 -48.94
C GLU I 50 32.91 -19.28 -49.95
N ALA I 51 32.73 -18.66 -51.13
CA ALA I 51 31.95 -19.32 -52.17
C ALA I 51 32.57 -20.65 -52.56
N ARG I 52 33.90 -20.71 -52.66
CA ARG I 52 34.57 -21.96 -52.98
C ARG I 52 34.32 -23.01 -51.89
N TYR I 53 34.48 -22.61 -50.63
CA TYR I 53 34.25 -23.55 -49.53
C TYR I 53 32.82 -24.09 -49.56
N ARG I 54 31.85 -23.24 -49.89
CA ARG I 54 30.46 -23.69 -49.97
C ARG I 54 30.28 -24.72 -51.08
N ARG I 55 30.87 -24.47 -52.25
CA ARG I 55 30.82 -25.45 -53.32
C ARG I 55 31.49 -26.75 -52.91
N GLU I 56 32.69 -26.66 -52.33
CA GLU I 56 33.43 -27.85 -51.96
C GLU I 56 32.67 -28.65 -50.90
N GLY I 57 32.11 -27.95 -49.91
CA GLY I 57 31.32 -28.64 -48.90
C GLY I 57 30.05 -29.24 -49.47
N ALA I 58 29.34 -28.47 -50.29
CA ALA I 58 28.10 -28.96 -50.90
C ALA I 58 28.36 -30.19 -51.76
N ARG I 59 29.36 -30.11 -52.65
CA ARG I 59 29.64 -31.24 -53.52
C ARG I 59 30.18 -32.43 -52.72
N PHE I 60 30.95 -32.18 -51.67
CA PHE I 60 31.35 -33.25 -50.76
C PHE I 60 30.13 -33.98 -50.21
N ILE I 61 29.15 -33.23 -49.68
CA ILE I 61 27.93 -33.85 -49.20
C ILE I 61 27.25 -34.63 -50.32
N PHE I 62 27.14 -34.02 -51.49
CA PHE I 62 26.48 -34.67 -52.61
C PHE I 62 27.17 -35.97 -52.97
N ASP I 63 28.50 -35.94 -53.08
CA ASP I 63 29.25 -37.11 -53.51
C ASP I 63 29.22 -38.21 -52.46
N VAL I 64 29.43 -37.85 -51.19
CA VAL I 64 29.40 -38.85 -50.13
C VAL I 64 28.05 -39.55 -50.11
N GLY I 65 26.97 -38.77 -50.13
CA GLY I 65 25.64 -39.35 -50.06
C GLY I 65 25.25 -40.13 -51.29
N THR I 66 25.73 -39.72 -52.47
CA THR I 66 25.44 -40.48 -53.68
C THR I 66 26.07 -41.87 -53.61
N ARG I 67 27.32 -41.96 -53.15
CA ARG I 67 27.94 -43.27 -53.00
C ARG I 67 27.16 -44.15 -52.03
N LEU I 68 26.57 -43.55 -51.00
CA LEU I 68 25.79 -44.31 -50.04
C LEU I 68 24.40 -44.67 -50.55
N GLY I 69 24.03 -44.22 -51.74
CA GLY I 69 22.74 -44.55 -52.30
C GLY I 69 21.59 -43.76 -51.74
N LEU I 70 21.85 -42.54 -51.27
CA LEU I 70 20.84 -41.78 -50.55
C LEU I 70 19.90 -41.05 -51.49
N HIS I 71 18.63 -40.96 -51.08
CA HIS I 71 17.61 -40.23 -51.82
C HIS I 71 18.06 -38.79 -52.05
N TYR I 72 17.55 -38.19 -53.13
CA TYR I 72 18.00 -36.85 -53.48
C TYR I 72 17.58 -35.82 -52.44
N ASP I 73 16.44 -36.03 -51.78
CA ASP I 73 16.01 -35.11 -50.73
C ASP I 73 17.00 -35.13 -49.56
N THR I 74 17.52 -36.31 -49.22
CA THR I 74 18.45 -36.41 -48.11
C THR I 74 19.71 -35.59 -48.38
N LEU I 75 20.21 -35.63 -49.60
CA LEU I 75 21.39 -34.83 -49.94
C LEU I 75 21.09 -33.34 -49.82
N ALA I 76 19.96 -32.90 -50.38
CA ALA I 76 19.63 -31.49 -50.36
C ALA I 76 19.43 -31.00 -48.93
N THR I 77 18.76 -31.79 -48.10
CA THR I 77 18.56 -31.40 -46.72
C THR I 77 19.89 -31.20 -46.01
N GLY I 78 20.81 -32.16 -46.16
CA GLY I 78 22.12 -31.99 -45.58
C GLY I 78 22.82 -30.74 -46.06
N ILE I 79 22.71 -30.45 -47.36
CA ILE I 79 23.38 -29.29 -47.92
C ILE I 79 22.79 -27.99 -47.38
N ILE I 80 21.46 -27.94 -47.20
CA ILE I 80 20.87 -26.72 -46.68
C ILE I 80 21.24 -26.53 -45.22
N TYR I 81 21.25 -27.61 -44.43
CA TYR I 81 21.82 -27.52 -43.10
C TYR I 81 23.23 -26.94 -43.18
N PHE I 82 24.03 -27.45 -44.11
CA PHE I 82 25.40 -26.99 -44.27
C PHE I 82 25.45 -25.49 -44.57
N HIS I 83 24.68 -25.04 -45.58
CA HIS I 83 24.71 -23.63 -45.93
C HIS I 83 24.27 -22.75 -44.77
N ARG I 84 23.19 -23.13 -44.10
CA ARG I 84 22.69 -22.34 -42.97
C ARG I 84 23.70 -22.30 -41.84
N PHE I 85 24.37 -23.41 -41.59
CA PHE I 85 25.37 -23.46 -40.53
C PHE I 85 26.37 -22.31 -40.67
N TYR I 86 26.88 -22.08 -41.87
CA TYR I 86 27.91 -21.07 -42.10
C TYR I 86 27.34 -19.69 -42.33
N MET I 87 26.03 -19.51 -42.09
CA MET I 87 25.47 -18.19 -41.82
C MET I 87 25.61 -17.83 -40.35
N PHE I 88 25.92 -18.82 -39.50
CA PHE I 88 26.06 -18.66 -38.06
C PHE I 88 27.45 -18.95 -37.54
N HIS I 89 28.33 -19.52 -38.36
CA HIS I 89 29.68 -19.89 -37.93
C HIS I 89 30.66 -19.56 -39.04
N SER I 90 31.93 -19.53 -38.68
CA SER I 90 32.99 -19.24 -39.64
C SER I 90 33.63 -20.52 -40.14
N PHE I 91 33.99 -20.53 -41.43
CA PHE I 91 34.72 -21.66 -41.98
C PHE I 91 36.07 -21.83 -41.34
N LYS I 92 36.61 -20.77 -40.72
CA LYS I 92 37.91 -20.86 -40.08
C LYS I 92 37.86 -21.55 -38.73
N GLN I 93 36.67 -21.64 -38.12
CA GLN I 93 36.53 -22.30 -36.83
C GLN I 93 35.91 -23.69 -36.94
N PHE I 94 35.23 -23.98 -38.06
CA PHE I 94 34.60 -25.27 -38.29
C PHE I 94 35.01 -25.82 -39.64
N PRO I 95 35.96 -26.75 -39.69
CA PRO I 95 36.37 -27.33 -40.98
C PRO I 95 35.17 -27.87 -41.76
N ARG I 96 35.12 -27.54 -43.06
CA ARG I 96 33.88 -27.67 -43.81
C ARG I 96 33.48 -29.12 -44.04
N TYR I 97 34.45 -30.02 -44.24
CA TYR I 97 34.09 -31.39 -44.56
C TYR I 97 33.60 -32.17 -43.33
N VAL I 98 34.06 -31.79 -42.13
CA VAL I 98 33.47 -32.36 -40.92
C VAL I 98 32.03 -31.89 -40.77
N THR I 99 31.80 -30.59 -40.92
CA THR I 99 30.45 -30.05 -40.91
C THR I 99 29.59 -30.75 -41.95
N GLY I 100 30.11 -30.88 -43.17
CA GLY I 100 29.36 -31.57 -44.20
C GLY I 100 28.97 -32.98 -43.80
N ALA I 101 29.93 -33.76 -43.29
CA ALA I 101 29.63 -35.12 -42.85
C ALA I 101 28.57 -35.11 -41.75
N CYS I 102 28.66 -34.16 -40.81
CA CYS I 102 27.67 -34.08 -39.75
C CYS I 102 26.29 -33.74 -40.30
N CYS I 103 26.21 -32.80 -41.24
CA CYS I 103 24.93 -32.44 -41.82
C CYS I 103 24.27 -33.62 -42.50
N LEU I 104 25.03 -34.40 -43.27
CA LEU I 104 24.46 -35.58 -43.92
C LEU I 104 24.03 -36.61 -42.89
N PHE I 105 24.84 -36.79 -41.83
CA PHE I 105 24.47 -37.74 -40.78
C PHE I 105 23.12 -37.38 -40.18
N LEU I 106 22.95 -36.10 -39.83
CA LEU I 106 21.67 -35.66 -39.27
C LEU I 106 20.56 -35.74 -40.32
N ALA I 107 20.87 -35.32 -41.55
CA ALA I 107 19.87 -35.34 -42.61
C ALA I 107 19.28 -36.73 -42.79
N GLY I 108 20.12 -37.76 -42.76
CA GLY I 108 19.62 -39.11 -42.96
C GLY I 108 18.57 -39.50 -41.95
N LYS I 109 18.79 -39.13 -40.68
CA LYS I 109 17.80 -39.43 -39.65
C LYS I 109 16.55 -38.58 -39.83
N VAL I 110 16.73 -37.32 -40.22
CA VAL I 110 15.59 -36.43 -40.42
C VAL I 110 14.70 -36.94 -41.55
N GLU I 111 15.32 -37.33 -42.67
CA GLU I 111 14.58 -37.74 -43.85
C GLU I 111 14.26 -39.24 -43.88
N GLU I 112 14.51 -39.95 -42.78
CA GLU I 112 14.23 -41.38 -42.70
C GLU I 112 15.02 -42.17 -43.73
N THR I 113 16.27 -41.76 -43.96
CA THR I 113 17.24 -42.54 -44.73
C THR I 113 18.52 -42.65 -43.93
N PRO I 114 18.46 -43.21 -42.72
CA PRO I 114 19.61 -43.12 -41.81
C PRO I 114 20.79 -43.95 -42.28
N LYS I 115 21.98 -43.45 -41.97
CA LYS I 115 23.25 -44.14 -42.20
C LYS I 115 24.09 -44.01 -40.95
N LYS I 116 24.96 -45.00 -40.74
CA LYS I 116 25.83 -45.01 -39.58
C LYS I 116 26.95 -44.00 -39.76
N CYS I 117 27.28 -43.30 -38.68
CA CYS I 117 28.38 -42.33 -38.77
C CYS I 117 29.64 -43.02 -39.26
N LYS I 118 29.81 -44.30 -38.88
CA LYS I 118 30.94 -45.09 -39.34
C LYS I 118 30.99 -45.19 -40.85
N ASP I 119 29.83 -45.31 -41.48
CA ASP I 119 29.79 -45.46 -42.94
C ASP I 119 30.08 -44.13 -43.64
N ILE I 120 29.60 -43.02 -43.07
CA ILE I 120 29.84 -41.71 -43.68
C ILE I 120 31.32 -41.38 -43.64
N ILE I 121 31.99 -41.70 -42.53
CA ILE I 121 33.43 -41.44 -42.45
C ILE I 121 34.17 -42.28 -43.48
N LYS I 122 33.88 -43.58 -43.53
CA LYS I 122 34.55 -44.46 -44.48
C LYS I 122 34.40 -43.93 -45.91
N THR I 123 33.18 -43.50 -46.27
CA THR I 123 32.97 -42.95 -47.61
C THR I 123 33.72 -41.64 -47.78
N ALA I 124 33.72 -40.79 -46.75
CA ALA I 124 34.47 -39.54 -46.82
C ALA I 124 35.95 -39.79 -47.04
N ARG I 125 36.47 -40.89 -46.49
CA ARG I 125 37.89 -41.20 -46.69
C ARG I 125 38.17 -41.56 -48.14
N SER I 126 37.25 -42.28 -48.78
CA SER I 126 37.44 -42.65 -50.19
C SER I 126 37.55 -41.41 -51.07
N LEU I 127 36.76 -40.39 -50.78
CA LEU I 127 36.63 -39.22 -51.63
C LEU I 127 37.60 -38.10 -51.29
N LEU I 128 38.06 -38.01 -50.05
CA LEU I 128 38.98 -36.97 -49.64
C LEU I 128 40.41 -37.49 -49.69
N ASN I 129 41.33 -36.62 -50.06
CA ASN I 129 42.75 -36.94 -50.02
C ASN I 129 43.25 -36.84 -48.58
N ASP I 130 44.56 -37.04 -48.40
CA ASP I 130 45.11 -37.06 -47.05
C ASP I 130 45.07 -35.68 -46.41
N VAL I 131 45.38 -34.64 -47.17
CA VAL I 131 45.33 -33.28 -46.64
C VAL I 131 43.91 -32.93 -46.21
N GLN I 132 42.94 -33.21 -47.08
CA GLN I 132 41.55 -32.87 -46.77
C GLN I 132 41.06 -33.64 -45.57
N PHE I 133 41.34 -34.94 -45.52
CA PHE I 133 40.89 -35.76 -44.41
C PHE I 133 41.56 -35.40 -43.10
N GLY I 134 42.64 -34.61 -43.13
CA GLY I 134 43.23 -34.14 -41.89
C GLY I 134 42.24 -33.38 -41.02
N GLN I 135 41.21 -32.79 -41.64
CA GLN I 135 40.22 -32.05 -40.87
C GLN I 135 39.55 -32.91 -39.82
N PHE I 136 39.41 -34.21 -40.09
CA PHE I 136 38.74 -35.10 -39.15
C PHE I 136 39.63 -35.49 -37.98
N GLY I 137 40.90 -35.13 -37.99
CA GLY I 137 41.72 -35.33 -36.81
C GLY I 137 41.92 -36.79 -36.46
N ASP I 138 42.17 -37.00 -35.17
CA ASP I 138 42.56 -38.33 -34.68
C ASP I 138 41.39 -39.29 -34.58
N ASP I 139 40.18 -38.77 -34.36
CA ASP I 139 38.98 -39.60 -34.23
C ASP I 139 37.90 -38.99 -35.11
N PRO I 140 37.83 -39.42 -36.38
CA PRO I 140 36.83 -38.81 -37.27
C PRO I 140 35.40 -38.90 -36.75
N LYS I 141 34.98 -40.08 -36.28
CA LYS I 141 33.60 -40.23 -35.83
C LYS I 141 33.26 -39.23 -34.72
N GLU I 142 34.14 -39.12 -33.73
CA GLU I 142 33.86 -38.24 -32.60
C GLU I 142 33.73 -36.79 -33.07
N GLU I 143 34.64 -36.34 -33.95
CA GLU I 143 34.57 -34.97 -34.45
C GLU I 143 33.21 -34.69 -35.06
N VAL I 144 32.61 -35.68 -35.72
CA VAL I 144 31.29 -35.48 -36.30
C VAL I 144 30.20 -35.51 -35.23
N MET I 145 30.19 -36.57 -34.40
CA MET I 145 29.15 -36.69 -33.39
C MET I 145 29.13 -35.50 -32.44
N VAL I 146 30.31 -35.02 -32.06
CA VAL I 146 30.39 -33.88 -31.15
C VAL I 146 29.78 -32.64 -31.78
N LEU I 147 29.85 -32.53 -33.11
CA LEU I 147 29.31 -31.36 -33.79
C LEU I 147 27.78 -31.39 -33.89
N GLU I 148 27.18 -32.58 -33.83
CA GLU I 148 25.74 -32.67 -34.03
C GLU I 148 24.98 -31.82 -33.01
N ARG I 149 25.52 -31.67 -31.81
CA ARG I 149 24.89 -30.82 -30.81
C ARG I 149 24.80 -29.38 -31.31
N ILE I 150 25.90 -28.86 -31.85
CA ILE I 150 25.91 -27.49 -32.34
C ILE I 150 25.05 -27.34 -33.58
N LEU I 151 25.11 -28.33 -34.49
CA LEU I 151 24.29 -28.28 -35.69
C LEU I 151 22.82 -28.11 -35.31
N LEU I 152 22.33 -28.97 -34.42
CA LEU I 152 20.92 -28.91 -34.03
C LEU I 152 20.58 -27.55 -33.42
N GLN I 153 21.45 -27.03 -32.56
CA GLN I 153 21.22 -25.71 -31.99
C GLN I 153 21.33 -24.62 -33.05
N THR I 154 22.27 -24.77 -33.99
CA THR I 154 22.47 -23.75 -35.01
C THR I 154 21.25 -23.63 -35.91
N ILE I 155 20.69 -24.76 -36.34
CA ILE I 155 19.52 -24.75 -37.21
C ILE I 155 18.26 -24.65 -36.36
N LYS I 156 18.42 -24.33 -35.08
CA LYS I 156 17.32 -24.01 -34.18
C LYS I 156 16.28 -25.13 -34.14
N PHE I 157 16.75 -26.37 -34.25
CA PHE I 157 15.88 -27.55 -34.22
C PHE I 157 14.73 -27.43 -35.21
N ASP I 158 14.86 -26.57 -36.22
CA ASP I 158 13.88 -26.49 -37.30
C ASP I 158 14.36 -27.47 -38.36
N LEU I 159 13.90 -28.72 -38.24
CA LEU I 159 14.44 -29.80 -39.05
C LEU I 159 13.72 -29.98 -40.37
N GLN I 160 12.44 -29.64 -40.46
CA GLN I 160 11.69 -29.83 -41.69
C GLN I 160 12.13 -28.84 -42.75
N VAL I 161 12.45 -29.35 -43.93
CA VAL I 161 12.93 -28.55 -45.05
C VAL I 161 12.25 -29.03 -46.33
N GLU I 162 11.86 -28.08 -47.18
CA GLU I 162 11.30 -28.35 -48.49
C GLU I 162 12.34 -28.00 -49.54
N HIS I 163 12.31 -28.70 -50.67
CA HIS I 163 13.32 -28.52 -51.71
C HIS I 163 12.66 -28.25 -53.05
N PRO I 164 13.38 -27.61 -53.98
CA PRO I 164 12.78 -27.29 -55.28
C PRO I 164 12.27 -28.50 -56.05
N TYR I 165 12.82 -29.69 -55.80
CA TYR I 165 12.48 -30.84 -56.64
C TYR I 165 10.98 -31.11 -56.65
N GLN I 166 10.38 -31.17 -55.45
CA GLN I 166 8.97 -31.54 -55.36
C GLN I 166 8.07 -30.53 -56.06
N PHE I 167 8.48 -29.26 -56.10
CA PHE I 167 7.70 -28.24 -56.78
C PHE I 167 7.93 -28.30 -58.27
N LEU I 168 9.16 -28.61 -58.69
CA LEU I 168 9.43 -28.86 -60.09
C LEU I 168 8.51 -29.94 -60.63
N LEU I 169 8.28 -31.00 -59.84
CA LEU I 169 7.40 -32.08 -60.28
C LEU I 169 5.94 -31.67 -60.15
N LYS I 170 5.58 -31.02 -59.05
CA LYS I 170 4.20 -30.58 -58.85
C LYS I 170 3.74 -29.64 -59.96
N TYR I 171 4.60 -28.70 -60.36
CA TYR I 171 4.22 -27.73 -61.39
C TYR I 171 4.26 -28.33 -62.78
N ALA I 172 5.28 -29.14 -63.09
CA ALA I 172 5.35 -29.78 -64.39
C ALA I 172 4.17 -30.74 -64.60
N LYS I 173 3.70 -31.37 -63.53
CA LYS I 173 2.58 -32.31 -63.64
C LYS I 173 1.32 -31.61 -64.15
N GLN I 174 1.21 -30.30 -63.98
CA GLN I 174 0.09 -29.53 -64.47
C GLN I 174 0.31 -29.01 -65.89
N LEU I 175 1.42 -29.38 -66.52
CA LEU I 175 1.68 -29.04 -67.91
C LEU I 175 1.20 -30.17 -68.83
N LYS I 176 0.55 -29.79 -69.93
CA LYS I 176 0.04 -30.74 -70.91
C LYS I 176 0.48 -30.31 -72.30
N GLY I 177 1.02 -31.26 -73.06
CA GLY I 177 1.54 -30.99 -74.41
C GLY I 177 2.44 -32.13 -74.84
N ASP I 178 3.37 -31.81 -75.75
CA ASP I 178 4.33 -32.81 -76.19
C ASP I 178 5.06 -33.36 -74.98
N LYS I 179 4.82 -34.64 -74.65
CA LYS I 179 5.42 -35.21 -73.45
C LYS I 179 6.93 -35.09 -73.47
N ASN I 180 7.55 -35.31 -74.64
CA ASN I 180 9.00 -35.36 -74.70
C ASN I 180 9.61 -33.98 -74.51
N LYS I 181 8.93 -32.93 -74.95
CA LYS I 181 9.42 -31.59 -74.67
C LYS I 181 9.29 -31.27 -73.19
N ILE I 182 8.17 -31.67 -72.58
CA ILE I 182 7.98 -31.42 -71.14
C ILE I 182 9.00 -32.19 -70.33
N GLN I 183 9.31 -33.43 -70.74
CA GLN I 183 10.30 -34.22 -70.02
C GLN I 183 11.69 -33.59 -70.12
N LYS I 184 12.05 -33.07 -71.30
CA LYS I 184 13.34 -32.41 -71.43
C LYS I 184 13.43 -31.20 -70.52
N LEU I 185 12.34 -30.43 -70.43
CA LEU I 185 12.30 -29.29 -69.52
C LEU I 185 12.59 -29.72 -68.09
N VAL I 186 11.89 -30.78 -67.63
CA VAL I 186 12.02 -31.22 -66.24
C VAL I 186 13.46 -31.65 -65.98
N GLN I 187 14.01 -32.46 -66.88
CA GLN I 187 15.37 -32.98 -66.69
C GLN I 187 16.37 -31.84 -66.59
N MET I 188 16.29 -30.88 -67.50
CA MET I 188 17.21 -29.75 -67.46
C MET I 188 17.03 -28.93 -66.19
N ALA I 189 15.78 -28.72 -65.77
CA ALA I 189 15.53 -28.01 -64.51
C ALA I 189 16.08 -28.79 -63.34
N TRP I 190 15.90 -30.12 -63.34
CA TRP I 190 16.42 -30.95 -62.26
C TRP I 190 17.94 -30.78 -62.17
N THR I 191 18.62 -30.82 -63.31
CA THR I 191 20.06 -30.59 -63.33
C THR I 191 20.39 -29.22 -62.76
N PHE I 192 19.60 -28.20 -63.13
CA PHE I 192 19.83 -26.86 -62.60
C PHE I 192 19.61 -26.81 -61.10
N VAL I 193 18.62 -27.56 -60.60
CA VAL I 193 18.40 -27.62 -59.15
C VAL I 193 19.63 -28.20 -58.47
N ASN I 194 20.14 -29.32 -59.01
CA ASN I 194 21.34 -29.93 -58.45
C ASN I 194 22.50 -28.94 -58.43
N ASP I 195 22.60 -28.11 -59.47
CA ASP I 195 23.68 -27.14 -59.56
C ASP I 195 23.46 -25.96 -58.61
N SER I 196 22.21 -25.61 -58.33
CA SER I 196 21.94 -24.49 -57.46
C SER I 196 22.28 -24.81 -56.00
N LEU I 197 22.39 -26.10 -55.66
CA LEU I 197 22.75 -26.50 -54.32
C LEU I 197 24.17 -26.08 -53.94
N CYS I 198 25.03 -25.84 -54.93
CA CYS I 198 26.38 -25.36 -54.64
C CYS I 198 26.39 -23.88 -54.33
N THR I 199 25.26 -23.20 -54.44
CA THR I 199 25.16 -21.76 -54.28
C THR I 199 24.33 -21.43 -53.05
N THR I 200 24.31 -20.14 -52.72
CA THR I 200 23.53 -19.63 -51.60
C THR I 200 22.10 -19.28 -52.00
N LEU I 201 21.66 -19.69 -53.20
CA LEU I 201 20.26 -19.51 -53.56
C LEU I 201 19.35 -20.19 -52.56
N SER I 202 19.81 -21.31 -52.00
CA SER I 202 19.05 -21.98 -50.94
C SER I 202 18.74 -21.03 -49.79
N LEU I 203 19.60 -20.03 -49.60
CA LEU I 203 19.47 -19.09 -48.50
C LEU I 203 18.78 -17.79 -48.90
N GLN I 204 18.46 -17.60 -50.18
CA GLN I 204 17.88 -16.35 -50.65
C GLN I 204 16.40 -16.44 -51.01
N TRP I 205 15.95 -17.57 -51.56
CA TRP I 205 14.62 -17.68 -52.13
C TRP I 205 13.96 -18.98 -51.71
N GLU I 206 12.65 -18.92 -51.46
CA GLU I 206 11.91 -20.12 -51.14
C GLU I 206 12.09 -21.16 -52.24
N PRO I 207 11.97 -22.46 -51.90
CA PRO I 207 12.15 -23.49 -52.94
C PRO I 207 11.17 -23.36 -54.09
N GLU I 208 9.93 -22.98 -53.79
CA GLU I 208 8.95 -22.81 -54.87
C GLU I 208 9.47 -21.86 -55.93
N ILE I 209 10.12 -20.78 -55.50
CA ILE I 209 10.65 -19.80 -56.45
C ILE I 209 11.80 -20.41 -57.24
N ILE I 210 12.68 -21.16 -56.57
CA ILE I 210 13.77 -21.82 -57.30
C ILE I 210 13.22 -22.75 -58.38
N ALA I 211 12.19 -23.54 -58.03
CA ALA I 211 11.63 -24.48 -58.98
C ALA I 211 11.13 -23.75 -60.23
N VAL I 212 10.47 -22.62 -60.05
CA VAL I 212 10.03 -21.84 -61.20
C VAL I 212 11.22 -21.31 -61.99
N ALA I 213 12.22 -20.78 -61.29
CA ALA I 213 13.37 -20.20 -61.97
C ALA I 213 14.04 -21.22 -62.89
N VAL I 214 14.16 -22.47 -62.44
CA VAL I 214 14.83 -23.47 -63.26
C VAL I 214 13.94 -23.91 -64.40
N MET I 215 12.61 -23.97 -64.19
CA MET I 215 11.71 -24.17 -65.31
C MET I 215 11.80 -22.99 -66.28
N TYR I 216 11.84 -21.78 -65.73
CA TYR I 216 11.99 -20.58 -66.54
C TYR I 216 13.27 -20.61 -67.36
N LEU I 217 14.38 -21.01 -66.75
CA LEU I 217 15.64 -21.08 -67.48
C LEU I 217 15.62 -22.19 -68.53
N ALA I 218 15.21 -23.39 -68.14
CA ALA I 218 15.14 -24.49 -69.10
C ALA I 218 14.24 -24.12 -70.27
N GLY I 219 13.15 -23.40 -70.00
CA GLY I 219 12.29 -22.96 -71.08
C GLY I 219 13.02 -22.06 -72.06
N ARG I 220 13.78 -21.10 -71.52
CA ARG I 220 14.54 -20.19 -72.38
C ARG I 220 15.54 -20.97 -73.23
N LEU I 221 16.29 -21.87 -72.60
CA LEU I 221 17.34 -22.57 -73.33
C LEU I 221 16.77 -23.52 -74.38
N CYS I 222 15.59 -24.10 -74.12
CA CYS I 222 14.95 -25.01 -75.06
C CYS I 222 14.01 -24.30 -76.02
N LYS I 223 13.90 -22.98 -75.92
CA LYS I 223 13.01 -22.20 -76.78
C LYS I 223 11.58 -22.73 -76.72
N PHE I 224 11.13 -23.02 -75.50
CA PHE I 224 9.77 -23.46 -75.24
C PHE I 224 8.94 -22.28 -74.76
N GLU I 225 7.66 -22.28 -75.12
CA GLU I 225 6.68 -21.30 -74.65
C GLU I 225 5.82 -22.02 -73.61
N ILE I 226 6.28 -22.00 -72.37
CA ILE I 226 5.68 -22.86 -71.34
C ILE I 226 4.20 -22.55 -71.16
N GLN I 227 3.81 -21.29 -71.33
CA GLN I 227 2.42 -20.93 -71.07
C GLN I 227 1.46 -21.82 -71.88
N GLU I 228 1.90 -22.24 -73.07
CA GLU I 228 1.03 -23.01 -73.95
C GLU I 228 0.59 -24.33 -73.30
N TRP I 229 1.42 -24.90 -72.45
CA TRP I 229 1.10 -26.18 -71.83
C TRP I 229 0.24 -26.03 -70.58
N THR I 230 -0.01 -24.81 -70.14
CA THR I 230 -0.76 -24.56 -68.92
C THR I 230 -2.26 -24.52 -69.18
N SER I 231 -3.03 -24.47 -68.09
CA SER I 231 -4.48 -24.30 -68.21
C SER I 231 -4.86 -22.91 -68.70
N LYS I 232 -3.89 -21.98 -68.79
CA LYS I 232 -4.13 -20.60 -69.20
C LYS I 232 -3.17 -20.24 -70.32
N PRO I 233 -3.39 -20.76 -71.52
CA PRO I 233 -2.36 -20.66 -72.58
C PRO I 233 -2.09 -19.24 -73.07
N MET I 234 -2.89 -18.25 -72.73
CA MET I 234 -2.68 -16.87 -73.17
C MET I 234 -2.22 -15.95 -72.05
N TYR I 235 -1.86 -16.50 -70.91
CA TYR I 235 -1.28 -15.79 -69.76
C TYR I 235 0.23 -15.97 -69.82
N ARG I 236 0.93 -14.97 -70.36
CA ARG I 236 2.34 -15.15 -70.70
C ARG I 236 3.21 -15.29 -69.46
N ARG I 237 2.81 -14.71 -68.33
CA ARG I 237 3.52 -14.93 -67.06
C ARG I 237 2.95 -16.19 -66.42
N TRP I 238 3.34 -17.32 -67.00
CA TRP I 238 2.71 -18.60 -66.69
C TRP I 238 2.88 -18.99 -65.24
N TRP I 239 3.99 -18.63 -64.60
CA TRP I 239 4.30 -19.15 -63.28
C TRP I 239 3.40 -18.56 -62.20
N GLU I 240 2.77 -17.42 -62.44
CA GLU I 240 1.99 -16.77 -61.41
C GLU I 240 0.87 -17.66 -60.89
N GLN I 241 0.43 -18.65 -61.69
CA GLN I 241 -0.57 -19.59 -61.20
C GLN I 241 0.04 -20.66 -60.28
N PHE I 242 1.37 -20.79 -60.26
CA PHE I 242 2.07 -21.71 -59.36
C PHE I 242 2.61 -20.99 -58.14
N VAL I 243 3.33 -19.89 -58.35
CA VAL I 243 3.94 -19.10 -57.29
C VAL I 243 3.45 -17.67 -57.45
N GLN I 244 2.64 -17.22 -56.50
CA GLN I 244 2.08 -15.88 -56.57
C GLN I 244 3.14 -14.83 -56.21
N ASP I 245 3.08 -13.69 -56.88
CA ASP I 245 3.86 -12.51 -56.52
C ASP I 245 5.36 -12.69 -56.75
N VAL I 246 5.75 -13.32 -57.85
CA VAL I 246 7.17 -13.43 -58.16
C VAL I 246 7.47 -12.56 -59.38
N PRO I 247 8.22 -11.47 -59.24
CA PRO I 247 8.57 -10.66 -60.41
C PRO I 247 9.66 -11.30 -61.25
N VAL I 248 9.69 -10.89 -62.53
CA VAL I 248 10.67 -11.45 -63.46
C VAL I 248 12.09 -11.15 -63.04
N ASP I 249 12.34 -9.98 -62.43
CA ASP I 249 13.69 -9.69 -61.96
C ASP I 249 14.24 -10.83 -61.12
N VAL I 250 13.43 -11.38 -60.22
CA VAL I 250 13.90 -12.45 -59.35
C VAL I 250 14.28 -13.68 -60.17
N LEU I 251 13.40 -14.09 -61.08
CA LEU I 251 13.70 -15.25 -61.91
C LEU I 251 14.95 -15.02 -62.74
N GLU I 252 15.18 -13.78 -63.18
CA GLU I 252 16.40 -13.47 -63.91
C GLU I 252 17.62 -13.50 -62.98
N ASP I 253 17.47 -12.98 -61.75
CA ASP I 253 18.56 -13.04 -60.80
C ASP I 253 18.97 -14.47 -60.51
N ILE I 254 17.99 -15.35 -60.32
CA ILE I 254 18.29 -16.76 -60.02
C ILE I 254 18.94 -17.43 -61.22
N CYS I 255 18.36 -17.25 -62.41
CA CYS I 255 18.92 -17.88 -63.60
C CYS I 255 20.35 -17.42 -63.82
N HIS I 256 20.62 -16.14 -63.58
CA HIS I 256 21.96 -15.59 -63.79
C HIS I 256 22.99 -16.32 -62.94
N GLN I 257 22.65 -16.62 -61.69
CA GLN I 257 23.65 -17.25 -60.82
C GLN I 257 24.00 -18.64 -61.32
N ILE I 258 23.02 -19.40 -61.80
CA ILE I 258 23.31 -20.72 -62.34
C ILE I 258 24.18 -20.59 -63.58
N LEU I 259 23.83 -19.65 -64.47
CA LEU I 259 24.58 -19.46 -65.69
C LEU I 259 26.00 -19.01 -65.40
N ASP I 260 26.20 -18.25 -64.32
CA ASP I 260 27.54 -17.83 -63.94
C ASP I 260 28.40 -19.02 -63.52
N LEU I 261 27.83 -19.96 -62.76
CA LEU I 261 28.59 -21.14 -62.37
C LEU I 261 29.11 -21.89 -63.59
N TYR I 262 28.23 -22.10 -64.57
CA TYR I 262 28.61 -22.85 -65.77
C TYR I 262 29.70 -22.14 -66.57
N SER I 263 29.54 -20.83 -66.78
CA SER I 263 30.52 -20.09 -67.56
C SER I 263 31.85 -19.98 -66.83
N GLN I 264 31.81 -19.78 -65.51
CA GLN I 264 33.02 -19.64 -64.71
C GLN I 264 33.91 -20.86 -64.81
N GLY I 265 33.34 -22.05 -64.68
CA GLY I 265 34.11 -23.27 -64.68
C GLY I 265 34.54 -23.69 -66.07
N LYS I 266 34.63 -25.00 -66.28
CA LYS I 266 34.81 -25.58 -67.60
C LYS I 266 33.59 -26.31 -68.13
N GLN I 267 32.67 -26.70 -67.25
CA GLN I 267 31.44 -27.40 -67.64
C GLN I 267 30.52 -26.45 -68.41
N GLN I 268 29.65 -27.03 -69.24
CA GLN I 268 28.79 -26.25 -70.12
C GLN I 268 27.32 -26.55 -69.88
N MET I 269 26.47 -25.64 -70.39
CA MET I 269 25.03 -25.77 -70.17
C MET I 269 24.54 -27.13 -70.67
N PRO I 270 23.60 -27.77 -69.96
CA PRO I 270 23.19 -29.12 -70.41
C PRO I 270 22.60 -29.10 -71.81
N HIS I 271 21.70 -28.16 -72.08
CA HIS I 271 20.97 -28.06 -73.34
C HIS I 271 20.82 -29.42 -74.04
#